data_9MEW
#
_entry.id   9MEW
#
_cell.length_a   1.00
_cell.length_b   1.00
_cell.length_c   1.00
_cell.angle_alpha   90.00
_cell.angle_beta   90.00
_cell.angle_gamma   90.00
#
_symmetry.space_group_name_H-M   'P 1'
#
loop_
_entity.id
_entity.type
_entity.pdbx_description
1 polymer 'Pre-glycoprotein polyprotein GP complex'
2 polymer 'JUNV GP1'
3 polymer 'JUNV GP2'
4 polymer 'CR1-28 Fab Light Chain'
5 polymer 'CR1-28 Fab Heavy Chain'
6 branched beta-D-mannopyranose-(1-4)-2-acetamido-2-deoxy-beta-D-glucopyranose-(1-4)-2-acetamido-2-deoxy-beta-D-glucopyranose
7 non-polymer 'MYRISTIC ACID'
8 non-polymer 2-acetamido-2-deoxy-beta-D-glucopyranose
#
loop_
_entity_poly.entity_id
_entity_poly.type
_entity_poly.pdbx_seq_one_letter_code
_entity_poly.pdbx_strand_id
1 'polypeptide(L)' MGQFISFMQEIPTFLQEALNIALVAVSLIAIIKGVVNLYKSGLFQFFVFLALAGRSCT A,F,K
2 'polypeptide(L)'
;EEAFKIGLHTEFQTVSFSMVGLFSNNPHDLPLLCTLNKSHLYIKGGNASFKISFDDIAVLLPEYDVIIQHPADMSWCSKS
DDQIWLSQWFMNAVGHDWYLDPPFLCRNRTKTEGFIFQVNTSKTGINENYAKKFKTGMHHLYREYPDSCLDGKLCLMKAQ
PTSWPLQCPLDHVNTLHFLTRGKNIQLPRRSLK
;
B,G,L
3 'polypeptide(L)'
;AFFSWSLTDSSGKDTPGGYCLEEWMLVAAKMKCFGNTAVAKCNLNHDSEFCDMLRLFDYNKNAIKTLNDETKKQVNLMGQ
TINALISDNLLMKNKIRELMSVPYCNYTKFWYVNHTLSGQHSLPRCWLIKNNSYLNISDFRNDWILESDFLISEMLSKEY
SDRQGKTPLTLVDICFWSTVFFTASLFLHLVGIPTHRHIRGEACPLPHRLNSLGGCRCGKYPNLKKPTVWRRGH
;
C,H,M
4 'polypeptide(L)'
;IQMTQSPSTLSASVGDRVTITCRASQSIDNWLAWYQQKPGKAPKLLIYTASRLESGVPSRFSGSGSGTEFTLTISSLQPD
DFATYYCQHRTFGQGTKVEIKRTVAAPSVFIFPPSDEQLKSGTASVVCLLNNFYPREAKVQWKVDNALQSGNSQESVTEQ
DSKDSTYSLSSTLTLSKADYEKHKVYACEVTHQGLSSPVTKSFNRG
;
D,I,N
5 'polypeptide(L)'
;QVQLVESGGGVVQPGRSLRLSCAASGFTFSSSAMHWVRQAPGKGLEWVAVIWSDGSNENYADSVKGRFTISRDNSKNTLY
LQMSSLRAEDTAVYYCATDKTYVSGYTSTWYYFNYWGQGTLVTVSGASTKGPSVFPLAPSSKSTSGGTAALGCLVKDYFP
EPVTVSWNSGALTSGVHTFPAVLQSSGLYSLSSVVTVPSSSLGTQTYICNVNHKPSNTKVDKRVEP
;
E,J,O
#
loop_
_chem_comp.id
_chem_comp.type
_chem_comp.name
_chem_comp.formula
BMA D-saccharide, beta linking beta-D-mannopyranose 'C6 H12 O6'
MYR non-polymer 'MYRISTIC ACID' 'C14 H28 O2'
NAG D-saccharide, beta linking 2-acetamido-2-deoxy-beta-D-glucopyranose 'C8 H15 N O6'
#
# COMPACT_ATOMS: atom_id res chain seq x y z
N GLY A 2 62.65 -21.67 13.03
CA GLY A 2 62.91 -22.35 11.77
C GLY A 2 62.88 -21.44 10.56
N GLN A 3 62.92 -20.13 10.80
CA GLN A 3 62.99 -19.17 9.71
C GLN A 3 64.25 -19.39 8.85
N PHE A 4 65.32 -19.88 9.46
CA PHE A 4 66.53 -20.18 8.71
C PHE A 4 66.27 -21.29 7.69
N ILE A 5 65.53 -22.33 8.09
CA ILE A 5 65.19 -23.41 7.17
C ILE A 5 64.31 -22.90 6.04
N SER A 6 63.34 -22.05 6.37
CA SER A 6 62.48 -21.49 5.33
C SER A 6 63.29 -20.65 4.34
N PHE A 7 64.24 -19.87 4.84
CA PHE A 7 65.10 -19.07 3.97
C PHE A 7 65.96 -19.95 3.08
N MET A 8 66.53 -21.02 3.65
CA MET A 8 67.34 -21.94 2.86
C MET A 8 66.48 -22.67 1.83
N GLN A 9 65.18 -22.79 2.10
CA GLN A 9 64.27 -23.35 1.11
C GLN A 9 63.95 -22.35 0.00
N GLU A 10 63.81 -21.07 0.34
CA GLU A 10 63.35 -20.05 -0.60
C GLU A 10 64.46 -19.18 -1.17
N ILE A 11 65.72 -19.58 -1.03
CA ILE A 11 66.84 -18.85 -1.64
C ILE A 11 66.60 -18.50 -3.11
N PRO A 12 66.17 -19.43 -3.98
CA PRO A 12 66.06 -19.07 -5.41
C PRO A 12 65.09 -17.94 -5.69
N THR A 13 64.00 -17.83 -4.92
CA THR A 13 63.06 -16.74 -5.14
C THR A 13 63.63 -15.41 -4.65
N PHE A 14 64.31 -15.43 -3.49
CA PHE A 14 64.81 -14.20 -2.92
C PHE A 14 66.10 -13.71 -3.57
N LEU A 15 66.77 -14.57 -4.36
CA LEU A 15 68.03 -14.17 -4.99
C LEU A 15 67.83 -13.15 -6.09
N GLN A 16 66.59 -12.90 -6.50
CA GLN A 16 66.33 -12.05 -7.67
C GLN A 16 66.43 -10.56 -7.36
N GLU A 17 66.81 -10.17 -6.15
CA GLU A 17 66.88 -8.77 -5.76
C GLU A 17 68.32 -8.36 -5.48
N ALA A 18 68.73 -7.22 -6.01
CA ALA A 18 70.11 -6.76 -5.85
C ALA A 18 70.44 -6.49 -4.38
N LEU A 19 69.48 -5.93 -3.63
CA LEU A 19 69.70 -5.70 -2.22
C LEU A 19 69.95 -7.01 -1.48
N ASN A 20 69.22 -8.07 -1.86
CA ASN A 20 69.37 -9.35 -1.18
C ASN A 20 70.76 -9.93 -1.39
N ILE A 21 71.24 -9.95 -2.63
CA ILE A 21 72.56 -10.51 -2.90
C ILE A 21 73.64 -9.63 -2.26
N ALA A 22 73.43 -8.31 -2.26
CA ALA A 22 74.38 -7.42 -1.62
C ALA A 22 74.50 -7.73 -0.13
N LEU A 23 73.36 -7.84 0.55
CA LEU A 23 73.38 -8.10 1.99
C LEU A 23 74.00 -9.45 2.32
N VAL A 24 73.64 -10.49 1.56
CA VAL A 24 74.18 -11.81 1.87
C VAL A 24 75.68 -11.86 1.60
N ALA A 25 76.14 -11.19 0.53
CA ALA A 25 77.58 -11.14 0.27
C ALA A 25 78.31 -10.40 1.39
N VAL A 26 77.75 -9.29 1.84
CA VAL A 26 78.36 -8.54 2.94
C VAL A 26 78.45 -9.41 4.18
N SER A 27 77.38 -10.14 4.50
CA SER A 27 77.38 -10.98 5.69
C SER A 27 78.42 -12.09 5.59
N LEU A 28 78.52 -12.75 4.43
CA LEU A 28 79.48 -13.84 4.28
C LEU A 28 80.91 -13.32 4.39
N ILE A 29 81.18 -12.18 3.73
CA ILE A 29 82.52 -11.59 3.81
C ILE A 29 82.85 -11.22 5.25
N ALA A 30 81.88 -10.66 5.96
CA ALA A 30 82.12 -10.27 7.35
C ALA A 30 82.41 -11.48 8.22
N ILE A 31 81.68 -12.58 8.01
CA ILE A 31 81.89 -13.77 8.83
C ILE A 31 83.29 -14.34 8.58
N ILE A 32 83.70 -14.43 7.31
CA ILE A 32 85.00 -15.02 7.04
C ILE A 32 86.14 -14.12 7.51
N LYS A 33 85.98 -12.80 7.35
CA LYS A 33 86.98 -11.87 7.88
C LYS A 33 87.04 -11.93 9.40
N GLY A 34 85.91 -12.13 10.05
CA GLY A 34 85.91 -12.28 11.49
C GLY A 34 86.67 -13.52 11.92
N VAL A 35 86.50 -14.63 11.18
CA VAL A 35 87.29 -15.81 11.46
C VAL A 35 88.79 -15.50 11.29
N VAL A 36 89.13 -14.78 10.23
CA VAL A 36 90.53 -14.42 9.98
C VAL A 36 91.09 -13.59 11.13
N ASN A 37 90.32 -12.62 11.61
CA ASN A 37 90.77 -11.74 12.68
C ASN A 37 90.92 -12.50 13.99
N LEU A 38 89.98 -13.41 14.27
CA LEU A 38 90.09 -14.25 15.46
C LEU A 38 91.39 -15.06 15.41
N TYR A 39 91.67 -15.65 14.24
CA TYR A 39 92.92 -16.39 14.08
C TYR A 39 94.13 -15.50 14.35
N LYS A 40 94.15 -14.31 13.74
CA LYS A 40 95.26 -13.40 13.92
C LYS A 40 95.35 -12.85 15.34
N SER A 41 94.30 -13.00 16.14
CA SER A 41 94.36 -12.57 17.53
C SER A 41 95.35 -13.40 18.32
N GLY A 42 95.05 -14.68 18.51
CA GLY A 42 95.87 -15.52 19.36
C GLY A 42 95.20 -15.98 20.65
N LEU A 43 93.92 -15.69 20.83
CA LEU A 43 93.17 -16.29 21.94
C LEU A 43 93.12 -17.80 21.77
N PHE A 44 92.90 -18.27 20.54
CA PHE A 44 93.02 -19.68 20.25
C PHE A 44 94.43 -20.19 20.52
N GLN A 45 95.44 -19.35 20.28
CA GLN A 45 96.81 -19.71 20.63
C GLN A 45 96.95 -19.89 22.13
N PHE A 46 96.33 -19.03 22.92
CA PHE A 46 96.36 -19.20 24.38
C PHE A 46 95.66 -20.48 24.81
N PHE A 47 94.52 -20.80 24.18
CA PHE A 47 93.84 -22.04 24.51
C PHE A 47 94.70 -23.25 24.18
N VAL A 48 95.38 -23.22 23.02
CA VAL A 48 96.29 -24.30 22.65
C VAL A 48 97.44 -24.40 23.63
N PHE A 49 97.95 -23.25 24.08
CA PHE A 49 99.05 -23.23 25.04
C PHE A 49 98.62 -23.87 26.36
N LEU A 50 97.41 -23.55 26.81
CA LEU A 50 96.90 -24.16 28.04
C LEU A 50 96.70 -25.67 27.86
N ALA A 51 96.17 -26.08 26.71
CA ALA A 51 95.96 -27.50 26.44
C ALA A 51 97.26 -28.25 26.21
N LEU A 52 98.36 -27.54 25.95
CA LEU A 52 99.66 -28.15 25.71
C LEU A 52 100.57 -28.12 26.92
N ALA A 53 100.33 -27.23 27.88
CA ALA A 53 101.20 -27.06 29.03
C ALA A 53 101.35 -28.36 29.83
N GLY A 54 102.56 -28.90 29.86
CA GLY A 54 102.84 -30.11 30.61
C GLY A 54 102.93 -31.39 29.81
N ARG A 55 102.78 -31.32 28.48
CA ARG A 55 102.86 -32.50 27.62
C ARG A 55 104.21 -32.62 26.94
N SER A 56 104.60 -31.61 26.17
CA SER A 56 105.87 -31.61 25.46
C SER A 56 106.42 -30.19 25.40
N CYS A 57 107.74 -30.08 25.31
CA CYS A 57 108.43 -28.80 25.29
C CYS A 57 108.86 -28.40 23.89
N THR A 58 108.08 -28.74 22.88
CA THR A 58 108.38 -28.36 21.50
C THR A 58 107.51 -27.18 21.07
N ALA B 3 43.48 28.46 -6.46
CA ALA B 3 44.64 27.72 -6.97
C ALA B 3 45.93 28.42 -6.58
N PHE B 4 46.20 28.48 -5.28
CA PHE B 4 47.38 29.14 -4.75
C PHE B 4 48.33 28.10 -4.15
N LYS B 5 49.63 28.31 -4.38
CA LYS B 5 50.63 27.37 -3.87
C LYS B 5 50.56 27.30 -2.34
N ILE B 6 50.57 26.08 -1.81
CA ILE B 6 50.36 25.83 -0.40
C ILE B 6 51.61 25.16 0.17
N GLY B 7 52.18 25.75 1.21
CA GLY B 7 53.37 25.20 1.83
C GLY B 7 54.59 25.28 0.94
N LEU B 8 55.08 24.12 0.49
CA LEU B 8 56.22 24.06 -0.41
C LEU B 8 56.13 22.77 -1.21
N HIS B 9 56.30 22.88 -2.52
CA HIS B 9 56.21 21.79 -3.51
C HIS B 9 54.80 21.24 -3.65
N THR B 10 53.84 21.72 -2.86
CA THR B 10 52.47 21.25 -2.92
C THR B 10 51.57 22.39 -3.38
N GLU B 11 50.61 22.05 -4.25
CA GLU B 11 49.75 23.04 -4.87
C GLU B 11 48.29 22.72 -4.54
N PHE B 12 47.43 23.71 -4.78
CA PHE B 12 46.01 23.63 -4.48
C PHE B 12 45.26 23.62 -5.81
N GLN B 13 44.46 22.57 -6.04
CA GLN B 13 43.70 22.48 -7.28
C GLN B 13 42.35 21.84 -7.02
N THR B 14 41.33 22.32 -7.72
CA THR B 14 39.95 21.88 -7.55
C THR B 14 39.43 21.29 -8.85
N VAL B 15 38.39 20.47 -8.73
CA VAL B 15 37.75 19.81 -9.86
C VAL B 15 36.24 19.96 -9.73
N SER B 16 35.59 20.32 -10.83
CA SER B 16 34.13 20.50 -10.86
C SER B 16 33.55 19.74 -12.04
N PHE B 17 32.45 19.03 -11.79
CA PHE B 17 31.82 18.21 -12.82
C PHE B 17 30.70 18.96 -13.52
N SER B 18 30.43 18.56 -14.77
CA SER B 18 29.40 19.19 -15.60
C SER B 18 28.14 18.34 -15.54
N MET B 19 27.00 18.98 -15.24
CA MET B 19 25.74 18.26 -15.11
C MET B 19 25.05 18.03 -16.45
N VAL B 20 25.32 18.89 -17.44
CA VAL B 20 24.62 18.79 -18.72
C VAL B 20 24.90 17.45 -19.39
N GLY B 21 26.15 17.01 -19.37
CA GLY B 21 26.49 15.75 -20.00
C GLY B 21 25.78 14.57 -19.37
N LEU B 22 25.79 14.52 -18.03
CA LEU B 22 25.11 13.44 -17.34
C LEU B 22 23.62 13.45 -17.65
N PHE B 23 22.98 14.62 -17.54
CA PHE B 23 21.53 14.68 -17.70
C PHE B 23 21.08 14.51 -19.15
N SER B 24 21.97 14.73 -20.12
CA SER B 24 21.61 14.56 -21.52
C SER B 24 22.21 13.29 -22.14
N ASN B 25 22.94 12.51 -21.37
CA ASN B 25 23.59 11.31 -21.91
C ASN B 25 22.99 10.00 -21.43
N ASN B 26 22.37 9.97 -20.26
CA ASN B 26 21.78 8.73 -19.75
C ASN B 26 20.68 8.27 -20.69
N PRO B 27 20.76 7.04 -21.23
CA PRO B 27 19.77 6.61 -22.23
C PRO B 27 18.34 6.62 -21.73
N HIS B 28 18.11 6.26 -20.47
CA HIS B 28 16.77 6.30 -19.92
C HIS B 28 16.42 7.72 -19.49
N ASP B 29 15.12 8.02 -19.53
CA ASP B 29 14.65 9.33 -19.07
C ASP B 29 14.70 9.40 -17.55
N LEU B 30 14.96 10.61 -17.04
CA LEU B 30 15.02 10.82 -15.62
C LEU B 30 14.15 12.02 -15.23
N PRO B 31 13.54 11.97 -14.04
CA PRO B 31 12.72 13.11 -13.60
C PRO B 31 13.57 14.35 -13.39
N LEU B 32 12.96 15.50 -13.64
CA LEU B 32 13.59 16.80 -13.44
C LEU B 32 12.76 17.63 -12.48
N LEU B 33 13.43 18.27 -11.53
CA LEU B 33 12.79 19.20 -10.61
C LEU B 33 13.56 20.50 -10.61
N CYS B 34 12.82 21.61 -10.66
CA CYS B 34 13.45 22.91 -10.85
C CYS B 34 12.74 23.97 -10.03
N THR B 35 13.49 25.01 -9.70
CA THR B 35 12.96 26.18 -9.01
C THR B 35 13.25 27.41 -9.85
N LEU B 36 12.24 28.25 -10.05
CA LEU B 36 12.39 29.46 -10.84
C LEU B 36 11.80 30.63 -10.06
N ASN B 37 12.62 31.67 -9.93
CA ASN B 37 12.34 32.84 -9.08
C ASN B 37 12.01 32.32 -7.69
N LYS B 38 10.88 32.67 -7.09
CA LYS B 38 10.55 32.11 -5.80
C LYS B 38 9.17 31.45 -5.75
N SER B 39 8.43 31.44 -6.86
CA SER B 39 7.12 30.81 -6.90
C SER B 39 6.97 29.75 -7.97
N HIS B 40 7.80 29.76 -9.02
CA HIS B 40 7.58 28.85 -10.14
C HIS B 40 8.30 27.54 -9.88
N LEU B 41 7.59 26.56 -9.33
CA LEU B 41 8.23 25.26 -9.11
C LEU B 41 7.87 24.34 -10.28
N TYR B 42 8.85 23.61 -10.78
CA TYR B 42 8.67 22.83 -12.00
C TYR B 42 8.99 21.37 -11.74
N ILE B 43 8.15 20.48 -12.29
CA ILE B 43 8.41 19.06 -12.28
C ILE B 43 8.22 18.53 -13.69
N LYS B 44 9.05 17.58 -14.09
CA LYS B 44 8.96 17.01 -15.43
C LYS B 44 9.29 15.53 -15.38
N GLY B 45 8.41 14.71 -15.95
CA GLY B 45 8.65 13.29 -16.01
C GLY B 45 8.02 12.66 -17.24
N GLY B 46 8.78 11.83 -17.95
CA GLY B 46 8.31 11.27 -19.20
C GLY B 46 8.03 12.33 -20.24
N ASN B 47 6.75 12.57 -20.53
CA ASN B 47 6.33 13.67 -21.40
C ASN B 47 5.40 14.64 -20.70
N ALA B 48 5.31 14.58 -19.37
CA ALA B 48 4.44 15.46 -18.60
C ALA B 48 5.29 16.51 -17.90
N SER B 49 5.01 17.78 -18.21
CA SER B 49 5.73 18.92 -17.63
C SER B 49 4.74 19.79 -16.87
N PHE B 50 4.80 19.75 -15.54
CA PHE B 50 3.86 20.44 -14.68
C PHE B 50 4.52 21.63 -14.01
N LYS B 51 3.78 22.72 -13.92
CA LYS B 51 4.16 23.92 -13.19
C LYS B 51 3.28 24.05 -11.97
N ILE B 52 3.91 24.36 -10.84
CA ILE B 52 3.26 24.44 -9.54
C ILE B 52 3.45 25.84 -9.00
N SER B 53 2.36 26.43 -8.52
CA SER B 53 2.36 27.76 -7.92
C SER B 53 1.53 27.73 -6.65
N PHE B 54 1.81 28.68 -5.76
CA PHE B 54 1.10 28.82 -4.50
C PHE B 54 0.56 30.23 -4.40
N ASP B 55 -0.75 30.38 -4.25
CA ASP B 55 -1.32 31.72 -4.12
C ASP B 55 -2.68 31.62 -3.45
N ASP B 56 -3.46 32.70 -3.54
CA ASP B 56 -4.71 32.83 -2.79
C ASP B 56 -5.90 32.95 -3.73
N ILE B 57 -5.96 32.10 -4.75
CA ILE B 57 -7.05 32.10 -5.72
C ILE B 57 -7.70 30.72 -5.72
N ALA B 58 -9.04 30.69 -5.68
CA ALA B 58 -9.79 29.46 -5.73
C ALA B 58 -10.29 29.25 -7.16
N VAL B 59 -9.95 28.10 -7.74
CA VAL B 59 -10.34 27.77 -9.10
C VAL B 59 -11.18 26.51 -9.19
N LEU B 60 -11.18 25.66 -8.17
CA LEU B 60 -12.04 24.48 -8.11
C LEU B 60 -12.78 24.46 -6.78
N LEU B 61 -14.01 23.97 -6.82
CA LEU B 61 -14.86 23.86 -5.63
C LEU B 61 -15.42 22.45 -5.55
N PRO B 62 -15.58 21.91 -4.33
CA PRO B 62 -16.10 20.54 -4.20
C PRO B 62 -17.51 20.37 -4.72
N GLU B 63 -18.29 21.44 -4.78
CA GLU B 63 -19.66 21.38 -5.29
C GLU B 63 -19.72 21.55 -6.80
N TYR B 64 -18.57 21.55 -7.48
CA TYR B 64 -18.53 21.72 -8.92
C TYR B 64 -17.64 20.72 -9.65
N ASP B 65 -16.68 20.08 -8.98
CA ASP B 65 -15.77 19.17 -9.68
C ASP B 65 -15.48 17.97 -8.78
N VAL B 66 -14.47 17.20 -9.16
CA VAL B 66 -14.22 15.87 -8.60
C VAL B 66 -13.42 15.99 -7.31
N ILE B 67 -13.88 15.31 -6.27
CA ILE B 67 -13.18 15.22 -5.00
C ILE B 67 -12.43 13.90 -4.99
N ILE B 68 -11.15 13.93 -5.37
CA ILE B 68 -10.34 12.72 -5.44
C ILE B 68 -10.09 12.20 -4.03
N GLN B 69 -10.52 10.98 -3.76
CA GLN B 69 -10.33 10.32 -2.47
C GLN B 69 -9.50 9.05 -2.56
N HIS B 70 -9.53 8.35 -3.69
CA HIS B 70 -8.81 7.10 -3.88
C HIS B 70 -8.03 7.16 -5.19
N PRO B 71 -6.87 6.51 -5.25
CA PRO B 71 -6.08 6.54 -6.50
C PRO B 71 -6.83 5.96 -7.69
N ALA B 72 -7.80 5.07 -7.47
CA ALA B 72 -8.64 4.60 -8.56
C ALA B 72 -9.45 5.75 -9.15
N ASP B 73 -9.95 6.63 -8.29
CA ASP B 73 -10.71 7.79 -8.75
C ASP B 73 -9.84 8.78 -9.50
N MET B 74 -8.52 8.69 -9.36
CA MET B 74 -7.63 9.61 -10.06
C MET B 74 -7.76 9.51 -11.57
N SER B 75 -8.25 8.37 -12.08
CA SER B 75 -8.29 8.15 -13.52
C SER B 75 -9.26 9.09 -14.24
N TRP B 76 -10.11 9.80 -13.52
CA TRP B 76 -11.07 10.71 -14.14
C TRP B 76 -10.54 12.12 -14.32
N CYS B 77 -9.27 12.38 -14.00
CA CYS B 77 -8.72 13.73 -14.04
C CYS B 77 -7.92 14.03 -15.30
N SER B 78 -7.43 13.02 -16.02
CA SER B 78 -6.55 13.25 -17.14
C SER B 78 -6.94 12.38 -18.32
N LYS B 79 -6.38 12.71 -19.48
CA LYS B 79 -6.55 11.93 -20.69
C LYS B 79 -5.32 11.10 -21.05
N SER B 80 -4.21 11.27 -20.34
CA SER B 80 -2.96 10.59 -20.66
C SER B 80 -2.50 9.79 -19.45
N ASP B 81 -2.07 8.55 -19.70
CA ASP B 81 -1.59 7.69 -18.62
C ASP B 81 -0.32 8.25 -17.99
N ASP B 82 0.53 8.90 -18.80
CA ASP B 82 1.76 9.47 -18.26
C ASP B 82 1.48 10.55 -17.23
N GLN B 83 0.49 11.41 -17.50
CA GLN B 83 0.15 12.47 -16.56
C GLN B 83 -0.42 11.89 -15.27
N ILE B 84 -1.26 10.87 -15.37
CA ILE B 84 -1.81 10.23 -14.18
C ILE B 84 -0.70 9.59 -13.35
N TRP B 85 0.22 8.89 -14.02
CA TRP B 85 1.34 8.27 -13.32
C TRP B 85 2.20 9.30 -12.62
N LEU B 86 2.48 10.42 -13.28
CA LEU B 86 3.28 11.47 -12.65
C LEU B 86 2.55 12.09 -11.46
N SER B 87 1.24 12.29 -11.58
CA SER B 87 0.48 12.85 -10.48
C SER B 87 0.51 11.95 -9.26
N GLN B 88 0.25 10.66 -9.46
CA GLN B 88 0.30 9.72 -8.34
C GLN B 88 1.71 9.63 -7.76
N TRP B 89 2.72 9.62 -8.64
CA TRP B 89 4.11 9.60 -8.24
C TRP B 89 4.42 10.77 -7.29
N PHE B 90 4.02 11.98 -7.69
CA PHE B 90 4.29 13.15 -6.87
C PHE B 90 3.54 13.10 -5.56
N MET B 91 2.26 12.70 -5.59
CA MET B 91 1.48 12.70 -4.36
C MET B 91 2.01 11.69 -3.35
N ASN B 92 2.45 10.52 -3.83
CA ASN B 92 3.04 9.54 -2.91
C ASN B 92 4.45 9.94 -2.48
N ALA B 93 5.17 10.71 -3.31
CA ALA B 93 6.47 11.21 -2.87
C ALA B 93 6.32 12.25 -1.77
N VAL B 94 5.30 13.11 -1.88
CA VAL B 94 5.05 14.10 -0.84
C VAL B 94 4.64 13.42 0.46
N GLY B 95 3.94 12.29 0.38
CA GLY B 95 3.54 11.58 1.58
C GLY B 95 2.11 11.84 2.00
N HIS B 96 1.18 11.72 1.05
CA HIS B 96 -0.23 11.88 1.34
C HIS B 96 -0.89 10.51 1.51
N ASP B 97 -1.62 10.34 2.61
CA ASP B 97 -2.39 9.12 2.86
C ASP B 97 -3.80 9.35 2.33
N TRP B 98 -4.15 8.61 1.27
CA TRP B 98 -5.39 8.88 0.54
C TRP B 98 -6.62 8.67 1.41
N TYR B 99 -6.65 7.61 2.20
CA TYR B 99 -7.82 7.25 2.98
C TYR B 99 -7.72 7.70 4.44
N LEU B 100 -6.85 8.66 4.74
CA LEU B 100 -6.73 9.16 6.10
C LEU B 100 -6.66 10.67 6.20
N ASP B 101 -6.41 11.39 5.12
CA ASP B 101 -6.28 12.84 5.14
C ASP B 101 -7.33 13.47 4.23
N PRO B 102 -7.64 14.75 4.44
CA PRO B 102 -8.66 15.39 3.62
C PRO B 102 -8.30 15.33 2.15
N PRO B 103 -9.28 15.19 1.27
CA PRO B 103 -9.01 14.95 -0.14
C PRO B 103 -8.51 16.21 -0.86
N PHE B 104 -8.28 16.07 -2.16
CA PHE B 104 -7.95 17.20 -3.01
C PHE B 104 -8.84 17.16 -4.24
N LEU B 105 -8.84 18.25 -5.00
CA LEU B 105 -9.84 18.46 -6.04
C LEU B 105 -9.21 18.42 -7.43
N CYS B 106 -9.94 17.84 -8.37
CA CYS B 106 -9.49 17.71 -9.76
C CYS B 106 -10.67 17.87 -10.70
N ARG B 107 -10.35 18.19 -11.95
CA ARG B 107 -11.34 18.41 -13.00
C ARG B 107 -11.52 17.15 -13.83
N ASN B 108 -12.75 16.89 -14.25
CA ASN B 108 -13.02 15.68 -15.03
C ASN B 108 -12.68 15.88 -16.50
N ARG B 109 -12.29 14.78 -17.14
CA ARG B 109 -11.72 14.84 -18.49
C ARG B 109 -12.68 15.39 -19.53
N THR B 110 -13.98 15.31 -19.30
CA THR B 110 -14.95 15.65 -20.34
C THR B 110 -15.15 17.16 -20.45
N LYS B 111 -14.05 17.90 -20.59
CA LYS B 111 -14.09 19.34 -20.80
C LYS B 111 -12.92 19.73 -21.68
N THR B 112 -13.13 20.74 -22.52
CA THR B 112 -12.09 21.23 -23.41
C THR B 112 -11.21 22.29 -22.75
N GLU B 113 -11.20 22.36 -21.42
CA GLU B 113 -10.40 23.38 -20.74
C GLU B 113 -8.94 22.98 -20.68
N GLY B 114 -8.63 21.89 -20.02
CA GLY B 114 -7.25 21.45 -19.85
C GLY B 114 -7.13 20.58 -18.63
N PHE B 115 -5.95 20.66 -18.00
CA PHE B 115 -5.62 19.89 -16.81
C PHE B 115 -5.23 20.85 -15.70
N ILE B 116 -5.90 20.76 -14.55
CA ILE B 116 -5.59 21.57 -13.39
C ILE B 116 -5.89 20.74 -12.16
N PHE B 117 -4.99 20.75 -11.18
CA PHE B 117 -5.37 20.17 -9.89
C PHE B 117 -4.88 21.03 -8.74
N GLN B 118 -5.71 21.11 -7.70
CA GLN B 118 -5.55 22.07 -6.62
C GLN B 118 -5.52 21.35 -5.28
N VAL B 119 -4.62 21.80 -4.40
CA VAL B 119 -4.48 21.26 -3.05
C VAL B 119 -4.61 22.40 -2.05
N ASN B 120 -5.30 22.13 -0.94
CA ASN B 120 -5.45 23.10 0.14
C ASN B 120 -4.35 22.84 1.17
N THR B 121 -3.48 23.83 1.35
CA THR B 121 -2.43 23.76 2.38
C THR B 121 -2.42 25.04 3.20
N SER B 122 -3.60 25.49 3.60
CA SER B 122 -3.72 26.70 4.40
C SER B 122 -3.11 26.49 5.78
N LYS B 123 -2.87 27.61 6.47
CA LYS B 123 -2.18 27.56 7.75
C LYS B 123 -3.09 27.99 8.89
N THR B 124 -4.32 27.51 8.91
CA THR B 124 -5.27 27.84 9.96
C THR B 124 -6.24 26.67 10.15
N GLY B 125 -6.98 26.73 11.25
CA GLY B 125 -8.01 25.75 11.57
C GLY B 125 -7.45 24.36 11.70
N ILE B 126 -8.27 23.38 11.32
CA ILE B 126 -7.83 21.99 11.33
C ILE B 126 -6.72 21.79 10.30
N ASN B 127 -6.89 22.37 9.11
CA ASN B 127 -5.94 22.15 8.02
C ASN B 127 -4.53 22.55 8.41
N GLU B 128 -4.40 23.45 9.40
CA GLU B 128 -3.09 23.74 9.96
C GLU B 128 -2.24 22.48 10.04
N ASN B 129 -2.76 21.44 10.70
CA ASN B 129 -1.95 20.24 10.90
C ASN B 129 -1.52 19.66 9.56
N TYR B 130 -2.46 19.47 8.63
CA TYR B 130 -2.10 18.99 7.31
C TYR B 130 -1.01 19.85 6.69
N ALA B 131 -1.11 21.18 6.87
CA ALA B 131 -0.12 22.10 6.33
C ALA B 131 1.28 21.71 6.76
N LYS B 132 1.44 21.29 8.02
CA LYS B 132 2.71 20.77 8.45
C LYS B 132 3.15 19.61 7.56
N LYS B 133 2.37 18.53 7.53
CA LYS B 133 2.80 17.34 6.81
C LYS B 133 3.27 17.72 5.41
N PHE B 134 2.36 18.24 4.59
CA PHE B 134 2.73 18.57 3.21
C PHE B 134 3.99 19.43 3.19
N LYS B 135 4.03 20.45 4.04
CA LYS B 135 5.22 21.30 4.11
C LYS B 135 6.48 20.42 4.12
N THR B 136 6.62 19.60 5.15
CA THR B 136 7.84 18.81 5.26
C THR B 136 8.10 18.03 3.97
N GLY B 137 7.06 17.45 3.39
CA GLY B 137 7.21 16.78 2.12
C GLY B 137 8.04 17.59 1.14
N MET B 138 7.57 18.78 0.78
CA MET B 138 8.29 19.58 -0.20
C MET B 138 9.69 19.94 0.29
N HIS B 139 9.86 20.07 1.61
CA HIS B 139 11.17 20.38 2.17
C HIS B 139 12.19 19.28 1.90
N HIS B 140 11.75 18.05 1.63
CA HIS B 140 12.66 16.94 1.42
C HIS B 140 12.90 16.63 -0.04
N LEU B 141 12.35 17.40 -0.97
CA LEU B 141 12.53 17.15 -2.40
C LEU B 141 13.30 18.26 -3.12
N TYR B 142 12.92 19.51 -2.92
CA TYR B 142 13.50 20.58 -3.73
C TYR B 142 14.84 21.07 -3.21
N ARG B 143 15.34 20.53 -2.10
CA ARG B 143 16.63 20.90 -1.50
C ARG B 143 16.55 22.34 -0.97
N GLU B 144 15.42 22.99 -1.20
CA GLU B 144 15.13 24.32 -0.71
C GLU B 144 13.61 24.49 -0.73
N TYR B 145 13.14 25.62 -0.23
CA TYR B 145 11.71 25.86 -0.28
C TYR B 145 11.43 27.35 -0.19
N PRO B 146 11.34 28.03 -1.33
CA PRO B 146 10.92 29.43 -1.30
C PRO B 146 9.45 29.56 -0.96
N ASP B 147 9.12 29.36 0.33
CA ASP B 147 7.72 29.38 0.75
C ASP B 147 7.09 30.72 0.42
N SER B 148 5.90 30.68 -0.18
CA SER B 148 5.25 31.87 -0.70
C SER B 148 3.84 32.05 -0.13
N CYS B 149 3.60 31.55 1.07
CA CYS B 149 2.33 31.81 1.74
C CYS B 149 2.51 31.78 3.24
N LEU B 150 2.13 32.87 3.89
CA LEU B 150 2.27 33.07 5.31
C LEU B 150 1.02 32.55 6.02
N ASP B 151 0.80 32.95 7.26
CA ASP B 151 -0.34 32.56 8.09
C ASP B 151 -1.67 33.12 7.58
N GLY B 152 -1.72 33.71 6.40
CA GLY B 152 -2.95 34.24 5.83
C GLY B 152 -4.08 33.23 5.74
N LYS B 153 -5.27 33.70 5.37
CA LYS B 153 -6.46 32.87 5.45
C LYS B 153 -6.36 31.62 4.59
N LEU B 154 -5.87 31.76 3.36
CA LEU B 154 -5.79 30.63 2.44
C LEU B 154 -4.41 30.55 1.82
N CYS B 155 -3.97 29.33 1.55
CA CYS B 155 -2.74 29.06 0.79
C CYS B 155 -3.06 27.88 -0.12
N LEU B 156 -3.53 28.17 -1.33
CA LEU B 156 -3.92 27.14 -2.27
C LEU B 156 -2.81 26.91 -3.28
N MET B 157 -2.47 25.63 -3.48
CA MET B 157 -1.46 25.21 -4.44
C MET B 157 -2.16 24.74 -5.71
N LYS B 158 -1.73 25.26 -6.86
CA LYS B 158 -2.29 24.87 -8.14
C LYS B 158 -1.20 24.30 -9.02
N ALA B 159 -1.52 23.22 -9.73
CA ALA B 159 -0.60 22.59 -10.68
C ALA B 159 -1.28 22.50 -12.04
N GLN B 160 -0.57 22.94 -13.07
CA GLN B 160 -1.07 23.09 -14.43
C GLN B 160 0.04 22.75 -15.42
N PRO B 161 -0.26 22.07 -16.53
CA PRO B 161 0.81 21.67 -17.45
C PRO B 161 1.17 22.75 -18.45
N THR B 162 2.45 23.10 -18.50
CA THR B 162 2.95 24.10 -19.43
C THR B 162 4.19 23.56 -20.13
N SER B 163 4.69 24.32 -21.09
CA SER B 163 5.92 23.95 -21.77
C SER B 163 7.11 24.12 -20.84
N TRP B 164 8.20 23.42 -21.16
CA TRP B 164 9.39 23.42 -20.33
C TRP B 164 10.27 24.61 -20.66
N PRO B 165 10.49 25.55 -19.74
CA PRO B 165 11.38 26.67 -20.03
C PRO B 165 12.82 26.19 -20.23
N LEU B 166 13.52 26.83 -21.17
CA LEU B 166 14.91 26.49 -21.44
C LEU B 166 15.88 27.36 -20.65
N GLN B 167 15.65 27.47 -19.35
CA GLN B 167 16.58 28.18 -18.47
C GLN B 167 16.75 27.53 -17.11
N CYS B 168 16.05 26.44 -16.83
CA CYS B 168 16.04 25.89 -15.48
C CYS B 168 17.41 25.35 -15.09
N PRO B 169 17.90 25.62 -13.89
CA PRO B 169 19.11 24.94 -13.41
C PRO B 169 18.89 23.45 -13.36
N LEU B 170 19.92 22.70 -13.76
CA LEU B 170 19.81 21.24 -13.89
C LEU B 170 20.18 20.60 -12.56
N ASP B 171 19.30 20.79 -11.57
CA ASP B 171 19.50 20.17 -10.26
C ASP B 171 19.37 18.66 -10.36
N HIS B 172 20.08 17.96 -9.49
CA HIS B 172 20.04 16.51 -9.45
C HIS B 172 19.82 15.92 -8.07
N VAL B 173 20.06 16.67 -6.99
CA VAL B 173 19.75 16.15 -5.66
C VAL B 173 18.25 15.87 -5.54
N ASN B 174 17.44 16.72 -6.15
CA ASN B 174 16.00 16.49 -6.18
C ASN B 174 15.66 15.20 -6.91
N THR B 175 16.33 14.94 -8.04
CA THR B 175 16.11 13.70 -8.76
C THR B 175 16.46 12.50 -7.89
N LEU B 176 17.59 12.58 -7.18
CA LEU B 176 17.99 11.49 -6.31
C LEU B 176 16.95 11.23 -5.22
N HIS B 177 16.45 12.30 -4.59
CA HIS B 177 15.47 12.12 -3.53
C HIS B 177 14.14 11.58 -4.08
N PHE B 178 13.73 12.07 -5.26
CA PHE B 178 12.52 11.57 -5.91
C PHE B 178 12.61 10.07 -6.13
N LEU B 179 13.69 9.63 -6.76
CA LEU B 179 13.86 8.21 -7.05
C LEU B 179 14.03 7.40 -5.77
N THR B 180 14.60 8.01 -4.73
CA THR B 180 14.85 7.28 -3.49
C THR B 180 13.56 7.02 -2.73
N ARG B 181 12.68 8.03 -2.63
CA ARG B 181 11.51 7.90 -1.76
C ARG B 181 10.56 6.83 -2.27
N GLY B 182 10.04 7.00 -3.49
CA GLY B 182 9.08 6.05 -4.00
C GLY B 182 9.72 4.85 -4.67
N LYS B 183 8.97 3.75 -4.70
CA LYS B 183 9.45 2.49 -5.24
C LYS B 183 8.47 1.95 -6.29
N ASN B 184 8.88 0.85 -6.93
CA ASN B 184 8.11 0.22 -8.01
C ASN B 184 7.84 1.21 -9.14
N ILE B 185 8.87 1.96 -9.51
CA ILE B 185 8.76 2.99 -10.54
C ILE B 185 9.76 2.67 -11.64
N GLN B 186 9.27 2.55 -12.87
CA GLN B 186 10.09 2.28 -14.04
C GLN B 186 10.06 3.50 -14.95
N LEU B 187 11.24 4.04 -15.26
CA LEU B 187 11.37 5.22 -16.09
C LEU B 187 11.52 4.84 -17.56
N PRO B 188 10.70 5.41 -18.44
CA PRO B 188 10.74 4.99 -19.85
C PRO B 188 11.80 5.73 -20.65
N ARG B 189 11.85 5.43 -21.94
CA ARG B 189 12.70 6.16 -22.88
C ARG B 189 11.83 6.94 -23.86
N ALA C 1 34.04 -3.72 -16.42
CA ALA C 1 32.79 -3.89 -15.69
C ALA C 1 32.42 -2.62 -14.93
N PHE C 2 32.31 -2.71 -13.62
CA PHE C 2 31.94 -1.59 -12.76
C PHE C 2 33.08 -1.29 -11.80
N PHE C 3 32.81 -0.38 -10.85
CA PHE C 3 33.85 0.16 -9.99
C PHE C 3 34.10 -0.78 -8.81
N SER C 4 34.90 -1.81 -9.07
CA SER C 4 35.44 -2.67 -8.03
C SER C 4 36.91 -2.96 -8.33
N TRP C 5 37.65 -1.93 -8.73
CA TRP C 5 39.02 -2.09 -9.20
C TRP C 5 39.91 -2.68 -8.12
N SER C 6 40.54 -3.81 -8.43
CA SER C 6 41.57 -4.38 -7.57
C SER C 6 42.95 -3.91 -8.00
N LEU C 7 43.11 -2.59 -8.09
CA LEU C 7 44.35 -1.96 -8.55
C LEU C 7 44.78 -2.47 -9.92
N GLY C 17 47.59 6.86 -16.65
CA GLY C 17 48.18 5.95 -15.70
C GLY C 17 47.17 5.43 -14.68
N GLY C 18 45.93 5.30 -15.10
CA GLY C 18 44.87 4.85 -14.23
C GLY C 18 43.53 5.35 -14.74
N TYR C 19 42.60 5.53 -13.82
CA TYR C 19 41.28 6.03 -14.17
C TYR C 19 41.38 7.47 -14.68
N CYS C 20 40.71 7.74 -15.79
CA CYS C 20 40.73 9.06 -16.39
C CYS C 20 39.30 9.45 -16.74
N LEU C 21 39.05 10.75 -16.77
CA LEU C 21 37.75 11.29 -17.14
C LEU C 21 37.91 12.32 -18.25
N GLU C 22 36.97 12.30 -19.20
CA GLU C 22 37.07 13.08 -20.42
C GLU C 22 36.19 14.33 -20.35
N GLU C 23 36.05 14.98 -21.51
CA GLU C 23 35.44 16.31 -21.56
C GLU C 23 34.02 16.32 -21.01
N TRP C 24 33.17 15.41 -21.49
CA TRP C 24 31.76 15.48 -21.12
C TRP C 24 31.51 15.13 -19.66
N MET C 25 32.54 14.86 -18.87
CA MET C 25 32.40 14.73 -17.43
C MET C 25 32.82 15.98 -16.68
N LEU C 26 33.92 16.61 -17.07
CA LEU C 26 34.44 17.77 -16.37
C LEU C 26 33.88 19.07 -16.95
N VAL C 27 33.69 20.06 -16.08
CA VAL C 27 33.20 21.36 -16.52
C VAL C 27 34.24 22.12 -17.32
N ALA C 28 35.53 21.80 -17.14
CA ALA C 28 36.59 22.50 -17.85
C ALA C 28 36.76 21.98 -19.28
N ALA C 29 36.04 20.93 -19.66
CA ALA C 29 36.10 20.35 -21.00
C ALA C 29 37.52 19.92 -21.35
N LYS C 30 38.05 19.01 -20.54
CA LYS C 30 39.39 18.47 -20.76
C LYS C 30 39.40 17.05 -20.18
N MET C 31 40.60 16.47 -20.10
CA MET C 31 40.76 15.11 -19.60
C MET C 31 41.78 15.10 -18.47
N LYS C 32 41.40 14.52 -17.33
CA LYS C 32 42.27 14.42 -16.17
C LYS C 32 42.38 12.97 -15.73
N CYS C 33 43.59 12.56 -15.36
CA CYS C 33 43.85 11.20 -14.92
C CYS C 33 44.29 11.20 -13.46
N PHE C 34 43.79 10.23 -12.70
CA PHE C 34 44.11 10.08 -11.29
C PHE C 34 44.95 8.83 -11.08
N GLY C 35 45.90 8.92 -10.16
CA GLY C 35 46.76 7.79 -9.87
C GLY C 35 45.98 6.61 -9.29
N ASN C 36 46.47 5.41 -9.57
CA ASN C 36 45.78 4.20 -9.12
C ASN C 36 45.75 4.13 -7.60
N THR C 37 46.82 4.56 -6.94
CA THR C 37 46.85 4.57 -5.49
C THR C 37 45.78 5.50 -4.92
N ALA C 38 45.61 6.68 -5.53
CA ALA C 38 44.58 7.60 -5.07
C ALA C 38 43.18 7.05 -5.30
N VAL C 39 42.96 6.44 -6.47
CA VAL C 39 41.63 5.94 -6.81
C VAL C 39 41.25 4.77 -5.93
N ALA C 40 42.22 3.92 -5.58
CA ALA C 40 41.92 2.70 -4.84
C ALA C 40 41.45 2.97 -3.42
N LYS C 41 41.55 4.22 -2.95
CA LYS C 41 41.24 4.55 -1.57
C LYS C 41 39.75 4.45 -1.26
N CYS C 42 38.90 4.29 -2.27
CA CYS C 42 37.46 4.16 -2.05
C CYS C 42 36.89 2.97 -2.79
N ASN C 43 37.65 1.89 -2.88
CA ASN C 43 37.09 0.64 -3.38
C ASN C 43 36.23 -0.06 -2.35
N LEU C 44 36.25 0.39 -1.09
CA LEU C 44 35.41 -0.16 -0.05
C LEU C 44 34.77 0.91 0.82
N ASN C 45 35.04 2.19 0.56
CA ASN C 45 34.49 3.27 1.36
C ASN C 45 33.07 3.60 0.90
N HIS C 46 32.15 3.71 1.86
CA HIS C 46 30.76 4.06 1.59
C HIS C 46 30.39 5.42 2.17
N ASP C 47 31.37 6.33 2.28
CA ASP C 47 31.12 7.61 2.91
C ASP C 47 31.83 8.75 2.17
N SER C 48 31.95 8.65 0.86
CA SER C 48 32.67 9.65 0.06
C SER C 48 31.79 10.08 -1.10
N GLU C 49 31.39 11.36 -1.10
CA GLU C 49 30.54 11.89 -2.17
C GLU C 49 31.20 11.78 -3.53
N PHE C 50 32.52 11.97 -3.61
CA PHE C 50 33.21 11.90 -4.89
C PHE C 50 33.04 10.53 -5.54
N CYS C 51 33.18 9.46 -4.76
CA CYS C 51 33.16 8.14 -5.36
C CYS C 51 31.75 7.68 -5.73
N ASP C 52 30.71 8.20 -5.05
CA ASP C 52 29.35 7.92 -5.50
C ASP C 52 29.08 8.52 -6.87
N MET C 53 29.48 9.78 -7.07
CA MET C 53 29.34 10.39 -8.37
C MET C 53 30.18 9.68 -9.42
N LEU C 54 31.37 9.21 -9.03
CA LEU C 54 32.21 8.44 -9.95
C LEU C 54 31.52 7.15 -10.38
N ARG C 55 30.85 6.47 -9.46
CA ARG C 55 30.10 5.27 -9.83
C ARG C 55 28.96 5.60 -10.79
N LEU C 56 28.26 6.72 -10.54
CA LEU C 56 27.22 7.15 -11.47
C LEU C 56 27.76 7.36 -12.88
N PHE C 57 28.89 8.04 -12.98
CA PHE C 57 29.48 8.28 -14.30
C PHE C 57 29.95 6.99 -14.95
N ASP C 58 30.44 6.04 -14.15
CA ASP C 58 30.82 4.75 -14.71
C ASP C 58 29.61 4.01 -15.26
N TYR C 59 28.48 4.07 -14.55
CA TYR C 59 27.26 3.45 -15.07
C TYR C 59 26.84 4.11 -16.37
N ASN C 60 26.93 5.43 -16.47
CA ASN C 60 26.61 6.11 -17.73
C ASN C 60 27.51 5.61 -18.86
N LYS C 61 28.82 5.51 -18.60
CA LYS C 61 29.74 5.09 -19.64
C LYS C 61 29.45 3.66 -20.10
N ASN C 62 29.18 2.76 -19.16
CA ASN C 62 28.89 1.39 -19.54
C ASN C 62 27.55 1.26 -20.26
N ALA C 63 26.57 2.12 -19.92
CA ALA C 63 25.33 2.16 -20.70
C ALA C 63 25.61 2.58 -22.14
N ILE C 64 26.47 3.58 -22.32
CA ILE C 64 26.88 3.97 -23.67
C ILE C 64 27.49 2.78 -24.41
N LYS C 65 28.40 2.07 -23.74
CA LYS C 65 29.06 0.93 -24.37
C LYS C 65 28.07 -0.17 -24.76
N THR C 66 27.11 -0.45 -23.88
CA THR C 66 26.12 -1.48 -24.18
C THR C 66 25.20 -1.07 -25.32
N LEU C 67 24.82 0.21 -25.39
CA LEU C 67 24.06 0.69 -26.54
C LEU C 67 24.87 0.54 -27.83
N ASN C 68 26.17 0.84 -27.76
CA ASN C 68 27.02 0.62 -28.94
C ASN C 68 27.07 -0.84 -29.32
N ASP C 69 27.11 -1.74 -28.32
CA ASP C 69 27.06 -3.17 -28.59
C ASP C 69 25.72 -3.59 -29.17
N GLU C 70 24.68 -2.76 -29.03
CA GLU C 70 23.35 -3.02 -29.60
C GLU C 70 22.76 -4.30 -29.00
N THR C 71 22.71 -4.36 -27.67
CA THR C 71 22.06 -5.50 -27.03
C THR C 71 20.56 -5.49 -27.25
N LYS C 72 19.96 -4.30 -27.43
CA LYS C 72 18.55 -4.12 -27.77
C LYS C 72 17.61 -4.66 -26.71
N LYS C 73 18.10 -4.90 -25.49
CA LYS C 73 17.26 -5.35 -24.39
C LYS C 73 16.51 -4.13 -23.87
N GLN C 74 15.27 -3.94 -24.33
CA GLN C 74 14.45 -2.81 -23.90
C GLN C 74 13.94 -3.09 -22.48
N VAL C 75 14.83 -2.85 -21.52
CA VAL C 75 14.54 -3.04 -20.11
C VAL C 75 14.37 -1.68 -19.48
N ASN C 76 13.17 -1.40 -18.96
CA ASN C 76 12.91 -0.11 -18.34
C ASN C 76 13.70 0.02 -17.04
N LEU C 77 14.31 1.18 -16.84
CA LEU C 77 15.09 1.42 -15.63
C LEU C 77 14.17 1.50 -14.42
N MET C 78 14.64 0.99 -13.29
CA MET C 78 13.96 1.11 -12.02
C MET C 78 14.72 2.07 -11.10
N GLY C 79 14.01 2.65 -10.14
CA GLY C 79 14.67 3.46 -9.14
C GLY C 79 15.59 2.66 -8.24
N GLN C 80 15.40 1.34 -8.19
CA GLN C 80 16.20 0.50 -7.32
C GLN C 80 17.66 0.50 -7.75
N THR C 81 17.92 0.52 -9.07
CA THR C 81 19.30 0.54 -9.55
C THR C 81 20.02 1.80 -9.10
N ILE C 82 19.36 2.95 -9.22
CA ILE C 82 19.97 4.20 -8.76
C ILE C 82 20.18 4.17 -7.25
N ASN C 83 19.18 3.67 -6.51
CA ASN C 83 19.32 3.57 -5.07
C ASN C 83 20.43 2.61 -4.66
N ALA C 84 20.81 1.68 -5.53
CA ALA C 84 21.90 0.74 -5.25
C ALA C 84 23.26 1.27 -5.66
N LEU C 85 23.33 2.50 -6.17
CA LEU C 85 24.61 3.13 -6.52
C LEU C 85 24.95 4.31 -5.63
N ILE C 86 23.96 5.04 -5.13
CA ILE C 86 24.18 6.23 -4.32
C ILE C 86 23.94 5.89 -2.85
N SER C 87 24.83 6.35 -1.99
CA SER C 87 24.67 6.12 -0.56
C SER C 87 23.52 6.97 -0.02
N ASP C 88 22.33 6.37 0.06
CA ASP C 88 21.14 7.10 0.50
C ASP C 88 21.31 7.61 1.93
N ASN C 89 22.10 6.91 2.75
CA ASN C 89 22.39 7.40 4.09
C ASN C 89 23.11 8.74 4.02
N LEU C 90 24.07 8.87 3.10
CA LEU C 90 24.80 10.12 2.98
C LEU C 90 23.89 11.25 2.49
N LEU C 91 23.00 10.95 1.54
CA LEU C 91 22.06 11.96 1.07
C LEU C 91 21.14 12.43 2.19
N MET C 92 20.64 11.49 2.99
CA MET C 92 19.79 11.87 4.12
C MET C 92 20.57 12.71 5.12
N LYS C 93 21.83 12.36 5.36
CA LYS C 93 22.64 13.18 6.26
C LYS C 93 22.81 14.60 5.73
N ASN C 94 23.07 14.72 4.43
CA ASN C 94 23.23 16.05 3.84
C ASN C 94 21.93 16.86 3.93
N LYS C 95 20.79 16.22 3.68
CA LYS C 95 19.53 16.94 3.78
C LYS C 95 19.23 17.34 5.22
N ILE C 96 19.61 16.48 6.18
CA ILE C 96 19.46 16.83 7.59
C ILE C 96 20.31 18.06 7.91
N ARG C 97 21.54 18.09 7.40
CA ARG C 97 22.39 19.26 7.59
C ARG C 97 21.74 20.51 7.01
N GLU C 98 21.17 20.40 5.81
CA GLU C 98 20.54 21.56 5.18
C GLU C 98 19.37 22.06 6.01
N LEU C 99 18.53 21.15 6.50
CA LEU C 99 17.41 21.55 7.33
C LEU C 99 17.85 22.19 8.64
N MET C 100 19.04 21.84 9.13
CA MET C 100 19.55 22.37 10.38
C MET C 100 20.41 23.62 10.19
N SER C 101 20.52 24.12 8.96
CA SER C 101 21.26 25.36 8.67
C SER C 101 22.72 25.23 9.06
N VAL C 102 23.37 24.19 8.56
CA VAL C 102 24.81 24.00 8.75
C VAL C 102 25.42 23.71 7.38
N PRO C 103 26.72 23.93 7.22
CA PRO C 103 27.33 23.77 5.89
C PRO C 103 27.15 22.37 5.32
N TYR C 104 26.98 22.31 4.01
CA TYR C 104 26.84 21.05 3.29
C TYR C 104 27.27 21.25 1.85
N CYS C 105 27.29 20.17 1.07
CA CYS C 105 27.70 20.25 -0.32
C CYS C 105 26.72 19.47 -1.19
N ASN C 106 26.71 19.82 -2.49
CA ASN C 106 25.67 19.30 -3.39
C ASN C 106 26.27 18.65 -4.64
N TYR C 107 27.44 18.02 -4.50
CA TYR C 107 28.04 17.20 -5.55
C TYR C 107 28.35 18.01 -6.81
N THR C 108 29.03 19.15 -6.64
CA THR C 108 29.37 19.93 -7.83
C THR C 108 30.84 20.31 -7.89
N LYS C 109 31.44 20.63 -6.74
CA LYS C 109 32.80 21.15 -6.70
C LYS C 109 33.60 20.41 -5.63
N PHE C 110 34.80 19.98 -6.02
CA PHE C 110 35.68 19.21 -5.14
C PHE C 110 37.09 19.80 -5.23
N TRP C 111 37.85 19.65 -4.14
CA TRP C 111 39.19 20.21 -4.07
C TRP C 111 40.15 19.18 -3.49
N TYR C 112 41.43 19.35 -3.84
CA TYR C 112 42.46 18.43 -3.37
C TYR C 112 43.80 19.15 -3.30
N VAL C 113 44.71 18.60 -2.50
CA VAL C 113 46.07 19.10 -2.36
C VAL C 113 46.97 18.28 -3.28
N ASN C 114 47.77 18.97 -4.09
CA ASN C 114 48.59 18.35 -5.12
C ASN C 114 50.06 18.40 -4.72
N HIS C 115 50.79 17.35 -5.07
CA HIS C 115 52.23 17.23 -4.83
C HIS C 115 52.92 17.21 -6.18
N THR C 116 53.52 18.35 -6.55
CA THR C 116 54.00 18.53 -7.92
C THR C 116 55.25 17.71 -8.20
N LEU C 117 56.09 17.46 -7.18
CA LEU C 117 57.38 16.84 -7.42
C LEU C 117 57.25 15.44 -8.00
N SER C 118 56.32 14.65 -7.47
CA SER C 118 56.11 13.27 -7.93
C SER C 118 54.72 13.05 -8.48
N GLY C 119 53.90 14.09 -8.60
CA GLY C 119 52.57 13.94 -9.14
C GLY C 119 51.56 13.29 -8.21
N GLN C 120 51.88 13.18 -6.92
CA GLN C 120 50.98 12.57 -5.96
C GLN C 120 49.99 13.60 -5.44
N HIS C 121 48.74 13.18 -5.28
CA HIS C 121 47.68 14.10 -4.88
C HIS C 121 46.78 13.41 -3.85
N SER C 122 46.08 14.23 -3.07
CA SER C 122 45.12 13.71 -2.12
C SER C 122 43.81 13.39 -2.82
N LEU C 123 42.96 12.62 -2.13
CA LEU C 123 41.64 12.33 -2.64
C LEU C 123 40.74 13.55 -2.47
N PRO C 124 40.06 14.01 -3.52
CA PRO C 124 39.30 15.25 -3.43
C PRO C 124 38.19 15.17 -2.39
N ARG C 125 37.98 16.29 -1.69
CA ARG C 125 36.89 16.46 -0.75
C ARG C 125 35.84 17.38 -1.34
N CYS C 126 34.76 17.58 -0.60
CA CYS C 126 33.61 18.36 -1.08
C CYS C 126 33.70 19.78 -0.53
N TRP C 127 33.73 20.77 -1.43
CA TRP C 127 33.81 22.17 -1.01
C TRP C 127 32.44 22.60 -0.51
N LEU C 128 32.31 22.69 0.81
CA LEU C 128 31.01 22.88 1.44
C LEU C 128 30.42 24.24 1.11
N ILE C 129 29.08 24.31 1.14
CA ILE C 129 28.34 25.52 0.82
C ILE C 129 27.56 25.97 2.06
N LYS C 130 27.05 27.19 2.00
CA LYS C 130 26.18 27.73 3.03
C LYS C 130 25.50 28.99 2.49
N ASN C 131 24.19 29.07 2.67
CA ASN C 131 23.41 30.25 2.26
C ASN C 131 23.61 30.55 0.78
N ASN C 132 23.63 29.50 -0.04
CA ASN C 132 23.85 29.60 -1.48
C ASN C 132 25.16 30.33 -1.79
N SER C 133 26.20 30.03 -1.03
CA SER C 133 27.54 30.54 -1.28
C SER C 133 28.54 29.44 -0.97
N TYR C 134 29.80 29.68 -1.30
CA TYR C 134 30.87 28.72 -1.10
C TYR C 134 31.73 29.16 0.08
N LEU C 135 32.00 28.23 1.00
CA LEU C 135 32.92 28.53 2.09
C LEU C 135 34.28 28.92 1.54
N ASN C 136 34.86 29.98 2.09
CA ASN C 136 36.07 30.58 1.54
C ASN C 136 37.29 30.26 2.40
N ILE C 137 38.40 30.88 2.02
CA ILE C 137 39.71 30.48 2.51
C ILE C 137 39.81 30.67 4.02
N SER C 138 39.32 31.81 4.52
CA SER C 138 39.49 32.15 5.93
C SER C 138 38.85 31.11 6.85
N ASP C 139 37.79 30.45 6.41
CA ASP C 139 37.17 29.39 7.19
C ASP C 139 37.67 28.00 6.84
N PHE C 140 38.19 27.82 5.61
CA PHE C 140 38.68 26.53 5.17
C PHE C 140 40.16 26.34 5.44
N ARG C 141 40.81 27.27 6.13
CA ARG C 141 42.27 27.20 6.28
C ARG C 141 42.73 25.96 7.02
N ASN C 142 42.02 25.57 8.08
CA ASN C 142 42.55 24.57 9.00
C ASN C 142 42.66 23.17 8.40
N ASP C 143 42.23 23.01 7.14
CA ASP C 143 42.21 21.70 6.50
C ASP C 143 43.33 21.46 5.51
N TRP C 144 43.77 22.49 4.78
CA TRP C 144 44.81 22.27 3.77
C TRP C 144 46.13 21.84 4.40
N ILE C 145 46.50 22.47 5.51
CA ILE C 145 47.77 22.14 6.16
C ILE C 145 47.76 20.70 6.65
N LEU C 146 46.65 20.30 7.28
CA LEU C 146 46.52 18.92 7.75
C LEU C 146 46.56 17.95 6.57
N GLU C 147 45.88 18.28 5.48
CA GLU C 147 45.86 17.41 4.32
C GLU C 147 47.26 17.26 3.72
N SER C 148 48.01 18.36 3.64
CA SER C 148 49.36 18.30 3.07
C SER C 148 50.30 17.49 3.96
N ASP C 149 50.23 17.70 5.27
CA ASP C 149 51.06 16.91 6.17
C ASP C 149 50.73 15.43 6.06
N PHE C 150 49.44 15.10 6.00
CA PHE C 150 49.04 13.71 5.84
C PHE C 150 49.52 13.16 4.50
N LEU C 151 49.53 14.00 3.46
CA LEU C 151 50.01 13.56 2.15
C LEU C 151 51.48 13.19 2.20
N ILE C 152 52.29 14.05 2.82
CA ILE C 152 53.74 13.76 2.90
C ILE C 152 53.99 12.51 3.73
N SER C 153 53.28 12.39 4.87
CA SER C 153 53.44 11.21 5.70
C SER C 153 53.03 9.95 4.95
N GLU C 154 51.94 10.03 4.18
CA GLU C 154 51.48 8.89 3.41
C GLU C 154 52.50 8.49 2.35
N MET C 155 53.11 9.47 1.68
CA MET C 155 54.13 9.15 0.68
C MET C 155 55.32 8.45 1.31
N LEU C 156 55.81 8.97 2.44
CA LEU C 156 56.95 8.35 3.10
C LEU C 156 56.62 6.92 3.55
N SER C 157 55.44 6.74 4.14
CA SER C 157 55.04 5.41 4.59
C SER C 157 54.85 4.46 3.41
N LYS C 158 54.33 4.96 2.29
CA LYS C 158 54.14 4.12 1.11
C LYS C 158 55.48 3.62 0.58
N GLU C 159 56.48 4.52 0.50
CA GLU C 159 57.79 4.08 0.04
C GLU C 159 58.41 3.08 1.01
N TYR C 160 58.27 3.33 2.31
CA TYR C 160 58.81 2.41 3.31
C TYR C 160 58.19 1.03 3.18
N SER C 161 56.87 0.97 2.99
CA SER C 161 56.20 -0.32 2.81
C SER C 161 56.58 -0.98 1.49
N ASP C 162 56.79 -0.18 0.45
CA ASP C 162 57.17 -0.74 -0.85
C ASP C 162 58.52 -1.45 -0.75
N ARG C 163 59.48 -0.85 -0.06
CA ARG C 163 60.75 -1.56 0.14
C ARG C 163 60.61 -2.65 1.21
N GLN C 164 59.66 -2.49 2.13
CA GLN C 164 59.44 -3.49 3.17
C GLN C 164 59.00 -4.82 2.57
N GLY C 165 58.12 -4.78 1.58
CA GLY C 165 57.54 -6.00 1.05
C GLY C 165 58.42 -6.75 0.08
N LYS C 166 59.74 -6.62 0.19
CA LYS C 166 60.64 -7.31 -0.74
C LYS C 166 61.80 -8.02 -0.05
N THR C 167 62.22 -7.52 1.12
CA THR C 167 63.44 -8.02 1.76
C THR C 167 63.10 -8.81 3.02
N PRO C 168 63.62 -10.03 3.17
CA PRO C 168 63.32 -10.83 4.36
C PRO C 168 63.99 -10.28 5.60
N LEU C 169 63.25 -10.30 6.71
CA LEU C 169 63.77 -9.81 7.98
C LEU C 169 64.93 -10.66 8.49
N THR C 170 64.90 -11.96 8.17
CA THR C 170 65.97 -12.85 8.61
C THR C 170 67.32 -12.41 8.07
N LEU C 171 67.35 -11.99 6.80
CA LEU C 171 68.59 -11.49 6.20
C LEU C 171 69.10 -10.26 6.94
N VAL C 172 68.19 -9.34 7.29
CA VAL C 172 68.58 -8.14 8.02
C VAL C 172 69.19 -8.52 9.36
N ASP C 173 68.54 -9.44 10.08
CA ASP C 173 69.05 -9.85 11.39
C ASP C 173 70.41 -10.50 11.27
N ILE C 174 70.60 -11.36 10.26
CA ILE C 174 71.88 -12.02 10.06
C ILE C 174 72.97 -10.98 9.78
N CYS C 175 72.65 -9.99 8.94
CA CYS C 175 73.63 -8.95 8.63
C CYS C 175 74.02 -8.18 9.89
N PHE C 176 73.04 -7.83 10.72
CA PHE C 176 73.32 -7.08 11.94
C PHE C 176 74.21 -7.87 12.89
N TRP C 177 73.89 -9.16 13.08
CA TRP C 177 74.70 -9.98 13.98
C TRP C 177 76.10 -10.20 13.43
N SER C 178 76.23 -10.35 12.12
CA SER C 178 77.55 -10.46 11.52
C SER C 178 78.35 -9.19 11.75
N THR C 179 77.71 -8.03 11.64
CA THR C 179 78.41 -6.77 11.89
C THR C 179 78.90 -6.67 13.33
N VAL C 180 78.05 -7.05 14.30
CA VAL C 180 78.48 -6.94 15.68
C VAL C 180 79.62 -7.92 15.98
N PHE C 181 79.57 -9.12 15.39
CA PHE C 181 80.67 -10.06 15.54
C PHE C 181 81.96 -9.49 14.94
N PHE C 182 81.86 -8.88 13.76
CA PHE C 182 83.02 -8.27 13.12
C PHE C 182 83.63 -7.20 14.01
N THR C 183 82.80 -6.34 14.61
CA THR C 183 83.33 -5.28 15.47
C THR C 183 84.01 -5.85 16.71
N ALA C 184 83.39 -6.86 17.33
CA ALA C 184 84.00 -7.47 18.51
C ALA C 184 85.36 -8.07 18.16
N SER C 185 85.44 -8.76 17.03
CA SER C 185 86.71 -9.31 16.59
C SER C 185 87.73 -8.21 16.30
N LEU C 186 87.26 -7.09 15.76
CA LEU C 186 88.15 -5.96 15.49
C LEU C 186 88.83 -5.49 16.76
N PHE C 187 88.03 -5.21 17.79
CA PHE C 187 88.62 -4.80 19.07
C PHE C 187 89.52 -5.89 19.63
N LEU C 188 89.07 -7.14 19.54
CA LEU C 188 89.79 -8.25 20.14
C LEU C 188 91.18 -8.40 19.52
N HIS C 189 91.28 -8.19 18.20
CA HIS C 189 92.59 -8.14 17.56
C HIS C 189 93.36 -6.89 17.95
N LEU C 190 92.66 -5.76 18.12
CA LEU C 190 93.31 -4.50 18.43
C LEU C 190 94.10 -4.58 19.72
N VAL C 191 93.53 -5.18 20.77
CA VAL C 191 94.23 -5.21 22.05
C VAL C 191 95.31 -6.29 22.05
N GLY C 192 94.96 -7.50 21.66
CA GLY C 192 95.95 -8.58 21.67
C GLY C 192 96.12 -9.23 23.02
N ILE C 193 96.50 -10.51 23.04
CA ILE C 193 96.54 -11.28 24.27
C ILE C 193 97.95 -11.84 24.49
N PRO C 194 98.46 -11.86 25.72
CA PRO C 194 99.75 -12.51 25.97
C PRO C 194 99.70 -14.00 25.63
N THR C 195 100.82 -14.52 25.14
CA THR C 195 100.88 -15.88 24.62
C THR C 195 101.73 -16.83 25.45
N HIS C 196 102.84 -16.37 26.02
CA HIS C 196 103.76 -17.29 26.70
C HIS C 196 104.29 -16.61 27.95
N ARG C 197 105.29 -17.25 28.57
CA ARG C 197 105.88 -16.78 29.82
C ARG C 197 107.32 -16.35 29.59
N HIS C 198 107.72 -15.27 30.25
CA HIS C 198 109.11 -14.80 30.26
C HIS C 198 109.60 -14.72 31.70
N ILE C 199 110.81 -15.22 31.94
CA ILE C 199 111.44 -15.05 33.25
C ILE C 199 111.80 -13.58 33.43
N ARG C 200 111.50 -13.04 34.60
CA ARG C 200 111.77 -11.62 34.86
C ARG C 200 113.26 -11.33 34.71
N GLY C 201 113.58 -10.43 33.78
CA GLY C 201 114.94 -10.05 33.51
C GLY C 201 115.64 -10.83 32.41
N GLU C 202 115.01 -11.88 31.89
CA GLU C 202 115.61 -12.71 30.86
C GLU C 202 114.96 -12.43 29.49
N ALA C 203 115.52 -13.05 28.46
CA ALA C 203 115.03 -12.88 27.10
C ALA C 203 113.88 -13.85 26.84
N CYS C 204 113.47 -13.96 25.58
CA CYS C 204 112.36 -14.83 25.21
C CYS C 204 112.82 -16.28 25.22
N PRO C 205 112.20 -17.16 26.02
CA PRO C 205 112.61 -18.56 26.06
C PRO C 205 112.05 -19.42 24.95
N LEU C 206 111.25 -18.84 24.04
CA LEU C 206 110.65 -19.63 22.98
C LEU C 206 111.74 -20.17 22.03
N PRO C 207 111.52 -21.34 21.42
CA PRO C 207 110.30 -22.17 21.46
C PRO C 207 110.16 -22.99 22.73
N HIS C 208 111.15 -22.99 23.62
CA HIS C 208 111.04 -23.72 24.87
C HIS C 208 109.98 -23.06 25.73
N ARG C 209 108.82 -23.71 25.82
CA ARG C 209 107.67 -23.16 26.54
C ARG C 209 107.80 -23.51 28.02
N LEU C 210 107.96 -22.48 28.85
CA LEU C 210 108.17 -22.67 30.29
C LEU C 210 106.85 -23.03 30.97
N ASN C 211 106.98 -23.71 32.11
CA ASN C 211 105.82 -24.04 32.93
C ASN C 211 105.57 -22.93 33.95
N SER C 212 104.66 -23.19 34.90
CA SER C 212 104.40 -22.23 35.95
C SER C 212 105.55 -22.15 36.95
N LEU C 213 106.45 -23.13 36.95
CA LEU C 213 107.56 -23.19 37.89
C LEU C 213 108.79 -22.42 37.41
N GLY C 214 108.79 -21.95 36.16
CA GLY C 214 109.91 -21.22 35.61
C GLY C 214 110.89 -22.06 34.82
N GLY C 215 110.69 -23.37 34.71
CA GLY C 215 111.56 -24.24 33.96
C GLY C 215 110.87 -24.86 32.76
N CYS C 216 111.62 -25.68 32.04
CA CYS C 216 111.14 -26.37 30.86
C CYS C 216 111.33 -27.87 31.04
N ARG C 217 110.47 -28.66 30.41
CA ARG C 217 110.52 -30.11 30.51
C ARG C 217 111.53 -30.73 29.55
N CYS C 218 112.19 -29.93 28.70
CA CYS C 218 113.29 -30.42 27.88
C CYS C 218 114.62 -30.39 28.62
N GLY C 219 114.68 -29.80 29.82
CA GLY C 219 115.88 -29.73 30.61
C GLY C 219 116.72 -28.48 30.40
N LYS C 220 116.41 -27.66 29.39
CA LYS C 220 117.20 -26.46 29.14
C LYS C 220 117.03 -25.44 30.27
N TYR C 221 115.80 -25.28 30.76
CA TYR C 221 115.52 -24.33 31.82
C TYR C 221 115.23 -25.07 33.11
N PRO C 222 116.11 -24.99 34.11
CA PRO C 222 115.90 -25.72 35.36
C PRO C 222 114.74 -25.16 36.16
N ASN C 223 114.13 -26.04 36.97
CA ASN C 223 113.02 -25.67 37.84
C ASN C 223 113.58 -24.97 39.08
N LEU C 224 113.81 -23.66 38.93
CA LEU C 224 114.37 -22.85 40.00
C LEU C 224 113.35 -21.91 40.61
N LYS C 225 112.06 -22.08 40.33
CA LYS C 225 111.00 -21.22 40.85
C LYS C 225 111.23 -19.76 40.47
N LYS C 226 111.84 -19.51 39.32
CA LYS C 226 112.11 -18.15 38.89
C LYS C 226 110.80 -17.44 38.54
N PRO C 227 110.73 -16.13 38.77
CA PRO C 227 109.51 -15.40 38.46
C PRO C 227 109.20 -15.40 36.97
N THR C 228 107.91 -15.55 36.66
CA THR C 228 107.43 -15.61 35.29
C THR C 228 106.32 -14.60 35.08
N VAL C 229 106.34 -13.91 33.94
CA VAL C 229 105.34 -12.92 33.57
C VAL C 229 104.81 -13.27 32.19
N TRP C 230 103.49 -13.19 32.02
CA TRP C 230 102.89 -13.45 30.73
C TRP C 230 103.22 -12.33 29.75
N ARG C 231 103.64 -12.70 28.54
CA ARG C 231 103.97 -11.75 27.50
C ARG C 231 103.42 -12.26 26.17
N ARG C 232 103.16 -11.31 25.26
CA ARG C 232 102.69 -11.58 23.92
C ARG C 232 103.81 -11.54 22.88
N GLY C 233 104.52 -10.41 22.80
CA GLY C 233 105.63 -10.28 21.88
C GLY C 233 106.93 -10.81 22.46
N HIS C 234 107.97 -10.76 21.64
CA HIS C 234 109.28 -11.23 22.05
C HIS C 234 110.13 -10.10 22.61
N ILE D 1 -26.28 26.83 -4.68
CA ILE D 1 -25.70 27.78 -3.74
C ILE D 1 -26.51 29.06 -3.71
N GLN D 2 -27.41 29.17 -2.73
CA GLN D 2 -28.22 30.36 -2.60
C GLN D 2 -27.39 31.53 -2.07
N MET D 3 -27.81 32.74 -2.42
CA MET D 3 -27.18 33.96 -1.97
C MET D 3 -28.24 34.92 -1.46
N THR D 4 -27.86 35.75 -0.49
CA THR D 4 -28.78 36.71 0.11
C THR D 4 -28.03 38.00 0.38
N GLN D 5 -28.77 39.11 0.41
CA GLN D 5 -28.19 40.43 0.56
C GLN D 5 -28.79 41.16 1.74
N SER D 6 -28.01 42.11 2.28
CA SER D 6 -28.48 42.93 3.37
C SER D 6 -27.84 44.31 3.28
N PRO D 7 -28.64 45.38 3.34
CA PRO D 7 -30.10 45.40 3.43
C PRO D 7 -30.74 45.29 2.06
N SER D 8 -31.99 45.70 1.90
CA SER D 8 -32.63 45.80 0.59
C SER D 8 -32.64 47.23 0.06
N THR D 9 -32.95 48.20 0.93
CA THR D 9 -32.93 49.61 0.56
C THR D 9 -32.05 50.36 1.55
N LEU D 10 -31.22 51.26 1.03
CA LEU D 10 -30.29 52.02 1.85
C LEU D 10 -30.39 53.50 1.49
N SER D 11 -30.23 54.35 2.50
CA SER D 11 -30.32 55.80 2.34
C SER D 11 -28.98 56.42 2.75
N ALA D 12 -28.49 57.35 1.92
CA ALA D 12 -27.22 58.01 2.18
C ALA D 12 -27.20 59.35 1.46
N SER D 13 -26.19 60.14 1.78
CA SER D 13 -25.99 61.46 1.20
C SER D 13 -24.58 61.55 0.63
N VAL D 14 -24.24 62.75 0.13
CA VAL D 14 -22.94 62.95 -0.50
C VAL D 14 -21.84 62.88 0.56
N GLY D 15 -20.77 62.14 0.25
CA GLY D 15 -19.64 62.00 1.14
C GLY D 15 -19.78 60.91 2.18
N ASP D 16 -20.92 60.22 2.23
CA ASP D 16 -21.11 59.17 3.20
C ASP D 16 -20.33 57.92 2.81
N ARG D 17 -20.09 57.06 3.81
CA ARG D 17 -19.44 55.77 3.60
C ARG D 17 -20.49 54.67 3.79
N VAL D 18 -20.65 53.83 2.78
CA VAL D 18 -21.76 52.86 2.74
C VAL D 18 -21.21 51.45 2.63
N THR D 19 -21.91 50.51 3.27
CA THR D 19 -21.52 49.11 3.31
C THR D 19 -22.70 48.23 2.94
N ILE D 20 -22.41 47.16 2.19
CA ILE D 20 -23.41 46.19 1.75
C ILE D 20 -22.88 44.80 2.07
N THR D 21 -23.74 43.94 2.63
CA THR D 21 -23.32 42.62 3.06
C THR D 21 -23.99 41.56 2.17
N CYS D 22 -23.23 40.52 1.85
CA CYS D 22 -23.69 39.45 0.97
C CYS D 22 -23.31 38.12 1.60
N ARG D 23 -24.28 37.25 1.81
CA ARG D 23 -24.05 35.97 2.46
C ARG D 23 -24.44 34.82 1.54
N ALA D 24 -23.56 33.84 1.41
CA ALA D 24 -23.83 32.64 0.62
C ALA D 24 -24.23 31.49 1.52
N SER D 25 -24.96 30.54 0.95
CA SER D 25 -25.43 29.39 1.73
C SER D 25 -24.26 28.56 2.24
N GLN D 26 -23.28 28.29 1.39
CA GLN D 26 -22.15 27.45 1.74
C GLN D 26 -20.86 28.12 1.25
N SER D 27 -19.76 27.74 1.88
CA SER D 27 -18.47 28.40 1.61
C SER D 27 -18.12 28.33 0.14
N ILE D 28 -17.76 29.48 -0.42
CA ILE D 28 -17.36 29.58 -1.82
C ILE D 28 -15.98 30.23 -1.96
N ASP D 29 -15.21 30.24 -0.87
CA ASP D 29 -13.87 30.81 -0.84
C ASP D 29 -13.89 32.29 -1.23
N ASN D 30 -13.37 32.61 -2.41
CA ASN D 30 -13.34 33.97 -2.93
C ASN D 30 -13.83 33.99 -4.37
N TRP D 31 -14.94 33.32 -4.63
CA TRP D 31 -15.55 33.25 -5.95
C TRP D 31 -16.81 34.09 -5.90
N LEU D 32 -16.67 35.40 -6.16
CA LEU D 32 -17.77 36.33 -6.04
C LEU D 32 -17.40 37.62 -6.77
N ALA D 33 -18.39 38.25 -7.38
CA ALA D 33 -18.16 39.49 -8.11
C ALA D 33 -19.24 40.51 -7.74
N TRP D 34 -18.87 41.78 -7.80
CA TRP D 34 -19.76 42.88 -7.45
C TRP D 34 -20.04 43.73 -8.69
N TYR D 35 -21.33 43.88 -9.02
CA TYR D 35 -21.80 44.61 -10.19
C TYR D 35 -22.59 45.85 -9.78
N GLN D 36 -22.52 46.88 -10.62
CA GLN D 36 -23.28 48.11 -10.48
C GLN D 36 -24.27 48.25 -11.63
N GLN D 37 -25.45 48.79 -11.35
CA GLN D 37 -26.45 49.00 -12.38
C GLN D 37 -27.21 50.31 -12.12
N LYS D 38 -27.51 51.01 -13.20
CA LYS D 38 -28.29 52.25 -13.18
C LYS D 38 -29.60 52.03 -13.92
N PRO D 39 -30.62 52.84 -13.64
CA PRO D 39 -31.90 52.69 -14.35
C PRO D 39 -31.74 52.85 -15.85
N GLY D 40 -32.35 51.94 -16.60
CA GLY D 40 -32.29 51.98 -18.05
C GLY D 40 -30.89 51.87 -18.62
N LYS D 41 -30.07 50.97 -18.06
CA LYS D 41 -28.69 50.85 -18.48
C LYS D 41 -28.26 49.39 -18.61
N ALA D 42 -26.95 49.17 -18.77
CA ALA D 42 -26.35 47.84 -18.85
C ALA D 42 -25.47 47.59 -17.62
N PRO D 43 -25.48 46.37 -17.09
CA PRO D 43 -24.67 46.09 -15.90
C PRO D 43 -23.18 46.25 -16.17
N LYS D 44 -22.49 46.95 -15.28
CA LYS D 44 -21.05 47.13 -15.36
C LYS D 44 -20.39 46.44 -14.17
N LEU D 45 -19.44 45.55 -14.43
CA LEU D 45 -18.78 44.85 -13.35
C LEU D 45 -17.83 45.79 -12.61
N LEU D 46 -17.79 45.64 -11.29
CA LEU D 46 -16.96 46.49 -10.44
C LEU D 46 -15.83 45.72 -9.78
N ILE D 47 -16.14 44.66 -9.04
CA ILE D 47 -15.17 44.00 -8.18
C ILE D 47 -15.01 42.54 -8.58
N TYR D 48 -13.77 42.12 -8.81
CA TYR D 48 -13.40 40.73 -9.04
C TYR D 48 -13.13 40.02 -7.71
N THR D 49 -13.55 38.76 -7.63
CA THR D 49 -13.17 37.84 -6.57
C THR D 49 -13.19 38.49 -5.19
N ALA D 50 -14.06 39.48 -5.02
CA ALA D 50 -14.29 40.21 -3.77
C ALA D 50 -13.10 41.05 -3.34
N SER D 51 -11.96 40.99 -4.03
CA SER D 51 -10.78 41.74 -3.64
C SER D 51 -10.31 42.71 -4.70
N ARG D 52 -10.09 42.25 -5.93
CA ARG D 52 -9.47 43.09 -6.94
C ARG D 52 -10.48 44.08 -7.53
N LEU D 53 -9.95 45.13 -8.14
CA LEU D 53 -10.72 46.26 -8.64
C LEU D 53 -10.48 46.37 -10.15
N GLU D 54 -11.55 46.40 -10.93
CA GLU D 54 -11.42 46.47 -12.37
C GLU D 54 -10.85 47.82 -12.79
N SER D 55 -10.00 47.80 -13.82
CA SER D 55 -9.36 49.03 -14.29
C SER D 55 -10.39 50.05 -14.76
N GLY D 56 -10.22 51.29 -14.32
CA GLY D 56 -11.17 52.35 -14.59
C GLY D 56 -12.21 52.57 -13.52
N VAL D 57 -12.43 51.58 -12.66
CA VAL D 57 -13.36 51.73 -11.53
C VAL D 57 -12.80 52.73 -10.55
N PRO D 58 -13.63 53.60 -9.95
CA PRO D 58 -13.10 54.55 -8.96
C PRO D 58 -12.45 53.83 -7.79
N SER D 59 -11.39 54.44 -7.26
CA SER D 59 -10.65 53.85 -6.15
C SER D 59 -11.42 53.89 -4.83
N ARG D 60 -12.55 54.60 -4.78
CA ARG D 60 -13.36 54.68 -3.57
C ARG D 60 -14.19 53.42 -3.33
N PHE D 61 -14.19 52.47 -4.25
CA PHE D 61 -14.88 51.19 -4.07
C PHE D 61 -13.88 50.14 -3.63
N SER D 62 -14.33 49.23 -2.76
CA SER D 62 -13.50 48.09 -2.40
C SER D 62 -14.37 46.98 -1.84
N GLY D 63 -13.79 45.79 -1.76
CA GLY D 63 -14.51 44.64 -1.23
C GLY D 63 -13.64 43.87 -0.27
N SER D 64 -14.30 43.06 0.56
CA SER D 64 -13.61 42.24 1.54
C SER D 64 -14.50 41.07 1.90
N GLY D 65 -13.98 40.18 2.73
CA GLY D 65 -14.68 38.99 3.16
C GLY D 65 -14.13 37.75 2.49
N SER D 66 -14.73 36.62 2.85
CA SER D 66 -14.30 35.31 2.34
C SER D 66 -15.32 34.28 2.76
N GLY D 67 -15.07 33.03 2.38
CA GLY D 67 -15.88 31.92 2.82
C GLY D 67 -17.34 32.07 2.44
N THR D 68 -18.17 32.37 3.45
CA THR D 68 -19.60 32.55 3.25
C THR D 68 -20.05 34.00 3.29
N GLU D 69 -19.23 34.92 3.83
CA GLU D 69 -19.69 36.28 4.06
C GLU D 69 -18.76 37.28 3.38
N PHE D 70 -19.35 38.27 2.72
CA PHE D 70 -18.60 39.23 1.94
C PHE D 70 -19.23 40.61 2.10
N THR D 71 -18.44 41.64 1.83
CA THR D 71 -18.88 43.01 2.08
C THR D 71 -18.29 43.96 1.06
N LEU D 72 -19.12 44.85 0.52
CA LEU D 72 -18.70 45.91 -0.38
C LEU D 72 -18.74 47.23 0.37
N THR D 73 -17.65 48.00 0.29
CA THR D 73 -17.51 49.26 1.01
C THR D 73 -17.19 50.39 0.06
N ILE D 74 -17.92 51.50 0.20
CA ILE D 74 -17.65 52.73 -0.54
C ILE D 74 -17.27 53.79 0.49
N SER D 75 -16.03 54.28 0.40
CA SER D 75 -15.52 55.23 1.39
C SER D 75 -16.20 56.59 1.26
N SER D 76 -16.27 57.12 0.05
CA SER D 76 -16.87 58.43 -0.21
C SER D 76 -17.94 58.26 -1.27
N LEU D 77 -19.17 58.67 -0.96
CA LEU D 77 -20.28 58.50 -1.90
C LEU D 77 -20.40 59.72 -2.80
N GLN D 78 -20.43 59.48 -4.11
CA GLN D 78 -20.53 60.50 -5.14
C GLN D 78 -21.87 60.43 -5.84
N PRO D 79 -22.32 61.53 -6.46
CA PRO D 79 -23.66 61.52 -7.07
C PRO D 79 -23.85 60.46 -8.13
N ASP D 80 -22.79 60.02 -8.79
CA ASP D 80 -22.91 58.99 -9.82
C ASP D 80 -23.06 57.59 -9.26
N ASP D 81 -23.34 57.43 -7.97
CA ASP D 81 -23.38 56.11 -7.35
C ASP D 81 -24.76 55.69 -6.86
N PHE D 82 -25.74 56.61 -6.83
CA PHE D 82 -27.10 56.25 -6.41
C PHE D 82 -27.69 55.30 -7.44
N ALA D 83 -27.81 54.02 -7.08
CA ALA D 83 -27.98 52.99 -8.10
C ALA D 83 -28.42 51.70 -7.42
N THR D 84 -28.36 50.59 -8.16
CA THR D 84 -28.57 49.26 -7.61
C THR D 84 -27.27 48.48 -7.68
N TYR D 85 -27.01 47.66 -6.67
CA TYR D 85 -25.78 46.88 -6.61
C TYR D 85 -26.11 45.41 -6.40
N TYR D 86 -25.33 44.54 -7.04
CA TYR D 86 -25.55 43.10 -7.00
C TYR D 86 -24.26 42.37 -6.65
N CYS D 87 -24.41 41.27 -5.94
CA CYS D 87 -23.32 40.34 -5.68
C CYS D 87 -23.67 39.01 -6.32
N GLN D 88 -22.75 38.44 -7.09
CA GLN D 88 -23.02 37.24 -7.86
C GLN D 88 -21.91 36.22 -7.68
N HIS D 89 -22.30 34.98 -7.36
CA HIS D 89 -21.40 33.83 -7.45
C HIS D 89 -21.90 32.79 -8.43
N ARG D 90 -23.12 32.31 -8.24
CA ARG D 90 -23.79 31.38 -9.16
C ARG D 90 -24.94 32.07 -9.87
N THR D 91 -25.87 32.63 -9.12
CA THR D 91 -26.87 33.55 -9.62
C THR D 91 -26.56 34.94 -9.08
N PHE D 92 -27.44 35.89 -9.35
CA PHE D 92 -27.27 37.24 -8.85
C PHE D 92 -27.90 37.39 -7.47
N GLY D 93 -27.53 38.46 -6.79
CA GLY D 93 -28.18 38.82 -5.56
C GLY D 93 -29.52 39.49 -5.81
N GLN D 94 -30.28 39.65 -4.71
CA GLN D 94 -31.61 40.23 -4.84
C GLN D 94 -31.58 41.73 -5.07
N GLY D 95 -30.42 42.36 -4.90
CA GLY D 95 -30.28 43.77 -5.23
C GLY D 95 -30.38 44.70 -4.04
N THR D 96 -29.37 45.55 -3.86
CA THR D 96 -29.38 46.58 -2.82
C THR D 96 -29.46 47.95 -3.49
N LYS D 97 -30.42 48.76 -3.08
CA LYS D 97 -30.66 50.05 -3.72
C LYS D 97 -30.06 51.16 -2.90
N VAL D 98 -28.94 51.71 -3.36
CA VAL D 98 -28.31 52.86 -2.73
C VAL D 98 -29.06 54.11 -3.20
N GLU D 99 -29.74 54.77 -2.27
CA GLU D 99 -30.70 55.82 -2.56
C GLU D 99 -30.43 57.06 -1.72
N ILE D 100 -30.75 58.23 -2.29
CA ILE D 100 -30.54 59.49 -1.60
C ILE D 100 -31.44 59.56 -0.36
N LYS D 101 -30.97 60.28 0.66
CA LYS D 101 -31.75 60.56 1.86
C LYS D 101 -32.04 62.04 1.95
N ARG D 102 -33.30 62.38 2.23
CA ARG D 102 -33.71 63.78 2.37
C ARG D 102 -34.71 63.90 3.51
N THR D 103 -35.19 65.12 3.73
CA THR D 103 -36.16 65.37 4.78
C THR D 103 -37.53 64.82 4.38
N VAL D 104 -38.39 64.66 5.39
CA VAL D 104 -39.73 64.13 5.15
C VAL D 104 -40.55 65.15 4.38
N ALA D 105 -41.27 64.68 3.35
CA ALA D 105 -42.06 65.54 2.49
C ALA D 105 -43.54 65.22 2.67
N ALA D 106 -44.33 66.26 2.93
CA ALA D 106 -45.75 66.07 3.18
C ALA D 106 -46.46 65.73 1.88
N PRO D 107 -47.22 64.63 1.83
CA PRO D 107 -47.90 64.24 0.58
C PRO D 107 -48.98 65.25 0.19
N SER D 108 -49.21 65.36 -1.11
CA SER D 108 -50.31 66.13 -1.66
C SER D 108 -51.31 65.16 -2.28
N VAL D 109 -52.56 65.24 -1.85
CA VAL D 109 -53.59 64.26 -2.20
C VAL D 109 -54.60 64.90 -3.13
N PHE D 110 -54.89 64.24 -4.25
CA PHE D 110 -55.88 64.67 -5.21
C PHE D 110 -56.76 63.49 -5.59
N ILE D 111 -57.99 63.78 -6.01
CA ILE D 111 -58.95 62.75 -6.39
C ILE D 111 -59.70 63.20 -7.64
N PHE D 112 -59.92 62.26 -8.56
CA PHE D 112 -60.67 62.56 -9.79
C PHE D 112 -61.62 61.42 -10.13
N PRO D 113 -62.85 61.74 -10.50
CA PRO D 113 -63.80 60.71 -10.94
C PRO D 113 -63.53 60.31 -12.38
N PRO D 114 -64.11 59.21 -12.85
CA PRO D 114 -63.95 58.84 -14.26
C PRO D 114 -64.59 59.84 -15.19
N SER D 115 -64.02 59.97 -16.39
CA SER D 115 -64.51 60.91 -17.38
C SER D 115 -65.74 60.36 -18.08
N ASP D 116 -66.52 61.27 -18.65
CA ASP D 116 -67.75 60.88 -19.35
C ASP D 116 -67.44 60.08 -20.61
N GLU D 117 -66.32 60.34 -21.26
CA GLU D 117 -65.94 59.56 -22.44
C GLU D 117 -65.67 58.11 -22.06
N GLN D 118 -65.00 57.89 -20.92
CA GLN D 118 -64.81 56.52 -20.45
C GLN D 118 -66.15 55.87 -20.09
N LEU D 119 -67.10 56.67 -19.59
CA LEU D 119 -68.45 56.16 -19.37
C LEU D 119 -69.09 55.73 -20.70
N LYS D 120 -68.84 56.49 -21.77
CA LYS D 120 -69.29 56.07 -23.09
C LYS D 120 -68.65 54.74 -23.48
N SER D 121 -67.36 54.59 -23.18
CA SER D 121 -66.68 53.31 -23.41
C SER D 121 -67.21 52.21 -22.49
N GLY D 122 -67.90 52.55 -21.41
CA GLY D 122 -68.47 51.57 -20.51
C GLY D 122 -67.64 51.24 -19.29
N THR D 123 -66.51 51.91 -19.09
CA THR D 123 -65.62 51.64 -17.96
C THR D 123 -65.46 52.90 -17.13
N ALA D 124 -65.24 52.72 -15.83
CA ALA D 124 -65.02 53.83 -14.91
C ALA D 124 -63.68 53.64 -14.23
N SER D 125 -62.90 54.72 -14.13
CA SER D 125 -61.59 54.69 -13.50
C SER D 125 -61.48 55.90 -12.59
N VAL D 126 -61.56 55.66 -11.28
CA VAL D 126 -61.40 56.72 -10.29
C VAL D 126 -59.93 56.80 -9.91
N VAL D 127 -59.34 57.98 -10.04
CA VAL D 127 -57.90 58.14 -9.85
C VAL D 127 -57.64 58.90 -8.55
N CYS D 128 -56.60 58.47 -7.83
CA CYS D 128 -56.14 59.11 -6.62
C CYS D 128 -54.66 59.41 -6.80
N LEU D 129 -54.30 60.68 -6.66
CA LEU D 129 -52.95 61.16 -6.93
C LEU D 129 -52.28 61.53 -5.62
N LEU D 130 -51.04 61.07 -5.44
CA LEU D 130 -50.25 61.40 -4.26
C LEU D 130 -48.92 61.95 -4.78
N ASN D 131 -48.75 63.27 -4.72
CA ASN D 131 -47.60 63.95 -5.31
C ASN D 131 -46.71 64.52 -4.22
N ASN D 132 -45.43 64.69 -4.57
CA ASN D 132 -44.42 65.37 -3.76
C ASN D 132 -44.45 64.88 -2.30
N PHE D 133 -44.20 63.57 -2.16
CA PHE D 133 -44.14 62.94 -0.85
C PHE D 133 -42.83 62.20 -0.69
N TYR D 134 -42.39 62.06 0.57
CA TYR D 134 -41.18 61.33 0.89
C TYR D 134 -41.25 60.90 2.35
N PRO D 135 -40.86 59.67 2.69
CA PRO D 135 -40.36 58.60 1.82
C PRO D 135 -41.47 57.94 1.00
N ARG D 136 -41.14 56.85 0.29
CA ARG D 136 -42.10 56.25 -0.63
C ARG D 136 -43.25 55.56 0.10
N GLU D 137 -42.97 54.92 1.24
CA GLU D 137 -43.95 54.03 1.83
C GLU D 137 -45.21 54.78 2.24
N ALA D 138 -46.30 54.57 1.49
CA ALA D 138 -47.60 55.13 1.82
C ALA D 138 -48.66 54.07 1.55
N LYS D 139 -49.75 54.12 2.32
CA LYS D 139 -50.84 53.17 2.21
C LYS D 139 -52.05 53.86 1.59
N VAL D 140 -52.64 53.23 0.57
CA VAL D 140 -53.80 53.77 -0.12
C VAL D 140 -54.93 52.76 0.02
N GLN D 141 -56.10 53.23 0.47
CA GLN D 141 -57.27 52.39 0.63
C GLN D 141 -58.44 53.02 -0.11
N TRP D 142 -59.24 52.20 -0.77
CA TRP D 142 -60.38 52.66 -1.53
C TRP D 142 -61.68 52.31 -0.81
N LYS D 143 -62.57 53.29 -0.70
CA LYS D 143 -63.87 53.13 -0.05
C LYS D 143 -64.97 53.47 -1.04
N VAL D 144 -65.84 52.51 -1.30
CA VAL D 144 -67.01 52.69 -2.14
C VAL D 144 -68.24 52.58 -1.26
N ASP D 145 -69.00 53.68 -1.15
CA ASP D 145 -70.13 53.76 -0.22
C ASP D 145 -69.71 53.38 1.19
N ASN D 146 -68.55 53.90 1.61
CA ASN D 146 -67.96 53.63 2.92
C ASN D 146 -67.67 52.14 3.13
N ALA D 147 -67.47 51.39 2.05
CA ALA D 147 -67.12 49.98 2.13
C ALA D 147 -65.72 49.78 1.55
N LEU D 148 -64.88 49.07 2.28
CA LEU D 148 -63.51 48.84 1.84
C LEU D 148 -63.50 48.00 0.56
N GLN D 149 -62.62 48.37 -0.37
CA GLN D 149 -62.49 47.67 -1.64
C GLN D 149 -61.08 47.15 -1.81
N SER D 150 -60.96 46.01 -2.50
CA SER D 150 -59.67 45.38 -2.73
C SER D 150 -59.72 44.58 -4.02
N GLY D 151 -58.54 44.40 -4.63
CA GLY D 151 -58.43 43.61 -5.83
C GLY D 151 -58.84 44.28 -7.11
N ASN D 152 -59.14 45.58 -7.08
CA ASN D 152 -59.58 46.30 -8.28
C ASN D 152 -58.86 47.65 -8.43
N SER D 153 -57.74 47.83 -7.75
CA SER D 153 -56.96 49.07 -7.83
C SER D 153 -55.54 48.75 -8.22
N GLN D 154 -54.98 49.56 -9.12
CA GLN D 154 -53.62 49.39 -9.60
C GLN D 154 -52.84 50.69 -9.38
N GLU D 155 -51.59 50.56 -8.95
CA GLU D 155 -50.75 51.71 -8.62
C GLU D 155 -49.61 51.85 -9.62
N SER D 156 -49.16 53.09 -9.79
CA SER D 156 -48.00 53.41 -10.61
C SER D 156 -47.22 54.52 -9.91
N VAL D 157 -45.98 54.23 -9.53
CA VAL D 157 -45.15 55.15 -8.76
C VAL D 157 -43.92 55.50 -9.57
N THR D 158 -43.61 56.80 -9.64
CA THR D 158 -42.47 57.28 -10.40
C THR D 158 -41.25 57.43 -9.51
N GLU D 159 -40.07 57.22 -10.08
CA GLU D 159 -38.81 57.29 -9.35
C GLU D 159 -38.54 58.70 -8.86
N GLN D 160 -37.44 58.88 -8.12
CA GLN D 160 -37.15 60.15 -7.49
C GLN D 160 -36.83 61.21 -8.54
N ASP D 161 -37.40 62.41 -8.36
CA ASP D 161 -37.12 63.53 -9.24
C ASP D 161 -35.89 64.29 -8.74
N SER D 162 -35.12 64.83 -9.67
CA SER D 162 -33.88 65.53 -9.36
C SER D 162 -34.09 67.01 -9.02
N LYS D 163 -35.34 67.48 -9.03
CA LYS D 163 -35.62 68.88 -8.69
C LYS D 163 -35.87 69.04 -7.20
N ASP D 164 -36.87 68.33 -6.68
CA ASP D 164 -37.20 68.35 -5.26
C ASP D 164 -36.94 67.02 -4.58
N SER D 165 -36.46 66.02 -5.31
CA SER D 165 -36.18 64.69 -4.75
C SER D 165 -37.41 64.07 -4.08
N THR D 166 -38.58 64.26 -4.68
CA THR D 166 -39.82 63.74 -4.14
C THR D 166 -40.37 62.63 -5.03
N TYR D 167 -41.45 62.01 -4.57
CA TYR D 167 -42.07 60.87 -5.24
C TYR D 167 -43.52 61.21 -5.63
N SER D 168 -44.03 60.43 -6.56
CA SER D 168 -45.41 60.55 -7.02
C SER D 168 -45.98 59.17 -7.27
N LEU D 169 -47.26 58.99 -6.92
CA LEU D 169 -47.95 57.72 -7.10
C LEU D 169 -49.38 57.98 -7.53
N SER D 170 -49.80 57.32 -8.61
CA SER D 170 -51.17 57.39 -9.10
C SER D 170 -51.82 56.02 -8.93
N SER D 171 -52.97 55.99 -8.25
CA SER D 171 -53.71 54.76 -8.01
C SER D 171 -55.05 54.85 -8.73
N THR D 172 -55.32 53.88 -9.60
CA THR D 172 -56.54 53.85 -10.39
C THR D 172 -57.41 52.69 -9.94
N LEU D 173 -58.66 52.99 -9.59
CA LEU D 173 -59.66 51.99 -9.24
C LEU D 173 -60.58 51.80 -10.44
N THR D 174 -60.67 50.57 -10.92
CA THR D 174 -61.37 50.26 -12.16
C THR D 174 -62.67 49.52 -11.86
N LEU D 175 -63.77 50.00 -12.45
CA LEU D 175 -65.07 49.39 -12.28
C LEU D 175 -65.83 49.43 -13.60
N SER D 176 -66.91 48.67 -13.68
CA SER D 176 -67.79 48.72 -14.83
C SER D 176 -68.71 49.94 -14.72
N LYS D 177 -69.29 50.33 -15.86
CA LYS D 177 -70.18 51.48 -15.88
C LYS D 177 -71.41 51.25 -15.00
N ALA D 178 -71.97 50.04 -15.05
CA ALA D 178 -73.15 49.73 -14.25
C ALA D 178 -72.83 49.81 -12.76
N ASP D 179 -71.70 49.24 -12.35
CA ASP D 179 -71.32 49.30 -10.94
C ASP D 179 -71.05 50.74 -10.51
N TYR D 180 -70.40 51.53 -11.36
CA TYR D 180 -70.15 52.93 -11.04
C TYR D 180 -71.45 53.69 -10.85
N GLU D 181 -72.44 53.43 -11.71
CA GLU D 181 -73.74 54.06 -11.55
C GLU D 181 -74.51 53.49 -10.37
N LYS D 182 -74.14 52.31 -9.87
CA LYS D 182 -74.79 51.73 -8.70
C LYS D 182 -74.39 52.42 -7.41
N HIS D 183 -73.14 52.88 -7.30
CA HIS D 183 -72.64 53.46 -6.06
C HIS D 183 -72.43 54.96 -6.24
N LYS D 184 -72.56 55.69 -5.12
CA LYS D 184 -72.64 57.15 -5.15
C LYS D 184 -71.34 57.81 -4.71
N VAL D 185 -70.86 57.50 -3.51
CA VAL D 185 -69.71 58.18 -2.92
C VAL D 185 -68.48 57.29 -3.05
N TYR D 186 -67.39 57.87 -3.56
CA TYR D 186 -66.13 57.15 -3.71
C TYR D 186 -65.02 57.96 -3.04
N ALA D 187 -64.19 57.29 -2.25
CA ALA D 187 -63.14 57.95 -1.51
C ALA D 187 -61.85 57.13 -1.58
N CYS D 188 -60.72 57.84 -1.48
CA CYS D 188 -59.43 57.22 -1.26
C CYS D 188 -58.80 57.81 -0.01
N GLU D 189 -58.35 56.94 0.89
CA GLU D 189 -57.70 57.34 2.13
C GLU D 189 -56.22 57.00 2.05
N VAL D 190 -55.38 57.98 2.37
CA VAL D 190 -53.93 57.83 2.31
C VAL D 190 -53.38 57.92 3.72
N THR D 191 -52.41 57.06 4.00
CA THR D 191 -51.69 57.04 5.28
C THR D 191 -50.21 57.12 4.99
N HIS D 192 -49.53 58.08 5.62
CA HIS D 192 -48.12 58.31 5.35
C HIS D 192 -47.42 58.76 6.62
N GLN D 193 -46.10 58.55 6.66
CA GLN D 193 -45.30 58.97 7.81
C GLN D 193 -45.36 60.48 8.01
N GLY D 194 -45.54 61.24 6.93
CA GLY D 194 -45.62 62.68 6.99
C GLY D 194 -46.98 63.24 7.35
N LEU D 195 -47.94 62.39 7.68
CA LEU D 195 -49.27 62.81 8.07
C LEU D 195 -49.50 62.47 9.54
N SER D 196 -50.06 63.42 10.28
CA SER D 196 -50.45 63.14 11.66
C SER D 196 -51.55 62.09 11.71
N SER D 197 -52.51 62.18 10.80
CA SER D 197 -53.60 61.22 10.68
C SER D 197 -53.83 60.93 9.21
N PRO D 198 -54.38 59.75 8.88
CA PRO D 198 -54.71 59.46 7.49
C PRO D 198 -55.71 60.46 6.95
N VAL D 199 -55.54 60.82 5.67
CA VAL D 199 -56.37 61.84 5.02
C VAL D 199 -57.20 61.16 3.95
N THR D 200 -58.51 61.40 3.97
CA THR D 200 -59.44 60.78 3.05
C THR D 200 -60.02 61.84 2.12
N LYS D 201 -59.88 61.62 0.82
CA LYS D 201 -60.48 62.46 -0.20
C LYS D 201 -61.68 61.73 -0.78
N SER D 202 -62.87 62.34 -0.67
CA SER D 202 -64.11 61.71 -1.07
C SER D 202 -64.86 62.61 -2.04
N PHE D 203 -65.52 61.99 -3.02
CA PHE D 203 -66.38 62.71 -3.95
C PHE D 203 -67.70 61.97 -4.08
N ASN D 204 -68.72 62.72 -4.47
CA ASN D 204 -70.07 62.20 -4.61
C ASN D 204 -70.48 62.21 -6.08
N ARG D 205 -71.07 61.10 -6.53
CA ARG D 205 -71.53 61.02 -7.90
C ARG D 205 -72.69 61.98 -8.14
N GLY D 206 -72.64 62.70 -9.25
CA GLY D 206 -73.66 63.66 -9.59
C GLY D 206 -75.01 63.03 -9.88
N GLN E 1 -11.39 49.13 -29.72
CA GLN E 1 -12.29 48.88 -28.60
C GLN E 1 -13.15 47.66 -28.87
N VAL E 2 -13.41 46.88 -27.82
CA VAL E 2 -14.25 45.70 -27.97
C VAL E 2 -15.69 46.14 -28.27
N GLN E 3 -16.25 45.61 -29.35
CA GLN E 3 -17.59 45.97 -29.79
C GLN E 3 -18.46 44.74 -29.92
N LEU E 4 -19.73 44.90 -29.52
CA LEU E 4 -20.69 43.81 -29.53
C LEU E 4 -22.06 44.39 -29.85
N VAL E 5 -22.79 43.73 -30.74
CA VAL E 5 -24.10 44.17 -31.21
C VAL E 5 -25.09 43.03 -31.07
N GLU E 6 -26.32 43.35 -30.68
CA GLU E 6 -27.38 42.37 -30.51
C GLU E 6 -28.54 42.72 -31.43
N SER E 7 -29.16 41.70 -32.04
CA SER E 7 -30.26 41.95 -32.96
C SER E 7 -31.14 40.70 -33.02
N GLY E 8 -32.36 40.90 -33.52
CA GLY E 8 -33.30 39.81 -33.67
C GLY E 8 -34.37 39.80 -32.59
N GLY E 9 -34.85 40.98 -32.19
CA GLY E 9 -35.82 41.09 -31.13
C GLY E 9 -36.99 41.96 -31.53
N GLY E 10 -38.02 41.94 -30.68
CA GLY E 10 -39.24 42.67 -30.93
C GLY E 10 -40.42 42.09 -30.17
N VAL E 11 -41.54 41.92 -30.86
CA VAL E 11 -42.75 41.32 -30.30
C VAL E 11 -43.13 40.13 -31.16
N VAL E 12 -43.34 38.98 -30.53
CA VAL E 12 -43.64 37.75 -31.24
C VAL E 12 -44.79 37.04 -30.53
N GLN E 13 -45.59 36.27 -31.33
CA GLN E 13 -46.68 35.43 -30.85
C GLN E 13 -46.13 34.17 -30.19
N PRO E 14 -46.84 33.61 -29.21
CA PRO E 14 -46.38 32.37 -28.59
C PRO E 14 -46.44 31.20 -29.57
N GLY E 15 -45.58 30.21 -29.33
CA GLY E 15 -45.52 29.03 -30.16
C GLY E 15 -44.55 29.11 -31.32
N ARG E 16 -43.87 30.23 -31.50
CA ARG E 16 -42.90 30.39 -32.59
C ARG E 16 -41.49 30.48 -32.01
N SER E 17 -40.59 29.67 -32.55
CA SER E 17 -39.19 29.69 -32.16
C SER E 17 -38.50 30.89 -32.81
N LEU E 18 -37.72 31.61 -32.03
CA LEU E 18 -37.06 32.83 -32.48
C LEU E 18 -35.54 32.65 -32.48
N ARG E 19 -34.90 33.27 -33.46
CA ARG E 19 -33.45 33.21 -33.66
C ARG E 19 -32.89 34.62 -33.44
N LEU E 20 -31.94 34.74 -32.52
CA LEU E 20 -31.34 36.03 -32.18
C LEU E 20 -29.84 36.00 -32.48
N SER E 21 -29.33 37.10 -33.01
CA SER E 21 -27.94 37.23 -33.43
C SER E 21 -27.17 38.15 -32.50
N CYS E 22 -25.92 37.79 -32.23
CA CYS E 22 -25.03 38.55 -31.36
C CYS E 22 -23.68 38.60 -32.04
N ALA E 23 -23.36 39.73 -32.66
CA ALA E 23 -22.12 39.91 -33.40
C ALA E 23 -21.04 40.49 -32.48
N ALA E 24 -19.83 39.97 -32.59
CA ALA E 24 -18.72 40.42 -31.77
C ALA E 24 -17.53 40.76 -32.64
N SER E 25 -16.78 41.79 -32.23
CA SER E 25 -15.58 42.18 -32.98
C SER E 25 -14.65 42.94 -32.06
N GLY E 26 -13.35 42.87 -32.37
CA GLY E 26 -12.34 43.61 -31.65
C GLY E 26 -11.41 42.77 -30.80
N PHE E 27 -11.76 41.51 -30.53
CA PHE E 27 -10.95 40.65 -29.68
C PHE E 27 -10.87 39.27 -30.31
N THR E 28 -10.09 38.39 -29.68
CA THR E 28 -9.95 37.01 -30.13
C THR E 28 -11.22 36.25 -29.76
N PHE E 29 -12.18 36.25 -30.68
CA PHE E 29 -13.49 35.66 -30.37
C PHE E 29 -13.39 34.14 -30.19
N SER E 30 -12.38 33.52 -30.77
CA SER E 30 -12.21 32.06 -30.66
C SER E 30 -11.66 31.64 -29.31
N SER E 31 -11.26 32.57 -28.45
CA SER E 31 -10.63 32.25 -27.17
C SER E 31 -11.30 33.00 -26.01
N SER E 32 -12.62 32.97 -25.95
CA SER E 32 -13.35 33.61 -24.87
C SER E 32 -14.78 33.08 -24.85
N ALA E 33 -15.22 32.56 -23.72
CA ALA E 33 -16.59 32.06 -23.60
C ALA E 33 -17.59 33.20 -23.68
N MET E 34 -18.83 32.85 -24.01
CA MET E 34 -19.90 33.82 -24.17
C MET E 34 -21.09 33.43 -23.31
N HIS E 35 -21.83 34.45 -22.84
CA HIS E 35 -22.97 34.25 -21.95
C HIS E 35 -24.18 35.02 -22.48
N TRP E 36 -25.36 34.45 -22.24
CA TRP E 36 -26.64 35.11 -22.46
C TRP E 36 -27.34 35.25 -21.13
N VAL E 37 -27.72 36.48 -20.78
CA VAL E 37 -28.37 36.78 -19.51
C VAL E 37 -29.69 37.49 -19.81
N ARG E 38 -30.65 37.36 -18.89
CA ARG E 38 -32.01 37.84 -19.08
C ARG E 38 -32.48 38.61 -17.87
N GLN E 39 -33.20 39.70 -18.13
CA GLN E 39 -33.81 40.50 -17.06
C GLN E 39 -35.27 40.76 -17.42
N ALA E 40 -36.17 40.26 -16.58
CA ALA E 40 -37.57 40.61 -16.74
C ALA E 40 -37.77 42.09 -16.43
N PRO E 41 -38.74 42.75 -17.08
CA PRO E 41 -38.95 44.18 -16.84
C PRO E 41 -39.27 44.46 -15.37
N GLY E 42 -38.37 45.18 -14.72
CA GLY E 42 -38.52 45.54 -13.33
C GLY E 42 -37.98 44.56 -12.33
N LYS E 43 -37.39 43.45 -12.77
CA LYS E 43 -36.85 42.42 -11.89
C LYS E 43 -35.33 42.38 -12.00
N GLY E 44 -34.72 41.49 -11.22
CA GLY E 44 -33.28 41.33 -11.23
C GLY E 44 -32.80 40.46 -12.37
N LEU E 45 -31.48 40.39 -12.51
CA LEU E 45 -30.88 39.63 -13.60
C LEU E 45 -31.04 38.13 -13.36
N GLU E 46 -30.73 37.37 -14.41
CA GLU E 46 -30.78 35.91 -14.35
C GLU E 46 -29.91 35.35 -15.47
N TRP E 47 -28.94 34.51 -15.10
CA TRP E 47 -28.11 33.86 -16.10
C TRP E 47 -28.90 32.79 -16.84
N VAL E 48 -28.80 32.77 -18.16
CA VAL E 48 -29.60 31.89 -19.01
C VAL E 48 -28.76 30.86 -19.73
N ALA E 49 -27.74 31.30 -20.47
CA ALA E 49 -26.97 30.40 -21.33
C ALA E 49 -25.50 30.74 -21.24
N VAL E 50 -24.66 29.73 -21.46
CA VAL E 50 -23.21 29.92 -21.54
C VAL E 50 -22.62 28.88 -22.50
N ILE E 51 -21.65 29.33 -23.30
CA ILE E 51 -20.92 28.47 -24.23
C ILE E 51 -19.44 28.79 -24.11
N TRP E 52 -18.60 27.76 -24.14
CA TRP E 52 -17.16 27.99 -24.07
C TRP E 52 -16.58 28.12 -25.48
N SER E 53 -15.29 28.46 -25.52
CA SER E 53 -14.65 28.87 -26.78
C SER E 53 -14.58 27.73 -27.79
N ASP E 54 -14.36 26.50 -27.31
CA ASP E 54 -14.29 25.36 -28.22
C ASP E 54 -15.60 25.12 -28.94
N GLY E 55 -16.72 25.54 -28.37
CA GLY E 55 -18.02 25.28 -28.96
C GLY E 55 -18.59 23.92 -28.66
N SER E 56 -18.01 23.20 -27.70
CA SER E 56 -18.44 21.83 -27.43
C SER E 56 -19.42 21.77 -26.26
N ASN E 57 -19.10 22.47 -25.17
CA ASN E 57 -19.87 22.39 -23.94
C ASN E 57 -20.78 23.61 -23.81
N GLU E 58 -22.04 23.36 -23.50
CA GLU E 58 -23.05 24.39 -23.25
C GLU E 58 -23.58 24.24 -21.84
N ASN E 59 -24.28 25.29 -21.37
CA ASN E 59 -25.02 25.18 -20.13
C ASN E 59 -26.17 26.18 -20.15
N TYR E 60 -27.31 25.77 -19.58
CA TYR E 60 -28.51 26.58 -19.56
C TYR E 60 -29.17 26.51 -18.19
N ALA E 61 -29.97 27.52 -17.88
CA ALA E 61 -30.76 27.51 -16.65
C ALA E 61 -31.90 26.50 -16.76
N ASP E 62 -32.37 26.02 -15.61
CA ASP E 62 -33.42 25.01 -15.60
C ASP E 62 -34.74 25.58 -16.13
N SER E 63 -34.98 26.87 -15.91
CA SER E 63 -36.23 27.48 -16.36
C SER E 63 -36.35 27.48 -17.88
N VAL E 64 -35.24 27.36 -18.60
CA VAL E 64 -35.23 27.31 -20.06
C VAL E 64 -34.59 26.04 -20.58
N LYS E 65 -34.32 25.08 -19.71
CA LYS E 65 -33.73 23.82 -20.13
C LYS E 65 -34.65 23.09 -21.11
N GLY E 66 -34.09 22.65 -22.23
CA GLY E 66 -34.84 21.96 -23.26
C GLY E 66 -35.56 22.87 -24.24
N ARG E 67 -35.66 24.16 -23.96
CA ARG E 67 -36.33 25.11 -24.84
C ARG E 67 -35.40 26.12 -25.49
N PHE E 68 -34.26 26.41 -24.87
CA PHE E 68 -33.28 27.34 -25.41
C PHE E 68 -32.05 26.58 -25.88
N THR E 69 -31.34 27.14 -26.87
CA THR E 69 -30.08 26.54 -27.32
C THR E 69 -29.22 27.60 -28.00
N ILE E 70 -27.95 27.67 -27.61
CA ILE E 70 -27.01 28.65 -28.14
C ILE E 70 -25.94 27.92 -28.95
N SER E 71 -25.52 28.52 -30.06
CA SER E 71 -24.38 28.06 -30.82
C SER E 71 -23.60 29.28 -31.29
N ARG E 72 -22.41 29.04 -31.84
CA ARG E 72 -21.57 30.13 -32.31
C ARG E 72 -20.89 29.76 -33.62
N ASP E 73 -20.63 30.78 -34.43
CA ASP E 73 -19.90 30.65 -35.69
C ASP E 73 -18.61 31.43 -35.50
N ASN E 74 -17.50 30.69 -35.37
CA ASN E 74 -16.20 31.32 -35.17
C ASN E 74 -15.70 31.96 -36.45
N SER E 75 -16.04 31.39 -37.61
CA SER E 75 -15.62 31.97 -38.87
C SER E 75 -16.26 33.34 -39.09
N LYS E 76 -17.54 33.47 -38.75
CA LYS E 76 -18.28 34.72 -38.93
C LYS E 76 -18.35 35.56 -37.65
N ASN E 77 -17.69 35.13 -36.57
CA ASN E 77 -17.64 35.89 -35.32
C ASN E 77 -19.05 36.21 -34.81
N THR E 78 -19.94 35.21 -34.84
CA THR E 78 -21.34 35.43 -34.52
C THR E 78 -21.80 34.43 -33.47
N LEU E 79 -22.85 34.80 -32.74
CA LEU E 79 -23.47 33.94 -31.74
C LEU E 79 -24.97 33.89 -32.03
N TYR E 80 -25.51 32.69 -32.14
CA TYR E 80 -26.91 32.50 -32.51
C TYR E 80 -27.64 31.78 -31.38
N LEU E 81 -28.74 32.37 -30.92
CA LEU E 81 -29.54 31.79 -29.83
C LEU E 81 -30.94 31.48 -30.33
N GLN E 82 -31.40 30.27 -30.07
CA GLN E 82 -32.74 29.85 -30.46
C GLN E 82 -33.59 29.63 -29.22
N MET E 83 -34.81 30.15 -29.29
CA MET E 83 -35.80 30.04 -28.23
C MET E 83 -37.03 29.34 -28.77
N SER E 84 -37.54 28.36 -28.03
CA SER E 84 -38.67 27.56 -28.47
C SER E 84 -39.67 27.41 -27.34
N SER E 85 -40.92 27.13 -27.71
CA SER E 85 -42.03 26.95 -26.77
C SER E 85 -42.18 28.18 -25.87
N LEU E 86 -42.23 29.35 -26.51
CA LEU E 86 -42.23 30.61 -25.78
C LEU E 86 -43.52 30.78 -24.98
N ARG E 87 -43.37 31.30 -23.77
CA ARG E 87 -44.48 31.67 -22.90
C ARG E 87 -44.40 33.15 -22.58
N ALA E 88 -45.47 33.67 -21.98
CA ALA E 88 -45.50 35.08 -21.60
C ALA E 88 -44.42 35.42 -20.58
N GLU E 89 -43.97 34.44 -19.81
CA GLU E 89 -42.97 34.69 -18.77
C GLU E 89 -41.59 34.94 -19.36
N ASP E 90 -41.34 34.54 -20.60
CA ASP E 90 -40.04 34.74 -21.22
C ASP E 90 -39.86 36.15 -21.78
N THR E 91 -40.90 36.97 -21.77
CA THR E 91 -40.78 38.35 -22.23
C THR E 91 -39.86 39.13 -21.31
N ALA E 92 -38.75 39.62 -21.86
CA ALA E 92 -37.72 40.25 -21.04
C ALA E 92 -36.69 40.91 -21.95
N VAL E 93 -35.67 41.49 -21.32
CA VAL E 93 -34.53 42.07 -22.02
C VAL E 93 -33.38 41.08 -21.97
N TYR E 94 -32.81 40.77 -23.13
CA TYR E 94 -31.73 39.80 -23.26
C TYR E 94 -30.43 40.52 -23.61
N TYR E 95 -29.36 40.13 -22.92
CA TYR E 95 -28.01 40.61 -23.19
C TYR E 95 -27.11 39.42 -23.51
N CYS E 96 -26.16 39.64 -24.42
CA CYS E 96 -25.08 38.70 -24.66
C CYS E 96 -23.77 39.38 -24.30
N ALA E 97 -22.99 38.75 -23.42
CA ALA E 97 -21.80 39.36 -22.85
C ALA E 97 -20.62 38.41 -22.97
N THR E 98 -19.43 38.99 -23.16
CA THR E 98 -18.22 38.21 -23.24
C THR E 98 -17.64 37.99 -21.85
N ASP E 99 -17.23 36.75 -21.59
CA ASP E 99 -16.68 36.35 -20.31
C ASP E 99 -15.18 36.61 -20.26
N LYS E 100 -14.66 36.78 -19.04
CA LYS E 100 -13.23 36.87 -18.80
C LYS E 100 -12.76 35.53 -18.27
N THR E 101 -12.02 34.79 -19.09
CA THR E 101 -11.55 33.46 -18.72
C THR E 101 -10.15 33.47 -18.15
N TYR E 102 -9.55 34.65 -17.96
CA TYR E 102 -8.20 34.78 -17.40
C TYR E 102 -8.27 35.68 -16.19
N VAL E 103 -7.85 35.17 -15.03
CA VAL E 103 -7.76 35.95 -13.80
C VAL E 103 -6.43 35.65 -13.13
N SER E 104 -5.48 36.56 -13.25
CA SER E 104 -4.19 36.49 -12.57
C SER E 104 -3.40 35.26 -12.96
N GLY E 105 -3.67 34.68 -14.13
CA GLY E 105 -2.87 33.57 -14.62
C GLY E 105 -3.56 32.22 -14.59
N TYR E 106 -4.87 32.20 -14.76
CA TYR E 106 -5.61 30.95 -14.84
C TYR E 106 -6.75 31.11 -15.84
N THR E 107 -7.12 30.00 -16.47
CA THR E 107 -8.10 29.97 -17.54
C THR E 107 -9.20 29.00 -17.19
N SER E 108 -10.44 29.49 -17.12
CA SER E 108 -11.59 28.67 -16.79
C SER E 108 -12.85 29.43 -17.18
N THR E 109 -14.00 28.96 -16.70
CA THR E 109 -15.27 29.67 -16.87
C THR E 109 -15.60 30.34 -15.54
N TRP E 110 -15.00 31.52 -15.32
CA TRP E 110 -15.17 32.22 -14.05
C TRP E 110 -16.57 32.80 -13.87
N TYR E 111 -17.37 32.87 -14.93
CA TYR E 111 -18.68 33.50 -14.90
C TYR E 111 -18.58 34.98 -14.52
N TYR E 112 -17.70 35.69 -15.20
CA TYR E 112 -17.58 37.14 -15.09
C TYR E 112 -17.93 37.75 -16.45
N PHE E 113 -18.95 38.59 -16.47
CA PHE E 113 -19.36 39.28 -17.70
C PHE E 113 -18.67 40.64 -17.73
N ASN E 114 -17.89 40.88 -18.78
CA ASN E 114 -17.04 42.07 -18.83
C ASN E 114 -17.47 43.11 -19.86
N TYR E 115 -17.97 42.70 -21.01
CA TYR E 115 -18.43 43.67 -22.01
C TYR E 115 -19.83 43.30 -22.46
N TRP E 116 -20.69 44.31 -22.58
CA TRP E 116 -22.12 44.14 -22.79
C TRP E 116 -22.57 44.96 -23.99
N GLY E 117 -23.75 44.58 -24.51
CA GLY E 117 -24.41 45.31 -25.57
C GLY E 117 -25.59 46.12 -25.05
N GLN E 118 -26.23 46.82 -25.98
CA GLN E 118 -27.35 47.69 -25.60
C GLN E 118 -28.55 46.90 -25.09
N GLY E 119 -28.61 45.61 -25.38
CA GLY E 119 -29.69 44.78 -24.89
C GLY E 119 -30.92 44.80 -25.76
N THR E 120 -31.44 43.63 -26.11
CA THR E 120 -32.62 43.51 -26.94
C THR E 120 -33.85 43.24 -26.08
N LEU E 121 -35.02 43.56 -26.63
CA LEU E 121 -36.30 43.34 -25.94
C LEU E 121 -37.10 42.28 -26.69
N VAL E 122 -37.58 41.28 -25.97
CA VAL E 122 -38.40 40.22 -26.54
C VAL E 122 -39.73 40.22 -25.79
N THR E 123 -40.82 40.34 -26.53
CA THR E 123 -42.17 40.41 -25.96
C THR E 123 -42.99 39.25 -26.53
N VAL E 124 -43.10 38.17 -25.75
CA VAL E 124 -43.90 37.02 -26.16
C VAL E 124 -45.36 37.30 -25.80
N SER E 125 -46.10 37.89 -26.74
CA SER E 125 -47.50 38.18 -26.52
C SER E 125 -48.27 38.00 -27.81
N GLY E 126 -49.55 37.68 -27.69
CA GLY E 126 -50.43 37.50 -28.81
C GLY E 126 -51.31 38.69 -29.16
N ALA E 127 -51.08 39.84 -28.53
CA ALA E 127 -51.89 41.01 -28.80
C ALA E 127 -51.57 41.61 -30.16
N SER E 128 -52.54 42.31 -30.73
CA SER E 128 -52.40 42.97 -32.02
C SER E 128 -52.33 44.48 -31.82
N THR E 129 -51.94 45.16 -32.90
CA THR E 129 -51.82 46.61 -32.86
C THR E 129 -53.17 47.26 -32.60
N LYS E 130 -53.19 48.23 -31.69
CA LYS E 130 -54.42 48.96 -31.38
C LYS E 130 -54.06 50.36 -30.93
N GLY E 131 -54.81 51.34 -31.42
CA GLY E 131 -54.61 52.72 -31.07
C GLY E 131 -55.06 53.02 -29.65
N PRO E 132 -54.54 54.11 -29.08
CA PRO E 132 -54.88 54.46 -27.70
C PRO E 132 -56.16 55.29 -27.60
N SER E 133 -56.73 55.27 -26.40
CA SER E 133 -57.90 56.08 -26.08
C SER E 133 -57.50 57.12 -25.03
N VAL E 134 -57.79 58.38 -25.32
CA VAL E 134 -57.36 59.50 -24.48
C VAL E 134 -58.57 60.07 -23.75
N PHE E 135 -58.45 60.25 -22.44
CA PHE E 135 -59.52 60.81 -21.62
C PHE E 135 -58.96 61.93 -20.76
N PRO E 136 -59.46 63.16 -20.87
CA PRO E 136 -58.97 64.23 -20.01
C PRO E 136 -59.42 64.04 -18.57
N LEU E 137 -58.63 64.59 -17.64
CA LEU E 137 -58.92 64.57 -16.21
C LEU E 137 -58.84 66.03 -15.76
N ALA E 138 -60.02 66.63 -15.54
CA ALA E 138 -60.19 68.04 -15.27
C ALA E 138 -60.20 68.33 -13.77
N PRO E 139 -59.76 69.52 -13.37
CA PRO E 139 -59.74 69.84 -11.94
C PRO E 139 -61.15 70.07 -11.38
N SER E 140 -61.25 69.89 -10.07
CA SER E 140 -62.49 70.14 -9.33
C SER E 140 -62.13 70.86 -8.04
N SER E 141 -63.15 71.10 -7.22
CA SER E 141 -62.92 71.75 -5.92
C SER E 141 -62.04 70.88 -5.02
N LYS E 142 -62.27 69.56 -5.03
CA LYS E 142 -61.50 68.64 -4.22
C LYS E 142 -60.13 68.34 -4.80
N SER E 143 -59.85 68.79 -6.02
CA SER E 143 -58.54 68.63 -6.65
C SER E 143 -57.72 69.91 -6.58
N THR E 144 -57.93 70.70 -5.53
CA THR E 144 -57.17 71.93 -5.28
C THR E 144 -56.66 71.89 -3.85
N SER E 145 -55.37 72.16 -3.67
CA SER E 145 -54.74 72.12 -2.35
C SER E 145 -53.90 73.37 -2.17
N GLY E 146 -54.45 74.36 -1.47
CA GLY E 146 -53.71 75.59 -1.19
C GLY E 146 -53.31 76.37 -2.41
N GLY E 147 -54.23 76.56 -3.35
CA GLY E 147 -53.93 77.29 -4.56
C GLY E 147 -53.21 76.49 -5.63
N THR E 148 -53.11 75.18 -5.48
CA THR E 148 -52.48 74.30 -6.46
C THR E 148 -53.55 73.39 -7.05
N ALA E 149 -53.64 73.36 -8.38
CA ALA E 149 -54.64 72.58 -9.09
C ALA E 149 -53.95 71.55 -9.98
N ALA E 150 -54.50 70.34 -10.00
CA ALA E 150 -53.95 69.25 -10.80
C ALA E 150 -54.87 68.92 -11.96
N LEU E 151 -54.28 68.79 -13.14
CA LEU E 151 -54.99 68.35 -14.34
C LEU E 151 -54.24 67.17 -14.93
N GLY E 152 -54.80 66.52 -15.93
CA GLY E 152 -54.05 65.44 -16.56
C GLY E 152 -54.81 64.78 -17.68
N CYS E 153 -54.23 63.68 -18.17
CA CYS E 153 -54.81 62.87 -19.23
C CYS E 153 -54.47 61.40 -18.99
N LEU E 154 -55.46 60.55 -19.21
CA LEU E 154 -55.34 59.10 -19.04
C LEU E 154 -55.40 58.44 -20.42
N VAL E 155 -54.39 57.66 -20.76
CA VAL E 155 -54.29 56.99 -22.05
C VAL E 155 -54.43 55.49 -21.80
N LYS E 156 -55.45 54.88 -22.39
CA LYS E 156 -55.89 53.54 -22.04
C LYS E 156 -56.03 52.69 -23.29
N ASP E 157 -55.81 51.37 -23.12
CA ASP E 157 -56.15 50.38 -24.13
C ASP E 157 -55.38 50.61 -25.43
N TYR E 158 -54.05 50.52 -25.34
CA TYR E 158 -53.19 50.65 -26.50
C TYR E 158 -52.19 49.51 -26.54
N PHE E 159 -51.71 49.21 -27.75
CA PHE E 159 -50.67 48.21 -27.94
C PHE E 159 -50.08 48.41 -29.33
N PRO E 160 -48.75 48.30 -29.49
CA PRO E 160 -47.74 48.05 -28.47
C PRO E 160 -47.12 49.32 -27.90
N GLU E 161 -46.16 49.17 -26.99
CA GLU E 161 -45.47 50.31 -26.41
C GLU E 161 -44.55 50.95 -27.45
N PRO E 162 -44.17 52.21 -27.26
CA PRO E 162 -44.57 53.15 -26.21
C PRO E 162 -45.54 54.23 -26.70
N VAL E 163 -45.96 55.11 -25.79
CA VAL E 163 -46.81 56.25 -26.13
C VAL E 163 -46.22 57.49 -25.48
N THR E 164 -46.04 58.55 -26.26
CA THR E 164 -45.41 59.77 -25.78
C THR E 164 -46.45 60.87 -25.64
N VAL E 165 -46.44 61.55 -24.50
CA VAL E 165 -47.41 62.60 -24.19
C VAL E 165 -46.66 63.91 -24.00
N SER E 166 -47.13 64.96 -24.68
CA SER E 166 -46.58 66.30 -24.57
C SER E 166 -47.68 67.27 -24.14
N TRP E 167 -47.29 68.45 -23.69
CA TRP E 167 -48.24 69.44 -23.20
C TRP E 167 -47.94 70.81 -23.78
N ASN E 168 -49.02 71.52 -24.15
CA ASN E 168 -48.93 72.87 -24.70
C ASN E 168 -47.98 72.92 -25.90
N SER E 169 -48.10 71.91 -26.76
CA SER E 169 -47.20 71.72 -27.90
C SER E 169 -45.75 71.61 -27.42
N GLY E 170 -45.57 70.99 -26.25
CA GLY E 170 -44.26 70.85 -25.66
C GLY E 170 -43.76 72.03 -24.87
N ALA E 171 -44.57 73.09 -24.72
CA ALA E 171 -44.15 74.25 -23.97
C ALA E 171 -44.39 74.13 -22.48
N LEU E 172 -45.14 73.11 -22.04
CA LEU E 172 -45.45 72.92 -20.63
C LEU E 172 -44.65 71.75 -20.10
N THR E 173 -43.63 72.05 -19.29
CA THR E 173 -42.80 71.03 -18.66
C THR E 173 -42.73 71.14 -17.16
N SER E 174 -42.91 72.34 -16.60
CA SER E 174 -42.90 72.52 -15.15
C SER E 174 -44.15 71.90 -14.53
N GLY E 175 -43.96 71.03 -13.54
CA GLY E 175 -45.07 70.39 -12.88
C GLY E 175 -45.72 69.27 -13.67
N VAL E 176 -45.03 68.73 -14.68
CA VAL E 176 -45.57 67.68 -15.52
C VAL E 176 -44.91 66.36 -15.11
N HIS E 177 -45.72 65.33 -14.90
CA HIS E 177 -45.22 64.02 -14.52
C HIS E 177 -46.04 62.94 -15.19
N THR E 178 -45.36 62.05 -15.91
CA THR E 178 -45.99 60.91 -16.58
C THR E 178 -45.67 59.64 -15.80
N PHE E 179 -46.71 58.88 -15.47
CA PHE E 179 -46.45 57.68 -14.69
C PHE E 179 -46.21 56.48 -15.63
N PRO E 180 -45.39 55.53 -15.20
CA PRO E 180 -45.10 54.37 -16.05
C PRO E 180 -46.34 53.56 -16.37
N ALA E 181 -46.31 52.92 -17.54
CA ALA E 181 -47.46 52.17 -18.03
C ALA E 181 -47.72 50.95 -17.16
N VAL E 182 -48.96 50.46 -17.23
CA VAL E 182 -49.41 49.30 -16.47
C VAL E 182 -50.01 48.31 -17.44
N LEU E 183 -49.62 47.04 -17.30
CA LEU E 183 -50.17 45.98 -18.13
C LEU E 183 -51.54 45.57 -17.60
N GLN E 184 -52.49 45.35 -18.51
CA GLN E 184 -53.83 44.94 -18.16
C GLN E 184 -54.03 43.46 -18.49
N SER E 185 -55.06 42.87 -17.87
CA SER E 185 -55.37 41.46 -18.10
C SER E 185 -55.88 41.21 -19.51
N SER E 186 -56.27 42.25 -20.24
CA SER E 186 -56.77 42.13 -21.60
C SER E 186 -55.66 42.19 -22.64
N GLY E 187 -54.39 42.25 -22.22
CA GLY E 187 -53.29 42.38 -23.15
C GLY E 187 -53.06 43.78 -23.66
N LEU E 188 -53.69 44.78 -23.06
CA LEU E 188 -53.53 46.18 -23.45
C LEU E 188 -52.94 46.97 -22.30
N TYR E 189 -52.23 48.04 -22.64
CA TYR E 189 -51.56 48.87 -21.67
C TYR E 189 -52.36 50.13 -21.37
N SER E 190 -52.14 50.68 -20.18
CA SER E 190 -52.79 51.92 -19.77
C SER E 190 -51.84 52.68 -18.86
N LEU E 191 -51.96 54.01 -18.89
CA LEU E 191 -51.13 54.87 -18.06
C LEU E 191 -51.83 56.21 -17.89
N SER E 192 -51.34 57.00 -16.94
CA SER E 192 -51.86 58.32 -16.65
C SER E 192 -50.72 59.31 -16.57
N SER E 193 -51.03 60.57 -16.84
CA SER E 193 -50.06 61.65 -16.70
C SER E 193 -50.78 62.89 -16.18
N VAL E 194 -50.07 63.68 -15.36
CA VAL E 194 -50.67 64.80 -14.65
C VAL E 194 -49.74 66.00 -14.69
N VAL E 195 -50.28 67.14 -14.26
CA VAL E 195 -49.57 68.41 -14.22
C VAL E 195 -50.18 69.26 -13.12
N THR E 196 -49.31 69.97 -12.41
CA THR E 196 -49.71 70.84 -11.31
C THR E 196 -49.47 72.30 -11.68
N VAL E 197 -50.48 73.14 -11.49
CA VAL E 197 -50.40 74.55 -11.88
C VAL E 197 -50.97 75.41 -10.78
N PRO E 198 -50.65 76.71 -10.78
CA PRO E 198 -51.37 77.65 -9.91
C PRO E 198 -52.85 77.62 -10.22
N SER E 199 -53.67 77.68 -9.16
CA SER E 199 -55.12 77.58 -9.34
C SER E 199 -55.72 78.89 -9.83
N SER E 200 -54.99 80.00 -9.69
CA SER E 200 -55.54 81.29 -10.08
C SER E 200 -55.67 81.46 -11.59
N SER E 201 -54.91 80.71 -12.37
CA SER E 201 -54.89 80.85 -13.83
C SER E 201 -55.70 79.76 -14.53
N LEU E 202 -56.52 79.01 -13.80
CA LEU E 202 -57.31 77.95 -14.43
C LEU E 202 -58.29 78.51 -15.45
N GLY E 203 -58.86 79.67 -15.18
CA GLY E 203 -59.79 80.30 -16.09
C GLY E 203 -59.17 81.19 -17.14
N THR E 204 -57.85 81.20 -17.27
CA THR E 204 -57.16 82.04 -18.24
C THR E 204 -56.18 81.31 -19.14
N GLN E 205 -55.73 80.12 -18.78
CA GLN E 205 -54.77 79.37 -19.60
C GLN E 205 -55.40 78.06 -20.08
N THR E 206 -55.20 77.77 -21.36
CA THR E 206 -55.66 76.52 -21.96
C THR E 206 -54.60 75.45 -21.81
N TYR E 207 -55.01 74.27 -21.35
CA TYR E 207 -54.13 73.13 -21.20
C TYR E 207 -54.57 72.03 -22.16
N ILE E 208 -53.66 71.57 -23.00
CA ILE E 208 -53.93 70.55 -24.00
C ILE E 208 -52.83 69.50 -23.95
N CYS E 209 -53.23 68.23 -23.88
CA CYS E 209 -52.30 67.11 -23.90
C CYS E 209 -52.32 66.44 -25.27
N ASN E 210 -51.13 66.19 -25.82
CA ASN E 210 -50.96 65.54 -27.10
C ASN E 210 -50.42 64.14 -26.88
N VAL E 211 -51.09 63.15 -27.44
CA VAL E 211 -50.76 61.74 -27.28
C VAL E 211 -50.33 61.19 -28.62
N ASN E 212 -49.15 60.56 -28.65
CA ASN E 212 -48.56 60.00 -29.86
C ASN E 212 -48.31 58.52 -29.67
N HIS E 213 -48.81 57.72 -30.61
CA HIS E 213 -48.65 56.27 -30.64
C HIS E 213 -48.08 55.95 -32.03
N LYS E 214 -46.75 55.86 -32.11
CA LYS E 214 -46.09 55.66 -33.40
C LYS E 214 -46.48 54.37 -34.11
N PRO E 215 -46.56 53.20 -33.45
CA PRO E 215 -46.93 51.98 -34.19
C PRO E 215 -48.27 52.07 -34.89
N SER E 216 -49.25 52.77 -34.30
CA SER E 216 -50.54 52.97 -34.93
C SER E 216 -50.65 54.34 -35.62
N ASN E 217 -49.59 55.14 -35.59
CA ASN E 217 -49.58 56.48 -36.19
C ASN E 217 -50.76 57.31 -35.69
N THR E 218 -50.94 57.30 -34.36
CA THR E 218 -52.05 57.99 -33.72
C THR E 218 -51.56 59.27 -33.05
N LYS E 219 -52.20 60.39 -33.40
CA LYS E 219 -51.91 61.68 -32.78
C LYS E 219 -53.24 62.27 -32.32
N VAL E 220 -53.44 62.35 -31.00
CA VAL E 220 -54.71 62.82 -30.44
C VAL E 220 -54.42 63.98 -29.50
N ASP E 221 -55.07 65.11 -29.73
CA ASP E 221 -54.93 66.29 -28.89
C ASP E 221 -56.22 66.52 -28.13
N LYS E 222 -56.14 66.53 -26.80
CA LYS E 222 -57.31 66.68 -25.95
C LYS E 222 -57.09 67.83 -24.97
N ARG E 223 -58.07 68.72 -24.88
CA ARG E 223 -58.00 69.85 -23.97
C ARG E 223 -58.65 69.50 -22.64
N VAL E 224 -58.09 70.02 -21.56
CA VAL E 224 -58.58 69.81 -20.21
C VAL E 224 -59.30 71.08 -19.77
N GLU E 225 -60.60 70.97 -19.54
CA GLU E 225 -61.44 72.10 -19.21
C GLU E 225 -62.11 71.88 -17.85
N PRO E 226 -61.93 72.80 -16.88
CA PRO E 226 -62.54 72.70 -15.56
C PRO E 226 -64.07 72.65 -15.60
N GLY F 2 66.64 7.15 -8.52
CA GLY F 2 66.71 8.60 -8.46
C GLY F 2 66.26 9.19 -7.14
N GLN F 3 66.14 8.34 -6.12
CA GLN F 3 65.80 8.80 -4.79
C GLN F 3 66.84 9.79 -4.26
N PHE F 4 68.10 9.64 -4.68
CA PHE F 4 69.13 10.59 -4.29
C PHE F 4 68.82 11.98 -4.82
N ILE F 5 68.37 12.06 -6.07
CA ILE F 5 68.02 13.36 -6.67
C ILE F 5 66.84 13.97 -5.93
N SER F 6 65.84 13.15 -5.61
CA SER F 6 64.68 13.66 -4.87
C SER F 6 65.10 14.18 -3.50
N PHE F 7 66.00 13.47 -2.83
CA PHE F 7 66.49 13.92 -1.52
C PHE F 7 67.26 15.23 -1.65
N MET F 8 68.11 15.35 -2.67
CA MET F 8 68.86 16.58 -2.89
C MET F 8 67.92 17.72 -3.26
N GLN F 9 66.75 17.39 -3.80
CA GLN F 9 65.74 18.42 -4.06
C GLN F 9 65.02 18.83 -2.78
N GLU F 10 64.76 17.88 -1.89
CA GLU F 10 63.93 18.13 -0.70
C GLU F 10 64.72 18.31 0.59
N ILE F 11 66.03 18.54 0.50
CA ILE F 11 66.85 18.83 1.69
C ILE F 11 66.22 19.89 2.60
N PRO F 12 65.77 21.05 2.10
CA PRO F 12 65.27 22.08 3.04
C PRO F 12 64.09 21.64 3.88
N THR F 13 63.20 20.80 3.35
CA THR F 13 62.07 20.33 4.14
C THR F 13 62.51 19.31 5.18
N PHE F 14 63.43 18.41 4.80
CA PHE F 14 63.85 17.36 5.72
C PHE F 14 64.86 17.84 6.76
N LEU F 15 65.46 19.02 6.56
CA LEU F 15 66.46 19.50 7.51
C LEU F 15 65.85 19.92 8.84
N GLN F 16 64.52 20.00 8.93
CA GLN F 16 63.87 20.55 10.12
C GLN F 16 63.79 19.55 11.27
N GLU F 17 64.37 18.36 11.14
CA GLU F 17 64.30 17.33 12.18
C GLU F 17 65.68 17.06 12.74
N ALA F 18 65.76 16.99 14.08
CA ALA F 18 67.05 16.79 14.73
C ALA F 18 67.66 15.44 14.37
N LEU F 19 66.82 14.40 14.26
CA LEU F 19 67.32 13.10 13.87
C LEU F 19 67.94 13.15 12.47
N ASN F 20 67.33 13.91 11.57
CA ASN F 20 67.83 13.99 10.20
C ASN F 20 69.21 14.62 10.16
N ILE F 21 69.39 15.77 10.83
CA ILE F 21 70.69 16.43 10.82
C ILE F 21 71.73 15.57 11.54
N ALA F 22 71.32 14.90 12.62
CA ALA F 22 72.23 14.00 13.31
C ALA F 22 72.73 12.90 12.41
N LEU F 23 71.81 12.24 11.70
CA LEU F 23 72.20 11.12 10.83
C LEU F 23 73.09 11.60 9.68
N VAL F 24 72.74 12.73 9.06
CA VAL F 24 73.55 13.18 7.92
C VAL F 24 74.94 13.62 8.39
N ALA F 25 75.03 14.25 9.56
CA ALA F 25 76.33 14.63 10.10
C ALA F 25 77.18 13.39 10.40
N VAL F 26 76.56 12.36 10.98
CA VAL F 26 77.27 11.13 11.27
C VAL F 26 77.79 10.51 9.99
N SER F 27 76.95 10.48 8.94
CA SER F 27 77.36 9.87 7.68
C SER F 27 78.52 10.64 7.05
N LEU F 28 78.45 11.97 7.05
CA LEU F 28 79.51 12.76 6.44
C LEU F 28 80.82 12.58 7.20
N ILE F 29 80.76 12.61 8.52
CA ILE F 29 81.96 12.41 9.34
C ILE F 29 82.55 11.03 9.07
N ALA F 30 81.69 10.01 8.99
CA ALA F 30 82.17 8.67 8.74
C ALA F 30 82.84 8.56 7.38
N ILE F 31 82.27 9.18 6.35
CA ILE F 31 82.86 9.12 5.01
C ILE F 31 84.24 9.77 5.00
N ILE F 32 84.36 10.95 5.62
CA ILE F 32 85.64 11.66 5.56
C ILE F 32 86.69 10.93 6.41
N LYS F 33 86.29 10.38 7.56
CA LYS F 33 87.22 9.59 8.36
C LYS F 33 87.63 8.33 7.63
N GLY F 34 86.73 7.73 6.88
CA GLY F 34 87.08 6.58 6.07
C GLY F 34 88.12 6.91 5.01
N VAL F 35 87.96 8.07 4.37
CA VAL F 35 88.98 8.53 3.44
C VAL F 35 90.32 8.69 4.16
N VAL F 36 90.30 9.28 5.35
CA VAL F 36 91.52 9.49 6.12
C VAL F 36 92.19 8.14 6.44
N ASN F 37 91.39 7.16 6.85
CA ASN F 37 91.93 5.86 7.22
C ASN F 37 92.50 5.13 6.01
N LEU F 38 91.81 5.22 4.87
CA LEU F 38 92.33 4.65 3.64
C LEU F 38 93.69 5.26 3.30
N TYR F 39 93.79 6.58 3.41
CA TYR F 39 95.08 7.24 3.16
C TYR F 39 96.15 6.70 4.11
N LYS F 40 95.83 6.65 5.40
CA LYS F 40 96.80 6.15 6.38
C LYS F 40 97.12 4.69 6.21
N SER F 41 96.31 3.95 5.45
CA SER F 41 96.62 2.54 5.20
C SER F 41 97.89 2.39 4.38
N GLY F 42 97.86 2.84 3.12
CA GLY F 42 98.97 2.63 2.22
C GLY F 42 98.69 1.67 1.08
N LEU F 43 97.46 1.21 0.91
CA LEU F 43 97.09 0.49 -0.30
C LEU F 43 97.26 1.38 -1.52
N PHE F 44 96.84 2.63 -1.40
CA PHE F 44 97.12 3.61 -2.45
C PHE F 44 98.61 3.79 -2.65
N GLN F 45 99.39 3.70 -1.57
CA GLN F 45 100.84 3.75 -1.68
C GLN F 45 101.36 2.57 -2.49
N PHE F 46 100.80 1.38 -2.28
CA PHE F 46 101.19 0.22 -3.09
C PHE F 46 100.82 0.41 -4.55
N PHE F 47 99.64 0.97 -4.82
CA PHE F 47 99.26 1.22 -6.21
C PHE F 47 100.21 2.22 -6.87
N VAL F 48 100.59 3.28 -6.14
CA VAL F 48 101.55 4.25 -6.66
C VAL F 48 102.90 3.59 -6.89
N PHE F 49 103.30 2.69 -5.99
CA PHE F 49 104.58 1.99 -6.14
C PHE F 49 104.57 1.12 -7.39
N LEU F 50 103.46 0.43 -7.64
CA LEU F 50 103.35 -0.37 -8.86
C LEU F 50 103.37 0.51 -10.11
N ALA F 51 102.65 1.64 -10.06
CA ALA F 51 102.62 2.56 -11.20
C ALA F 51 103.94 3.28 -11.41
N LEU F 52 104.82 3.28 -10.40
CA LEU F 52 106.11 3.95 -10.48
C LEU F 52 107.26 3.00 -10.78
N ALA F 53 107.10 1.71 -10.52
CA ALA F 53 108.18 0.74 -10.69
C ALA F 53 108.71 0.72 -12.12
N GLY F 54 109.97 1.11 -12.30
CA GLY F 54 110.61 1.10 -13.59
C GLY F 54 110.71 2.44 -14.29
N ARG F 55 110.26 3.53 -13.66
CA ARG F 55 110.33 4.86 -14.25
C ARG F 55 111.49 5.66 -13.69
N SER F 56 111.52 5.87 -12.38
CA SER F 56 112.58 6.64 -11.72
C SER F 56 112.86 6.05 -10.35
N CYS F 57 114.10 6.22 -9.89
CA CYS F 57 114.55 5.68 -8.61
C CYS F 57 114.57 6.73 -7.51
N THR F 58 113.65 7.68 -7.53
CA THR F 58 113.55 8.71 -6.50
C THR F 58 112.43 8.38 -5.52
N ALA G 3 35.62 -3.47 38.22
CA ALA G 3 36.74 -2.54 38.12
C ALA G 3 37.95 -3.05 38.87
N PHE G 4 38.50 -4.17 38.40
CA PHE G 4 39.65 -4.82 39.00
C PHE G 4 40.87 -4.70 38.10
N LYS G 5 42.03 -4.44 38.69
CA LYS G 5 43.25 -4.31 37.92
C LYS G 5 43.54 -5.57 37.14
N ILE G 6 43.88 -5.42 35.87
CA ILE G 6 44.05 -6.54 34.94
C ILE G 6 45.48 -6.54 34.42
N GLY G 7 46.18 -7.66 34.59
CA GLY G 7 47.54 -7.78 34.15
C GLY G 7 48.50 -6.91 34.93
N LEU G 8 49.05 -5.89 34.27
CA LEU G 8 49.95 -4.94 34.93
C LEU G 8 49.89 -3.62 34.17
N HIS G 9 49.73 -2.53 34.92
CA HIS G 9 49.60 -1.16 34.42
C HIS G 9 48.30 -0.92 33.67
N THR G 10 47.49 -1.95 33.46
CA THR G 10 46.23 -1.84 32.74
C THR G 10 45.08 -2.11 33.69
N GLU G 11 44.01 -1.32 33.57
CA GLU G 11 42.88 -1.38 34.47
C GLU G 11 41.61 -1.67 33.68
N PHE G 12 40.57 -2.07 34.41
CA PHE G 12 39.29 -2.45 33.84
C PHE G 12 38.26 -1.40 34.25
N GLN G 13 37.62 -0.78 33.27
CA GLN G 13 36.62 0.24 33.57
C GLN G 13 35.49 0.18 32.56
N THR G 14 34.27 0.41 33.03
CA THR G 14 33.06 0.33 32.23
C THR G 14 32.36 1.68 32.19
N VAL G 15 31.52 1.85 31.17
CA VAL G 15 30.75 3.07 30.97
C VAL G 15 29.31 2.71 30.66
N SER G 16 28.37 3.40 31.30
CA SER G 16 26.94 3.16 31.09
C SER G 16 26.23 4.47 30.85
N PHE G 17 25.35 4.49 29.85
CA PHE G 17 24.65 5.71 29.46
C PHE G 17 23.29 5.81 30.15
N SER G 18 22.81 7.04 30.31
CA SER G 18 21.53 7.30 30.96
C SER G 18 20.46 7.53 29.90
N MET G 19 19.34 6.82 30.01
CA MET G 19 18.28 6.92 29.02
C MET G 19 17.34 8.10 29.27
N VAL G 20 17.24 8.56 30.52
CA VAL G 20 16.29 9.62 30.85
C VAL G 20 16.62 10.89 30.09
N GLY G 21 17.90 11.25 30.03
CA GLY G 21 18.29 12.46 29.33
C GLY G 21 17.94 12.42 27.86
N LEU G 22 18.27 11.30 27.19
CA LEU G 22 17.95 11.17 25.78
C LEU G 22 16.44 11.25 25.55
N PHE G 23 15.66 10.49 26.34
CA PHE G 23 14.22 10.43 26.10
C PHE G 23 13.49 11.70 26.50
N SER G 24 14.08 12.52 27.37
CA SER G 24 13.45 13.78 27.78
C SER G 24 14.09 15.00 27.14
N ASN G 25 15.10 14.83 26.29
CA ASN G 25 15.79 15.96 25.69
C ASN G 25 15.54 16.14 24.21
N ASN G 26 15.21 15.07 23.49
CA ASN G 26 14.96 15.18 22.05
C ASN G 26 13.77 16.10 21.81
N PRO G 27 13.92 17.18 21.03
CA PRO G 27 12.82 18.13 20.88
C PRO G 27 11.56 17.53 20.29
N HIS G 28 11.68 16.60 19.34
CA HIS G 28 10.52 15.95 18.78
C HIS G 28 10.04 14.82 19.71
N ASP G 29 8.74 14.55 19.65
CA ASP G 29 8.18 13.46 20.43
C ASP G 29 8.57 12.12 19.81
N LEU G 30 8.73 11.12 20.67
CA LEU G 30 9.08 9.78 20.21
C LEU G 30 8.15 8.76 20.82
N PRO G 31 7.84 7.69 20.09
CA PRO G 31 6.97 6.65 20.64
C PRO G 31 7.63 5.93 21.81
N LEU G 32 6.80 5.50 22.75
CA LEU G 32 7.24 4.76 23.93
C LEU G 32 6.52 3.42 23.98
N LEU G 33 7.28 2.36 24.26
CA LEU G 33 6.72 1.04 24.45
C LEU G 33 7.25 0.48 25.77
N CYS G 34 6.35 -0.13 26.55
CA CYS G 34 6.70 -0.53 27.90
C CYS G 34 6.03 -1.85 28.24
N THR G 35 6.66 -2.56 29.17
CA THR G 35 6.12 -3.81 29.71
C THR G 35 6.00 -3.66 31.21
N LEU G 36 4.85 -4.03 31.77
CA LEU G 36 4.62 -3.94 33.20
C LEU G 36 4.04 -5.26 33.68
N ASN G 37 4.69 -5.81 34.71
CA ASN G 37 4.42 -7.14 35.26
C ASN G 37 4.51 -8.11 34.09
N LYS G 38 3.51 -8.94 33.82
CA LYS G 38 3.58 -9.81 32.65
C LYS G 38 2.37 -9.68 31.74
N SER G 39 1.41 -8.81 32.04
CA SER G 39 0.24 -8.63 31.20
C SER G 39 0.03 -7.20 30.75
N HIS G 40 0.58 -6.20 31.44
CA HIS G 40 0.26 -4.81 31.13
C HIS G 40 1.22 -4.30 30.08
N LEU G 41 0.83 -4.36 28.81
CA LEU G 41 1.70 -3.82 27.77
C LEU G 41 1.24 -2.41 27.44
N TYR G 42 2.19 -1.49 27.28
CA TYR G 42 1.86 -0.08 27.15
C TYR G 42 2.47 0.47 25.87
N ILE G 43 1.67 1.28 25.15
CA ILE G 43 2.16 2.02 23.99
C ILE G 43 1.74 3.47 24.15
N LYS G 44 2.60 4.38 23.73
CA LYS G 44 2.30 5.80 23.84
C LYS G 44 2.88 6.55 22.65
N GLY G 45 2.03 7.34 21.98
CA GLY G 45 2.48 8.14 20.86
C GLY G 45 1.69 9.43 20.75
N GLY G 46 2.40 10.55 20.56
CA GLY G 46 1.75 11.85 20.53
C GLY G 46 1.07 12.16 21.85
N ASN G 47 -0.27 12.14 21.85
CA ASN G 47 -1.05 12.28 23.08
C ASN G 47 -1.94 11.09 23.34
N ALA G 48 -1.71 9.96 22.66
CA ALA G 48 -2.51 8.76 22.83
C ALA G 48 -1.71 7.74 23.62
N SER G 49 -2.25 7.32 24.78
CA SER G 49 -1.61 6.35 25.66
C SER G 49 -2.53 5.15 25.80
N PHE G 50 -2.16 4.05 25.17
CA PHE G 50 -2.98 2.85 25.12
C PHE G 50 -2.38 1.75 26.00
N LYS G 51 -3.26 1.03 26.69
CA LYS G 51 -2.92 -0.13 27.47
C LYS G 51 -3.50 -1.36 26.80
N ILE G 52 -2.69 -2.41 26.70
CA ILE G 52 -3.03 -3.64 26.00
C ILE G 52 -2.95 -4.78 27.00
N SER G 53 -3.99 -5.62 27.01
CA SER G 53 -4.06 -6.80 27.86
C SER G 53 -4.56 -7.97 27.04
N PHE G 54 -4.24 -9.18 27.51
CA PHE G 54 -4.66 -10.41 26.86
C PHE G 54 -5.39 -11.26 27.89
N ASP G 55 -6.64 -11.62 27.61
CA ASP G 55 -7.37 -12.47 28.54
C ASP G 55 -8.51 -13.16 27.81
N ASP G 56 -9.45 -13.72 28.56
CA ASP G 56 -10.50 -14.57 28.01
C ASP G 56 -11.88 -13.97 28.25
N ILE G 57 -12.03 -12.69 27.97
CA ILE G 57 -13.30 -11.98 28.15
C ILE G 57 -13.70 -11.36 26.82
N ALA G 58 -14.97 -11.55 26.43
CA ALA G 58 -15.51 -10.98 25.21
C ALA G 58 -16.27 -9.71 25.56
N VAL G 59 -15.89 -8.60 24.94
CA VAL G 59 -16.52 -7.31 25.19
C VAL G 59 -17.15 -6.70 23.94
N LEU G 60 -16.78 -7.16 22.75
CA LEU G 60 -17.40 -6.72 21.51
C LEU G 60 -17.79 -7.94 20.68
N LEU G 61 -18.91 -7.80 19.97
CA LEU G 61 -19.43 -8.86 19.12
C LEU G 61 -19.72 -8.30 17.73
N PRO G 62 -19.51 -9.09 16.68
CA PRO G 62 -19.75 -8.59 15.31
C PRO G 62 -21.20 -8.23 15.05
N GLU G 63 -22.14 -8.79 15.79
CA GLU G 63 -23.55 -8.49 15.63
C GLU G 63 -23.99 -7.30 16.46
N TYR G 64 -23.04 -6.58 17.06
CA TYR G 64 -23.35 -5.42 17.87
C TYR G 64 -22.51 -4.19 17.58
N ASP G 65 -21.33 -4.31 16.98
CA ASP G 65 -20.47 -3.17 16.75
C ASP G 65 -19.79 -3.30 15.39
N VAL G 66 -18.78 -2.46 15.17
CA VAL G 66 -18.20 -2.25 13.84
C VAL G 66 -17.16 -3.32 13.56
N ILE G 67 -17.24 -3.93 12.38
CA ILE G 67 -16.27 -4.89 11.90
C ILE G 67 -15.33 -4.15 10.96
N ILE G 68 -14.19 -3.69 11.48
CA ILE G 68 -13.24 -2.92 10.69
C ILE G 68 -12.59 -3.85 9.68
N GLN G 69 -12.75 -3.51 8.39
CA GLN G 69 -12.16 -4.26 7.29
C GLN G 69 -11.18 -3.46 6.46
N HIS G 70 -11.35 -2.14 6.38
CA HIS G 70 -10.50 -1.27 5.59
C HIS G 70 -10.06 -0.09 6.45
N PRO G 71 -8.85 0.43 6.21
CA PRO G 71 -8.39 1.58 7.00
C PRO G 71 -9.28 2.80 6.87
N ALA G 72 -10.02 2.94 5.76
CA ALA G 72 -11.00 4.02 5.66
C ALA G 72 -12.10 3.86 6.70
N ASP G 73 -12.53 2.61 6.92
CA ASP G 73 -13.55 2.34 7.93
C ASP G 73 -13.05 2.59 9.34
N MET G 74 -11.73 2.67 9.54
CA MET G 74 -11.19 2.91 10.87
C MET G 74 -11.65 4.25 11.45
N SER G 75 -12.04 5.19 10.59
CA SER G 75 -12.38 6.53 11.04
C SER G 75 -13.62 6.57 11.94
N TRP G 76 -14.40 5.50 11.99
CA TRP G 76 -15.60 5.45 12.80
C TRP G 76 -15.36 4.96 14.23
N CYS G 77 -14.11 4.72 14.62
CA CYS G 77 -13.82 4.14 15.92
C CYS G 77 -13.39 5.16 16.97
N SER G 78 -12.92 6.34 16.56
CA SER G 78 -12.36 7.30 17.50
C SER G 78 -12.87 8.71 17.19
N LYS G 79 -12.65 9.60 18.16
CA LYS G 79 -12.96 11.02 18.01
C LYS G 79 -11.73 11.88 17.78
N SER G 80 -10.53 11.32 17.88
CA SER G 80 -9.29 12.08 17.76
C SER G 80 -8.44 11.50 16.64
N ASP G 81 -7.88 12.38 15.81
CA ASP G 81 -7.03 11.94 14.70
C ASP G 81 -5.76 11.27 15.21
N ASP G 82 -5.24 11.74 16.35
CA ASP G 82 -4.02 11.15 16.91
C ASP G 82 -4.24 9.69 17.27
N GLN G 83 -5.39 9.37 17.88
CA GLN G 83 -5.67 7.99 18.26
C GLN G 83 -5.83 7.10 17.03
N ILE G 84 -6.49 7.61 15.99
CA ILE G 84 -6.64 6.83 14.77
C ILE G 84 -5.28 6.58 14.12
N TRP G 85 -4.44 7.61 14.07
CA TRP G 85 -3.11 7.46 13.50
C TRP G 85 -2.29 6.44 14.27
N LEU G 86 -2.35 6.48 15.61
CA LEU G 86 -1.61 5.52 16.41
C LEU G 86 -2.14 4.10 16.20
N SER G 87 -3.46 3.95 16.09
CA SER G 87 -4.03 2.63 15.88
C SER G 87 -3.57 2.03 14.55
N GLN G 88 -3.66 2.82 13.48
CA GLN G 88 -3.20 2.34 12.18
C GLN G 88 -1.70 2.06 12.19
N TRP G 89 -0.93 2.94 12.85
CA TRP G 89 0.50 2.76 13.01
C TRP G 89 0.82 1.41 13.64
N PHE G 90 0.15 1.09 14.75
CA PHE G 90 0.41 -0.16 15.44
C PHE G 90 -0.01 -1.36 14.60
N MET G 91 -1.18 -1.28 13.95
CA MET G 91 -1.64 -2.43 13.18
C MET G 91 -0.74 -2.72 11.99
N ASN G 92 -0.23 -1.67 11.33
CA ASN G 92 0.70 -1.90 10.23
C ASN G 92 2.09 -2.31 10.72
N ALA G 93 2.46 -1.90 11.93
CA ALA G 93 3.73 -2.36 12.50
C ALA G 93 3.67 -3.85 12.83
N VAL G 94 2.53 -4.30 13.37
CA VAL G 94 2.36 -5.72 13.66
C VAL G 94 2.37 -6.54 12.38
N GLY G 95 1.87 -5.99 11.28
CA GLY G 95 1.88 -6.72 10.02
C GLY G 95 0.56 -7.38 9.68
N HIS G 96 -0.53 -6.62 9.79
CA HIS G 96 -1.85 -7.11 9.42
C HIS G 96 -2.22 -6.65 8.02
N ASP G 97 -2.64 -7.59 7.18
CA ASP G 97 -3.13 -7.30 5.83
C ASP G 97 -4.64 -7.12 5.91
N TRP G 98 -5.10 -5.89 5.67
CA TRP G 98 -6.49 -5.55 5.93
C TRP G 98 -7.44 -6.34 5.04
N TYR G 99 -7.12 -6.48 3.76
CA TYR G 99 -8.00 -7.12 2.80
C TYR G 99 -7.65 -8.58 2.54
N LEU G 100 -6.89 -9.22 3.44
CA LEU G 100 -6.55 -10.62 3.26
C LEU G 100 -6.71 -11.45 4.53
N ASP G 101 -6.84 -10.85 5.71
CA ASP G 101 -6.94 -11.56 6.96
C ASP G 101 -8.26 -11.24 7.65
N PRO G 102 -8.72 -12.09 8.57
CA PRO G 102 -9.99 -11.82 9.23
C PRO G 102 -9.97 -10.50 9.95
N PRO G 103 -11.09 -9.80 9.98
CA PRO G 103 -11.11 -8.41 10.50
C PRO G 103 -11.01 -8.38 12.02
N PHE G 104 -11.06 -7.17 12.56
CA PHE G 104 -11.12 -6.97 14.00
C PHE G 104 -12.25 -6.00 14.29
N LEU G 105 -12.60 -5.88 15.57
CA LEU G 105 -13.83 -5.22 15.98
C LEU G 105 -13.53 -3.93 16.74
N CYS G 106 -14.36 -2.92 16.51
CA CYS G 106 -14.22 -1.62 17.14
C CYS G 106 -15.60 -1.03 17.42
N ARG G 107 -15.63 -0.08 18.35
CA ARG G 107 -16.85 0.60 18.76
C ARG G 107 -17.01 1.93 18.03
N ASN G 108 -18.24 2.27 17.68
CA ASN G 108 -18.49 3.50 16.95
C ASN G 108 -18.52 4.70 17.88
N ARG G 109 -18.12 5.84 17.34
CA ARG G 109 -17.89 7.05 18.15
C ARG G 109 -19.14 7.56 18.86
N THR G 110 -20.33 7.23 18.36
CA THR G 110 -21.55 7.84 18.88
C THR G 110 -22.01 7.16 20.17
N LYS G 111 -21.11 7.04 21.14
CA LYS G 111 -21.43 6.50 22.45
C LYS G 111 -20.57 7.19 23.48
N THR G 112 -21.13 7.38 24.68
CA THR G 112 -20.42 8.02 25.77
C THR G 112 -19.59 7.05 26.59
N GLU G 113 -19.29 5.86 26.04
CA GLU G 113 -18.53 4.86 26.79
C GLU G 113 -17.05 5.18 26.80
N GLY G 114 -16.42 5.21 25.64
CA GLY G 114 -14.99 5.45 25.54
C GLY G 114 -14.45 4.84 24.26
N PHE G 115 -13.19 4.41 24.35
CA PHE G 115 -12.48 3.81 23.23
C PHE G 115 -12.01 2.42 23.64
N ILE G 116 -12.37 1.41 22.86
CA ILE G 116 -11.94 0.04 23.10
C ILE G 116 -11.81 -0.64 21.74
N PHE G 117 -10.72 -1.38 21.53
CA PHE G 117 -10.70 -2.23 20.34
C PHE G 117 -10.10 -3.59 20.67
N GLN G 118 -10.68 -4.62 20.05
CA GLN G 118 -10.43 -6.02 20.41
C GLN G 118 -9.98 -6.79 19.19
N VAL G 119 -8.99 -7.67 19.39
CA VAL G 119 -8.46 -8.54 18.35
C VAL G 119 -8.54 -9.98 18.82
N ASN G 120 -8.91 -10.89 17.92
CA ASN G 120 -8.95 -12.31 18.20
C ASN G 120 -7.63 -12.94 17.79
N THR G 121 -6.90 -13.49 18.76
CA THR G 121 -5.66 -14.20 18.50
C THR G 121 -5.66 -15.55 19.22
N SER G 122 -6.78 -16.26 19.10
CA SER G 122 -6.91 -17.56 19.74
C SER G 122 -5.98 -18.57 19.08
N LYS G 123 -5.76 -19.69 19.78
CA LYS G 123 -4.80 -20.68 19.32
C LYS G 123 -5.49 -21.99 18.94
N THR G 124 -6.58 -21.90 18.20
CA THR G 124 -7.31 -23.09 17.76
C THR G 124 -8.01 -22.78 16.44
N GLY G 125 -8.47 -23.85 15.78
CA GLY G 125 -9.23 -23.75 14.55
C GLY G 125 -8.44 -23.10 13.45
N ILE G 126 -9.15 -22.39 12.57
CA ILE G 126 -8.50 -21.64 11.51
C ILE G 126 -7.64 -20.53 12.09
N ASN G 127 -8.17 -19.81 13.09
CA ASN G 127 -7.47 -18.66 13.64
C ASN G 127 -6.09 -19.03 14.16
N GLU G 128 -5.89 -20.30 14.51
CA GLU G 128 -4.55 -20.77 14.82
C GLU G 128 -3.51 -20.11 13.93
N ASN G 129 -3.69 -20.22 12.61
CA ASN G 129 -2.68 -19.70 11.70
C ASN G 129 -2.47 -18.20 11.93
N TYR G 130 -3.56 -17.43 11.97
CA TYR G 130 -3.43 -16.01 12.25
C TYR G 130 -2.67 -15.78 13.55
N ALA G 131 -2.94 -16.61 14.57
CA ALA G 131 -2.26 -16.48 15.85
C ALA G 131 -0.75 -16.50 15.67
N LYS G 132 -0.25 -17.34 14.79
CA LYS G 132 1.16 -17.30 14.46
C LYS G 132 1.56 -15.90 14.00
N LYS G 133 0.98 -15.43 12.90
CA LYS G 133 1.43 -14.17 12.33
C LYS G 133 1.50 -13.10 13.41
N PHE G 134 0.35 -12.77 14.01
CA PHE G 134 0.33 -11.71 15.01
C PHE G 134 1.40 -11.97 16.07
N LYS G 135 1.46 -13.20 16.56
CA LYS G 135 2.49 -13.54 17.54
C LYS G 135 3.84 -12.96 17.12
N THR G 136 4.34 -13.42 15.98
CA THR G 136 5.67 -12.97 15.55
C THR G 136 5.75 -11.45 15.57
N GLY G 137 4.71 -10.79 15.08
CA GLY G 137 4.68 -9.34 15.12
C GLY G 137 5.12 -8.80 16.47
N MET G 138 4.39 -9.15 17.53
CA MET G 138 4.73 -8.62 18.85
C MET G 138 6.12 -9.05 19.29
N HIS G 139 6.56 -10.23 18.84
CA HIS G 139 7.90 -10.70 19.17
C HIS G 139 8.99 -9.80 18.63
N HIS G 140 8.71 -9.02 17.59
CA HIS G 140 9.72 -8.17 16.97
C HIS G 140 9.66 -6.73 17.44
N LEU G 141 8.80 -6.38 18.39
CA LEU G 141 8.69 -5.01 18.87
C LEU G 141 9.08 -4.86 20.33
N TYR G 142 8.56 -5.69 21.23
CA TYR G 142 8.76 -5.47 22.65
C TYR G 142 10.08 -6.00 23.18
N ARG G 143 10.91 -6.62 22.32
CA ARG G 143 12.21 -7.16 22.69
C ARG G 143 12.03 -8.34 23.65
N GLU G 144 10.79 -8.61 24.03
CA GLU G 144 10.40 -9.74 24.86
C GLU G 144 8.91 -9.97 24.62
N TYR G 145 8.39 -11.03 25.23
CA TYR G 145 6.97 -11.28 25.09
C TYR G 145 6.47 -12.12 26.25
N PRO G 146 6.02 -11.51 27.34
CA PRO G 146 5.40 -12.29 28.41
C PRO G 146 4.04 -12.82 27.98
N ASP G 147 4.05 -13.85 27.14
CA ASP G 147 2.80 -14.39 26.61
C ASP G 147 1.90 -14.87 27.74
N SER G 148 0.63 -14.47 27.67
CA SER G 148 -0.30 -14.70 28.76
C SER G 148 -1.56 -15.44 28.30
N CYS G 149 -1.44 -16.26 27.25
CA CYS G 149 -2.55 -17.10 26.85
C CYS G 149 -2.02 -18.36 26.18
N LEU G 150 -2.42 -19.51 26.71
CA LEU G 150 -1.99 -20.81 26.25
C LEU G 150 -2.94 -21.31 25.17
N ASP G 151 -2.93 -22.60 24.89
CA ASP G 151 -3.77 -23.25 23.89
C ASP G 151 -5.26 -23.26 24.25
N GLY G 152 -5.68 -22.53 25.30
CA GLY G 152 -7.07 -22.47 25.69
C GLY G 152 -8.01 -22.02 24.58
N LYS G 153 -9.32 -22.07 24.86
CA LYS G 153 -10.30 -21.88 23.80
C LYS G 153 -10.20 -20.49 23.17
N LEU G 154 -10.03 -19.45 23.98
CA LEU G 154 -9.98 -18.09 23.47
C LEU G 154 -8.79 -17.36 24.04
N CYS G 155 -8.22 -16.46 23.23
CA CYS G 155 -7.18 -15.52 23.67
C CYS G 155 -7.50 -14.19 22.99
N LEU G 156 -8.27 -13.36 23.69
CA LEU G 156 -8.70 -12.08 23.15
C LEU G 156 -7.82 -10.96 23.68
N MET G 157 -7.33 -10.12 22.77
CA MET G 157 -6.52 -8.97 23.12
C MET G 157 -7.41 -7.73 23.12
N LYS G 158 -7.34 -6.95 24.20
CA LYS G 158 -8.10 -5.72 24.32
C LYS G 158 -7.17 -4.55 24.52
N ALA G 159 -7.46 -3.44 23.84
CA ALA G 159 -6.70 -2.20 23.98
C ALA G 159 -7.65 -1.08 24.35
N GLN G 160 -7.27 -0.32 25.38
CA GLN G 160 -8.08 0.72 26.00
C GLN G 160 -7.19 1.86 26.46
N PRO G 161 -7.62 3.12 26.31
CA PRO G 161 -6.74 4.24 26.67
C PRO G 161 -6.80 4.61 28.14
N THR G 162 -5.64 4.62 28.79
CA THR G 162 -5.53 4.98 30.20
C THR G 162 -4.42 6.00 30.37
N SER G 163 -4.28 6.50 31.59
CA SER G 163 -3.19 7.42 31.91
C SER G 163 -1.87 6.68 31.91
N TRP G 164 -0.78 7.43 31.74
CA TRP G 164 0.55 6.86 31.66
C TRP G 164 1.13 6.66 33.06
N PRO G 165 1.39 5.43 33.48
CA PRO G 165 2.00 5.22 34.80
C PRO G 165 3.41 5.81 34.84
N LEU G 166 3.77 6.37 36.00
CA LEU G 166 5.09 6.95 36.19
C LEU G 166 6.07 5.95 36.81
N GLN G 167 6.13 4.74 36.25
CA GLN G 167 7.10 3.75 36.69
C GLN G 167 7.68 2.92 35.55
N CYS G 168 7.25 3.14 34.31
CA CYS G 168 7.64 2.26 33.22
C CYS G 168 9.13 2.37 32.93
N PRO G 169 9.84 1.25 32.73
CA PRO G 169 11.22 1.33 32.25
C PRO G 169 11.26 2.00 30.89
N LEU G 170 12.28 2.85 30.70
CA LEU G 170 12.38 3.67 29.49
C LEU G 170 13.15 2.90 28.42
N ASP G 171 12.50 1.85 27.92
CA ASP G 171 13.09 1.06 26.83
C ASP G 171 13.18 1.88 25.56
N HIS G 172 14.18 1.56 24.75
CA HIS G 172 14.38 2.26 23.48
C HIS G 172 14.59 1.34 22.28
N VAL G 173 14.94 0.07 22.49
CA VAL G 173 15.03 -0.85 21.36
C VAL G 173 13.67 -0.99 20.69
N ASN G 174 12.61 -0.99 21.48
CA ASN G 174 11.26 -1.02 20.93
C ASN G 174 10.98 0.21 20.08
N THR G 175 11.41 1.39 20.56
CA THR G 175 11.23 2.60 19.78
C THR G 175 11.96 2.50 18.44
N LEU G 176 13.19 1.97 18.47
CA LEU G 176 13.96 1.83 17.24
C LEU G 176 13.24 0.90 16.27
N HIS G 177 12.74 -0.24 16.75
CA HIS G 177 12.06 -1.17 15.86
C HIS G 177 10.75 -0.60 15.32
N PHE G 178 10.02 0.12 16.17
CA PHE G 178 8.79 0.78 15.74
C PHE G 178 9.06 1.74 14.60
N LEU G 179 10.03 2.63 14.78
CA LEU G 179 10.36 3.60 13.74
C LEU G 179 10.94 2.94 12.51
N THR G 180 11.63 1.80 12.70
CA THR G 180 12.27 1.13 11.57
C THR G 180 11.24 0.46 10.67
N ARG G 181 10.26 -0.23 11.26
CA ARG G 181 9.36 -1.06 10.46
C ARG G 181 8.50 -0.20 9.54
N GLY G 182 7.70 0.69 10.11
CA GLY G 182 6.81 1.50 9.30
C GLY G 182 7.47 2.75 8.74
N LYS G 183 6.92 3.24 7.64
CA LYS G 183 7.47 4.39 6.93
C LYS G 183 6.38 5.44 6.71
N ASN G 184 6.80 6.59 6.16
CA ASN G 184 5.92 7.74 5.93
C ASN G 184 5.24 8.17 7.22
N ILE G 185 6.02 8.25 8.30
CA ILE G 185 5.52 8.61 9.62
C ILE G 185 6.27 9.83 10.11
N GLN G 186 5.53 10.88 10.44
CA GLN G 186 6.10 12.12 10.97
C GLN G 186 5.67 12.29 12.41
N LEU G 187 6.64 12.42 13.31
CA LEU G 187 6.38 12.55 14.73
C LEU G 187 6.26 14.02 15.11
N PRO G 188 5.18 14.40 15.80
CA PRO G 188 4.96 15.81 16.10
C PRO G 188 5.67 16.27 17.37
N ARG G 189 5.47 17.53 17.72
CA ARG G 189 5.95 18.07 18.99
C ARG G 189 4.77 18.42 19.88
N ALA H 1 29.52 20.03 13.03
CA ALA H 1 28.52 19.33 12.23
C ALA H 1 28.13 18.01 12.88
N PHE H 2 28.34 16.91 12.16
CA PHE H 2 28.00 15.57 12.63
C PHE H 2 29.26 14.72 12.73
N PHE H 3 29.07 13.42 13.00
CA PHE H 3 30.18 12.54 13.33
C PHE H 3 30.84 12.03 12.05
N SER H 4 31.72 12.86 11.49
CA SER H 4 32.62 12.46 10.42
C SER H 4 34.00 13.05 10.68
N TRP H 5 34.45 12.96 11.93
CA TRP H 5 35.69 13.61 12.36
C TRP H 5 36.88 13.09 11.58
N SER H 6 37.60 13.99 10.92
CA SER H 6 38.88 13.67 10.30
C SER H 6 40.03 13.96 11.25
N LEU H 7 39.95 13.40 12.46
CA LEU H 7 40.93 13.62 13.53
C LEU H 7 41.11 15.10 13.82
N GLY H 17 40.75 16.56 25.58
CA GLY H 17 41.69 16.26 24.52
C GLY H 17 41.04 15.53 23.35
N GLY H 18 39.77 15.82 23.12
CA GLY H 18 39.02 15.17 22.07
C GLY H 18 37.54 15.19 22.40
N TYR H 19 36.83 14.18 21.88
CA TYR H 19 35.40 14.08 22.13
C TYR H 19 35.15 13.82 23.61
N CYS H 20 34.20 14.55 24.18
CA CYS H 20 33.87 14.42 25.59
C CYS H 20 32.36 14.35 25.72
N LEU H 21 31.90 13.69 26.78
CA LEU H 21 30.48 13.58 27.07
C LEU H 21 30.21 14.05 28.50
N GLU H 22 29.09 14.75 28.68
CA GLU H 22 28.79 15.42 29.94
C GLU H 22 27.75 14.64 30.74
N GLU H 23 27.24 15.28 31.80
CA GLU H 23 26.43 14.59 32.80
C GLU H 23 25.19 13.94 32.19
N TRP H 24 24.41 14.70 31.42
CA TRP H 24 23.14 14.19 30.95
C TRP H 24 23.28 13.08 29.91
N MET H 25 24.49 12.66 29.58
CA MET H 25 24.71 11.48 28.77
C MET H 25 25.08 10.25 29.60
N LEU H 26 25.95 10.41 30.60
CA LEU H 26 26.42 9.28 31.40
C LEU H 26 25.54 9.07 32.62
N VAL H 27 25.40 7.81 33.02
CA VAL H 27 24.61 7.48 34.20
C VAL H 27 25.30 7.90 35.48
N ALA H 28 26.63 8.06 35.45
CA ALA H 28 27.37 8.46 36.65
C ALA H 28 27.30 9.96 36.90
N ALA H 29 26.69 10.72 36.00
CA ALA H 29 26.54 12.17 36.14
C ALA H 29 27.89 12.86 36.30
N LYS H 30 28.73 12.68 35.29
CA LYS H 30 30.05 13.30 35.26
C LYS H 30 30.43 13.51 33.80
N MET H 31 31.69 13.86 33.56
CA MET H 31 32.18 14.15 32.22
C MET H 31 33.42 13.30 31.95
N LYS H 32 33.41 12.57 30.84
CA LYS H 32 34.53 11.72 30.44
C LYS H 32 34.97 12.09 29.03
N CYS H 33 36.28 12.12 28.82
CA CYS H 33 36.85 12.45 27.52
C CYS H 33 37.61 11.25 26.97
N PHE H 34 37.46 11.03 25.66
CA PHE H 34 38.11 9.93 24.97
C PHE H 34 39.17 10.48 24.02
N GLY H 35 40.28 9.75 23.91
CA GLY H 35 41.35 10.17 23.03
C GLY H 35 40.93 10.17 21.58
N ASN H 36 41.53 11.08 20.81
CA ASN H 36 41.17 11.21 19.40
C ASN H 36 41.50 9.93 18.62
N THR H 37 42.61 9.28 18.97
CA THR H 37 42.97 8.03 18.31
C THR H 37 41.92 6.96 18.57
N ALA H 38 41.42 6.86 19.80
CA ALA H 38 40.39 5.88 20.12
C ALA H 38 39.09 6.20 19.40
N VAL H 39 38.71 7.48 19.37
CA VAL H 39 37.44 7.86 18.76
C VAL H 39 37.46 7.65 17.25
N ALA H 40 38.61 7.89 16.62
CA ALA H 40 38.69 7.83 15.17
C ALA H 40 38.51 6.41 14.63
N LYS H 41 38.52 5.40 15.50
CA LYS H 41 38.49 4.01 15.05
C LYS H 41 37.14 3.61 14.46
N CYS H 42 36.12 4.47 14.57
CA CYS H 42 34.81 4.16 14.00
C CYS H 42 34.29 5.33 13.17
N ASN H 43 35.17 6.03 12.48
CA ASN H 43 34.72 7.03 11.52
C ASN H 43 34.24 6.39 10.22
N LEU H 44 34.48 5.09 10.04
CA LEU H 44 34.00 4.36 8.88
C LEU H 44 33.41 3.00 9.23
N ASN H 45 33.40 2.63 10.51
CA ASN H 45 32.88 1.33 10.92
C ASN H 45 31.36 1.39 11.04
N HIS H 46 30.68 0.40 10.46
CA HIS H 46 29.23 0.29 10.53
C HIS H 46 28.78 -0.92 11.33
N ASP H 47 29.60 -1.36 12.29
CA ASP H 47 29.30 -2.57 13.04
C ASP H 47 29.62 -2.43 14.52
N SER H 48 29.46 -1.23 15.08
CA SER H 48 29.80 -0.97 16.47
C SER H 48 28.62 -0.29 17.16
N GLU H 49 28.03 -0.97 18.15
CA GLU H 49 26.88 -0.42 18.87
C GLU H 49 27.22 0.89 19.57
N PHE H 50 28.44 1.01 20.10
CA PHE H 50 28.82 2.23 20.81
C PHE H 50 28.73 3.44 19.90
N CYS H 51 29.21 3.33 18.66
CA CYS H 51 29.28 4.50 17.81
C CYS H 51 27.91 4.87 17.24
N ASP H 52 26.99 3.92 17.10
CA ASP H 52 25.63 4.28 16.72
C ASP H 52 24.95 5.12 17.79
N MET H 53 25.09 4.71 19.05
CA MET H 53 24.55 5.51 20.14
C MET H 53 25.24 6.86 20.23
N LEU H 54 26.55 6.91 19.96
CA LEU H 54 27.26 8.18 19.94
C LEU H 54 26.71 9.11 18.87
N ARG H 55 26.39 8.58 17.69
CA ARG H 55 25.78 9.40 16.65
C ARG H 55 24.41 9.92 17.08
N LEU H 56 23.62 9.08 17.74
CA LEU H 56 22.34 9.53 18.27
C LEU H 56 22.50 10.70 19.23
N PHE H 57 23.45 10.58 20.16
CA PHE H 57 23.68 11.65 21.12
C PHE H 57 24.19 12.91 20.43
N ASP H 58 25.00 12.77 19.38
CA ASP H 58 25.44 13.94 18.63
C ASP H 58 24.28 14.63 17.95
N TYR H 59 23.34 13.86 17.39
CA TYR H 59 22.15 14.47 16.79
C TYR H 59 21.34 15.21 17.84
N ASN H 60 21.20 14.64 19.04
CA ASN H 60 20.50 15.35 20.10
C ASN H 60 21.18 16.67 20.43
N LYS H 61 22.51 16.65 20.56
CA LYS H 61 23.23 17.87 20.92
C LYS H 61 23.08 18.94 19.84
N ASN H 62 23.18 18.54 18.57
CA ASN H 62 23.03 19.53 17.51
C ASN H 62 21.60 20.04 17.39
N ALA H 63 20.60 19.21 17.73
CA ALA H 63 19.23 19.71 17.79
C ALA H 63 19.10 20.77 18.88
N ILE H 64 19.72 20.53 20.03
CA ILE H 64 19.73 21.55 21.09
C ILE H 64 20.35 22.84 20.58
N LYS H 65 21.49 22.73 19.89
CA LYS H 65 22.17 23.93 19.39
C LYS H 65 21.30 24.68 18.38
N THR H 66 20.63 23.96 17.48
CA THR H 66 19.78 24.61 16.50
C THR H 66 18.57 25.27 17.14
N LEU H 67 17.98 24.65 18.16
CA LEU H 67 16.91 25.30 18.91
C LEU H 67 17.41 26.58 19.58
N ASN H 68 18.63 26.54 20.13
CA ASN H 68 19.21 27.75 20.71
C ASN H 68 19.41 28.82 19.65
N ASP H 69 19.83 28.42 18.44
CA ASP H 69 19.94 29.35 17.33
C ASP H 69 18.59 29.91 16.90
N GLU H 70 17.50 29.24 17.28
CA GLU H 70 16.14 29.69 16.98
C GLU H 70 15.91 29.75 15.46
N THR H 71 16.18 28.64 14.79
CA THR H 71 15.89 28.57 13.36
C THR H 71 14.39 28.58 13.10
N LYS H 72 13.59 28.07 14.04
CA LYS H 72 12.13 28.10 13.99
C LYS H 72 11.55 27.35 12.80
N LYS H 73 12.34 26.49 12.16
CA LYS H 73 11.85 25.66 11.06
C LYS H 73 11.06 24.51 11.66
N GLN H 74 9.73 24.68 11.72
CA GLN H 74 8.86 23.64 12.27
C GLN H 74 8.74 22.51 11.26
N VAL H 75 9.78 21.67 11.24
CA VAL H 75 9.85 20.51 10.35
C VAL H 75 9.61 19.27 11.18
N ASN H 76 8.53 18.55 10.88
CA ASN H 76 8.21 17.33 11.62
C ASN H 76 9.25 16.25 11.33
N LEU H 77 9.69 15.57 12.38
CA LEU H 77 10.67 14.51 12.23
C LEU H 77 10.06 13.31 11.51
N MET H 78 10.85 12.66 10.67
CA MET H 78 10.47 11.43 10.02
C MET H 78 11.26 10.25 10.60
N GLY H 79 10.69 9.05 10.48
CA GLY H 79 11.43 7.87 10.87
C GLY H 79 12.64 7.61 10.01
N GLN H 80 12.69 8.20 8.82
CA GLN H 80 13.80 7.98 7.90
C GLN H 80 15.10 8.52 8.48
N THR H 81 15.04 9.67 9.16
CA THR H 81 16.25 10.24 9.75
C THR H 81 16.85 9.31 10.80
N ILE H 82 15.99 8.75 11.67
CA ILE H 82 16.48 7.81 12.67
C ILE H 82 17.03 6.55 12.00
N ASN H 83 16.32 6.04 10.99
CA ASN H 83 16.81 4.88 10.27
C ASN H 83 18.12 5.14 9.55
N ALA H 84 18.44 6.40 9.26
CA ALA H 84 19.69 6.75 8.61
C ALA H 84 20.82 7.00 9.59
N LEU H 85 20.58 6.84 10.89
CA LEU H 85 21.62 6.98 11.91
C LEU H 85 21.96 5.67 12.60
N ILE H 86 21.00 4.75 12.73
CA ILE H 86 21.20 3.49 13.42
C ILE H 86 21.37 2.37 12.40
N SER H 87 22.34 1.50 12.62
CA SER H 87 22.55 0.36 11.73
C SER H 87 21.43 -0.65 11.91
N ASP H 88 20.41 -0.56 11.06
CA ASP H 88 19.25 -1.44 11.18
C ASP H 88 19.65 -2.91 11.00
N ASN H 89 20.71 -3.15 10.22
CA ASN H 89 21.22 -4.52 10.09
C ASN H 89 21.68 -5.05 11.45
N LEU H 90 22.37 -4.21 12.22
CA LEU H 90 22.84 -4.64 13.54
C LEU H 90 21.67 -4.90 14.49
N LEU H 91 20.65 -4.03 14.45
CA LEU H 91 19.47 -4.25 15.29
C LEU H 91 18.77 -5.55 14.92
N MET H 92 18.63 -5.84 13.63
CA MET H 92 18.01 -7.09 13.23
C MET H 92 18.85 -8.28 13.67
N LYS H 93 20.17 -8.16 13.59
CA LYS H 93 21.02 -9.25 14.07
C LYS H 93 20.83 -9.48 15.57
N ASN H 94 20.76 -8.39 16.35
CA ASN H 94 20.56 -8.53 17.79
C ASN H 94 19.21 -9.17 18.10
N LYS H 95 18.16 -8.77 17.38
CA LYS H 95 16.85 -9.37 17.62
C LYS H 95 16.84 -10.84 17.22
N ILE H 96 17.56 -11.19 16.15
CA ILE H 96 17.68 -12.60 15.77
C ILE H 96 18.37 -13.38 16.87
N ARG H 97 19.42 -12.80 17.45
CA ARG H 97 20.09 -13.45 18.57
C ARG H 97 19.14 -13.65 19.74
N GLU H 98 18.33 -12.64 20.06
CA GLU H 98 17.39 -12.75 21.17
C GLU H 98 16.37 -13.86 20.91
N LEU H 99 15.83 -13.93 19.71
CA LEU H 99 14.88 -14.98 19.38
C LEU H 99 15.50 -16.37 19.42
N MET H 100 16.81 -16.47 19.21
CA MET H 100 17.50 -17.74 19.22
C MET H 100 18.08 -18.10 20.58
N SER H 101 17.82 -17.29 21.61
CA SER H 101 18.26 -17.56 22.98
C SER H 101 19.77 -17.67 23.07
N VAL H 102 20.45 -16.64 22.57
CA VAL H 102 21.91 -16.52 22.70
C VAL H 102 22.23 -15.14 23.22
N PRO H 103 23.40 -14.95 23.82
CA PRO H 103 23.71 -13.66 24.45
C PRO H 103 23.63 -12.49 23.47
N TYR H 104 23.18 -11.35 23.98
CA TYR H 104 23.08 -10.13 23.20
C TYR H 104 23.14 -8.94 24.16
N CYS H 105 23.16 -7.74 23.60
CA CYS H 105 23.21 -6.53 24.40
C CYS H 105 22.21 -5.51 23.90
N ASN H 106 21.84 -4.57 24.78
CA ASN H 106 20.73 -3.67 24.50
C ASN H 106 21.11 -2.20 24.67
N TYR H 107 22.37 -1.87 24.37
CA TYR H 107 22.84 -0.47 24.31
C TYR H 107 22.72 0.24 25.65
N THR H 108 23.23 -0.39 26.71
CA THR H 108 23.15 0.28 28.01
C THR H 108 24.49 0.31 28.73
N LYS H 109 25.27 -0.77 28.63
CA LYS H 109 26.50 -0.89 29.40
C LYS H 109 27.64 -1.34 28.49
N PHE H 110 28.77 -0.65 28.60
CA PHE H 110 29.95 -0.92 27.77
C PHE H 110 31.18 -0.97 28.66
N TRP H 111 32.18 -1.74 28.23
CA TRP H 111 33.40 -1.92 29.01
C TRP H 111 34.62 -1.79 28.12
N TYR H 112 35.74 -1.42 28.74
CA TYR H 112 36.99 -1.25 28.01
C TYR H 112 38.17 -1.50 28.93
N VAL H 113 39.31 -1.80 28.32
CA VAL H 113 40.57 -2.00 29.03
C VAL H 113 41.35 -0.69 28.99
N ASN H 114 41.83 -0.25 30.14
CA ASN H 114 42.48 1.04 30.31
C ASN H 114 43.97 0.84 30.53
N HIS H 115 44.76 1.76 29.99
CA HIS H 115 46.22 1.78 30.14
C HIS H 115 46.57 3.04 30.92
N THR H 116 46.89 2.86 32.21
CA THR H 116 47.01 3.99 33.11
C THR H 116 48.28 4.80 32.86
N LEU H 117 49.35 4.15 32.40
CA LEU H 117 50.64 4.82 32.31
C LEU H 117 50.60 6.00 31.35
N SER H 118 49.96 5.83 30.19
CA SER H 118 49.88 6.88 29.19
C SER H 118 48.45 7.31 28.89
N GLY H 119 47.47 6.79 29.63
CA GLY H 119 46.10 7.18 29.40
C GLY H 119 45.45 6.57 28.17
N GLN H 120 46.07 5.57 27.57
CA GLN H 120 45.52 4.93 26.38
C GLN H 120 44.53 3.85 26.77
N HIS H 121 43.42 3.78 26.02
CA HIS H 121 42.35 2.85 26.34
C HIS H 121 41.83 2.21 25.07
N SER H 122 41.21 1.05 25.22
CA SER H 122 40.59 0.37 24.10
C SER H 122 39.23 0.98 23.80
N LEU H 123 38.70 0.66 22.63
CA LEU H 123 37.35 1.09 22.27
C LEU H 123 36.34 0.23 23.01
N PRO H 124 35.37 0.82 23.70
CA PRO H 124 34.45 0.02 24.52
C PRO H 124 33.64 -0.97 23.70
N ARG H 125 33.41 -2.13 24.28
CA ARG H 125 32.56 -3.17 23.71
C ARG H 125 31.26 -3.24 24.50
N CYS H 126 30.36 -4.11 24.06
CA CYS H 126 29.02 -4.23 24.65
C CYS H 126 29.01 -5.39 25.63
N TRP H 127 28.67 -5.12 26.89
CA TRP H 127 28.61 -6.16 27.91
C TRP H 127 27.35 -6.97 27.70
N LEU H 128 27.50 -8.17 27.12
CA LEU H 128 26.37 -8.96 26.67
C LEU H 128 25.50 -9.43 27.83
N ILE H 129 24.22 -9.65 27.54
CA ILE H 129 23.24 -10.06 28.53
C ILE H 129 22.70 -11.43 28.14
N LYS H 130 21.99 -12.06 29.08
CA LYS H 130 21.30 -13.33 28.85
C LYS H 130 20.33 -13.57 29.99
N ASN H 131 19.10 -13.92 29.65
CA ASN H 131 18.07 -14.25 30.63
C ASN H 131 17.87 -13.11 31.63
N ASN H 132 17.87 -11.88 31.11
CA ASN H 132 17.73 -10.67 31.92
C ASN H 132 18.80 -10.61 33.01
N SER H 133 20.03 -10.99 32.66
CA SER H 133 21.17 -10.87 33.56
C SER H 133 22.38 -10.47 32.73
N TYR H 134 23.47 -10.15 33.41
CA TYR H 134 24.70 -9.72 32.78
C TYR H 134 25.73 -10.84 32.83
N LEU H 135 26.35 -11.13 31.68
CA LEU H 135 27.44 -12.11 31.66
C LEU H 135 28.54 -11.67 32.60
N ASN H 136 29.06 -12.60 33.39
CA ASN H 136 29.99 -12.28 34.45
C ASN H 136 31.41 -12.72 34.11
N ILE H 137 32.29 -12.57 35.09
CA ILE H 137 33.73 -12.63 34.85
C ILE H 137 34.14 -14.01 34.36
N SER H 138 33.60 -15.07 34.96
CA SER H 138 34.03 -16.42 34.64
C SER H 138 33.80 -16.77 33.18
N ASP H 139 32.78 -16.19 32.55
CA ASP H 139 32.54 -16.40 31.13
C ASP H 139 33.17 -15.34 30.24
N PHE H 140 33.41 -14.15 30.78
CA PHE H 140 33.99 -13.06 30.01
C PHE H 140 35.51 -13.01 30.10
N ARG H 141 36.14 -14.00 30.73
CA ARG H 141 37.58 -13.92 30.99
C ARG H 141 38.40 -13.88 29.70
N ASN H 142 38.02 -14.68 28.70
CA ASN H 142 38.90 -14.91 27.56
C ASN H 142 39.09 -13.67 26.67
N ASP H 143 38.43 -12.57 27.01
CA ASP H 143 38.47 -11.37 26.18
C ASP H 143 39.36 -10.26 26.73
N TRP H 144 39.45 -10.09 28.05
CA TRP H 144 40.24 -8.99 28.59
C TRP H 144 41.72 -9.17 28.27
N ILE H 145 42.23 -10.39 28.38
CA ILE H 145 43.65 -10.64 28.13
C ILE H 145 43.99 -10.33 26.67
N LEU H 146 43.14 -10.80 25.75
CA LEU H 146 43.35 -10.53 24.34
C LEU H 146 43.27 -9.04 24.07
N GLU H 147 42.31 -8.34 24.67
CA GLU H 147 42.17 -6.91 24.47
C GLU H 147 43.40 -6.17 24.97
N SER H 148 43.92 -6.55 26.13
CA SER H 148 45.10 -5.87 26.68
C SER H 148 46.34 -6.11 25.84
N ASP H 149 46.54 -7.35 25.38
CA ASP H 149 47.67 -7.63 24.51
C ASP H 149 47.56 -6.83 23.22
N PHE H 150 46.37 -6.78 22.64
CA PHE H 150 46.18 -6.00 21.43
C PHE H 150 46.42 -4.52 21.70
N LEU H 151 46.05 -4.03 22.89
CA LEU H 151 46.28 -2.64 23.24
C LEU H 151 47.77 -2.32 23.28
N ILE H 152 48.55 -3.17 23.93
CA ILE H 152 50.00 -2.93 24.02
C ILE H 152 50.63 -3.00 22.63
N SER H 153 50.23 -3.99 21.84
CA SER H 153 50.77 -4.10 20.48
C SER H 153 50.41 -2.87 19.66
N GLU H 154 49.18 -2.38 19.79
CA GLU H 154 48.75 -1.20 19.06
C GLU H 154 49.55 0.02 19.47
N MET H 155 49.82 0.18 20.77
CA MET H 155 50.62 1.32 21.22
C MET H 155 52.02 1.28 20.62
N LEU H 156 52.66 0.11 20.68
CA LEU H 156 54.01 -0.01 20.13
C LEU H 156 54.03 0.28 18.63
N SER H 157 53.07 -0.28 17.90
CA SER H 157 52.99 -0.05 16.46
C SER H 157 52.70 1.41 16.15
N LYS H 158 51.86 2.07 16.96
CA LYS H 158 51.55 3.47 16.74
C LYS H 158 52.79 4.34 16.90
N GLU H 159 53.59 4.07 17.95
CA GLU H 159 54.81 4.85 18.13
C GLU H 159 55.79 4.59 16.99
N TYR H 160 55.92 3.33 16.56
CA TYR H 160 56.81 3.00 15.46
C TYR H 160 56.41 3.73 14.19
N SER H 161 55.11 3.76 13.90
CA SER H 161 54.64 4.47 12.70
C SER H 161 54.81 5.99 12.84
N ASP H 162 54.64 6.51 14.06
CA ASP H 162 54.80 7.94 14.29
C ASP H 162 56.23 8.37 13.97
N ARG H 163 57.22 7.59 14.41
CA ARG H 163 58.59 7.94 14.02
C ARG H 163 58.88 7.55 12.58
N GLN H 164 58.15 6.56 12.04
CA GLN H 164 58.34 6.15 10.66
C GLN H 164 58.00 7.27 9.69
N GLY H 165 56.92 7.99 9.96
CA GLY H 165 56.45 8.98 9.02
C GLY H 165 57.19 10.31 9.05
N LYS H 166 58.46 10.29 9.44
CA LYS H 166 59.22 11.55 9.52
C LYS H 166 60.61 11.44 8.90
N THR H 167 61.20 10.25 8.88
CA THR H 167 62.59 10.10 8.47
C THR H 167 62.69 9.37 7.14
N PRO H 168 63.42 9.92 6.16
CA PRO H 168 63.53 9.26 4.85
C PRO H 168 64.38 7.99 4.93
N LEU H 169 63.92 6.96 4.20
CA LEU H 169 64.63 5.69 4.18
C LEU H 169 66.00 5.82 3.51
N THR H 170 66.11 6.74 2.55
CA THR H 170 67.38 6.94 1.85
C THR H 170 68.48 7.35 2.82
N LEU H 171 68.15 8.23 3.77
CA LEU H 171 69.12 8.63 4.78
C LEU H 171 69.58 7.45 5.62
N VAL H 172 68.64 6.58 6.01
CA VAL H 172 68.99 5.40 6.79
C VAL H 172 69.93 4.51 6.01
N ASP H 173 69.62 4.28 4.74
CA ASP H 173 70.48 3.42 3.92
C ASP H 173 71.87 4.01 3.75
N ILE H 174 71.96 5.33 3.53
CA ILE H 174 73.24 5.99 3.40
C ILE H 174 74.05 5.84 4.68
N CYS H 175 73.40 6.02 5.83
CA CYS H 175 74.10 5.88 7.11
C CYS H 175 74.64 4.47 7.29
N PHE H 176 73.83 3.46 6.95
CA PHE H 176 74.26 2.08 7.10
C PHE H 176 75.46 1.76 6.21
N TRP H 177 75.41 2.21 4.95
CA TRP H 177 76.52 1.93 4.04
C TRP H 177 77.77 2.68 4.47
N SER H 178 77.62 3.91 4.97
CA SER H 178 78.77 4.63 5.49
C SER H 178 79.39 3.89 6.66
N THR H 179 78.55 3.33 7.54
CA THR H 179 79.07 2.58 8.68
C THR H 179 79.86 1.35 8.22
N VAL H 180 79.33 0.61 7.24
CA VAL H 180 80.05 -0.59 6.80
C VAL H 180 81.36 -0.22 6.13
N PHE H 181 81.37 0.88 5.36
CA PHE H 181 82.62 1.36 4.77
C PHE H 181 83.62 1.75 5.85
N PHE H 182 83.16 2.43 6.90
CA PHE H 182 84.03 2.81 8.00
C PHE H 182 84.65 1.59 8.66
N THR H 183 83.84 0.55 8.91
CA THR H 183 84.38 -0.65 9.54
C THR H 183 85.40 -1.34 8.66
N ALA H 184 85.12 -1.46 7.36
CA ALA H 184 86.07 -2.09 6.46
C ALA H 184 87.39 -1.33 6.45
N SER H 185 87.33 0.00 6.41
CA SER H 185 88.54 0.81 6.45
C SER H 185 89.27 0.63 7.79
N LEU H 186 88.51 0.48 8.88
CA LEU H 186 89.12 0.25 10.18
C LEU H 186 89.99 -1.01 10.17
N PHE H 187 89.41 -2.12 9.73
CA PHE H 187 90.20 -3.35 9.64
C PHE H 187 91.38 -3.18 8.68
N LEU H 188 91.12 -2.53 7.54
CA LEU H 188 92.13 -2.40 6.51
C LEU H 188 93.35 -1.63 7.02
N HIS H 189 93.11 -0.60 7.83
CA HIS H 189 94.21 0.10 8.50
C HIS H 189 94.83 -0.77 9.58
N LEU H 190 94.01 -1.57 10.28
CA LEU H 190 94.51 -2.38 11.38
C LEU H 190 95.57 -3.37 10.93
N VAL H 191 95.37 -4.03 9.79
CA VAL H 191 96.34 -5.03 9.34
C VAL H 191 97.55 -4.36 8.70
N GLY H 192 97.32 -3.46 7.75
CA GLY H 192 98.44 -2.80 7.10
C GLY H 192 99.03 -3.63 5.96
N ILE H 193 99.60 -2.96 4.96
CA ILE H 193 100.05 -3.63 3.74
C ILE H 193 101.54 -3.36 3.52
N PRO H 194 102.31 -4.35 3.07
CA PRO H 194 103.72 -4.07 2.73
C PRO H 194 103.83 -3.05 1.61
N THR H 195 104.88 -2.24 1.68
CA THR H 195 105.04 -1.10 0.77
C THR H 195 106.20 -1.24 -0.20
N HIS H 196 107.32 -1.83 0.21
CA HIS H 196 108.51 -1.84 -0.65
C HIS H 196 109.20 -3.19 -0.53
N ARG H 197 110.40 -3.29 -1.09
CA ARG H 197 111.17 -4.52 -1.11
C ARG H 197 112.43 -4.36 -0.28
N HIS H 198 112.80 -5.43 0.44
CA HIS H 198 114.05 -5.50 1.19
C HIS H 198 114.84 -6.71 0.71
N ILE H 199 116.14 -6.53 0.49
CA ILE H 199 117.01 -7.65 0.19
C ILE H 199 117.16 -8.50 1.46
N ARG H 200 117.05 -9.82 1.29
CA ARG H 200 117.14 -10.72 2.44
C ARG H 200 118.49 -10.56 3.15
N GLY H 201 118.43 -10.17 4.42
CA GLY H 201 119.62 -9.97 5.21
C GLY H 201 120.17 -8.55 5.23
N GLU H 202 119.62 -7.65 4.42
CA GLU H 202 120.09 -6.27 4.34
C GLU H 202 119.10 -5.33 5.04
N ALA H 203 119.51 -4.06 5.13
CA ALA H 203 118.70 -3.04 5.78
C ALA H 203 117.70 -2.46 4.78
N CYS H 204 117.03 -1.38 5.16
CA CYS H 204 116.03 -0.77 4.31
C CYS H 204 116.70 0.01 3.19
N PRO H 205 116.43 -0.32 1.92
CA PRO H 205 117.07 0.40 0.81
C PRO H 205 116.41 1.72 0.45
N LEU H 206 115.34 2.12 1.15
CA LEU H 206 114.66 3.36 0.82
C LEU H 206 115.57 4.56 1.07
N PRO H 207 115.41 5.64 0.30
CA PRO H 207 114.38 5.88 -0.73
C PRO H 207 114.67 5.18 -2.05
N HIS H 208 115.82 4.54 -2.20
CA HIS H 208 116.13 3.81 -3.43
C HIS H 208 115.19 2.62 -3.54
N ARG H 209 114.21 2.73 -4.43
CA ARG H 209 113.18 1.69 -4.58
C ARG H 209 113.70 0.62 -5.52
N LEU H 210 113.88 -0.59 -5.00
CA LEU H 210 114.43 -1.70 -5.77
C LEU H 210 113.39 -2.27 -6.71
N ASN H 211 113.88 -2.88 -7.79
CA ASN H 211 113.01 -3.57 -8.74
C ASN H 211 112.82 -5.02 -8.33
N SER H 212 112.21 -5.81 -9.21
CA SER H 212 112.04 -7.24 -8.95
C SER H 212 113.36 -7.99 -9.05
N LEU H 213 114.39 -7.39 -9.66
CA LEU H 213 115.67 -8.04 -9.85
C LEU H 213 116.62 -7.86 -8.66
N GLY H 214 116.26 -7.02 -7.70
CA GLY H 214 117.09 -6.78 -6.54
C GLY H 214 117.99 -5.57 -6.63
N GLY H 215 117.98 -4.84 -7.75
CA GLY H 215 118.79 -3.67 -7.92
C GLY H 215 117.95 -2.41 -8.07
N CYS H 216 118.64 -1.28 -8.25
CA CYS H 216 118.02 0.01 -8.43
C CYS H 216 118.49 0.63 -9.73
N ARG H 217 117.65 1.47 -10.32
CA ARG H 217 117.96 2.11 -11.59
C ARG H 217 118.81 3.37 -11.43
N CYS H 218 119.12 3.77 -10.19
CA CYS H 218 120.07 4.84 -9.95
C CYS H 218 121.50 4.36 -9.92
N GLY H 219 121.73 3.04 -9.95
CA GLY H 219 123.06 2.47 -9.95
C GLY H 219 123.61 2.13 -8.59
N LYS H 220 122.96 2.55 -7.51
CA LYS H 220 123.46 2.25 -6.17
C LYS H 220 123.39 0.76 -5.87
N TYR H 221 122.30 0.11 -6.26
CA TYR H 221 122.11 -1.31 -6.01
C TYR H 221 122.26 -2.09 -7.31
N PRO H 222 123.31 -2.88 -7.47
CA PRO H 222 123.51 -3.60 -8.74
C PRO H 222 122.49 -4.71 -8.92
N ASN H 223 122.23 -5.03 -10.18
CA ASN H 223 121.30 -6.09 -10.56
C ASN H 223 122.02 -7.44 -10.38
N LEU H 224 121.99 -7.94 -9.16
CA LEU H 224 122.64 -9.20 -8.81
C LEU H 224 121.65 -10.32 -8.54
N LYS H 225 120.37 -10.14 -8.89
CA LYS H 225 119.34 -11.14 -8.67
C LYS H 225 119.23 -11.53 -7.20
N LYS H 226 119.51 -10.59 -6.31
CA LYS H 226 119.45 -10.86 -4.88
C LYS H 226 118.00 -11.07 -4.45
N PRO H 227 117.77 -11.93 -3.45
CA PRO H 227 116.41 -12.19 -3.00
C PRO H 227 115.77 -10.94 -2.39
N THR H 228 114.48 -10.75 -2.70
CA THR H 228 113.72 -9.60 -2.24
C THR H 228 112.44 -10.07 -1.57
N VAL H 229 112.09 -9.43 -0.45
CA VAL H 229 110.89 -9.73 0.30
C VAL H 229 110.12 -8.43 0.50
N TRP H 230 108.80 -8.49 0.32
CA TRP H 230 107.97 -7.31 0.54
C TRP H 230 107.88 -6.99 2.02
N ARG H 231 108.07 -5.72 2.37
CA ARG H 231 107.99 -5.26 3.74
C ARG H 231 107.25 -3.93 3.79
N ARG H 232 106.63 -3.66 4.94
CA ARG H 232 105.92 -2.44 5.21
C ARG H 232 106.74 -1.44 6.01
N GLY H 233 107.22 -1.83 7.19
CA GLY H 233 108.06 -0.99 8.00
C GLY H 233 109.53 -1.06 7.61
N HIS H 234 110.33 -0.25 8.30
CA HIS H 234 111.76 -0.21 8.05
C HIS H 234 112.51 -1.17 8.96
N ILE I 1 -30.66 -12.54 18.30
CA ILE I 1 -30.04 -13.75 18.82
C ILE I 1 -31.02 -14.52 19.69
N GLN I 2 -31.67 -15.51 19.10
CA GLN I 2 -32.62 -16.32 19.85
C GLN I 2 -31.89 -17.26 20.82
N MET I 3 -32.57 -17.61 21.90
CA MET I 3 -32.06 -18.54 22.90
C MET I 3 -33.12 -19.58 23.20
N THR I 4 -32.67 -20.78 23.56
CA THR I 4 -33.57 -21.88 23.87
C THR I 4 -33.00 -22.68 25.03
N GLN I 5 -33.88 -23.33 25.77
CA GLN I 5 -33.51 -24.05 26.98
C GLN I 5 -33.93 -25.51 26.90
N SER I 6 -33.22 -26.35 27.65
CA SER I 6 -33.54 -27.76 27.73
C SER I 6 -33.18 -28.29 29.12
N PRO I 7 -34.11 -28.96 29.80
CA PRO I 7 -35.49 -29.24 29.40
C PRO I 7 -36.40 -28.08 29.78
N SER I 8 -37.71 -28.30 29.87
CA SER I 8 -38.63 -27.31 30.40
C SER I 8 -39.00 -27.57 31.86
N THR I 9 -39.26 -28.83 32.21
CA THR I 9 -39.55 -29.22 33.58
C THR I 9 -38.60 -30.33 33.99
N LEU I 10 -38.07 -30.24 35.20
CA LEU I 10 -37.11 -31.21 35.72
C LEU I 10 -37.53 -31.65 37.11
N SER I 11 -37.29 -32.93 37.41
CA SER I 11 -37.64 -33.52 38.69
C SER I 11 -36.37 -34.02 39.37
N ALA I 12 -36.24 -33.73 40.67
CA ALA I 12 -35.06 -34.12 41.42
C ALA I 12 -35.43 -34.17 42.90
N SER I 13 -34.51 -34.73 43.69
CA SER I 13 -34.67 -34.86 45.13
C SER I 13 -33.46 -34.25 45.83
N VAL I 14 -33.45 -34.37 47.16
CA VAL I 14 -32.37 -33.78 47.96
C VAL I 14 -31.06 -34.51 47.68
N GLY I 15 -29.99 -33.75 47.47
CA GLY I 15 -28.68 -34.31 47.23
C GLY I 15 -28.40 -34.68 45.79
N ASP I 16 -29.36 -34.51 44.90
CA ASP I 16 -29.16 -34.85 43.50
C ASP I 16 -28.29 -33.79 42.81
N ARG I 17 -27.69 -34.19 41.69
CA ARG I 17 -26.91 -33.29 40.85
C ARG I 17 -27.69 -33.03 39.56
N VAL I 18 -27.95 -31.75 39.27
CA VAL I 18 -28.86 -31.37 38.19
C VAL I 18 -28.13 -30.50 37.17
N THR I 19 -28.50 -30.67 35.90
CA THR I 19 -27.89 -29.96 34.79
C THR I 19 -28.96 -29.33 33.91
N ILE I 20 -28.68 -28.13 33.42
CA ILE I 20 -29.58 -27.38 32.55
C ILE I 20 -28.78 -26.91 31.34
N THR I 21 -29.33 -27.07 30.14
CA THR I 21 -28.62 -26.70 28.92
C THR I 21 -29.29 -25.51 28.26
N CYS I 22 -28.47 -24.61 27.72
CA CYS I 22 -28.93 -23.38 27.10
C CYS I 22 -28.21 -23.21 25.78
N ARG I 23 -28.95 -23.08 24.68
CA ARG I 23 -28.37 -22.97 23.35
C ARG I 23 -28.77 -21.65 22.71
N ALA I 24 -27.80 -20.94 22.15
CA ALA I 24 -28.05 -19.70 21.43
C ALA I 24 -28.03 -19.94 19.93
N SER I 25 -28.71 -19.06 19.20
CA SER I 25 -28.80 -19.21 17.74
C SER I 25 -27.42 -19.10 17.09
N GLN I 26 -26.63 -18.12 17.52
CA GLN I 26 -25.33 -17.86 16.93
C GLN I 26 -24.31 -17.63 18.04
N SER I 27 -23.04 -17.84 17.71
CA SER I 27 -21.98 -17.79 18.72
C SER I 27 -21.97 -16.44 19.43
N ILE I 28 -21.94 -16.50 20.76
CA ILE I 28 -21.89 -15.30 21.59
C ILE I 28 -20.71 -15.34 22.56
N ASP I 29 -19.72 -16.18 22.25
CA ASP I 29 -18.52 -16.33 23.08
C ASP I 29 -18.87 -16.74 24.50
N ASN I 30 -18.69 -15.83 25.45
CA ASN I 30 -19.01 -16.07 26.86
C ASN I 30 -19.80 -14.90 27.42
N TRP I 31 -20.82 -14.47 26.67
CA TRP I 31 -21.70 -13.37 27.07
C TRP I 31 -23.04 -13.98 27.45
N LEU I 32 -23.17 -14.39 28.71
CA LEU I 32 -24.35 -15.10 29.18
C LEU I 32 -24.37 -15.08 30.70
N ALA I 33 -25.57 -14.98 31.26
CA ALA I 33 -25.71 -14.96 32.71
C ALA I 33 -26.83 -15.90 33.14
N TRP I 34 -26.70 -16.45 34.34
CA TRP I 34 -27.65 -17.41 34.89
C TRP I 34 -28.34 -16.80 36.10
N TYR I 35 -29.68 -16.75 36.06
CA TYR I 35 -30.51 -16.17 37.10
C TYR I 35 -31.38 -17.23 37.76
N GLN I 36 -31.67 -17.01 39.05
CA GLN I 36 -32.57 -17.84 39.84
C GLN I 36 -33.80 -17.04 40.24
N GLN I 37 -34.96 -17.70 40.27
CA GLN I 37 -36.19 -17.04 40.66
C GLN I 37 -37.07 -18.00 41.46
N LYS I 38 -37.73 -17.47 42.48
CA LYS I 38 -38.67 -18.19 43.33
C LYS I 38 -40.06 -17.60 43.15
N PRO I 39 -41.10 -18.37 43.45
CA PRO I 39 -42.47 -17.85 43.33
C PRO I 39 -42.69 -16.61 44.19
N GLY I 40 -43.30 -15.60 43.61
CA GLY I 40 -43.58 -14.37 44.33
C GLY I 40 -42.35 -13.65 44.84
N LYS I 41 -41.29 -13.58 44.03
CA LYS I 41 -40.04 -12.99 44.47
C LYS I 41 -39.42 -12.10 43.41
N ALA I 42 -38.16 -11.69 43.62
CA ALA I 42 -37.39 -10.90 42.68
C ALA I 42 -36.22 -11.71 42.13
N PRO I 43 -35.91 -11.56 40.85
CA PRO I 43 -34.81 -12.36 40.26
C PRO I 43 -33.47 -12.01 40.91
N LYS I 44 -32.72 -13.05 41.26
CA LYS I 44 -31.38 -12.90 41.81
C LYS I 44 -30.37 -13.50 40.85
N LEU I 45 -29.37 -12.72 40.46
CA LEU I 45 -28.38 -13.21 39.52
C LEU I 45 -27.45 -14.20 40.22
N LEU I 46 -27.08 -15.25 39.50
CA LEU I 46 -26.23 -16.31 40.05
C LEU I 46 -24.87 -16.35 39.37
N ILE I 47 -24.83 -16.49 38.05
CA ILE I 47 -23.59 -16.79 37.33
C ILE I 47 -23.29 -15.70 36.32
N TYR I 48 -22.09 -15.13 36.39
CA TYR I 48 -21.56 -14.21 35.40
C TYR I 48 -20.88 -14.96 34.26
N THR I 49 -21.06 -14.45 33.04
CA THR I 49 -20.30 -14.85 31.86
C THR I 49 -20.11 -16.36 31.79
N ALA I 50 -21.07 -17.11 32.32
CA ALA I 50 -21.12 -18.57 32.31
C ALA I 50 -20.02 -19.22 33.14
N SER I 51 -19.07 -18.45 33.69
CA SER I 51 -17.97 -19.02 34.44
C SER I 51 -17.92 -18.54 35.88
N ARG I 52 -17.92 -17.24 36.12
CA ARG I 52 -17.69 -16.70 37.45
C ARG I 52 -18.95 -16.83 38.30
N LEU I 53 -18.75 -16.76 39.62
CA LEU I 53 -19.79 -16.98 40.60
C LEU I 53 -19.92 -15.72 41.45
N GLU I 54 -21.14 -15.20 41.56
CA GLU I 54 -21.35 -13.97 42.32
C GLU I 54 -21.12 -14.22 43.82
N SER I 55 -20.54 -13.23 44.49
CA SER I 55 -20.23 -13.35 45.91
C SER I 55 -21.49 -13.59 46.72
N GLY I 56 -21.43 -14.57 47.63
CA GLY I 56 -22.57 -14.98 48.42
C GLY I 56 -23.37 -16.13 47.84
N VAL I 57 -23.22 -16.41 46.55
CA VAL I 57 -23.88 -17.55 45.92
C VAL I 57 -23.28 -18.84 46.46
N PRO I 58 -24.08 -19.88 46.72
CA PRO I 58 -23.50 -21.14 47.21
C PRO I 58 -22.49 -21.72 46.21
N SER I 59 -21.46 -22.34 46.76
CA SER I 59 -20.40 -22.91 45.94
C SER I 59 -20.83 -24.15 45.17
N ARG I 60 -22.02 -24.69 45.46
CA ARG I 60 -22.54 -25.86 44.77
C ARG I 60 -23.07 -25.54 43.37
N PHE I 61 -23.13 -24.28 42.98
CA PHE I 61 -23.54 -23.87 41.65
C PHE I 61 -22.31 -23.61 40.79
N SER I 62 -22.40 -23.96 39.51
CA SER I 62 -21.33 -23.59 38.59
C SER I 62 -21.85 -23.61 37.17
N GLY I 63 -21.09 -23.02 36.25
CA GLY I 63 -21.47 -22.99 34.86
C GLY I 63 -20.29 -23.32 33.98
N SER I 64 -20.61 -23.71 32.74
CA SER I 64 -19.58 -24.06 31.77
C SER I 64 -20.17 -23.89 30.38
N GLY I 65 -19.33 -24.09 29.38
CA GLY I 65 -19.71 -23.95 27.99
C GLY I 65 -19.14 -22.68 27.37
N SER I 66 -19.44 -22.50 26.10
CA SER I 66 -18.93 -21.37 25.34
C SER I 66 -19.65 -21.34 24.00
N GLY I 67 -19.29 -20.35 23.18
CA GLY I 67 -19.79 -20.27 21.83
C GLY I 67 -21.30 -20.20 21.75
N THR I 68 -21.92 -21.31 21.34
CA THR I 68 -23.36 -21.40 21.22
C THR I 68 -24.02 -22.21 22.32
N GLU I 69 -23.26 -23.04 23.05
CA GLU I 69 -23.87 -23.98 23.99
C GLU I 69 -23.30 -23.78 25.38
N PHE I 70 -24.18 -23.78 26.39
CA PHE I 70 -23.79 -23.48 27.76
C PHE I 70 -24.58 -24.40 28.69
N THR I 71 -24.05 -24.59 29.90
CA THR I 71 -24.65 -25.53 30.83
C THR I 71 -24.46 -25.06 32.27
N LEU I 72 -25.53 -25.15 33.05
CA LEU I 72 -25.50 -24.86 34.48
C LEU I 72 -25.59 -26.17 35.26
N THR I 73 -24.69 -26.34 36.22
CA THR I 73 -24.59 -27.58 36.98
C THR I 73 -24.69 -27.28 38.47
N ILE I 74 -25.53 -28.05 39.16
CA ILE I 74 -25.64 -28.01 40.63
C ILE I 74 -25.21 -29.37 41.14
N SER I 75 -24.13 -29.38 41.92
CA SER I 75 -23.56 -30.65 42.40
C SER I 75 -24.47 -31.30 43.45
N SER I 76 -24.90 -30.54 44.44
CA SER I 76 -25.75 -31.04 45.52
C SER I 76 -26.99 -30.16 45.59
N LEU I 77 -28.17 -30.79 45.48
CA LEU I 77 -29.42 -30.04 45.49
C LEU I 77 -29.93 -29.89 46.92
N GLN I 78 -30.22 -28.65 47.30
CA GLN I 78 -30.72 -28.29 48.61
C GLN I 78 -32.16 -27.81 48.54
N PRO I 79 -32.91 -27.87 49.65
CA PRO I 79 -34.33 -27.52 49.58
C PRO I 79 -34.59 -26.09 49.11
N ASP I 80 -33.65 -25.18 49.31
CA ASP I 80 -33.83 -23.79 48.89
C ASP I 80 -33.62 -23.59 47.39
N ASP I 81 -33.56 -24.66 46.59
CA ASP I 81 -33.25 -24.53 45.18
C ASP I 81 -34.40 -24.91 44.25
N PHE I 82 -35.47 -25.50 44.76
CA PHE I 82 -36.63 -25.86 43.92
C PHE I 82 -37.28 -24.56 43.43
N ALA I 83 -37.10 -24.26 42.15
CA ALA I 83 -37.33 -22.88 41.70
C ALA I 83 -37.38 -22.87 40.17
N THR I 84 -37.32 -21.68 39.59
CA THR I 84 -37.18 -21.51 38.15
C THR I 84 -35.82 -20.90 37.85
N TYR I 85 -35.20 -21.32 36.75
CA TYR I 85 -33.89 -20.84 36.38
C TYR I 85 -33.92 -20.32 34.95
N TYR I 86 -33.17 -19.25 34.70
CA TYR I 86 -33.14 -18.59 33.40
C TYR I 86 -31.70 -18.38 32.95
N CYS I 87 -31.50 -18.46 31.64
CA CYS I 87 -30.24 -18.07 31.01
C CYS I 87 -30.51 -16.91 30.08
N GLN I 88 -29.71 -15.86 30.18
CA GLN I 88 -29.95 -14.62 29.45
C GLN I 88 -28.68 -14.13 28.78
N HIS I 89 -28.78 -13.83 27.48
CA HIS I 89 -27.75 -13.07 26.78
C HIS I 89 -28.28 -11.77 26.21
N ARG I 90 -29.34 -11.85 25.40
CA ARG I 90 -30.03 -10.68 24.87
C ARG I 90 -31.41 -10.54 25.50
N THR I 91 -32.23 -11.58 25.39
CA THR I 91 -33.45 -11.73 26.14
C THR I 91 -33.25 -12.86 27.16
N PHE I 92 -34.31 -13.20 27.87
CA PHE I 92 -34.26 -14.28 28.83
C PHE I 92 -34.57 -15.61 28.16
N GLY I 93 -34.24 -16.69 28.86
CA GLY I 93 -34.64 -18.01 28.43
C GLY I 93 -36.09 -18.29 28.76
N GLN I 94 -36.59 -19.39 28.21
CA GLN I 94 -37.99 -19.73 28.42
C GLN I 94 -38.26 -20.28 29.81
N GLY I 95 -37.21 -20.61 30.57
CA GLY I 95 -37.39 -21.01 31.95
C GLY I 95 -37.35 -22.51 32.18
N THR I 96 -36.48 -22.97 33.07
CA THR I 96 -36.43 -24.37 33.47
C THR I 96 -36.87 -24.50 34.91
N LYS I 97 -37.84 -25.37 35.18
CA LYS I 97 -38.43 -25.49 36.50
C LYS I 97 -37.83 -26.68 37.23
N VAL I 98 -36.96 -26.42 38.19
CA VAL I 98 -36.40 -27.47 39.04
C VAL I 98 -37.43 -27.77 40.12
N GLU I 99 -37.98 -28.99 40.09
CA GLU I 99 -39.13 -29.37 40.87
C GLU I 99 -38.88 -30.68 41.61
N ILE I 100 -39.51 -30.81 42.77
CA ILE I 100 -39.36 -32.02 43.58
C ILE I 100 -39.96 -33.22 42.85
N LYS I 101 -39.39 -34.40 43.11
CA LYS I 101 -39.90 -35.66 42.60
C LYS I 101 -40.41 -36.51 43.75
N ARG I 102 -41.60 -37.07 43.59
CA ARG I 102 -42.19 -37.93 44.61
C ARG I 102 -42.91 -39.10 43.92
N THR I 103 -43.52 -39.95 44.74
CA THR I 103 -44.25 -41.09 44.23
C THR I 103 -45.57 -40.64 43.60
N VAL I 104 -46.14 -41.53 42.77
CA VAL I 104 -47.39 -41.22 42.10
C VAL I 104 -48.52 -41.17 43.12
N ALA I 105 -49.37 -40.15 43.00
CA ALA I 105 -50.46 -39.92 43.93
C ALA I 105 -51.79 -40.10 43.20
N ALA I 106 -52.66 -40.94 43.75
CA ALA I 106 -53.94 -41.22 43.13
C ALA I 106 -54.86 -40.01 43.25
N PRO I 107 -55.42 -39.51 42.14
CA PRO I 107 -56.30 -38.34 42.23
C PRO I 107 -57.58 -38.64 42.97
N SER I 108 -58.12 -37.60 43.62
CA SER I 108 -59.43 -37.65 44.24
C SER I 108 -60.37 -36.74 43.45
N VAL I 109 -61.49 -37.30 43.00
CA VAL I 109 -62.39 -36.64 42.06
C VAL I 109 -63.68 -36.28 42.79
N PHE I 110 -64.11 -35.03 42.66
CA PHE I 110 -65.35 -34.54 43.22
C PHE I 110 -66.08 -33.73 42.17
N ILE I 111 -67.41 -33.66 42.30
CA ILE I 111 -68.25 -32.93 41.35
C ILE I 111 -69.33 -32.18 42.13
N PHE I 112 -69.60 -30.94 41.70
CA PHE I 112 -70.65 -30.13 42.32
C PHE I 112 -71.46 -29.38 41.26
N PRO I 113 -72.77 -29.37 41.39
CA PRO I 113 -73.61 -28.59 40.47
C PRO I 113 -73.62 -27.13 40.87
N PRO I 114 -74.11 -26.24 40.00
CA PRO I 114 -74.21 -24.83 40.37
C PRO I 114 -75.20 -24.60 41.50
N SER I 115 -74.95 -23.58 42.29
CA SER I 115 -75.80 -23.25 43.43
C SER I 115 -77.05 -22.52 42.98
N ASP I 116 -78.08 -22.59 43.82
CA ASP I 116 -79.36 -21.94 43.49
C ASP I 116 -79.22 -20.42 43.46
N GLU I 117 -78.33 -19.86 44.28
CA GLU I 117 -78.11 -18.41 44.25
C GLU I 117 -77.53 -17.98 42.90
N GLN I 118 -76.59 -18.75 42.37
CA GLN I 118 -76.08 -18.46 41.04
C GLN I 118 -77.18 -18.61 39.98
N LEU I 119 -78.11 -19.55 40.18
CA LEU I 119 -79.27 -19.63 39.31
C LEU I 119 -80.12 -18.36 39.39
N LYS I 120 -80.25 -17.80 40.59
CA LYS I 120 -80.91 -16.51 40.73
C LYS I 120 -80.17 -15.44 39.94
N SER I 121 -78.84 -15.46 40.00
CA SER I 121 -78.03 -14.55 39.19
C SER I 121 -78.14 -14.85 37.70
N GLY I 122 -78.61 -16.02 37.32
CA GLY I 122 -78.79 -16.37 35.92
C GLY I 122 -77.67 -17.15 35.29
N THR I 123 -76.64 -17.53 36.05
CA THR I 123 -75.49 -18.25 35.53
C THR I 123 -75.35 -19.57 36.26
N ALA I 124 -74.81 -20.57 35.57
CA ALA I 124 -74.57 -21.89 36.14
C ALA I 124 -73.10 -22.23 36.00
N SER I 125 -72.51 -22.75 37.08
CA SER I 125 -71.10 -23.12 37.09
C SER I 125 -70.98 -24.50 37.73
N VAL I 126 -70.72 -25.51 36.91
CA VAL I 126 -70.52 -26.87 37.40
C VAL I 126 -69.03 -27.05 37.66
N VAL I 127 -68.68 -27.47 38.88
CA VAL I 127 -67.28 -27.54 39.29
C VAL I 127 -66.87 -28.99 39.41
N CYS I 128 -65.63 -29.27 38.98
CA CYS I 128 -65.02 -30.59 39.08
C CYS I 128 -63.69 -30.40 39.79
N LEU I 129 -63.52 -31.11 40.91
CA LEU I 129 -62.36 -30.95 41.78
C LEU I 129 -61.48 -32.18 41.66
N LEU I 130 -60.17 -31.97 41.50
CA LEU I 130 -59.19 -33.04 41.45
C LEU I 130 -58.12 -32.71 42.48
N ASN I 131 -58.17 -33.40 43.62
CA ASN I 131 -57.31 -33.10 44.75
C ASN I 131 -56.29 -34.22 44.96
N ASN I 132 -55.18 -33.84 45.60
CA ASN I 132 -54.13 -34.76 46.06
C ASN I 132 -53.74 -35.77 44.96
N PHE I 133 -53.26 -35.22 43.85
CA PHE I 133 -52.80 -36.02 42.73
C PHE I 133 -51.38 -35.62 42.35
N TYR I 134 -50.65 -36.58 41.77
CA TYR I 134 -49.30 -36.35 41.31
C TYR I 134 -48.96 -37.39 40.25
N PRO I 135 -48.31 -37.03 39.15
CA PRO I 135 -47.85 -35.67 38.75
C PRO I 135 -49.00 -34.77 38.29
N ARG I 136 -48.67 -33.59 37.78
CA ARG I 136 -49.71 -32.62 37.45
C ARG I 136 -50.53 -33.03 36.24
N GLU I 137 -49.90 -33.65 35.24
CA GLU I 137 -50.56 -33.84 33.96
C GLU I 137 -51.80 -34.71 34.09
N ALA I 138 -52.98 -34.09 33.98
CA ALA I 138 -54.24 -34.80 33.97
C ALA I 138 -55.15 -34.17 32.92
N LYS I 139 -56.02 -35.00 32.34
CA LYS I 139 -56.94 -34.55 31.30
C LYS I 139 -58.36 -34.52 31.87
N VAL I 140 -59.05 -33.40 31.65
CA VAL I 140 -60.41 -33.21 32.13
C VAL I 140 -61.30 -32.96 30.92
N GLN I 141 -62.39 -33.72 30.83
CA GLN I 141 -63.35 -33.58 29.73
C GLN I 141 -64.74 -33.40 30.31
N TRP I 142 -65.53 -32.52 29.71
CA TRP I 142 -66.88 -32.24 30.17
C TRP I 142 -67.89 -32.83 29.21
N LYS I 143 -68.89 -33.52 29.77
CA LYS I 143 -69.96 -34.16 29.00
C LYS I 143 -71.29 -33.61 29.47
N VAL I 144 -72.03 -33.01 28.55
CA VAL I 144 -73.38 -32.52 28.79
C VAL I 144 -74.34 -33.37 27.98
N ASP I 145 -75.22 -34.09 28.67
CA ASP I 145 -76.11 -35.07 28.03
C ASP I 145 -75.33 -36.05 27.16
N ASN I 146 -74.19 -36.52 27.70
CA ASN I 146 -73.29 -37.43 27.03
C ASN I 146 -72.72 -36.85 25.73
N ALA I 147 -72.65 -35.52 25.63
CA ALA I 147 -72.07 -34.84 24.49
C ALA I 147 -70.82 -34.07 24.94
N LEU I 148 -69.73 -34.24 24.21
CA LEU I 148 -68.48 -33.59 24.57
C LEU I 148 -68.63 -32.07 24.46
N GLN I 149 -68.05 -31.35 25.42
CA GLN I 149 -68.11 -29.90 25.44
C GLN I 149 -66.71 -29.32 25.43
N SER I 150 -66.57 -28.15 24.81
CA SER I 150 -65.28 -27.48 24.71
C SER I 150 -65.49 -25.98 24.60
N GLY I 151 -64.48 -25.23 25.04
CA GLY I 151 -64.51 -23.78 24.94
C GLY I 151 -65.30 -23.07 26.00
N ASN I 152 -65.80 -23.79 27.02
CA ASN I 152 -66.61 -23.17 28.07
C ASN I 152 -66.18 -23.62 29.47
N SER I 153 -64.97 -24.18 29.60
CA SER I 153 -64.45 -24.62 30.88
C SER I 153 -63.12 -23.95 31.15
N GLN I 154 -62.92 -23.53 32.40
CA GLN I 154 -61.69 -22.87 32.82
C GLN I 154 -61.11 -23.60 34.01
N GLU I 155 -59.79 -23.77 34.03
CA GLU I 155 -59.10 -24.52 35.06
C GLU I 155 -58.26 -23.60 35.94
N SER I 156 -58.06 -24.03 37.18
CA SER I 156 -57.18 -23.34 38.13
C SER I 156 -56.46 -24.39 38.95
N VAL I 157 -55.14 -24.42 38.84
CA VAL I 157 -54.32 -25.45 39.48
C VAL I 157 -53.38 -24.78 40.47
N THR I 158 -53.30 -25.33 41.68
CA THR I 158 -52.46 -24.79 42.73
C THR I 158 -51.11 -25.49 42.76
N GLU I 159 -50.08 -24.74 43.14
CA GLU I 159 -48.71 -25.26 43.19
C GLU I 159 -48.57 -26.35 44.23
N GLN I 160 -47.37 -26.94 44.31
CA GLN I 160 -47.16 -28.09 45.19
C GLN I 160 -47.26 -27.67 46.65
N ASP I 161 -47.96 -28.49 47.44
CA ASP I 161 -48.07 -28.26 48.87
C ASP I 161 -46.91 -28.93 49.59
N SER I 162 -46.47 -28.31 50.69
CA SER I 162 -45.33 -28.78 51.45
C SER I 162 -45.69 -29.82 52.49
N LYS I 163 -46.97 -30.21 52.59
CA LYS I 163 -47.38 -31.22 53.55
C LYS I 163 -47.31 -32.62 52.94
N ASP I 164 -48.03 -32.83 51.83
CA ASP I 164 -48.03 -34.10 51.12
C ASP I 164 -47.41 -34.00 49.74
N SER I 165 -46.95 -32.80 49.34
CA SER I 165 -46.34 -32.58 48.03
C SER I 165 -47.27 -32.99 46.89
N THR I 166 -48.55 -32.72 47.02
CA THR I 166 -49.54 -33.07 46.01
C THR I 166 -50.09 -31.81 45.34
N TYR I 167 -50.92 -32.03 44.32
CA TYR I 167 -51.49 -30.97 43.51
C TYR I 167 -53.01 -30.97 43.61
N SER I 168 -53.60 -29.84 43.25
CA SER I 168 -55.05 -29.68 43.21
C SER I 168 -55.42 -28.84 42.00
N LEU I 169 -56.54 -29.21 41.36
CA LEU I 169 -57.03 -28.50 40.19
C LEU I 169 -58.55 -28.43 40.24
N SER I 170 -59.09 -27.22 40.07
CA SER I 170 -60.53 -27.00 40.01
C SER I 170 -60.90 -26.54 38.61
N SER I 171 -61.84 -27.24 37.97
CA SER I 171 -62.29 -26.93 36.63
C SER I 171 -63.76 -26.51 36.70
N THR I 172 -64.06 -25.32 36.20
CA THR I 172 -65.41 -24.77 36.23
C THR I 172 -65.95 -24.68 34.82
N LEU I 173 -67.12 -25.28 34.59
CA LEU I 173 -67.83 -25.20 33.32
C LEU I 173 -68.96 -24.18 33.49
N THR I 174 -68.96 -23.16 32.64
CA THR I 174 -69.86 -22.03 32.77
C THR I 174 -70.92 -22.08 31.67
N LEU I 175 -72.19 -21.94 32.07
CA LEU I 175 -73.30 -21.94 31.14
C LEU I 175 -74.34 -20.91 31.60
N SER I 176 -75.27 -20.60 30.70
CA SER I 176 -76.39 -19.74 31.06
C SER I 176 -77.44 -20.56 31.81
N LYS I 177 -78.32 -19.84 32.52
CA LYS I 177 -79.37 -20.51 33.28
C LYS I 177 -80.31 -21.30 32.36
N ALA I 178 -80.67 -20.72 31.22
CA ALA I 178 -81.56 -21.39 30.29
C ALA I 178 -80.93 -22.67 29.75
N ASP I 179 -79.66 -22.60 29.35
CA ASP I 179 -78.97 -23.79 28.86
C ASP I 179 -78.86 -24.85 29.95
N TYR I 180 -78.56 -24.43 31.19
CA TYR I 180 -78.47 -25.38 32.29
C TYR I 180 -79.79 -26.07 32.52
N GLU I 181 -80.90 -25.33 32.45
CA GLU I 181 -82.21 -25.93 32.57
C GLU I 181 -82.59 -26.76 31.35
N LYS I 182 -81.92 -26.55 30.22
CA LYS I 182 -82.20 -27.34 29.02
C LYS I 182 -81.62 -28.75 29.12
N HIS I 183 -80.48 -28.93 29.77
CA HIS I 183 -79.81 -30.21 29.82
C HIS I 183 -79.88 -30.79 31.23
N LYS I 184 -79.88 -32.12 31.31
CA LYS I 184 -80.20 -32.83 32.54
C LYS I 184 -78.96 -33.40 33.23
N VAL I 185 -78.17 -34.21 32.54
CA VAL I 185 -77.05 -34.92 33.13
C VAL I 185 -75.75 -34.21 32.75
N TYR I 186 -74.91 -33.93 33.75
CA TYR I 186 -73.62 -33.30 33.53
C TYR I 186 -72.54 -34.13 34.19
N ALA I 187 -71.45 -34.38 33.47
CA ALA I 187 -70.38 -35.22 33.96
C ALA I 187 -69.02 -34.60 33.63
N CYS I 188 -68.03 -34.90 34.47
CA CYS I 188 -66.64 -34.62 34.17
C CYS I 188 -65.84 -35.92 34.25
N GLU I 189 -65.07 -36.20 33.21
CA GLU I 189 -64.22 -37.38 33.15
C GLU I 189 -62.77 -36.96 33.27
N VAL I 190 -62.04 -37.63 34.17
CA VAL I 190 -60.64 -37.34 34.44
C VAL I 190 -59.81 -38.52 34.00
N THR I 191 -58.67 -38.22 33.39
CA THR I 191 -57.69 -39.22 32.97
C THR I 191 -56.34 -38.84 33.54
N HIS I 192 -55.70 -39.78 34.24
CA HIS I 192 -54.45 -39.49 34.92
C HIS I 192 -53.56 -40.72 34.90
N GLN I 193 -52.25 -40.50 35.04
CA GLN I 193 -51.29 -41.59 35.06
C GLN I 193 -51.55 -42.53 36.24
N GLY I 194 -52.09 -42.00 37.35
CA GLY I 194 -52.39 -42.78 38.52
C GLY I 194 -53.70 -43.53 38.49
N LEU I 195 -54.41 -43.49 37.37
CA LEU I 195 -55.67 -44.21 37.20
C LEU I 195 -55.49 -45.32 36.18
N SER I 196 -56.01 -46.51 36.51
CA SER I 196 -56.03 -47.60 35.54
C SER I 196 -56.90 -47.25 34.34
N SER I 197 -58.05 -46.62 34.59
CA SER I 197 -58.96 -46.18 33.56
C SER I 197 -59.47 -44.79 33.93
N PRO I 198 -59.88 -43.98 32.93
CA PRO I 198 -60.47 -42.69 33.24
C PRO I 198 -61.72 -42.84 34.10
N VAL I 199 -61.90 -41.92 35.03
CA VAL I 199 -63.01 -41.96 35.98
C VAL I 199 -63.95 -40.80 35.69
N THR I 200 -65.24 -41.10 35.55
CA THR I 200 -66.24 -40.10 35.21
C THR I 200 -67.19 -39.91 36.39
N LYS I 201 -67.31 -38.66 36.83
CA LYS I 201 -68.26 -38.28 37.88
C LYS I 201 -69.43 -37.57 37.20
N SER I 202 -70.64 -38.11 37.38
CA SER I 202 -71.82 -37.59 36.71
C SER I 202 -72.90 -37.31 37.72
N PHE I 203 -73.66 -36.23 37.49
CA PHE I 203 -74.81 -35.90 38.31
C PHE I 203 -76.00 -35.58 37.40
N ASN I 204 -77.19 -35.74 37.96
CA ASN I 204 -78.43 -35.52 37.25
C ASN I 204 -79.16 -34.31 37.82
N ARG I 205 -79.65 -33.45 36.94
CA ARG I 205 -80.39 -32.28 37.38
C ARG I 205 -81.71 -32.70 38.02
N GLY I 206 -82.03 -32.09 39.15
CA GLY I 206 -83.25 -32.40 39.86
C GLY I 206 -84.51 -32.00 39.11
N GLN J 1 -25.72 -0.41 52.58
CA GLN J 1 -26.29 -1.36 51.63
C GLN J 1 -26.98 -0.62 50.50
N VAL J 2 -26.86 -1.17 49.28
CA VAL J 2 -27.51 -0.56 48.13
C VAL J 2 -29.03 -0.68 48.28
N GLN J 3 -29.73 0.44 48.17
CA GLN J 3 -31.17 0.47 48.35
C GLN J 3 -31.85 1.10 47.14
N LEU J 4 -32.99 0.52 46.77
CA LEU J 4 -33.74 0.96 45.60
C LEU J 4 -35.22 0.78 45.90
N VAL J 5 -36.02 1.80 45.55
CA VAL J 5 -37.46 1.81 45.82
C VAL J 5 -38.19 2.14 44.53
N GLU J 6 -39.33 1.50 44.31
CA GLU J 6 -40.16 1.72 43.13
C GLU J 6 -41.54 2.19 43.56
N SER J 7 -42.10 3.15 42.82
CA SER J 7 -43.41 3.69 43.17
C SER J 7 -44.06 4.25 41.92
N GLY J 8 -45.38 4.45 42.00
CA GLY J 8 -46.15 5.00 40.91
C GLY J 8 -46.92 3.96 40.13
N GLY J 9 -47.48 2.96 40.83
CA GLY J 9 -48.18 1.88 40.19
C GLY J 9 -49.55 1.66 40.81
N GLY J 10 -50.33 0.81 40.14
CA GLY J 10 -51.68 0.50 40.57
C GLY J 10 -52.54 0.01 39.43
N VAL J 11 -53.75 0.55 39.31
CA VAL J 11 -54.69 0.22 38.24
C VAL J 11 -55.06 1.52 37.53
N VAL J 12 -54.92 1.52 36.21
CA VAL J 12 -55.17 2.70 35.40
C VAL J 12 -56.00 2.32 34.18
N GLN J 13 -56.83 3.30 33.69
CA GLN J 13 -57.63 3.16 32.49
C GLN J 13 -56.74 3.30 31.25
N PRO J 14 -57.10 2.65 30.14
CA PRO J 14 -56.32 2.79 28.91
C PRO J 14 -56.41 4.22 28.36
N GLY J 15 -55.37 4.60 27.62
CA GLY J 15 -55.31 5.91 27.02
C GLY J 15 -54.65 6.99 27.86
N ARG J 16 -54.23 6.67 29.08
CA ARG J 16 -53.57 7.63 29.95
C ARG J 16 -52.11 7.27 30.13
N SER J 17 -51.24 8.24 29.91
CA SER J 17 -49.80 8.06 30.12
C SER J 17 -49.49 8.11 31.60
N LEU J 18 -48.68 7.16 32.06
CA LEU J 18 -48.34 7.02 33.46
C LEU J 18 -46.86 7.29 33.69
N ARG J 19 -46.56 7.90 34.85
CA ARG J 19 -45.20 8.27 35.25
C ARG J 19 -44.85 7.44 36.49
N LEU J 20 -43.75 6.71 36.41
CA LEU J 20 -43.30 5.85 37.51
C LEU J 20 -41.93 6.29 37.99
N SER J 21 -41.74 6.27 39.31
CA SER J 21 -40.52 6.73 39.95
C SER J 21 -39.72 5.56 40.51
N CYS J 22 -38.40 5.66 40.40
CA CYS J 22 -37.47 4.64 40.87
C CYS J 22 -36.34 5.37 41.57
N ALA J 23 -36.35 5.37 42.90
CA ALA J 23 -35.36 6.06 43.69
C ALA J 23 -34.22 5.11 44.05
N ALA J 24 -32.99 5.61 43.97
CA ALA J 24 -31.81 4.81 44.25
C ALA J 24 -30.92 5.53 45.24
N SER J 25 -30.28 4.77 46.12
CA SER J 25 -29.36 5.35 47.10
C SER J 25 -28.38 4.28 47.56
N GLY J 26 -27.20 4.75 47.98
CA GLY J 26 -26.18 3.88 48.54
C GLY J 26 -24.96 3.68 47.66
N PHE J 27 -25.03 4.04 46.37
CA PHE J 27 -23.92 3.83 45.46
C PHE J 27 -23.75 5.09 44.60
N THR J 28 -22.72 5.07 43.75
CA THR J 28 -22.46 6.17 42.81
C THR J 28 -23.47 6.07 41.68
N PHE J 29 -24.61 6.74 41.86
CA PHE J 29 -25.69 6.62 40.89
C PHE J 29 -25.31 7.23 39.54
N SER J 30 -24.37 8.17 39.53
CA SER J 30 -23.95 8.81 38.29
C SER J 30 -23.04 7.94 37.43
N SER J 31 -22.62 6.78 37.94
CA SER J 31 -21.66 5.92 37.24
C SER J 31 -22.16 4.47 37.17
N SER J 32 -23.42 4.28 36.79
CA SER J 32 -23.97 2.94 36.64
C SER J 32 -25.25 3.02 35.82
N ALA J 33 -25.33 2.25 34.75
CA ALA J 33 -26.53 2.24 33.91
C ALA J 33 -27.70 1.62 34.68
N MET J 34 -28.91 1.93 34.21
CA MET J 34 -30.13 1.45 34.83
C MET J 34 -31.02 0.76 33.82
N HIS J 35 -31.79 -0.24 34.27
CA HIS J 35 -32.64 -1.03 33.41
C HIS J 35 -34.04 -1.11 33.99
N TRP J 36 -35.03 -1.17 33.10
CA TRP J 36 -36.42 -1.46 33.44
C TRP J 36 -36.80 -2.76 32.76
N VAL J 37 -37.30 -3.72 33.56
CA VAL J 37 -37.68 -5.04 33.07
C VAL J 37 -39.13 -5.30 33.47
N ARG J 38 -39.81 -6.13 32.69
CA ARG J 38 -41.24 -6.37 32.84
C ARG J 38 -41.54 -7.86 32.82
N GLN J 39 -42.47 -8.27 33.68
CA GLN J 39 -42.94 -9.64 33.72
C GLN J 39 -44.47 -9.65 33.73
N ALA J 40 -45.06 -10.23 32.69
CA ALA J 40 -46.50 -10.44 32.71
C ALA J 40 -46.86 -11.46 33.78
N PRO J 41 -48.05 -11.36 34.38
CA PRO J 41 -48.43 -12.29 35.44
C PRO J 41 -48.44 -13.73 34.92
N GLY J 42 -47.54 -14.55 35.47
CA GLY J 42 -47.43 -15.94 35.10
C GLY J 42 -46.52 -16.24 33.93
N LYS J 43 -45.87 -15.23 33.35
CA LYS J 43 -44.99 -15.41 32.21
C LYS J 43 -43.55 -15.11 32.60
N GLY J 44 -42.64 -15.27 31.64
CA GLY J 44 -41.24 -15.00 31.87
C GLY J 44 -40.90 -13.53 31.78
N LEU J 45 -39.65 -13.22 32.13
CA LEU J 45 -39.20 -11.84 32.14
C LEU J 45 -39.05 -11.31 30.71
N GLU J 46 -38.87 -9.99 30.62
CA GLU J 46 -38.67 -9.33 29.34
C GLU J 46 -38.00 -7.98 29.59
N TRP J 47 -36.85 -7.75 28.96
CA TRP J 47 -36.17 -6.48 29.07
C TRP J 47 -36.93 -5.41 28.30
N VAL J 48 -37.12 -4.24 28.92
CA VAL J 48 -37.95 -3.18 28.36
C VAL J 48 -37.14 -1.94 28.03
N ALA J 49 -36.40 -1.40 29.01
CA ALA J 49 -35.71 -0.13 28.83
C ALA J 49 -34.33 -0.19 29.45
N VAL J 50 -33.41 0.61 28.90
CA VAL J 50 -32.07 0.76 29.46
C VAL J 50 -31.56 2.16 29.18
N ILE J 51 -30.88 2.74 30.17
CA ILE J 51 -30.26 4.05 30.06
C ILE J 51 -28.86 3.96 30.65
N TRP J 52 -27.89 4.61 30.00
CA TRP J 52 -26.53 4.61 30.53
C TRP J 52 -26.31 5.82 31.44
N SER J 53 -25.14 5.85 32.07
CA SER J 53 -24.88 6.79 33.17
C SER J 53 -24.86 8.23 32.68
N ASP J 54 -24.34 8.47 31.47
CA ASP J 54 -24.29 9.82 30.93
C ASP J 54 -25.68 10.41 30.72
N GLY J 55 -26.70 9.57 30.53
CA GLY J 55 -28.03 10.05 30.26
C GLY J 55 -28.29 10.41 28.82
N SER J 56 -27.40 10.01 27.90
CA SER J 56 -27.53 10.41 26.50
C SER J 56 -28.19 9.32 25.67
N ASN J 57 -27.75 8.08 25.85
CA ASN J 57 -28.19 6.97 25.02
C ASN J 57 -29.23 6.13 25.76
N GLU J 58 -30.33 5.84 25.09
CA GLU J 58 -31.41 5.00 25.59
C GLU J 58 -31.57 3.79 24.69
N ASN J 59 -32.31 2.80 25.18
CA ASN J 59 -32.72 1.70 24.33
C ASN J 59 -33.99 1.07 24.90
N TYR J 60 -34.88 0.65 24.00
CA TYR J 60 -36.17 0.09 24.37
C TYR J 60 -36.47 -1.14 23.51
N ALA J 61 -37.34 -2.00 24.03
CA ALA J 61 -37.80 -3.15 23.25
C ALA J 61 -38.76 -2.69 22.16
N ASP J 62 -38.87 -3.48 21.11
CA ASP J 62 -39.71 -3.11 19.97
C ASP J 62 -41.20 -3.10 20.36
N SER J 63 -41.59 -3.96 21.29
CA SER J 63 -42.98 -4.03 21.70
C SER J 63 -43.45 -2.74 22.38
N VAL J 64 -42.53 -1.93 22.88
CA VAL J 64 -42.85 -0.67 23.51
C VAL J 64 -42.14 0.50 22.84
N LYS J 65 -41.53 0.26 21.68
CA LYS J 65 -40.86 1.34 20.96
C LYS J 65 -41.85 2.43 20.55
N GLY J 66 -41.49 3.67 20.85
CA GLY J 66 -42.34 4.81 20.54
C GLY J 66 -43.39 5.12 21.57
N ARG J 67 -43.64 4.21 22.53
CA ARG J 67 -44.64 4.40 23.57
C ARG J 67 -44.05 4.57 24.96
N PHE J 68 -42.87 4.03 25.21
CA PHE J 68 -42.21 4.15 26.50
C PHE J 68 -41.01 5.08 26.37
N THR J 69 -40.64 5.74 27.49
CA THR J 69 -39.44 6.57 27.52
C THR J 69 -38.94 6.73 28.95
N ILE J 70 -37.64 6.50 29.15
CA ILE J 70 -37.02 6.59 30.46
C ILE J 70 -36.06 7.77 30.48
N SER J 71 -36.01 8.48 31.62
CA SER J 71 -35.02 9.51 31.87
C SER J 71 -34.57 9.38 33.32
N ARG J 72 -33.52 10.12 33.66
CA ARG J 72 -32.99 10.08 35.02
C ARG J 72 -32.58 11.47 35.47
N ASP J 73 -32.69 11.69 36.79
CA ASP J 73 -32.25 12.92 37.43
C ASP J 73 -31.10 12.52 38.34
N ASN J 74 -29.88 12.91 37.94
CA ASN J 74 -28.69 12.58 38.72
C ASN J 74 -28.61 13.41 39.98
N SER J 75 -29.11 14.65 39.93
CA SER J 75 -29.09 15.50 41.12
C SER J 75 -29.97 14.93 42.22
N LYS J 76 -31.14 14.42 41.86
CA LYS J 76 -32.10 13.85 42.80
C LYS J 76 -32.01 12.34 42.93
N ASN J 77 -31.06 11.70 42.22
CA ASN J 77 -30.85 10.26 42.30
C ASN J 77 -32.14 9.49 41.99
N THR J 78 -32.84 9.90 40.93
CA THR J 78 -34.14 9.34 40.62
C THR J 78 -34.18 8.90 39.16
N LEU J 79 -35.08 7.96 38.87
CA LEU J 79 -35.31 7.46 37.53
C LEU J 79 -36.80 7.56 37.23
N TYR J 80 -37.16 8.18 36.12
CA TYR J 80 -38.56 8.43 35.77
C TYR J 80 -38.88 7.72 34.45
N LEU J 81 -39.92 6.91 34.47
CA LEU J 81 -40.35 6.17 33.28
C LEU J 81 -41.76 6.58 32.88
N GLN J 82 -41.95 6.91 31.61
CA GLN J 82 -43.24 7.30 31.10
C GLN J 82 -43.75 6.24 30.12
N MET J 83 -45.02 5.89 30.28
CA MET J 83 -45.70 4.92 29.46
C MET J 83 -46.89 5.59 28.80
N SER J 84 -47.06 5.38 27.50
CA SER J 84 -48.12 6.02 26.73
C SER J 84 -48.79 5.00 25.83
N SER J 85 -50.03 5.32 25.44
CA SER J 85 -50.84 4.47 24.57
C SER J 85 -50.98 3.06 25.16
N LEU J 86 -51.37 3.02 26.44
CA LEU J 86 -51.41 1.77 27.17
C LEU J 86 -52.49 0.83 26.63
N ARG J 87 -52.16 -0.44 26.56
CA ARG J 87 -53.08 -1.51 26.19
C ARG J 87 -53.17 -2.51 27.32
N ALA J 88 -54.14 -3.43 27.21
CA ALA J 88 -54.32 -4.45 28.24
C ALA J 88 -53.11 -5.37 28.32
N GLU J 89 -52.33 -5.48 27.24
CA GLU J 89 -51.18 -6.38 27.24
C GLU J 89 -50.03 -5.83 28.06
N ASP J 90 -50.01 -4.53 28.36
CA ASP J 90 -48.94 -3.95 29.15
C ASP J 90 -49.12 -4.16 30.65
N THR J 91 -50.25 -4.69 31.09
CA THR J 91 -50.47 -4.97 32.50
C THR J 91 -49.50 -6.04 32.97
N ALA J 92 -48.64 -5.69 33.93
CA ALA J 92 -47.56 -6.59 34.35
C ALA J 92 -46.89 -6.01 35.58
N VAL J 93 -45.86 -6.71 36.05
CA VAL J 93 -45.02 -6.26 37.16
C VAL J 93 -43.74 -5.68 36.57
N TYR J 94 -43.42 -4.46 36.98
CA TYR J 94 -42.25 -3.74 36.51
C TYR J 94 -41.20 -3.65 37.61
N TYR J 95 -39.95 -3.91 37.23
CA TYR J 95 -38.80 -3.75 38.10
C TYR J 95 -37.82 -2.77 37.48
N CYS J 96 -37.14 -2.00 38.31
CA CYS J 96 -36.01 -1.19 37.90
C CYS J 96 -34.78 -1.67 38.65
N ALA J 97 -33.73 -2.03 37.91
CA ALA J 97 -32.56 -2.67 38.46
C ALA J 97 -31.29 -1.96 38.00
N THR J 98 -30.29 -1.94 38.89
CA THR J 98 -29.02 -1.34 38.57
C THR J 98 -28.11 -2.35 37.90
N ASP J 99 -27.46 -1.91 36.82
CA ASP J 99 -26.57 -2.74 36.03
C ASP J 99 -25.17 -2.73 36.62
N LYS J 100 -24.41 -3.80 36.32
CA LYS J 100 -23.00 -3.88 36.66
C LYS J 100 -22.21 -3.60 35.38
N THR J 101 -21.56 -2.45 35.33
CA THR J 101 -20.82 -2.04 34.15
C THR J 101 -19.34 -2.37 34.25
N TYR J 102 -18.91 -3.05 35.32
CA TYR J 102 -17.51 -3.43 35.51
C TYR J 102 -17.44 -4.94 35.70
N VAL J 103 -16.69 -5.62 34.83
CA VAL J 103 -16.45 -7.06 34.97
C VAL J 103 -14.98 -7.32 34.73
N SER J 104 -14.24 -7.57 35.82
CA SER J 104 -12.84 -7.96 35.76
C SER J 104 -11.96 -6.90 35.09
N GLY J 105 -12.39 -5.66 35.07
CA GLY J 105 -11.56 -4.58 34.56
C GLY J 105 -11.99 -4.01 33.22
N TYR J 106 -13.28 -4.01 32.94
CA TYR J 106 -13.82 -3.41 31.73
C TYR J 106 -15.16 -2.77 32.04
N THR J 107 -15.48 -1.71 31.29
CA THR J 107 -16.66 -0.90 31.52
C THR J 107 -17.48 -0.84 30.24
N SER J 108 -18.73 -1.30 30.31
CA SER J 108 -19.63 -1.31 29.16
C SER J 108 -21.05 -1.50 29.68
N THR J 109 -21.97 -1.82 28.77
CA THR J 109 -23.34 -2.18 29.13
C THR J 109 -23.47 -3.70 29.01
N TRP J 110 -23.03 -4.41 30.06
CA TRP J 110 -23.02 -5.87 30.03
C TRP J 110 -24.41 -6.48 30.07
N TYR J 111 -25.43 -5.70 30.42
CA TYR J 111 -26.79 -6.19 30.62
C TYR J 111 -26.84 -7.25 31.71
N TYR J 112 -26.27 -6.92 32.87
CA TYR J 112 -26.37 -7.73 34.08
C TYR J 112 -27.11 -6.90 35.13
N PHE J 113 -28.24 -7.42 35.60
CA PHE J 113 -29.02 -6.77 36.64
C PHE J 113 -28.58 -7.34 37.99
N ASN J 114 -28.12 -6.46 38.88
CA ASN J 114 -27.51 -6.90 40.12
C ASN J 114 -28.32 -6.60 41.37
N TYR J 115 -29.00 -5.46 41.43
CA TYR J 115 -29.83 -5.16 42.59
C TYR J 115 -31.22 -4.74 42.14
N TRP J 116 -32.23 -5.26 42.84
CA TRP J 116 -33.62 -5.16 42.42
C TRP J 116 -34.47 -4.59 43.54
N GLY J 117 -35.66 -4.10 43.17
CA GLY J 117 -36.65 -3.64 44.11
C GLY J 117 -37.79 -4.62 44.26
N GLN J 118 -38.74 -4.25 45.13
CA GLN J 118 -39.86 -5.14 45.41
C GLN J 118 -40.77 -5.33 44.19
N GLY J 119 -40.69 -4.44 43.21
CA GLY J 119 -41.47 -4.59 42.00
C GLY J 119 -42.86 -3.99 42.11
N THR J 120 -43.24 -3.17 41.14
CA THR J 120 -44.55 -2.54 41.14
C THR J 120 -45.49 -3.29 40.19
N LEU J 121 -46.79 -3.12 40.41
CA LEU J 121 -47.82 -3.74 39.59
C LEU J 121 -48.59 -2.68 38.84
N VAL J 122 -48.72 -2.85 37.52
CA VAL J 122 -49.47 -1.93 36.67
C VAL J 122 -50.58 -2.73 36.00
N THR J 123 -51.81 -2.29 36.16
CA THR J 123 -52.99 -2.97 35.61
C THR J 123 -53.71 -2.00 34.67
N VAL J 124 -53.47 -2.14 33.37
CA VAL J 124 -54.15 -1.32 32.38
C VAL J 124 -55.51 -1.94 32.09
N SER J 125 -56.52 -1.51 32.83
CA SER J 125 -57.87 -2.02 32.63
C SER J 125 -58.87 -0.91 32.87
N GLY J 126 -60.02 -1.01 32.21
CA GLY J 126 -61.10 -0.05 32.36
C GLY J 126 -62.21 -0.47 33.30
N ALA J 127 -62.04 -1.56 34.05
CA ALA J 127 -63.07 -2.00 34.96
C ALA J 127 -63.16 -1.09 36.17
N SER J 128 -64.34 -1.07 36.79
CA SER J 128 -64.60 -0.28 37.97
C SER J 128 -64.74 -1.19 39.19
N THR J 129 -64.72 -0.56 40.37
CA THR J 129 -64.84 -1.31 41.62
C THR J 129 -66.18 -2.01 41.71
N LYS J 130 -66.15 -3.29 42.10
CA LYS J 130 -67.38 -4.06 42.27
C LYS J 130 -67.16 -5.11 43.35
N GLY J 131 -68.15 -5.26 44.22
CA GLY J 131 -68.10 -6.23 45.28
C GLY J 131 -68.26 -7.65 44.77
N PRO J 132 -67.81 -8.62 45.56
CA PRO J 132 -67.87 -10.02 45.15
C PRO J 132 -69.21 -10.68 45.47
N SER J 133 -69.48 -11.76 44.77
CA SER J 133 -70.66 -12.58 45.01
C SER J 133 -70.21 -13.96 45.51
N VAL J 134 -70.76 -14.38 46.64
CA VAL J 134 -70.34 -15.61 47.31
C VAL J 134 -71.42 -16.66 47.16
N PHE J 135 -71.04 -17.86 46.75
CA PHE J 135 -71.97 -18.96 46.57
C PHE J 135 -71.41 -20.20 47.27
N PRO J 136 -72.12 -20.77 48.23
CA PRO J 136 -71.63 -22.00 48.87
C PRO J 136 -71.70 -23.19 47.93
N LEU J 137 -70.82 -24.15 48.17
CA LEU J 137 -70.77 -25.41 47.44
C LEU J 137 -70.82 -26.52 48.48
N ALA J 138 -72.01 -27.15 48.59
CA ALA J 138 -72.33 -28.11 49.63
C ALA J 138 -72.05 -29.54 49.17
N PRO J 139 -71.73 -30.43 50.11
CA PRO J 139 -71.43 -31.82 49.74
C PRO J 139 -72.69 -32.58 49.32
N SER J 140 -72.47 -33.62 48.52
CA SER J 140 -73.52 -34.53 48.10
C SER J 140 -73.00 -35.96 48.21
N SER J 141 -73.83 -36.91 47.77
CA SER J 141 -73.41 -38.30 47.77
C SER J 141 -72.23 -38.53 46.85
N LYS J 142 -72.24 -37.90 45.68
CA LYS J 142 -71.16 -38.05 44.72
C LYS J 142 -69.93 -37.23 45.07
N SER J 143 -70.02 -36.37 46.09
CA SER J 143 -68.88 -35.60 46.58
C SER J 143 -68.27 -36.21 47.84
N THR J 144 -68.37 -37.53 47.98
CA THR J 144 -67.78 -38.26 49.10
C THR J 144 -66.96 -39.41 48.53
N SER J 145 -65.72 -39.55 49.01
CA SER J 145 -64.81 -40.58 48.53
C SER J 145 -64.17 -41.26 49.73
N GLY J 146 -64.70 -42.41 50.11
CA GLY J 146 -64.12 -43.19 51.21
C GLY J 146 -64.15 -42.48 52.55
N GLY J 147 -65.27 -41.87 52.90
CA GLY J 147 -65.38 -41.16 54.16
C GLY J 147 -64.81 -39.76 54.15
N THR J 148 -64.46 -39.22 52.99
CA THR J 148 -63.94 -37.88 52.86
C THR J 148 -64.95 -37.03 52.08
N ALA J 149 -65.33 -35.90 52.65
CA ALA J 149 -66.33 -35.01 52.04
C ALA J 149 -65.70 -33.66 51.76
N ALA J 150 -66.04 -33.10 50.60
CA ALA J 150 -65.52 -31.81 50.18
C ALA J 150 -66.62 -30.75 50.20
N LEU J 151 -66.30 -29.60 50.78
CA LEU J 151 -67.19 -28.44 50.78
C LEU J 151 -66.40 -27.26 50.24
N GLY J 152 -67.07 -26.14 50.01
CA GLY J 152 -66.32 -24.97 49.57
C GLY J 152 -67.19 -23.76 49.32
N CYS J 153 -66.57 -22.73 48.76
CA CYS J 153 -67.23 -21.49 48.41
C CYS J 153 -66.62 -20.92 47.14
N LEU J 154 -67.48 -20.42 46.25
CA LEU J 154 -67.08 -19.82 44.98
C LEU J 154 -67.36 -18.32 45.05
N VAL J 155 -66.33 -17.52 44.79
CA VAL J 155 -66.43 -16.06 44.84
C VAL J 155 -66.26 -15.54 43.42
N LYS J 156 -67.28 -14.86 42.91
CA LYS J 156 -67.39 -14.54 41.49
C LYS J 156 -67.68 -13.06 41.31
N ASP J 157 -67.22 -12.52 40.17
CA ASP J 157 -67.61 -11.19 39.70
C ASP J 157 -67.21 -10.10 40.70
N TYR J 158 -65.89 -9.98 40.91
CA TYR J 158 -65.35 -8.95 41.78
C TYR J 158 -64.22 -8.22 41.08
N PHE J 159 -63.99 -6.98 41.50
CA PHE J 159 -62.87 -6.19 41.00
C PHE J 159 -62.66 -5.03 41.97
N PRO J 160 -61.40 -4.68 42.29
CA PRO J 160 -60.15 -5.30 41.85
C PRO J 160 -59.64 -6.36 42.84
N GLU J 161 -58.48 -6.95 42.53
CA GLU J 161 -57.87 -7.93 43.41
C GLU J 161 -57.33 -7.24 44.66
N PRO J 162 -57.12 -8.00 45.75
CA PRO J 162 -57.42 -9.42 45.95
C PRO J 162 -58.64 -9.65 46.85
N VAL J 163 -58.98 -10.92 47.08
CA VAL J 163 -60.06 -11.29 47.99
C VAL J 163 -59.54 -12.41 48.89
N THR J 164 -59.73 -12.24 50.20
CA THR J 164 -59.20 -13.19 51.18
C THR J 164 -60.35 -13.99 51.79
N VAL J 165 -60.20 -15.31 51.85
CA VAL J 165 -61.22 -16.20 52.35
C VAL J 165 -60.68 -16.93 53.57
N SER J 166 -61.45 -16.93 54.65
CA SER J 166 -61.12 -17.63 55.88
C SER J 166 -62.23 -18.61 56.22
N TRP J 167 -61.94 -19.55 57.13
CA TRP J 167 -62.91 -20.58 57.50
C TRP J 167 -62.98 -20.72 59.01
N ASN J 168 -64.21 -20.89 59.51
CA ASN J 168 -64.47 -21.08 60.93
C ASN J 168 -63.84 -19.97 61.77
N SER J 169 -63.99 -18.74 61.28
CA SER J 169 -63.35 -17.56 61.86
C SER J 169 -61.83 -17.75 61.91
N GLY J 170 -61.29 -18.42 60.90
CA GLY J 170 -59.88 -18.69 60.84
C GLY J 170 -59.41 -19.90 61.61
N ALA J 171 -60.33 -20.66 62.23
CA ALA J 171 -59.94 -21.83 62.99
C ALA J 171 -59.81 -23.08 62.14
N LEU J 172 -60.26 -23.04 60.88
CA LEU J 172 -60.21 -24.19 59.99
C LEU J 172 -59.12 -23.96 58.95
N THR J 173 -58.01 -24.69 59.09
CA THR J 173 -56.90 -24.61 58.14
C THR J 173 -56.51 -25.96 57.56
N SER J 174 -56.75 -27.06 58.28
CA SER J 174 -56.44 -28.38 57.76
C SER J 174 -57.39 -28.75 56.64
N GLY J 175 -56.85 -29.14 55.50
CA GLY J 175 -57.66 -29.52 54.36
C GLY J 175 -58.28 -28.37 53.61
N VAL J 176 -57.76 -27.15 53.79
CA VAL J 176 -58.30 -25.95 53.14
C VAL J 176 -57.36 -25.57 52.00
N HIS J 177 -57.92 -25.34 50.82
CA HIS J 177 -57.14 -24.95 49.66
C HIS J 177 -57.91 -23.93 48.84
N THR J 178 -57.27 -22.79 48.58
CA THR J 178 -57.84 -21.72 47.76
C THR J 178 -57.15 -21.72 46.41
N PHE J 179 -57.95 -21.75 45.35
CA PHE J 179 -57.33 -21.78 44.03
C PHE J 179 -57.12 -20.35 43.51
N PRO J 180 -56.08 -20.15 42.71
CA PRO J 180 -55.80 -18.80 42.19
C PRO J 180 -56.94 -18.27 41.34
N ALA J 181 -57.07 -16.94 41.34
CA ALA J 181 -58.16 -16.28 40.63
C ALA J 181 -58.02 -16.45 39.12
N VAL J 182 -59.15 -16.30 38.42
CA VAL J 182 -59.21 -16.42 36.98
C VAL J 182 -59.85 -15.17 36.42
N LEU J 183 -59.24 -14.60 35.38
CA LEU J 183 -59.78 -13.42 34.72
C LEU J 183 -60.91 -13.85 33.78
N GLN J 184 -61.99 -13.06 33.78
CA GLN J 184 -63.13 -13.32 32.92
C GLN J 184 -63.15 -12.33 31.75
N SER J 185 -63.91 -12.69 30.72
CA SER J 185 -64.03 -11.83 29.54
C SER J 185 -64.80 -10.55 29.85
N SER J 186 -65.51 -10.49 30.97
CA SER J 186 -66.28 -9.32 31.36
C SER J 186 -65.47 -8.32 32.18
N GLY J 187 -64.16 -8.56 32.36
CA GLY J 187 -63.34 -7.70 33.17
C GLY J 187 -63.46 -7.94 34.66
N LEU J 188 -64.09 -9.02 35.07
CA LEU J 188 -64.26 -9.36 36.48
C LEU J 188 -63.56 -10.68 36.78
N TYR J 189 -63.13 -10.83 38.02
CA TYR J 189 -62.39 -12.00 38.45
C TYR J 189 -63.30 -12.98 39.18
N SER J 190 -62.91 -14.26 39.16
CA SER J 190 -63.64 -15.31 39.85
C SER J 190 -62.65 -16.35 40.33
N LEU J 191 -62.98 -17.01 41.45
CA LEU J 191 -62.14 -18.06 42.00
C LEU J 191 -62.99 -18.95 42.90
N SER J 192 -62.42 -20.09 43.25
CA SER J 192 -63.08 -21.07 44.11
C SER J 192 -62.12 -21.50 45.21
N SER J 193 -62.69 -21.94 46.33
CA SER J 193 -61.90 -22.48 47.42
C SER J 193 -62.67 -23.63 48.05
N VAL J 194 -61.93 -24.64 48.53
CA VAL J 194 -62.53 -25.87 49.00
C VAL J 194 -61.84 -26.34 50.27
N VAL J 195 -62.45 -27.33 50.91
CA VAL J 195 -61.96 -27.91 52.15
C VAL J 195 -62.43 -29.36 52.22
N THR J 196 -61.55 -30.23 52.72
CA THR J 196 -61.83 -31.65 52.85
C THR J 196 -61.91 -32.03 54.31
N VAL J 197 -62.98 -32.74 54.69
CA VAL J 197 -63.23 -33.09 56.08
C VAL J 197 -63.66 -34.55 56.17
N PRO J 198 -63.56 -35.14 57.36
CA PRO J 198 -64.21 -36.45 57.58
C PRO J 198 -65.70 -36.35 57.31
N SER J 199 -66.24 -37.38 56.67
CA SER J 199 -67.66 -37.36 56.30
C SER J 199 -68.56 -37.67 57.48
N SER J 200 -68.02 -38.24 58.55
CA SER J 200 -68.84 -38.63 59.69
C SER J 200 -69.34 -37.43 60.49
N SER J 201 -68.66 -36.29 60.41
CA SER J 201 -69.00 -35.11 61.19
C SER J 201 -69.76 -34.06 60.40
N LEU J 202 -70.26 -34.41 59.21
CA LEU J 202 -70.99 -33.45 58.39
C LEU J 202 -72.26 -32.97 59.09
N GLY J 203 -72.93 -33.84 59.82
CA GLY J 203 -74.14 -33.50 60.54
C GLY J 203 -73.92 -32.96 61.94
N THR J 204 -72.69 -32.69 62.33
CA THR J 204 -72.38 -32.20 63.68
C THR J 204 -71.53 -30.94 63.72
N GLN J 205 -70.82 -30.60 62.64
CA GLN J 205 -69.97 -29.41 62.62
C GLN J 205 -70.47 -28.42 61.58
N THR J 206 -70.52 -27.15 61.97
CA THR J 206 -70.90 -26.08 61.07
C THR J 206 -69.67 -25.54 60.35
N TYR J 207 -69.76 -25.38 59.03
CA TYR J 207 -68.70 -24.84 58.21
C TYR J 207 -69.17 -23.52 57.62
N ILE J 208 -68.41 -22.46 57.85
CA ILE J 208 -68.73 -21.12 57.36
C ILE J 208 -67.49 -20.50 56.72
N CYS J 209 -67.65 -19.99 55.51
CA CYS J 209 -66.58 -19.30 54.81
C CYS J 209 -66.81 -17.80 54.87
N ASN J 210 -65.75 -17.06 55.21
CA ASN J 210 -65.78 -15.60 55.29
C ASN J 210 -64.98 -15.03 54.13
N VAL J 211 -65.59 -14.13 53.38
CA VAL J 211 -65.01 -13.53 52.18
C VAL J 211 -64.81 -12.05 52.44
N ASN J 212 -63.58 -11.57 52.22
CA ASN J 212 -63.20 -10.19 52.45
C ASN J 212 -62.67 -9.58 51.17
N HIS J 213 -63.24 -8.43 50.79
CA HIS J 213 -62.86 -7.65 49.62
C HIS J 213 -62.58 -6.24 50.13
N LYS J 214 -61.30 -5.96 50.43
CA LYS J 214 -60.94 -4.68 51.02
C LYS J 214 -61.26 -3.48 50.14
N PRO J 215 -60.99 -3.46 48.83
CA PRO J 215 -61.32 -2.26 48.04
C PRO J 215 -62.78 -1.87 48.10
N SER J 216 -63.70 -2.84 48.17
CA SER J 216 -65.12 -2.56 48.31
C SER J 216 -65.60 -2.66 49.75
N ASN J 217 -64.71 -2.96 50.69
CA ASN J 217 -65.06 -3.11 52.11
C ASN J 217 -66.21 -4.11 52.29
N THR J 218 -66.07 -5.26 51.63
CA THR J 218 -67.10 -6.28 51.63
C THR J 218 -66.69 -7.44 52.53
N LYS J 219 -67.56 -7.77 53.49
CA LYS J 219 -67.36 -8.92 54.37
C LYS J 219 -68.62 -9.77 54.33
N VAL J 220 -68.53 -10.96 53.74
CA VAL J 220 -69.69 -11.83 53.56
C VAL J 220 -69.39 -13.19 54.18
N ASP J 221 -70.26 -13.63 55.09
CA ASP J 221 -70.12 -14.92 55.75
C ASP J 221 -71.22 -15.84 55.25
N LYS J 222 -70.83 -16.98 54.68
CA LYS J 222 -71.79 -17.93 54.12
C LYS J 222 -71.54 -19.31 54.70
N ARG J 223 -72.61 -19.95 55.16
CA ARG J 223 -72.52 -21.29 55.73
C ARG J 223 -72.78 -22.33 54.64
N VAL J 224 -72.08 -23.45 54.75
CA VAL J 224 -72.20 -24.56 53.82
C VAL J 224 -73.00 -25.66 54.51
N GLU J 225 -74.19 -25.95 53.97
CA GLU J 225 -75.10 -26.92 54.57
C GLU J 225 -75.39 -28.05 53.59
N PRO J 226 -75.15 -29.31 53.97
CA PRO J 226 -75.41 -30.47 53.12
C PRO J 226 -76.88 -30.60 52.71
N GLY K 2 60.85 11.72 26.92
CA GLY K 2 60.69 10.95 28.14
C GLY K 2 60.46 9.47 27.92
N GLN K 3 60.72 9.01 26.69
CA GLN K 3 60.63 7.59 26.39
C GLN K 3 61.59 6.77 27.26
N PHE K 4 62.72 7.36 27.63
CA PHE K 4 63.65 6.67 28.53
C PHE K 4 63.00 6.40 29.89
N ILE K 5 62.27 7.38 30.41
CA ILE K 5 61.59 7.19 31.69
C ILE K 5 60.52 6.12 31.58
N SER K 6 59.77 6.13 30.48
CA SER K 6 58.75 5.11 30.27
C SER K 6 59.38 3.71 30.20
N PHE K 7 60.51 3.60 29.51
CA PHE K 7 61.21 2.32 29.43
C PHE K 7 61.70 1.87 30.79
N MET K 8 62.27 2.79 31.58
CA MET K 8 62.73 2.44 32.91
C MET K 8 61.56 2.08 33.82
N GLN K 9 60.36 2.57 33.49
CA GLN K 9 59.17 2.15 34.22
C GLN K 9 58.71 0.77 33.80
N GLU K 10 58.81 0.44 32.52
CA GLU K 10 58.24 -0.79 31.97
C GLU K 10 59.27 -1.90 31.74
N ILE K 11 60.48 -1.78 32.31
CA ILE K 11 61.48 -2.85 32.22
C ILE K 11 60.92 -4.23 32.54
N PRO K 12 60.18 -4.43 33.64
CA PRO K 12 59.75 -5.81 33.96
C PRO K 12 58.88 -6.45 32.89
N THR K 13 58.04 -5.69 32.20
CA THR K 13 57.22 -6.27 31.15
C THR K 13 58.04 -6.61 29.92
N PHE K 14 58.99 -5.73 29.55
CA PHE K 14 59.76 -5.93 28.34
C PHE K 14 60.89 -6.94 28.53
N LEU K 15 61.24 -7.29 29.78
CA LEU K 15 62.33 -8.23 30.01
C LEU K 15 61.98 -9.65 29.60
N GLN K 16 60.71 -9.92 29.28
CA GLN K 16 60.28 -11.29 29.04
C GLN K 16 60.62 -11.80 27.64
N GLU K 17 61.35 -11.02 26.83
CA GLU K 17 61.68 -11.40 25.47
C GLU K 17 63.18 -11.59 25.33
N ALA K 18 63.57 -12.69 24.69
CA ALA K 18 64.99 -13.00 24.53
C ALA K 18 65.71 -11.94 23.70
N LEU K 19 65.05 -11.43 22.66
CA LEU K 19 65.66 -10.38 21.85
C LEU K 19 65.92 -9.13 22.70
N ASN K 20 65.00 -8.80 23.61
CA ASN K 20 65.16 -7.61 24.43
C ASN K 20 66.37 -7.72 25.35
N ILE K 21 66.52 -8.85 26.04
CA ILE K 21 67.65 -9.03 26.94
C ILE K 21 68.95 -9.09 26.15
N ALA K 22 68.91 -9.72 24.98
CA ALA K 22 70.09 -9.77 24.13
C ALA K 22 70.54 -8.37 23.73
N LEU K 23 69.61 -7.55 23.26
CA LEU K 23 69.97 -6.20 22.81
C LEU K 23 70.48 -5.34 23.97
N VAL K 24 69.82 -5.42 25.13
CA VAL K 24 70.26 -4.58 26.24
C VAL K 24 71.63 -5.03 26.75
N ALA K 25 71.88 -6.34 26.78
CA ALA K 25 73.19 -6.83 27.18
C ALA K 25 74.27 -6.36 26.20
N VAL K 26 73.98 -6.44 24.90
CA VAL K 26 74.93 -5.97 23.90
C VAL K 26 75.23 -4.49 24.10
N SER K 27 74.19 -3.69 24.33
CA SER K 27 74.40 -2.25 24.51
C SER K 27 75.24 -1.96 25.74
N LEU K 28 74.96 -2.63 26.86
CA LEU K 28 75.71 -2.38 28.08
C LEU K 28 77.17 -2.78 27.91
N ILE K 29 77.41 -3.94 27.31
CA ILE K 29 78.78 -4.40 27.07
C ILE K 29 79.51 -3.41 26.17
N ALA K 30 78.83 -2.93 25.13
CA ALA K 30 79.46 -1.98 24.21
C ALA K 30 79.81 -0.68 24.92
N ILE K 31 78.92 -0.19 25.78
CA ILE K 31 79.19 1.07 26.48
C ILE K 31 80.40 0.91 27.41
N ILE K 32 80.47 -0.18 28.15
CA ILE K 32 81.58 -0.34 29.10
C ILE K 32 82.89 -0.57 28.36
N LYS K 33 82.86 -1.34 27.26
CA LYS K 33 84.06 -1.52 26.45
C LYS K 33 84.50 -0.21 25.82
N GLY K 34 83.55 0.64 25.43
CA GLY K 34 83.90 1.94 24.90
C GLY K 34 84.60 2.80 25.94
N VAL K 35 84.11 2.75 27.19
CA VAL K 35 84.80 3.45 28.27
C VAL K 35 86.23 2.92 28.41
N VAL K 36 86.38 1.59 28.36
CA VAL K 36 87.70 0.97 28.49
C VAL K 36 88.63 1.45 27.37
N ASN K 37 88.12 1.49 26.14
CA ASN K 37 88.93 1.88 25.01
C ASN K 37 89.32 3.36 25.08
N LEU K 38 88.38 4.21 25.51
CA LEU K 38 88.69 5.62 25.72
C LEU K 38 89.82 5.77 26.74
N TYR K 39 89.73 5.03 27.84
CA TYR K 39 90.80 5.06 28.84
C TYR K 39 92.13 4.64 28.22
N LYS K 40 92.13 3.52 27.50
CA LYS K 40 93.37 3.05 26.88
C LYS K 40 93.87 3.97 25.78
N SER K 41 93.05 4.88 25.30
CA SER K 41 93.51 5.84 24.30
C SER K 41 94.56 6.76 24.87
N GLY K 42 94.18 7.62 25.81
CA GLY K 42 95.07 8.64 26.33
C GLY K 42 94.70 10.07 25.98
N LEU K 43 93.55 10.29 25.35
CA LEU K 43 93.04 11.64 25.20
C LEU K 43 92.77 12.27 26.55
N PHE K 44 92.20 11.49 27.47
CA PHE K 44 92.07 11.93 28.85
C PHE K 44 93.43 12.19 29.47
N GLN K 45 94.44 11.39 29.11
CA GLN K 45 95.80 11.65 29.56
C GLN K 45 96.29 13.00 29.07
N PHE K 46 96.00 13.33 27.81
CA PHE K 46 96.38 14.66 27.29
C PHE K 46 95.66 15.78 28.04
N PHE K 47 94.37 15.60 28.34
CA PHE K 47 93.65 16.60 29.10
C PHE K 47 94.25 16.78 30.49
N VAL K 48 94.61 15.67 31.14
CA VAL K 48 95.26 15.75 32.45
C VAL K 48 96.60 16.44 32.35
N PHE K 49 97.34 16.17 31.27
CA PHE K 49 98.64 16.80 31.07
C PHE K 49 98.49 18.30 30.90
N LEU K 50 97.49 18.73 30.15
CA LEU K 50 97.23 20.16 30.00
C LEU K 50 96.82 20.80 31.32
N ALA K 51 95.96 20.11 32.08
CA ALA K 51 95.52 20.63 33.37
C ALA K 51 96.62 20.60 34.43
N LEU K 52 97.70 19.85 34.18
CA LEU K 52 98.81 19.72 35.12
C LEU K 52 100.00 20.60 34.74
N ALA K 53 100.11 21.00 33.48
CA ALA K 53 101.26 21.76 33.01
C ALA K 53 101.45 23.06 33.78
N GLY K 54 102.56 23.17 34.51
CA GLY K 54 102.88 24.36 35.26
C GLY K 54 102.60 24.30 36.76
N ARG K 55 102.13 23.16 37.26
CA ARG K 55 101.84 23.01 38.69
C ARG K 55 102.96 22.27 39.42
N SER K 56 103.25 21.04 39.00
CA SER K 56 104.30 20.23 39.62
C SER K 56 104.98 19.38 38.55
N CYS K 57 106.24 19.04 38.80
CA CYS K 57 107.05 18.27 37.86
C CYS K 57 107.15 16.80 38.26
N THR K 58 106.11 16.24 38.85
CA THR K 58 106.08 14.84 39.23
C THR K 58 105.29 14.02 38.21
N ALA L 3 43.49 -26.79 -11.48
CA ALA L 3 44.39 -27.05 -10.36
C ALA L 3 45.81 -27.28 -10.84
N PHE L 4 46.41 -26.25 -11.43
CA PHE L 4 47.76 -26.32 -11.97
C PHE L 4 48.70 -25.44 -11.15
N LYS L 5 49.91 -25.95 -10.91
CA LYS L 5 50.88 -25.21 -10.12
C LYS L 5 51.20 -23.86 -10.77
N ILE L 6 51.20 -22.80 -9.96
CA ILE L 6 51.33 -21.44 -10.46
C ILE L 6 52.59 -20.83 -9.85
N GLY L 7 53.48 -20.32 -10.71
CA GLY L 7 54.71 -19.72 -10.25
C GLY L 7 55.66 -20.72 -9.63
N LEU L 8 55.88 -20.60 -8.32
CA LEU L 8 56.73 -21.52 -7.59
C LEU L 8 56.29 -21.54 -6.13
N HIS L 9 56.13 -22.74 -5.59
CA HIS L 9 55.67 -23.02 -4.22
C HIS L 9 54.21 -22.64 -4.01
N THR L 10 53.55 -22.05 -5.00
CA THR L 10 52.16 -21.64 -4.88
C THR L 10 51.31 -22.46 -5.85
N GLU L 11 50.14 -22.86 -5.39
CA GLU L 11 49.26 -23.75 -6.14
C GLU L 11 47.91 -23.08 -6.36
N PHE L 12 47.15 -23.63 -7.29
CA PHE L 12 45.85 -23.10 -7.68
C PHE L 12 44.79 -24.11 -7.23
N GLN L 13 43.84 -23.65 -6.42
CA GLN L 13 42.78 -24.54 -5.94
C GLN L 13 41.48 -23.77 -5.82
N THR L 14 40.38 -24.45 -6.14
CA THR L 14 39.05 -23.85 -6.16
C THR L 14 38.14 -24.58 -5.17
N VAL L 15 37.08 -23.90 -4.77
CA VAL L 15 36.10 -24.43 -3.82
C VAL L 15 34.70 -24.15 -4.36
N SER L 16 33.84 -25.16 -4.30
CA SER L 16 32.46 -25.03 -4.77
C SER L 16 31.50 -25.56 -3.72
N PHE L 17 30.43 -24.83 -3.47
CA PHE L 17 29.46 -25.18 -2.44
C PHE L 17 28.30 -25.98 -3.01
N SER L 18 27.68 -26.79 -2.17
CA SER L 18 26.56 -27.63 -2.56
C SER L 18 25.25 -26.96 -2.14
N MET L 19 24.32 -26.84 -3.09
CA MET L 19 23.05 -26.16 -2.82
C MET L 19 22.02 -27.08 -2.17
N VAL L 20 22.14 -28.40 -2.37
CA VAL L 20 21.13 -29.32 -1.88
C VAL L 20 21.06 -29.26 -0.35
N GLY L 21 22.22 -29.23 0.30
CA GLY L 21 22.23 -29.20 1.76
C GLY L 21 21.57 -27.96 2.31
N LEU L 22 21.92 -26.79 1.75
CA LEU L 22 21.30 -25.55 2.20
C LEU L 22 19.80 -25.57 1.99
N PHE L 23 19.35 -25.96 0.79
CA PHE L 23 17.92 -25.90 0.48
C PHE L 23 17.11 -26.96 1.19
N SER L 24 17.74 -28.05 1.65
CA SER L 24 17.02 -29.10 2.36
C SER L 24 17.29 -29.09 3.86
N ASN L 25 18.09 -28.16 4.36
CA ASN L 25 18.43 -28.12 5.78
C ASN L 25 17.83 -26.96 6.54
N ASN L 26 17.52 -25.85 5.89
CA ASN L 26 16.93 -24.71 6.57
C ASN L 26 15.58 -25.10 7.17
N PRO L 27 15.38 -24.96 8.49
CA PRO L 27 14.12 -25.43 9.08
C PRO L 27 12.88 -24.78 8.52
N HIS L 28 12.93 -23.49 8.20
CA HIS L 28 11.79 -22.82 7.59
C HIS L 28 11.73 -23.10 6.10
N ASP L 29 10.51 -23.07 5.56
CA ASP L 29 10.33 -23.26 4.13
C ASP L 29 10.78 -22.02 3.37
N LEU L 30 11.30 -22.23 2.18
CA LEU L 30 11.75 -21.14 1.34
C LEU L 30 11.16 -21.26 -0.06
N PRO L 31 10.86 -20.13 -0.71
CA PRO L 31 10.33 -20.19 -2.07
C PRO L 31 11.34 -20.76 -3.05
N LEU L 32 10.83 -21.46 -4.06
CA LEU L 32 11.65 -22.04 -5.12
C LEU L 32 11.19 -21.50 -6.47
N LEU L 33 12.15 -21.12 -7.29
CA LEU L 33 11.88 -20.70 -8.66
C LEU L 33 12.77 -21.48 -9.60
N CYS L 34 12.18 -21.96 -10.70
CA CYS L 34 12.89 -22.87 -11.58
C CYS L 34 12.55 -22.57 -13.03
N THR L 35 13.48 -22.95 -13.91
CA THR L 35 13.28 -22.86 -15.35
C THR L 35 13.49 -24.23 -15.95
N LEU L 36 12.58 -24.66 -16.80
CA LEU L 36 12.66 -25.96 -17.45
C LEU L 36 12.44 -25.79 -18.94
N ASN L 37 13.39 -26.32 -19.72
CA ASN L 37 13.47 -26.15 -21.17
C ASN L 37 13.44 -24.65 -21.44
N LYS L 38 12.56 -24.13 -22.27
CA LYS L 38 12.50 -22.69 -22.46
C LYS L 38 11.11 -22.11 -22.24
N SER L 39 10.12 -22.92 -21.88
CA SER L 39 8.77 -22.42 -21.64
C SER L 39 8.23 -22.78 -20.26
N HIS L 40 8.76 -23.80 -19.59
CA HIS L 40 8.15 -24.28 -18.35
C HIS L 40 8.75 -23.51 -17.18
N LEU L 41 8.10 -22.44 -16.75
CA LEU L 41 8.61 -21.72 -15.59
C LEU L 41 7.86 -22.19 -14.36
N TYR L 42 8.59 -22.40 -13.27
CA TYR L 42 8.01 -23.03 -12.08
C TYR L 42 8.21 -22.13 -10.87
N ILE L 43 7.15 -22.02 -10.06
CA ILE L 43 7.23 -21.33 -8.77
C ILE L 43 6.63 -22.24 -7.72
N LYS L 44 7.21 -22.23 -6.52
CA LYS L 44 6.72 -23.08 -5.44
C LYS L 44 6.87 -22.35 -4.11
N GLY L 45 5.79 -22.29 -3.36
CA GLY L 45 5.82 -21.67 -2.04
C GLY L 45 4.83 -22.30 -1.09
N GLY L 46 5.29 -22.62 0.13
CA GLY L 46 4.45 -23.33 1.08
C GLY L 46 4.05 -24.68 0.57
N ASN L 47 2.77 -24.84 0.21
CA ASN L 47 2.28 -26.06 -0.43
C ASN L 47 1.68 -25.80 -1.80
N ALA L 48 1.92 -24.63 -2.38
CA ALA L 48 1.39 -24.27 -3.69
C ALA L 48 2.50 -24.34 -4.72
N SER L 49 2.31 -25.19 -5.73
CA SER L 49 3.29 -25.38 -6.81
C SER L 49 2.63 -25.01 -8.13
N PHE L 50 3.02 -23.87 -8.68
CA PHE L 50 2.42 -23.33 -9.89
C PHE L 50 3.37 -23.46 -11.07
N LYS L 51 2.81 -23.80 -12.22
CA LYS L 51 3.50 -23.85 -13.49
C LYS L 51 2.99 -22.73 -14.37
N ILE L 52 3.92 -22.03 -15.01
CA ILE L 52 3.63 -20.85 -15.83
C ILE L 52 4.12 -21.13 -17.24
N SER L 53 3.27 -20.84 -18.22
CA SER L 53 3.58 -20.99 -19.62
C SER L 53 3.10 -19.76 -20.39
N PHE L 54 3.71 -19.52 -21.54
CA PHE L 54 3.37 -18.40 -22.40
C PHE L 54 3.04 -18.94 -23.79
N ASP L 55 1.84 -18.67 -24.27
CA ASP L 55 1.48 -19.15 -25.61
C ASP L 55 0.34 -18.31 -26.14
N ASP L 56 -0.30 -18.79 -27.22
CA ASP L 56 -1.30 -18.01 -27.96
C ASP L 56 -2.66 -18.68 -27.90
N ILE L 57 -3.09 -19.11 -26.72
CA ILE L 57 -4.38 -19.76 -26.52
C ILE L 57 -5.17 -18.97 -25.48
N ALA L 58 -6.44 -18.70 -25.79
CA ALA L 58 -7.33 -18.01 -24.87
C ALA L 58 -8.19 -19.02 -24.15
N VAL L 59 -8.15 -19.00 -22.82
CA VAL L 59 -8.91 -19.94 -22.00
C VAL L 59 -9.89 -19.24 -21.07
N LEU L 60 -9.74 -17.94 -20.80
CA LEU L 60 -10.68 -17.18 -20.02
C LEU L 60 -11.06 -15.92 -20.78
N LEU L 61 -12.31 -15.49 -20.63
CA LEU L 61 -12.84 -14.30 -21.27
C LEU L 61 -13.52 -13.43 -20.23
N PRO L 62 -13.43 -12.09 -20.37
CA PRO L 62 -14.06 -11.21 -19.38
C PRO L 62 -15.56 -11.34 -19.31
N GLU L 63 -16.20 -11.81 -20.37
CA GLU L 63 -17.65 -11.98 -20.40
C GLU L 63 -18.07 -13.34 -19.87
N TYR L 64 -17.15 -14.11 -19.29
CA TYR L 64 -17.45 -15.43 -18.76
C TYR L 64 -16.90 -15.69 -17.37
N ASP L 65 -15.89 -14.96 -16.90
CA ASP L 65 -15.30 -15.24 -15.60
C ASP L 65 -14.94 -13.93 -14.92
N VAL L 66 -14.15 -14.03 -13.83
CA VAL L 66 -13.94 -12.93 -12.91
C VAL L 66 -12.83 -12.02 -13.42
N ILE L 67 -13.08 -10.72 -13.41
CA ILE L 67 -12.09 -9.71 -13.77
C ILE L 67 -11.53 -9.16 -12.47
N ILE L 68 -10.39 -9.70 -12.04
CA ILE L 68 -9.79 -9.30 -10.77
C ILE L 68 -9.24 -7.88 -10.92
N GLN L 69 -9.74 -6.97 -10.10
CA GLN L 69 -9.31 -5.58 -10.07
C GLN L 69 -8.69 -5.15 -8.76
N HIS L 70 -9.09 -5.76 -7.64
CA HIS L 70 -8.59 -5.42 -6.32
C HIS L 70 -8.17 -6.69 -5.59
N PRO L 71 -7.15 -6.60 -4.74
CA PRO L 71 -6.71 -7.80 -4.00
C PRO L 71 -7.79 -8.41 -3.13
N ALA L 72 -8.78 -7.61 -2.69
CA ALA L 72 -9.92 -8.17 -1.97
C ALA L 72 -10.70 -9.11 -2.88
N ASP L 73 -10.86 -8.74 -4.15
CA ASP L 73 -11.57 -9.59 -5.10
C ASP L 73 -10.81 -10.87 -5.41
N MET L 74 -9.51 -10.92 -5.10
CA MET L 74 -8.72 -12.12 -5.37
C MET L 74 -9.25 -13.33 -4.61
N SER L 75 -9.98 -13.12 -3.51
CA SER L 75 -10.42 -14.22 -2.66
C SER L 75 -11.41 -15.15 -3.36
N TRP L 76 -11.97 -14.75 -4.50
CA TRP L 76 -12.94 -15.58 -5.22
C TRP L 76 -12.30 -16.52 -6.23
N CYS L 77 -10.97 -16.58 -6.30
CA CYS L 77 -10.30 -17.38 -7.31
C CYS L 77 -9.81 -18.74 -6.80
N SER L 78 -9.64 -18.92 -5.50
CA SER L 78 -9.05 -20.14 -4.97
C SER L 78 -9.83 -20.64 -3.77
N LYS L 79 -9.55 -21.88 -3.39
CA LYS L 79 -10.11 -22.50 -2.21
C LYS L 79 -9.13 -22.59 -1.05
N SER L 80 -7.86 -22.24 -1.27
CA SER L 80 -6.82 -22.38 -0.25
C SER L 80 -6.16 -21.03 -0.02
N ASP L 81 -5.96 -20.69 1.26
CA ASP L 81 -5.33 -19.42 1.60
C ASP L 81 -3.88 -19.37 1.13
N ASP L 82 -3.20 -20.52 1.14
CA ASP L 82 -1.81 -20.55 0.69
C ASP L 82 -1.69 -20.16 -0.78
N GLN L 83 -2.61 -20.67 -1.63
CA GLN L 83 -2.57 -20.34 -3.04
C GLN L 83 -2.85 -18.86 -3.27
N ILE L 84 -3.81 -18.30 -2.53
CA ILE L 84 -4.11 -16.87 -2.66
C ILE L 84 -2.91 -16.03 -2.24
N TRP L 85 -2.28 -16.40 -1.12
CA TRP L 85 -1.11 -15.68 -0.66
C TRP L 85 0.02 -15.73 -1.67
N LEU L 86 0.26 -16.91 -2.26
CA LEU L 86 1.31 -17.03 -3.26
C LEU L 86 0.99 -16.20 -4.51
N SER L 87 -0.28 -16.19 -4.93
CA SER L 87 -0.66 -15.41 -6.10
C SER L 87 -0.43 -13.93 -5.87
N GLN L 88 -0.89 -13.41 -4.73
CA GLN L 88 -0.67 -11.99 -4.43
C GLN L 88 0.83 -11.70 -4.29
N TRP L 89 1.57 -12.60 -3.65
CA TRP L 89 3.01 -12.47 -3.51
C TRP L 89 3.68 -12.30 -4.87
N PHE L 90 3.34 -13.19 -5.82
CA PHE L 90 3.95 -13.12 -7.14
C PHE L 90 3.56 -11.84 -7.88
N MET L 91 2.27 -11.47 -7.80
CA MET L 91 1.83 -10.29 -8.54
C MET L 91 2.47 -9.02 -8.02
N ASN L 92 2.64 -8.90 -6.70
CA ASN L 92 3.32 -7.73 -6.15
C ASN L 92 4.83 -7.80 -6.36
N ALA L 93 5.40 -8.99 -6.47
CA ALA L 93 6.83 -9.10 -6.81
C ALA L 93 7.08 -8.64 -8.24
N VAL L 94 6.18 -9.01 -9.17
CA VAL L 94 6.31 -8.58 -10.55
C VAL L 94 6.17 -7.07 -10.67
N GLY L 95 5.35 -6.45 -9.82
CA GLY L 95 5.19 -5.01 -9.85
C GLY L 95 3.95 -4.56 -10.59
N HIS L 96 2.80 -5.15 -10.27
CA HIS L 96 1.54 -4.75 -10.86
C HIS L 96 0.79 -3.83 -9.92
N ASP L 97 0.34 -2.68 -10.44
CA ASP L 97 -0.48 -1.73 -9.70
C ASP L 97 -1.94 -2.07 -9.96
N TRP L 98 -2.63 -2.54 -8.92
CA TRP L 98 -3.97 -3.09 -9.10
C TRP L 98 -4.96 -2.05 -9.60
N TYR L 99 -4.92 -0.84 -9.05
CA TYR L 99 -5.88 0.20 -9.39
C TYR L 99 -5.36 1.20 -10.41
N LEU L 100 -4.33 0.83 -11.17
CA LEU L 100 -3.81 1.72 -12.20
C LEU L 100 -3.54 1.04 -13.53
N ASP L 101 -3.49 -0.29 -13.59
CA ASP L 101 -3.19 -1.03 -14.81
C ASP L 101 -4.35 -1.95 -15.18
N PRO L 102 -4.44 -2.36 -16.44
CA PRO L 102 -5.55 -3.21 -16.85
C PRO L 102 -5.58 -4.48 -16.04
N PRO L 103 -6.76 -5.00 -15.73
CA PRO L 103 -6.89 -6.13 -14.82
C PRO L 103 -6.45 -7.44 -15.46
N PHE L 104 -6.57 -8.52 -14.68
CA PHE L 104 -6.34 -9.86 -15.19
C PHE L 104 -7.51 -10.74 -14.79
N LEU L 105 -7.58 -11.94 -15.37
CA LEU L 105 -8.77 -12.76 -15.30
C LEU L 105 -8.52 -14.02 -14.48
N CYS L 106 -9.54 -14.42 -13.72
CA CYS L 106 -9.46 -15.61 -12.87
C CYS L 106 -10.82 -16.30 -12.84
N ARG L 107 -10.79 -17.57 -12.47
CA ARG L 107 -11.98 -18.42 -12.40
C ARG L 107 -12.51 -18.46 -10.97
N ASN L 108 -13.83 -18.49 -10.84
CA ASN L 108 -14.44 -18.50 -9.52
C ASN L 108 -14.45 -19.90 -8.93
N ARG L 109 -14.38 -19.97 -7.61
CA ARG L 109 -14.17 -21.23 -6.90
C ARG L 109 -15.29 -22.24 -7.11
N THR L 110 -16.49 -21.80 -7.45
CA THR L 110 -17.64 -22.70 -7.48
C THR L 110 -17.68 -23.51 -8.77
N LYS L 111 -16.57 -24.17 -9.09
CA LYS L 111 -16.49 -25.07 -10.24
C LYS L 111 -15.54 -26.20 -9.90
N THR L 112 -15.84 -27.39 -10.43
CA THR L 112 -15.01 -28.56 -10.21
C THR L 112 -13.87 -28.68 -11.21
N GLU L 113 -13.51 -27.58 -11.89
CA GLU L 113 -12.45 -27.63 -12.89
C GLU L 113 -11.08 -27.63 -12.24
N GLY L 114 -10.75 -26.56 -11.54
CA GLY L 114 -9.44 -26.43 -10.92
C GLY L 114 -9.10 -24.96 -10.71
N PHE L 115 -7.81 -24.67 -10.80
CA PHE L 115 -7.28 -23.33 -10.61
C PHE L 115 -6.51 -22.93 -11.86
N ILE L 116 -6.87 -21.80 -12.46
CA ILE L 116 -6.19 -21.26 -13.62
C ILE L 116 -6.26 -19.74 -13.54
N PHE L 117 -5.14 -19.06 -13.80
CA PHE L 117 -5.25 -17.62 -13.97
C PHE L 117 -4.39 -17.15 -15.13
N GLN L 118 -4.91 -16.17 -15.87
CA GLN L 118 -4.37 -15.76 -17.15
C GLN L 118 -4.08 -14.26 -17.15
N VAL L 119 -2.95 -13.88 -17.73
CA VAL L 119 -2.53 -12.49 -17.85
C VAL L 119 -2.26 -12.18 -19.32
N ASN L 120 -2.68 -11.00 -19.77
CA ASN L 120 -2.43 -10.54 -21.13
C ASN L 120 -1.15 -9.72 -21.13
N THR L 121 -0.14 -10.18 -21.86
CA THR L 121 1.12 -9.45 -22.03
C THR L 121 1.49 -9.40 -23.51
N SER L 122 0.51 -9.08 -24.34
CA SER L 122 0.74 -9.00 -25.78
C SER L 122 1.65 -7.81 -26.10
N LYS L 123 2.19 -7.82 -27.31
CA LYS L 123 3.18 -6.82 -27.70
C LYS L 123 2.64 -5.92 -28.82
N THR L 124 1.41 -5.45 -28.68
CA THR L 124 0.81 -4.58 -29.66
C THR L 124 -0.22 -3.68 -28.99
N GLY L 125 -0.64 -2.64 -29.70
CA GLY L 125 -1.66 -1.73 -29.25
C GLY L 125 -1.27 -1.01 -27.98
N ILE L 126 -2.27 -0.70 -27.16
CA ILE L 126 -2.01 -0.08 -25.87
C ILE L 126 -1.22 -1.03 -24.97
N ASN L 127 -1.62 -2.31 -24.96
CA ASN L 127 -1.01 -3.28 -24.06
C ASN L 127 0.49 -3.37 -24.26
N GLU L 128 0.97 -3.00 -25.44
CA GLU L 128 2.41 -2.89 -25.65
C GLU L 128 3.09 -2.32 -24.42
N ASN L 129 2.64 -1.16 -23.94
CA ASN L 129 3.31 -0.52 -22.82
C ASN L 129 3.32 -1.44 -21.60
N TYR L 130 2.16 -1.99 -21.25
CA TYR L 130 2.11 -2.92 -20.13
C TYR L 130 3.11 -4.06 -20.34
N ALA L 131 3.21 -4.55 -21.58
CA ALA L 131 4.14 -5.63 -21.89
C ALA L 131 5.55 -5.30 -21.44
N LYS L 132 5.96 -4.05 -21.62
CA LYS L 132 7.24 -3.62 -21.08
C LYS L 132 7.29 -3.88 -19.58
N LYS L 133 6.40 -3.24 -18.82
CA LYS L 133 6.50 -3.33 -17.37
C LYS L 133 6.64 -4.79 -16.94
N PHE L 134 5.62 -5.60 -17.21
CA PHE L 134 5.66 -6.99 -16.79
C PHE L 134 6.97 -7.64 -17.22
N LYS L 135 7.34 -7.44 -18.48
CA LYS L 135 8.61 -7.99 -18.97
C LYS L 135 9.71 -7.75 -17.94
N THR L 136 10.01 -6.48 -17.67
CA THR L 136 11.11 -6.18 -16.76
C THR L 136 10.94 -6.94 -15.45
N GLY L 137 9.73 -6.98 -14.91
CA GLY L 137 9.47 -7.75 -13.72
C GLY L 137 10.11 -9.12 -13.77
N MET L 138 9.71 -9.95 -14.73
CA MET L 138 10.25 -11.31 -14.81
C MET L 138 11.76 -11.30 -15.02
N HIS L 139 12.27 -10.27 -15.70
CA HIS L 139 13.71 -10.16 -15.93
C HIS L 139 14.49 -10.01 -14.63
N HIS L 140 13.85 -9.53 -13.55
CA HIS L 140 14.54 -9.31 -12.29
C HIS L 140 14.36 -10.44 -11.28
N LEU L 141 13.69 -11.53 -11.66
CA LEU L 141 13.47 -12.65 -10.74
C LEU L 141 14.16 -13.93 -11.18
N TYR L 142 13.99 -14.34 -12.44
CA TYR L 142 14.48 -15.65 -12.85
C TYR L 142 15.96 -15.67 -13.20
N ARG L 143 16.65 -14.53 -13.13
CA ARG L 143 18.08 -14.43 -13.44
C ARG L 143 18.31 -14.68 -14.92
N GLU L 144 17.25 -15.02 -15.64
CA GLU L 144 17.25 -15.21 -17.08
C GLU L 144 15.81 -15.08 -17.55
N TYR L 145 15.62 -15.13 -18.86
CA TYR L 145 14.27 -15.06 -19.37
C TYR L 145 14.19 -15.69 -20.76
N PRO L 146 13.90 -16.98 -20.84
CA PRO L 146 13.68 -17.60 -22.16
C PRO L 146 12.36 -17.11 -22.75
N ASP L 147 12.35 -15.88 -23.24
CA ASP L 147 11.12 -15.30 -23.77
C ASP L 147 10.59 -16.15 -24.93
N SER L 148 9.29 -16.44 -24.88
CA SER L 148 8.68 -17.37 -25.81
C SER L 148 7.49 -16.75 -26.55
N CYS L 149 7.50 -15.44 -26.73
CA CYS L 149 6.48 -14.80 -27.55
C CYS L 149 7.04 -13.54 -28.18
N LEU L 150 6.96 -13.46 -29.50
CA LEU L 150 7.49 -12.37 -30.30
C LEU L 150 6.40 -11.31 -30.45
N ASP L 151 6.56 -10.42 -31.43
CA ASP L 151 5.63 -9.33 -31.72
C ASP L 151 4.28 -9.83 -32.28
N GLY L 152 4.01 -11.13 -32.25
CA GLY L 152 2.75 -11.67 -32.73
C GLY L 152 1.52 -11.05 -32.08
N LYS L 153 0.34 -11.42 -32.58
CA LYS L 153 -0.89 -10.73 -32.18
C LYS L 153 -1.16 -10.86 -30.68
N LEU L 154 -0.98 -12.05 -30.13
CA LEU L 154 -1.27 -12.29 -28.73
C LEU L 154 -0.11 -13.00 -28.06
N CYS L 155 0.10 -12.69 -26.79
CA CYS L 155 1.05 -13.41 -25.92
C CYS L 155 0.37 -13.54 -24.56
N LEU L 156 -0.35 -14.64 -24.36
CA LEU L 156 -1.09 -14.86 -23.13
C LEU L 156 -0.31 -15.77 -22.21
N MET L 157 -0.18 -15.36 -20.95
CA MET L 157 0.48 -16.15 -19.92
C MET L 157 -0.57 -16.86 -19.09
N LYS L 158 -0.38 -18.17 -18.91
CA LYS L 158 -1.29 -18.98 -18.10
C LYS L 158 -0.53 -19.62 -16.97
N ALA L 159 -1.15 -19.63 -15.79
CA ALA L 159 -0.59 -20.28 -14.61
C ALA L 159 -1.59 -21.27 -14.05
N GLN L 160 -1.12 -22.49 -13.79
CA GLN L 160 -1.93 -23.63 -13.41
C GLN L 160 -1.15 -24.49 -12.42
N PRO L 161 -1.81 -25.04 -11.39
CA PRO L 161 -1.06 -25.80 -10.37
C PRO L 161 -0.84 -27.25 -10.75
N THR L 162 0.42 -27.68 -10.75
CA THR L 162 0.79 -29.05 -11.06
C THR L 162 1.72 -29.57 -9.98
N SER L 163 2.06 -30.86 -10.09
CA SER L 163 3.02 -31.46 -9.17
C SER L 163 4.42 -30.94 -9.47
N TRP L 164 5.30 -31.04 -8.48
CA TRP L 164 6.65 -30.52 -8.59
C TRP L 164 7.56 -31.55 -9.25
N PRO L 165 8.11 -31.27 -10.43
CA PRO L 165 9.03 -32.22 -11.05
C PRO L 165 10.30 -32.39 -10.22
N LEU L 166 10.81 -33.61 -10.18
CA LEU L 166 12.03 -33.90 -9.44
C LEU L 166 13.28 -33.82 -10.33
N GLN L 167 13.40 -32.73 -11.08
CA GLN L 167 14.60 -32.50 -11.88
C GLN L 167 15.03 -31.04 -11.91
N CYS L 168 14.30 -30.14 -11.27
CA CYS L 168 14.57 -28.71 -11.42
C CYS L 168 15.91 -28.34 -10.81
N PRO L 169 16.72 -27.54 -11.50
CA PRO L 169 17.92 -26.98 -10.85
C PRO L 169 17.54 -26.15 -9.64
N LEU L 170 18.34 -26.29 -8.58
CA LEU L 170 18.03 -25.65 -7.30
C LEU L 170 18.65 -24.25 -7.26
N ASP L 171 18.08 -23.38 -8.09
CA ASP L 171 18.53 -21.99 -8.11
C ASP L 171 18.19 -21.29 -6.81
N HIS L 172 19.02 -20.31 -6.45
CA HIS L 172 18.81 -19.55 -5.23
C HIS L 172 18.88 -18.04 -5.40
N VAL L 173 19.47 -17.53 -6.49
CA VAL L 173 19.45 -16.10 -6.74
C VAL L 173 18.01 -15.62 -6.89
N ASN L 174 17.17 -16.43 -7.52
CA ASN L 174 15.76 -16.09 -7.64
C ASN L 174 15.10 -16.02 -6.28
N THR L 175 15.42 -16.96 -5.39
CA THR L 175 14.88 -16.92 -4.03
C THR L 175 15.29 -15.64 -3.32
N LEU L 176 16.56 -15.26 -3.46
CA LEU L 176 17.04 -14.03 -2.83
C LEU L 176 16.29 -12.81 -3.36
N HIS L 177 16.10 -12.73 -4.68
CA HIS L 177 15.40 -11.57 -5.23
C HIS L 177 13.92 -11.56 -4.82
N PHE L 178 13.29 -12.74 -4.80
CA PHE L 178 11.91 -12.83 -4.35
C PHE L 178 11.75 -12.30 -2.93
N LEU L 179 12.58 -12.80 -2.01
CA LEU L 179 12.50 -12.35 -0.63
C LEU L 179 12.89 -10.89 -0.48
N THR L 180 13.77 -10.40 -1.36
CA THR L 180 14.24 -9.02 -1.25
C THR L 180 13.16 -8.03 -1.67
N ARG L 181 12.46 -8.32 -2.77
CA ARG L 181 11.55 -7.32 -3.33
C ARG L 181 10.37 -7.06 -2.41
N GLY L 182 9.59 -8.10 -2.11
CA GLY L 182 8.42 -7.90 -1.28
C GLY L 182 8.72 -7.97 0.21
N LYS L 183 7.86 -7.34 1.00
CA LYS L 183 8.04 -7.24 2.44
C LYS L 183 6.77 -7.70 3.17
N ASN L 184 6.86 -7.76 4.49
CA ASN L 184 5.78 -8.24 5.36
C ASN L 184 5.35 -9.65 4.95
N ILE L 185 6.34 -10.52 4.73
CA ILE L 185 6.09 -11.88 4.29
C ILE L 185 6.73 -12.83 5.31
N GLN L 186 5.93 -13.73 5.86
CA GLN L 186 6.39 -14.73 6.82
C GLN L 186 6.28 -16.11 6.18
N LEU L 187 7.40 -16.83 6.13
CA LEU L 187 7.45 -18.14 5.53
C LEU L 187 7.18 -19.22 6.57
N PRO L 188 6.24 -20.12 6.29
CA PRO L 188 5.87 -21.13 7.30
C PRO L 188 6.77 -22.34 7.30
N ARG L 189 6.45 -23.31 8.15
CA ARG L 189 7.11 -24.60 8.16
C ARG L 189 6.12 -25.68 7.73
N ALA M 1 28.05 -17.64 18.54
CA ALA M 1 27.02 -16.73 18.07
C ALA M 1 27.01 -16.67 16.54
N PHE M 2 27.23 -15.48 15.99
CA PHE M 2 27.23 -15.26 14.54
C PHE M 2 28.60 -14.77 14.09
N PHE M 3 28.69 -14.37 12.83
CA PHE M 3 29.97 -14.08 12.20
C PHE M 3 30.40 -12.65 12.53
N SER M 4 30.97 -12.49 13.71
CA SER M 4 31.66 -11.26 14.09
C SER M 4 32.95 -11.61 14.82
N TRP M 5 33.69 -12.58 14.28
CA TRP M 5 34.87 -13.12 14.95
C TRP M 5 35.92 -12.05 15.17
N SER M 6 36.31 -11.86 16.43
CA SER M 6 37.45 -11.01 16.76
C SER M 6 38.73 -11.83 16.86
N LEU M 7 39.01 -12.60 15.81
CA LEU M 7 40.16 -13.51 15.76
C LEU M 7 40.16 -14.48 16.93
N GLY M 17 42.27 -25.34 12.68
CA GLY M 17 42.97 -24.16 13.14
C GLY M 17 42.20 -22.87 12.88
N GLY M 18 40.89 -22.98 12.91
CA GLY M 18 40.03 -21.84 12.66
C GLY M 18 38.68 -22.31 12.15
N TYR M 19 38.04 -21.44 11.37
CA TYR M 19 36.74 -21.78 10.79
C TYR M 19 36.89 -22.95 9.82
N CYS M 20 35.99 -23.92 9.95
CA CYS M 20 36.01 -25.09 9.09
C CYS M 20 34.60 -25.35 8.59
N LEU M 21 34.51 -25.99 7.43
CA LEU M 21 33.23 -26.36 6.84
C LEU M 21 33.23 -27.85 6.51
N GLU M 22 32.08 -28.49 6.74
CA GLU M 22 31.96 -29.93 6.66
C GLU M 22 31.28 -30.36 5.35
N GLU M 23 30.93 -31.65 5.29
CA GLU M 23 30.49 -32.26 4.04
C GLU M 23 29.27 -31.57 3.45
N TRP M 24 28.22 -31.37 4.26
CA TRP M 24 26.98 -30.87 3.71
C TRP M 24 27.06 -29.41 3.28
N MET M 25 28.22 -28.77 3.38
CA MET M 25 28.43 -27.46 2.80
C MET M 25 29.18 -27.51 1.47
N LEU M 26 30.21 -28.34 1.37
CA LEU M 26 31.02 -28.41 0.17
C LEU M 26 30.50 -29.46 -0.80
N VAL M 27 30.66 -29.19 -2.10
CA VAL M 27 30.22 -30.13 -3.12
C VAL M 27 31.12 -31.36 -3.18
N ALA M 28 32.36 -31.26 -2.69
CA ALA M 28 33.27 -32.39 -2.71
C ALA M 28 33.02 -33.36 -1.57
N ALA M 29 32.10 -33.05 -0.66
CA ALA M 29 31.75 -33.91 0.47
C ALA M 29 32.97 -34.22 1.33
N LYS M 30 33.58 -33.16 1.85
CA LYS M 30 34.75 -33.29 2.72
C LYS M 30 34.74 -32.10 3.67
N MET M 31 35.84 -31.93 4.40
CA MET M 31 35.95 -30.85 5.38
C MET M 31 37.22 -30.05 5.10
N LYS M 32 37.07 -28.73 5.00
CA LYS M 32 38.19 -27.84 4.74
C LYS M 32 38.23 -26.77 5.81
N CYS M 33 39.44 -26.43 6.26
CA CYS M 33 39.64 -25.42 7.28
C CYS M 33 40.43 -24.25 6.72
N PHE M 34 40.02 -23.04 7.09
CA PHE M 34 40.67 -21.82 6.64
C PHE M 34 41.38 -21.15 7.81
N GLY M 35 42.54 -20.56 7.52
CA GLY M 35 43.30 -19.88 8.56
C GLY M 35 42.56 -18.69 9.12
N ASN M 36 42.82 -18.41 10.40
CA ASN M 36 42.13 -17.31 11.06
C ASN M 36 42.48 -15.97 10.42
N THR M 37 43.72 -15.80 9.99
CA THR M 37 44.12 -14.57 9.32
C THR M 37 43.35 -14.38 8.02
N ALA M 38 43.17 -15.46 7.25
CA ALA M 38 42.41 -15.36 6.00
C ALA M 38 40.95 -15.06 6.27
N VAL M 39 40.36 -15.71 7.29
CA VAL M 39 38.94 -15.54 7.56
C VAL M 39 38.65 -14.13 8.08
N ALA M 40 39.57 -13.58 8.87
CA ALA M 40 39.33 -12.28 9.50
C ALA M 40 39.27 -11.15 8.50
N LYS M 41 39.63 -11.38 7.24
CA LYS M 41 39.73 -10.31 6.26
C LYS M 41 38.37 -9.76 5.85
N CYS M 42 37.27 -10.41 6.27
CA CYS M 42 35.94 -9.91 5.93
C CYS M 42 35.05 -9.86 7.17
N ASN M 43 35.63 -9.51 8.32
CA ASN M 43 34.81 -9.23 9.49
C ASN M 43 34.17 -7.86 9.42
N LEU M 44 34.56 -7.03 8.46
CA LEU M 44 33.95 -5.72 8.25
C LEU M 44 33.69 -5.41 6.79
N ASN M 45 34.03 -6.32 5.88
CA ASN M 45 33.84 -6.09 4.46
C ASN M 45 32.39 -6.41 4.07
N HIS M 46 31.77 -5.50 3.31
CA HIS M 46 30.41 -5.68 2.83
C HIS M 46 30.37 -5.81 1.31
N ASP M 47 31.44 -6.32 0.70
CA ASP M 47 31.52 -6.39 -0.75
C ASP M 47 32.15 -7.70 -1.23
N SER M 48 31.92 -8.79 -0.51
CA SER M 48 32.52 -10.08 -0.84
C SER M 48 31.44 -11.15 -0.87
N GLU M 49 31.21 -11.72 -2.06
CA GLU M 49 30.19 -12.76 -2.22
C GLU M 49 30.46 -13.97 -1.34
N PHE M 50 31.72 -14.34 -1.16
CA PHE M 50 32.06 -15.51 -0.36
C PHE M 50 31.56 -15.35 1.07
N CYS M 51 31.77 -14.17 1.66
CA CYS M 51 31.44 -14.02 3.07
C CYS M 51 29.94 -13.89 3.31
N ASP M 52 29.18 -13.40 2.31
CA ASP M 52 27.72 -13.41 2.45
C ASP M 52 27.19 -14.83 2.51
N MET M 53 27.67 -15.69 1.62
CA MET M 53 27.27 -17.09 1.65
C MET M 53 27.73 -17.75 2.94
N LEU M 54 28.92 -17.39 3.43
CA LEU M 54 29.39 -17.93 4.71
C LEU M 54 28.47 -17.54 5.85
N ARG M 55 27.98 -16.29 5.86
CA ARG M 55 27.02 -15.89 6.90
C ARG M 55 25.72 -16.68 6.78
N LEU M 56 25.25 -16.92 5.56
CA LEU M 56 24.06 -17.76 5.37
C LEU M 56 24.25 -19.14 5.97
N PHE M 57 25.39 -19.76 5.69
CA PHE M 57 25.66 -21.10 6.22
C PHE M 57 25.79 -21.08 7.73
N ASP M 58 26.35 -20.01 8.29
CA ASP M 58 26.41 -19.91 9.75
C ASP M 58 25.02 -19.80 10.36
N TYR M 59 24.13 -19.05 9.71
CA TYR M 59 22.75 -18.98 10.20
C TYR M 59 22.09 -20.35 10.16
N ASN M 60 22.32 -21.11 9.08
CA ASN M 60 21.77 -22.46 9.01
C ASN M 60 22.29 -23.33 10.16
N LYS M 61 23.59 -23.27 10.43
CA LYS M 61 24.17 -24.10 11.48
C LYS M 61 23.60 -23.72 12.85
N ASN M 62 23.47 -22.42 13.13
CA ASN M 62 22.93 -22.01 14.41
C ASN M 62 21.45 -22.34 14.54
N ALA M 63 20.70 -22.33 13.43
CA ALA M 63 19.32 -22.80 13.48
C ALA M 63 19.27 -24.28 13.83
N ILE M 64 20.17 -25.08 13.26
CA ILE M 64 20.26 -26.49 13.64
C ILE M 64 20.51 -26.62 15.14
N LYS M 65 21.48 -25.84 15.65
CA LYS M 65 21.82 -25.93 17.07
C LYS M 65 20.63 -25.55 17.96
N THR M 66 19.90 -24.49 17.58
CA THR M 66 18.75 -24.07 18.37
C THR M 66 17.63 -25.11 18.34
N LEU M 67 17.40 -25.74 17.19
CA LEU M 67 16.43 -26.84 17.12
C LEU M 67 16.86 -27.99 18.03
N ASN M 68 18.16 -28.29 18.05
CA ASN M 68 18.66 -29.33 18.96
C ASN M 68 18.43 -28.92 20.41
N ASP M 69 18.62 -27.64 20.73
CA ASP M 69 18.33 -27.14 22.06
C ASP M 69 16.85 -27.20 22.39
N GLU M 70 15.99 -27.33 21.37
CA GLU M 70 14.54 -27.47 21.55
C GLU M 70 13.96 -26.23 22.24
N THR M 71 14.25 -25.05 21.67
CA THR M 71 13.65 -23.83 22.20
C THR M 71 12.15 -23.78 21.95
N LYS M 72 11.68 -24.43 20.88
CA LYS M 72 10.26 -24.59 20.56
C LYS M 72 9.56 -23.25 20.32
N LYS M 73 10.32 -22.18 20.08
CA LYS M 73 9.73 -20.89 19.76
C LYS M 73 9.29 -20.92 18.30
N GLN M 74 8.01 -21.22 18.08
CA GLN M 74 7.46 -21.28 16.72
C GLN M 74 7.30 -19.85 16.19
N VAL M 75 8.43 -19.29 15.75
CA VAL M 75 8.48 -17.95 15.19
C VAL M 75 8.65 -18.06 13.69
N ASN M 76 7.66 -17.57 12.94
CA ASN M 76 7.72 -17.64 11.49
C ASN M 76 8.82 -16.73 10.96
N LEU M 77 9.60 -17.24 10.01
CA LEU M 77 10.68 -16.45 9.43
C LEU M 77 10.12 -15.32 8.59
N MET M 78 10.80 -14.18 8.62
CA MET M 78 10.48 -13.05 7.77
C MET M 78 11.56 -12.87 6.70
N GLY M 79 11.18 -12.23 5.60
CA GLY M 79 12.18 -11.89 4.60
C GLY M 79 13.19 -10.87 5.08
N GLN M 80 12.86 -10.14 6.14
CA GLN M 80 13.75 -9.11 6.65
C GLN M 80 15.04 -9.72 7.19
N THR M 81 14.96 -10.88 7.83
CA THR M 81 16.16 -11.53 8.35
C THR M 81 17.12 -11.90 7.23
N ILE M 82 16.60 -12.47 6.14
CA ILE M 82 17.45 -12.80 5.00
C ILE M 82 18.03 -11.53 4.37
N ASN M 83 17.19 -10.50 4.23
CA ASN M 83 17.69 -9.24 3.69
C ASN M 83 18.73 -8.59 4.58
N ALA M 84 18.77 -8.93 5.87
CA ALA M 84 19.77 -8.40 6.79
C ALA M 84 21.04 -9.24 6.84
N LEU M 85 21.13 -10.29 6.03
CA LEU M 85 22.33 -11.11 5.94
C LEU M 85 23.04 -11.00 4.60
N ILE M 86 22.29 -10.77 3.52
CA ILE M 86 22.85 -10.71 2.17
C ILE M 86 22.96 -9.26 1.74
N SER M 87 24.08 -8.90 1.15
CA SER M 87 24.27 -7.55 0.65
C SER M 87 23.40 -7.31 -0.59
N ASP M 88 22.21 -6.77 -0.38
CA ASP M 88 21.27 -6.56 -1.48
C ASP M 88 21.85 -5.63 -2.54
N ASN M 89 22.73 -4.71 -2.13
CA ASN M 89 23.41 -3.86 -3.10
C ASN M 89 24.25 -4.70 -4.06
N LEU M 90 24.95 -5.69 -3.53
CA LEU M 90 25.77 -6.56 -4.38
C LEU M 90 24.91 -7.39 -5.33
N LEU M 91 23.78 -7.91 -4.84
CA LEU M 91 22.88 -8.66 -5.71
C LEU M 91 22.34 -7.78 -6.83
N MET M 92 21.95 -6.55 -6.51
CA MET M 92 21.46 -5.65 -7.55
C MET M 92 22.57 -5.33 -8.55
N LYS M 93 23.80 -5.17 -8.08
CA LYS M 93 24.90 -4.94 -9.01
C LYS M 93 25.10 -6.13 -9.94
N ASN M 94 25.03 -7.34 -9.39
CA ASN M 94 25.19 -8.54 -10.22
C ASN M 94 24.07 -8.65 -11.25
N LYS M 95 22.83 -8.35 -10.85
CA LYS M 95 21.73 -8.43 -11.80
C LYS M 95 21.86 -7.34 -12.87
N ILE M 96 22.36 -6.16 -12.49
CA ILE M 96 22.62 -5.12 -13.48
C ILE M 96 23.66 -5.59 -14.48
N ARG M 97 24.72 -6.25 -13.99
CA ARG M 97 25.72 -6.81 -14.89
C ARG M 97 25.10 -7.82 -15.85
N GLU M 98 24.23 -8.70 -15.33
CA GLU M 98 23.61 -9.71 -16.18
C GLU M 98 22.75 -9.06 -17.26
N LEU M 99 21.97 -8.05 -16.90
CA LEU M 99 21.15 -7.36 -17.89
C LEU M 99 21.98 -6.64 -18.93
N MET M 100 23.21 -6.24 -18.58
CA MET M 100 24.08 -5.53 -19.50
C MET M 100 25.01 -6.45 -20.28
N SER M 101 24.86 -7.77 -20.12
CA SER M 101 25.64 -8.76 -20.88
C SER M 101 27.13 -8.60 -20.62
N VAL M 102 27.50 -8.60 -19.35
CA VAL M 102 28.91 -8.60 -18.94
C VAL M 102 29.11 -9.70 -17.92
N PRO M 103 30.34 -10.16 -17.74
CA PRO M 103 30.57 -11.31 -16.85
C PRO M 103 30.09 -11.06 -15.43
N TYR M 104 29.58 -12.12 -14.81
CA TYR M 104 29.11 -12.08 -13.43
C TYR M 104 29.19 -13.49 -12.84
N CYS M 105 28.88 -13.61 -11.56
CA CYS M 105 28.92 -14.90 -10.88
C CYS M 105 27.68 -15.10 -10.04
N ASN M 106 27.37 -16.36 -9.74
CA ASN M 106 26.09 -16.71 -9.13
C ASN M 106 26.27 -17.54 -7.86
N TYR M 107 27.35 -17.30 -7.12
CA TYR M 107 27.56 -17.88 -5.78
C TYR M 107 27.64 -19.41 -5.83
N THR M 108 28.47 -19.94 -6.72
CA THR M 108 28.58 -21.40 -6.77
C THR M 108 30.03 -21.87 -6.73
N LYS M 109 30.93 -21.16 -7.41
CA LYS M 109 32.31 -21.60 -7.56
C LYS M 109 33.26 -20.46 -7.23
N PHE M 110 34.26 -20.76 -6.40
CA PHE M 110 35.24 -19.77 -5.95
C PHE M 110 36.64 -20.37 -6.10
N TRP M 111 37.63 -19.50 -6.30
CA TRP M 111 39.00 -19.94 -6.50
C TRP M 111 39.95 -19.09 -5.67
N TYR M 112 41.11 -19.67 -5.35
CA TYR M 112 42.11 -18.98 -4.55
C TYR M 112 43.50 -19.50 -4.89
N VAL M 113 44.50 -18.69 -4.59
CA VAL M 113 45.90 -19.05 -4.76
C VAL M 113 46.43 -19.57 -3.42
N ASN M 114 47.08 -20.73 -3.46
CA ASN M 114 47.53 -21.44 -2.27
C ASN M 114 49.05 -21.35 -2.16
N HIS M 115 49.54 -21.25 -0.93
CA HIS M 115 50.96 -21.21 -0.62
C HIS M 115 51.28 -22.46 0.19
N THR M 116 51.90 -23.44 -0.48
CA THR M 116 52.04 -24.78 0.10
C THR M 116 53.07 -24.81 1.22
N LEU M 117 54.10 -23.96 1.15
CA LEU M 117 55.21 -24.07 2.09
C LEU M 117 54.76 -23.84 3.53
N SER M 118 53.91 -22.83 3.76
CA SER M 118 53.43 -22.51 5.09
C SER M 118 51.92 -22.63 5.23
N GLY M 119 51.23 -23.13 4.20
CA GLY M 119 49.80 -23.29 4.28
C GLY M 119 49.00 -22.01 4.17
N GLN M 120 49.62 -20.91 3.75
CA GLN M 120 48.92 -19.64 3.62
C GLN M 120 48.23 -19.56 2.27
N HIS M 121 47.01 -19.02 2.27
CA HIS M 121 46.21 -18.95 1.06
C HIS M 121 45.52 -17.59 0.97
N SER M 122 45.15 -17.23 -0.25
CA SER M 122 44.41 -16.00 -0.47
C SER M 122 42.93 -16.21 -0.16
N LEU M 123 42.21 -15.10 -0.02
CA LEU M 123 40.77 -15.18 0.16
C LEU M 123 40.10 -15.50 -1.17
N PRO M 124 39.23 -16.51 -1.23
CA PRO M 124 38.67 -16.92 -2.51
C PRO M 124 37.86 -15.83 -3.19
N ARG M 125 37.97 -15.77 -4.50
CA ARG M 125 37.19 -14.86 -5.33
C ARG M 125 36.14 -15.66 -6.09
N CYS M 126 35.31 -14.95 -6.85
CA CYS M 126 34.18 -15.56 -7.56
C CYS M 126 34.58 -15.81 -9.02
N TRP M 127 34.50 -17.07 -9.44
CA TRP M 127 34.84 -17.44 -10.82
C TRP M 127 33.72 -17.00 -11.73
N LEU M 128 33.93 -15.90 -12.44
CA LEU M 128 32.87 -15.24 -13.19
C LEU M 128 32.38 -16.11 -14.35
N ILE M 129 31.12 -15.91 -14.73
CA ILE M 129 30.47 -16.67 -15.79
C ILE M 129 30.08 -15.71 -16.92
N LYS M 130 29.72 -16.29 -18.05
CA LYS M 130 29.22 -15.54 -19.20
C LYS M 130 28.58 -16.52 -20.18
N ASN M 131 27.37 -16.19 -20.64
CA ASN M 131 26.66 -17.00 -21.63
C ASN M 131 26.52 -18.44 -21.16
N ASN M 132 26.20 -18.61 -19.88
CA ASN M 132 26.06 -19.93 -19.26
C ASN M 132 27.32 -20.77 -19.44
N SER M 133 28.48 -20.14 -19.30
CA SER M 133 29.76 -20.83 -19.31
C SER M 133 30.67 -20.18 -18.28
N TYR M 134 31.82 -20.79 -18.05
CA TYR M 134 32.78 -20.30 -17.07
C TYR M 134 33.97 -19.66 -17.79
N LEU M 135 34.35 -18.47 -17.35
CA LEU M 135 35.54 -17.84 -17.90
C LEU M 135 36.75 -18.72 -17.67
N ASN M 136 37.58 -18.88 -18.71
CA ASN M 136 38.66 -19.84 -18.69
C ASN M 136 40.02 -19.14 -18.53
N ILE M 137 41.07 -19.97 -18.64
CA ILE M 137 42.40 -19.56 -18.22
C ILE M 137 42.90 -18.39 -19.06
N SER M 138 42.69 -18.46 -20.37
CA SER M 138 43.25 -17.45 -21.27
C SER M 138 42.76 -16.04 -20.96
N ASP M 139 41.54 -15.92 -20.42
CA ASP M 139 41.02 -14.62 -20.02
C ASP M 139 41.25 -14.31 -18.55
N PHE M 140 41.41 -15.34 -17.72
CA PHE M 140 41.61 -15.15 -16.29
C PHE M 140 43.08 -15.07 -15.91
N ARG M 141 43.99 -15.05 -16.88
CA ARG M 141 45.42 -15.13 -16.57
C ARG M 141 45.90 -13.95 -15.72
N ASN M 142 45.45 -12.74 -16.04
CA ASN M 142 46.06 -11.54 -15.49
C ASN M 142 45.85 -11.37 -13.98
N ASP M 143 45.10 -12.29 -13.36
CA ASP M 143 44.76 -12.17 -11.95
C ASP M 143 45.56 -13.09 -11.03
N TRP M 144 45.92 -14.30 -11.48
CA TRP M 144 46.63 -15.22 -10.59
C TRP M 144 48.00 -14.68 -10.21
N ILE M 145 48.72 -14.10 -11.18
CA ILE M 145 50.06 -13.60 -10.90
C ILE M 145 50.00 -12.45 -9.89
N LEU M 146 49.05 -11.54 -10.09
CA LEU M 146 48.88 -10.44 -9.15
C LEU M 146 48.51 -10.95 -7.77
N GLU M 147 47.61 -11.94 -7.71
CA GLU M 147 47.20 -12.49 -6.43
C GLU M 147 48.37 -13.14 -5.71
N SER M 148 49.20 -13.89 -6.44
CA SER M 148 50.34 -14.57 -5.82
C SER M 148 51.38 -13.56 -5.32
N ASP M 149 51.67 -12.54 -6.12
CA ASP M 149 52.60 -11.51 -5.67
C ASP M 149 52.07 -10.81 -4.42
N PHE M 150 50.79 -10.48 -4.40
CA PHE M 150 50.20 -9.86 -3.23
C PHE M 150 50.25 -10.79 -2.03
N LEU M 151 50.09 -12.10 -2.27
CA LEU M 151 50.16 -13.08 -1.19
C LEU M 151 51.55 -13.09 -0.55
N ILE M 152 52.59 -13.13 -1.38
CA ILE M 152 53.96 -13.15 -0.85
C ILE M 152 54.26 -11.86 -0.11
N SER M 153 53.86 -10.73 -0.68
CA SER M 153 54.08 -9.45 -0.01
C SER M 153 53.34 -9.39 1.32
N GLU M 154 52.11 -9.90 1.36
CA GLU M 154 51.34 -9.91 2.59
C GLU M 154 52.01 -10.78 3.64
N MET M 155 52.54 -11.94 3.25
CA MET M 155 53.22 -12.80 4.21
C MET M 155 54.44 -12.11 4.80
N LEU M 156 55.26 -11.48 3.95
CA LEU M 156 56.44 -10.80 4.44
C LEU M 156 56.07 -9.66 5.38
N SER M 157 55.07 -8.86 5.00
CA SER M 157 54.64 -7.75 5.84
C SER M 157 54.05 -8.25 7.15
N LYS M 158 53.32 -9.36 7.12
CA LYS M 158 52.74 -9.92 8.34
C LYS M 158 53.83 -10.34 9.31
N GLU M 159 54.88 -11.02 8.81
CA GLU M 159 55.96 -11.41 9.70
C GLU M 159 56.69 -10.19 10.26
N TYR M 160 56.92 -9.18 9.40
CA TYR M 160 57.58 -7.96 9.86
C TYR M 160 56.78 -7.28 10.97
N SER M 161 55.46 -7.20 10.80
CA SER M 161 54.62 -6.59 11.83
C SER M 161 54.57 -7.44 13.09
N ASP M 162 54.60 -8.77 12.94
CA ASP M 162 54.57 -9.66 14.10
C ASP M 162 55.80 -9.43 14.97
N ARG M 163 56.98 -9.30 14.36
CA ARG M 163 58.16 -8.98 15.17
C ARG M 163 58.16 -7.51 15.59
N GLN M 164 57.50 -6.64 14.81
CA GLN M 164 57.44 -5.22 15.13
C GLN M 164 56.71 -4.99 16.44
N GLY M 165 55.61 -5.72 16.66
CA GLY M 165 54.78 -5.47 17.83
C GLY M 165 55.28 -6.06 19.12
N LYS M 166 56.60 -6.25 19.26
CA LYS M 166 57.14 -6.84 20.48
C LYS M 166 58.34 -6.09 21.03
N THR M 167 59.10 -5.41 20.17
CA THR M 167 60.37 -4.81 20.59
C THR M 167 60.28 -3.30 20.61
N PRO M 168 60.67 -2.65 21.70
CA PRO M 168 60.58 -1.18 21.77
C PRO M 168 61.61 -0.50 20.87
N LEU M 169 61.18 0.58 20.21
CA LEU M 169 62.06 1.32 19.32
C LEU M 169 63.20 1.99 20.10
N THR M 170 62.94 2.37 21.35
CA THR M 170 63.97 3.01 22.16
C THR M 170 65.17 2.11 22.33
N LEU M 171 64.93 0.81 22.57
CA LEU M 171 66.03 -0.13 22.69
C LEU M 171 66.85 -0.21 21.41
N VAL M 172 66.18 -0.23 20.26
CA VAL M 172 66.89 -0.27 18.98
C VAL M 172 67.76 0.97 18.82
N ASP M 173 67.21 2.14 19.13
CA ASP M 173 67.98 3.38 19.00
C ASP M 173 69.19 3.38 19.93
N ILE M 174 69.00 2.92 21.18
CA ILE M 174 70.10 2.87 22.12
C ILE M 174 71.20 1.94 21.61
N CYS M 175 70.80 0.78 21.08
CA CYS M 175 71.79 -0.16 20.55
C CYS M 175 72.58 0.46 19.39
N PHE M 176 71.89 1.15 18.49
CA PHE M 176 72.56 1.76 17.35
C PHE M 176 73.55 2.83 17.80
N TRP M 177 73.15 3.69 18.75
CA TRP M 177 74.05 4.73 19.21
C TRP M 177 75.23 4.15 19.97
N SER M 178 75.00 3.08 20.74
CA SER M 178 76.10 2.42 21.41
C SER M 178 77.09 1.85 20.39
N THR M 179 76.58 1.28 19.31
CA THR M 179 77.46 0.74 18.28
C THR M 179 78.31 1.84 17.63
N VAL M 180 77.70 2.99 17.33
CA VAL M 180 78.48 4.05 16.69
C VAL M 180 79.53 4.60 17.65
N PHE M 181 79.18 4.71 18.94
CA PHE M 181 80.17 5.12 19.94
C PHE M 181 81.32 4.12 20.01
N PHE M 182 81.00 2.82 20.00
CA PHE M 182 82.03 1.79 20.05
C PHE M 182 82.97 1.92 18.86
N THR M 183 82.42 2.12 17.66
CA THR M 183 83.27 2.24 16.48
C THR M 183 84.17 3.47 16.55
N ALA M 184 83.62 4.61 16.98
CA ALA M 184 84.43 5.81 17.10
C ALA M 184 85.57 5.60 18.09
N SER M 185 85.28 4.96 19.22
CA SER M 185 86.32 4.66 20.19
C SER M 185 87.36 3.70 19.62
N LEU M 186 86.90 2.75 18.79
CA LEU M 186 87.83 1.81 18.16
C LEU M 186 88.86 2.55 17.31
N PHE M 187 88.39 3.42 16.41
CA PHE M 187 89.33 4.20 15.61
C PHE M 187 90.21 5.08 16.50
N LEU M 188 89.59 5.70 17.51
CA LEU M 188 90.31 6.65 18.35
C LEU M 188 91.46 5.97 19.08
N HIS M 189 91.25 4.73 19.52
CA HIS M 189 92.35 3.95 20.08
C HIS M 189 93.34 3.52 19.01
N LEU M 190 92.84 3.22 17.81
CA LEU M 190 93.70 2.74 16.73
C LEU M 190 94.78 3.75 16.38
N VAL M 191 94.43 5.03 16.27
CA VAL M 191 95.42 6.03 15.88
C VAL M 191 96.33 6.39 17.04
N GLY M 192 95.75 6.73 18.19
CA GLY M 192 96.57 7.11 19.34
C GLY M 192 97.00 8.56 19.31
N ILE M 193 97.21 9.15 20.48
CA ILE M 193 97.48 10.59 20.59
C ILE M 193 98.81 10.82 21.29
N PRO M 194 99.61 11.79 20.86
CA PRO M 194 100.84 12.12 21.61
C PRO M 194 100.52 12.58 23.02
N THR M 195 101.42 12.24 23.95
CA THR M 195 101.17 12.48 25.36
C THR M 195 102.09 13.51 25.99
N HIS M 196 103.35 13.59 25.59
CA HIS M 196 104.30 14.47 26.28
C HIS M 196 105.21 15.12 25.25
N ARG M 197 106.25 15.80 25.73
CA ARG M 197 107.18 16.53 24.89
C ARG M 197 108.56 15.89 24.95
N HIS M 198 109.25 15.84 23.81
CA HIS M 198 110.63 15.39 23.73
C HIS M 198 111.48 16.49 23.11
N ILE M 199 112.64 16.75 23.70
CA ILE M 199 113.60 17.67 23.10
C ILE M 199 114.17 17.04 21.84
N ARG M 200 114.24 17.81 20.76
CA ARG M 200 114.73 17.28 19.49
C ARG M 200 116.16 16.76 19.65
N GLY M 201 116.34 15.47 19.38
CA GLY M 201 117.63 14.83 19.49
C GLY M 201 117.92 14.18 20.83
N GLU M 202 117.06 14.35 21.82
CA GLU M 202 117.27 13.79 23.15
C GLU M 202 116.34 12.60 23.38
N ALA M 203 116.54 11.94 24.51
CA ALA M 203 115.74 10.78 24.89
C ALA M 203 114.46 11.22 25.58
N CYS M 204 113.73 10.27 26.16
CA CYS M 204 112.47 10.58 26.81
C CYS M 204 112.74 11.24 28.16
N PRO M 205 112.24 12.46 28.40
CA PRO M 205 112.48 13.12 29.69
C PRO M 205 111.55 12.70 30.80
N LEU M 206 110.63 11.77 30.55
CA LEU M 206 109.69 11.35 31.58
C LEU M 206 110.42 10.65 32.72
N PRO M 207 109.92 10.74 33.96
CA PRO M 207 108.66 11.39 34.37
C PRO M 207 108.75 12.91 34.47
N HIS M 208 109.92 13.49 34.28
CA HIS M 208 110.05 14.95 34.31
C HIS M 208 109.33 15.53 33.10
N ARG M 209 108.16 16.12 33.34
CA ARG M 209 107.31 16.64 32.28
C ARG M 209 107.77 18.05 31.92
N LEU M 210 108.25 18.22 30.70
CA LEU M 210 108.79 19.49 30.26
C LEU M 210 107.66 20.48 29.94
N ASN M 211 107.99 21.76 30.03
CA ASN M 211 107.05 22.82 29.68
C ASN M 211 107.20 23.17 28.19
N SER M 212 106.53 24.24 27.78
CA SER M 212 106.67 24.72 26.40
C SER M 212 108.04 25.33 26.14
N LEU M 213 108.78 25.68 27.19
CA LEU M 213 110.08 26.32 27.06
C LEU M 213 111.23 25.32 26.90
N GLY M 214 110.97 24.03 27.07
CA GLY M 214 111.99 23.02 26.96
C GLY M 214 112.63 22.60 28.26
N GLY M 215 112.25 23.21 29.39
CA GLY M 215 112.80 22.86 30.68
C GLY M 215 111.75 22.25 31.60
N CYS M 216 112.20 21.93 32.81
CA CYS M 216 111.35 21.36 33.84
C CYS M 216 111.40 22.22 35.09
N ARG M 217 110.32 22.21 35.86
CA ARG M 217 110.22 23.01 37.07
C ARG M 217 110.87 22.35 38.28
N CYS M 218 111.39 21.12 38.13
CA CYS M 218 112.18 20.50 39.18
C CYS M 218 113.64 20.89 39.12
N GLY M 219 114.07 21.60 38.07
CA GLY M 219 115.44 22.04 37.92
C GLY M 219 116.33 21.11 37.15
N LYS M 220 115.88 19.89 36.83
CA LYS M 220 116.72 18.96 36.09
C LYS M 220 116.96 19.43 34.67
N TYR M 221 115.93 19.95 34.02
CA TYR M 221 116.04 20.43 32.65
C TYR M 221 116.01 21.96 32.62
N PRO M 222 117.12 22.62 32.30
CA PRO M 222 117.14 24.08 32.31
C PRO M 222 116.30 24.68 31.18
N ASN M 223 115.81 25.89 31.43
CA ASN M 223 115.01 26.63 30.45
C ASN M 223 115.95 27.24 29.42
N LEU M 224 116.28 26.43 28.42
CA LEU M 224 117.19 26.85 27.36
C LEU M 224 116.49 27.06 26.02
N LYS M 225 115.15 27.11 26.02
CA LYS M 225 114.37 27.30 24.80
C LYS M 225 114.67 26.21 23.77
N LYS M 226 114.99 25.00 24.23
CA LYS M 226 115.31 23.92 23.32
C LYS M 226 114.04 23.47 22.57
N PRO M 227 114.19 23.02 21.32
CA PRO M 227 113.03 22.60 20.55
C PRO M 227 112.35 21.39 21.17
N THR M 228 111.01 21.40 21.15
CA THR M 228 110.20 20.33 21.73
C THR M 228 109.20 19.84 20.70
N VAL M 229 109.02 18.52 20.64
CA VAL M 229 108.08 17.88 19.74
C VAL M 229 107.18 16.96 20.54
N TRP M 230 105.88 17.00 20.25
CA TRP M 230 104.94 16.12 20.93
C TRP M 230 105.14 14.67 20.49
N ARG M 231 105.20 13.77 21.47
CA ARG M 231 105.36 12.35 21.22
C ARG M 231 104.44 11.56 22.13
N ARG M 232 104.07 10.36 21.67
CA ARG M 232 103.25 9.42 22.41
C ARG M 232 104.06 8.34 23.11
N GLY M 233 104.86 7.59 22.35
CA GLY M 233 105.71 6.57 22.91
C GLY M 233 107.04 7.12 23.41
N HIS M 234 107.83 6.22 23.98
CA HIS M 234 109.14 6.59 24.49
C HIS M 234 110.23 6.36 23.45
N ILE N 1 -23.20 -13.11 -26.88
CA ILE N 1 -22.29 -12.88 -27.99
C ILE N 1 -22.90 -13.36 -29.29
N GLN N 2 -23.51 -12.44 -30.03
CA GLN N 2 -24.11 -12.79 -31.31
C GLN N 2 -23.04 -13.06 -32.36
N MET N 3 -23.39 -13.89 -33.33
CA MET N 3 -22.52 -14.22 -34.44
C MET N 3 -23.30 -14.09 -35.74
N THR N 4 -22.59 -13.75 -36.82
CA THR N 4 -23.20 -13.57 -38.13
C THR N 4 -22.26 -14.10 -39.19
N GLN N 5 -22.83 -14.52 -40.32
CA GLN N 5 -22.07 -15.15 -41.39
C GLN N 5 -22.26 -14.40 -42.70
N SER N 6 -21.27 -14.54 -43.58
CA SER N 6 -21.34 -13.95 -44.89
C SER N 6 -20.59 -14.82 -45.89
N PRO N 7 -21.21 -15.19 -47.02
CA PRO N 7 -22.58 -14.87 -47.41
C PRO N 7 -23.56 -15.89 -46.83
N SER N 8 -24.75 -16.01 -47.40
CA SER N 8 -25.68 -17.07 -47.03
C SER N 8 -25.66 -18.23 -48.01
N THR N 9 -25.62 -17.94 -49.31
CA THR N 9 -25.52 -18.96 -50.35
C THR N 9 -24.34 -18.64 -51.25
N LEU N 10 -23.57 -19.66 -51.58
CA LEU N 10 -22.37 -19.50 -52.41
C LEU N 10 -22.39 -20.52 -53.53
N SER N 11 -21.87 -20.11 -54.69
CA SER N 11 -21.82 -20.96 -55.88
C SER N 11 -20.37 -21.14 -56.29
N ALA N 12 -19.99 -22.39 -56.60
CA ALA N 12 -18.62 -22.70 -56.99
C ALA N 12 -18.63 -23.99 -57.79
N SER N 13 -17.48 -24.28 -58.41
CA SER N 13 -17.28 -25.47 -59.22
C SER N 13 -16.06 -26.23 -58.72
N VAL N 14 -15.72 -27.30 -59.42
CA VAL N 14 -14.61 -28.15 -59.02
C VAL N 14 -13.29 -27.40 -59.18
N GLY N 15 -12.44 -27.47 -58.16
CA GLY N 15 -11.14 -26.82 -58.20
C GLY N 15 -11.14 -25.36 -57.78
N ASP N 16 -12.30 -24.80 -57.47
CA ASP N 16 -12.37 -23.40 -57.05
C ASP N 16 -11.86 -23.24 -55.63
N ARG N 17 -11.48 -22.01 -55.29
CA ARG N 17 -11.07 -21.65 -53.95
C ARG N 17 -12.16 -20.76 -53.33
N VAL N 18 -12.68 -21.18 -52.17
CA VAL N 18 -13.86 -20.55 -51.59
C VAL N 18 -13.53 -20.03 -50.20
N THR N 19 -14.15 -18.90 -49.84
CA THR N 19 -13.94 -18.23 -48.57
C THR N 19 -15.27 -17.91 -47.91
N ILE N 20 -15.31 -18.06 -46.59
CA ILE N 20 -16.49 -17.79 -45.78
C ILE N 20 -16.07 -16.91 -44.62
N THR N 21 -16.85 -15.86 -44.34
CA THR N 21 -16.50 -14.90 -43.29
C THR N 21 -17.50 -15.01 -42.14
N CYS N 22 -16.98 -14.90 -40.91
CA CYS N 22 -17.77 -15.04 -39.71
C CYS N 22 -17.40 -13.90 -38.76
N ARG N 23 -18.38 -13.12 -38.34
CA ARG N 23 -18.15 -11.96 -37.49
C ARG N 23 -18.90 -12.12 -36.17
N ALA N 24 -18.21 -11.87 -35.07
CA ALA N 24 -18.81 -11.91 -33.75
C ALA N 24 -19.10 -10.49 -33.25
N SER N 25 -20.06 -10.38 -32.34
CA SER N 25 -20.45 -9.08 -31.82
C SER N 25 -19.30 -8.41 -31.08
N GLN N 26 -18.60 -9.17 -30.24
CA GLN N 26 -17.53 -8.63 -29.41
C GLN N 26 -16.34 -9.59 -29.47
N SER N 27 -15.16 -9.05 -29.18
CA SER N 27 -13.92 -9.80 -29.33
C SER N 27 -13.97 -11.09 -28.50
N ILE N 28 -13.62 -12.20 -29.15
CA ILE N 28 -13.58 -13.51 -28.52
C ILE N 28 -12.22 -14.17 -28.69
N ASP N 29 -11.20 -13.37 -29.02
CA ASP N 29 -9.84 -13.86 -29.21
C ASP N 29 -9.78 -14.92 -30.31
N ASN N 30 -9.54 -16.17 -29.92
CA ASN N 30 -9.48 -17.30 -30.85
C ASN N 30 -10.31 -18.46 -30.31
N TRP N 31 -11.52 -18.15 -29.87
CA TRP N 31 -12.46 -19.15 -29.34
C TRP N 31 -13.56 -19.32 -30.37
N LEU N 32 -13.33 -20.22 -31.34
CA LEU N 32 -14.24 -20.41 -32.45
C LEU N 32 -13.92 -21.73 -33.14
N ALA N 33 -14.95 -22.41 -33.62
CA ALA N 33 -14.77 -23.67 -34.30
C ALA N 33 -15.59 -23.70 -35.58
N TRP N 34 -15.09 -24.45 -36.57
CA TRP N 34 -15.73 -24.55 -37.87
C TRP N 34 -16.21 -25.99 -38.10
N TYR N 35 -17.51 -26.13 -38.38
CA TYR N 35 -18.17 -27.41 -38.56
C TYR N 35 -18.68 -27.55 -40.00
N GLN N 36 -18.70 -28.81 -40.47
CA GLN N 36 -19.25 -29.17 -41.77
C GLN N 36 -20.47 -30.06 -41.59
N GLN N 37 -21.47 -29.89 -42.45
CA GLN N 37 -22.66 -30.71 -42.39
C GLN N 37 -23.17 -31.01 -43.80
N LYS N 38 -23.65 -32.25 -43.98
CA LYS N 38 -24.24 -32.72 -45.22
C LYS N 38 -25.72 -33.03 -44.99
N PRO N 39 -26.52 -33.03 -46.05
CA PRO N 39 -27.95 -33.34 -45.89
C PRO N 39 -28.16 -34.73 -45.31
N GLY N 40 -29.05 -34.81 -44.32
CA GLY N 40 -29.35 -36.07 -43.67
C GLY N 40 -28.17 -36.73 -43.00
N LYS N 41 -27.35 -35.94 -42.29
CA LYS N 41 -26.14 -36.47 -41.68
C LYS N 41 -25.94 -35.92 -40.26
N ALA N 42 -24.75 -36.15 -39.70
CA ALA N 42 -24.35 -35.66 -38.40
C ALA N 42 -23.23 -34.63 -38.54
N PRO N 43 -23.24 -33.57 -37.75
CA PRO N 43 -22.19 -32.54 -37.86
C PRO N 43 -20.82 -33.10 -37.53
N LYS N 44 -19.85 -32.81 -38.38
CA LYS N 44 -18.46 -33.19 -38.18
C LYS N 44 -17.61 -31.94 -37.99
N LEU N 45 -16.87 -31.88 -36.88
CA LEU N 45 -16.05 -30.71 -36.63
C LEU N 45 -14.84 -30.71 -37.55
N LEU N 46 -14.48 -29.52 -38.03
CA LEU N 46 -13.36 -29.35 -38.96
C LEU N 46 -12.20 -28.60 -38.33
N ILE N 47 -12.44 -27.38 -37.83
CA ILE N 47 -11.37 -26.47 -37.45
C ILE N 47 -11.49 -26.11 -35.98
N TYR N 48 -10.41 -26.31 -35.23
CA TYR N 48 -10.28 -25.87 -33.84
C TYR N 48 -9.77 -24.43 -33.79
N THR N 49 -10.30 -23.66 -32.83
CA THR N 49 -9.78 -22.35 -32.45
C THR N 49 -9.37 -21.51 -33.65
N ALA N 50 -10.05 -21.70 -34.78
CA ALA N 50 -9.86 -20.98 -36.02
C ALA N 50 -8.51 -21.22 -36.68
N SER N 51 -7.60 -21.97 -36.03
CA SER N 51 -6.28 -22.20 -36.59
C SER N 51 -5.97 -23.67 -36.83
N ARG N 52 -6.13 -24.52 -35.82
CA ARG N 52 -5.70 -25.90 -35.93
C ARG N 52 -6.69 -26.72 -36.75
N LEU N 53 -6.21 -27.86 -37.24
CA LEU N 53 -6.95 -28.73 -38.14
C LEU N 53 -7.08 -30.09 -37.50
N GLU N 54 -8.31 -30.60 -37.42
CA GLU N 54 -8.54 -31.89 -36.78
C GLU N 54 -7.94 -33.02 -37.62
N SER N 55 -7.39 -34.03 -36.93
CA SER N 55 -6.74 -35.14 -37.62
C SER N 55 -7.73 -35.87 -38.51
N GLY N 56 -7.31 -36.15 -39.75
CA GLY N 56 -8.16 -36.76 -40.74
C GLY N 56 -8.86 -35.79 -41.67
N VAL N 57 -8.97 -34.52 -41.26
CA VAL N 57 -9.56 -33.49 -42.12
C VAL N 57 -8.65 -33.24 -43.31
N PRO N 58 -9.19 -33.04 -44.51
CA PRO N 58 -8.32 -32.75 -45.66
C PRO N 58 -7.48 -31.50 -45.45
N SER N 59 -6.26 -31.53 -45.97
CA SER N 59 -5.34 -30.41 -45.80
C SER N 59 -5.74 -29.18 -46.62
N ARG N 60 -6.73 -29.31 -47.50
CA ARG N 60 -7.18 -28.19 -48.31
C ARG N 60 -8.07 -27.22 -47.54
N PHE N 61 -8.42 -27.52 -46.29
CA PHE N 61 -9.19 -26.63 -45.44
C PHE N 61 -8.24 -25.88 -44.52
N SER N 62 -8.57 -24.62 -44.24
CA SER N 62 -7.81 -23.88 -43.24
C SER N 62 -8.63 -22.71 -42.74
N GLY N 63 -8.20 -22.14 -41.62
CA GLY N 63 -8.90 -21.00 -41.04
C GLY N 63 -7.91 -19.93 -40.63
N SER N 64 -8.43 -18.72 -40.47
CA SER N 64 -7.61 -17.59 -40.05
C SER N 64 -8.52 -16.54 -39.43
N GLY N 65 -7.91 -15.48 -38.92
CA GLY N 65 -8.62 -14.41 -38.26
C GLY N 65 -8.42 -14.45 -36.76
N SER N 66 -9.03 -13.47 -36.09
CA SER N 66 -8.90 -13.33 -34.64
C SER N 66 -9.90 -12.28 -34.18
N GLY N 67 -9.90 -12.03 -32.88
CA GLY N 67 -10.70 -10.97 -32.30
C GLY N 67 -12.19 -11.12 -32.60
N THR N 68 -12.69 -10.28 -33.50
CA THR N 68 -14.09 -10.31 -33.90
C THR N 68 -14.34 -10.93 -35.26
N GLU N 69 -13.31 -11.06 -36.11
CA GLU N 69 -13.52 -11.47 -37.50
C GLU N 69 -12.68 -12.69 -37.83
N PHE N 70 -13.30 -13.66 -38.50
CA PHE N 70 -12.67 -14.94 -38.79
C PHE N 70 -13.06 -15.37 -40.19
N THR N 71 -12.25 -16.25 -40.78
CA THR N 71 -12.45 -16.65 -42.17
C THR N 71 -12.02 -18.09 -42.37
N LEU N 72 -12.85 -18.85 -43.09
CA LEU N 72 -12.55 -20.22 -43.48
C LEU N 72 -12.24 -20.24 -44.97
N THR N 73 -11.12 -20.88 -45.35
CA THR N 73 -10.65 -20.90 -46.72
C THR N 73 -10.46 -22.34 -47.18
N ILE N 74 -10.99 -22.65 -48.36
CA ILE N 74 -10.76 -23.94 -49.03
C ILE N 74 -10.01 -23.66 -50.32
N SER N 75 -8.78 -24.18 -50.41
CA SER N 75 -7.93 -23.90 -51.57
C SER N 75 -8.45 -24.57 -52.84
N SER N 76 -8.77 -25.86 -52.74
CA SER N 76 -9.25 -26.63 -53.88
C SER N 76 -10.57 -27.28 -53.49
N LEU N 77 -11.63 -27.02 -54.27
CA LEU N 77 -12.94 -27.55 -53.96
C LEU N 77 -13.14 -28.91 -54.60
N GLN N 78 -13.53 -29.89 -53.80
CA GLN N 78 -13.76 -31.25 -54.23
C GLN N 78 -15.24 -31.60 -54.15
N PRO N 79 -15.70 -32.61 -54.91
CA PRO N 79 -17.14 -32.91 -54.93
C PRO N 79 -17.72 -33.24 -53.57
N ASP N 80 -16.92 -33.76 -52.65
CA ASP N 80 -17.42 -34.11 -51.32
C ASP N 80 -17.59 -32.90 -50.42
N ASP N 81 -17.55 -31.68 -50.93
CA ASP N 81 -17.59 -30.49 -50.09
C ASP N 81 -18.84 -29.64 -50.28
N PHE N 82 -19.66 -29.90 -51.30
CA PHE N 82 -20.90 -29.16 -51.50
C PHE N 82 -21.85 -29.46 -50.34
N ALA N 83 -22.02 -28.50 -49.45
CA ALA N 83 -22.57 -28.81 -48.13
C ALA N 83 -22.97 -27.52 -47.43
N THR N 84 -23.24 -27.61 -46.13
CA THR N 84 -23.46 -26.44 -45.29
C THR N 84 -22.32 -26.33 -44.29
N TYR N 85 -21.91 -25.10 -43.99
CA TYR N 85 -20.81 -24.86 -43.07
C TYR N 85 -21.25 -23.89 -41.98
N TYR N 86 -20.77 -24.13 -40.76
CA TYR N 86 -21.14 -23.35 -39.60
C TYR N 86 -19.90 -22.89 -38.84
N CYS N 87 -19.99 -21.69 -38.25
CA CYS N 87 -19.00 -21.20 -37.31
C CYS N 87 -19.65 -21.01 -35.96
N GLN N 88 -19.03 -21.54 -34.92
CA GLN N 88 -19.64 -21.55 -33.59
C GLN N 88 -18.65 -21.07 -32.54
N HIS N 89 -19.08 -20.11 -31.71
CA HIS N 89 -18.38 -19.76 -30.48
C HIS N 89 -19.23 -19.98 -29.25
N ARG N 90 -20.42 -19.39 -29.21
CA ARG N 90 -21.40 -19.60 -28.15
C ARG N 90 -22.60 -20.37 -28.67
N THR N 91 -23.24 -19.86 -29.71
CA THR N 91 -24.22 -20.57 -30.50
C THR N 91 -23.61 -20.85 -31.87
N PHE N 92 -24.41 -21.42 -32.76
CA PHE N 92 -23.96 -21.71 -34.11
C PHE N 92 -24.20 -20.50 -35.01
N GLY N 93 -23.54 -20.53 -36.17
CA GLY N 93 -23.82 -19.55 -37.19
C GLY N 93 -25.08 -19.86 -37.96
N GLN N 94 -25.51 -18.90 -38.77
CA GLN N 94 -26.75 -19.08 -39.51
C GLN N 94 -26.60 -20.03 -40.69
N GLY N 95 -25.37 -20.39 -41.05
CA GLY N 95 -25.15 -21.39 -42.07
C GLY N 95 -24.83 -20.84 -43.43
N THR N 96 -23.72 -21.27 -44.02
CA THR N 96 -23.34 -20.90 -45.38
C THR N 96 -23.42 -22.13 -46.26
N LYS N 97 -24.15 -22.05 -47.36
CA LYS N 97 -24.39 -23.19 -48.23
C LYS N 97 -23.46 -23.14 -49.44
N VAL N 98 -22.44 -24.00 -49.43
CA VAL N 98 -21.54 -24.13 -50.57
C VAL N 98 -22.23 -25.03 -51.59
N GLU N 99 -22.56 -24.47 -52.75
CA GLU N 99 -23.44 -25.08 -53.72
C GLU N 99 -22.81 -25.03 -55.12
N ILE N 100 -23.13 -26.04 -55.93
CA ILE N 100 -22.60 -26.12 -57.28
C ILE N 100 -23.14 -24.96 -58.12
N LYS N 101 -22.35 -24.52 -59.09
CA LYS N 101 -22.75 -23.51 -60.06
C LYS N 101 -22.83 -24.13 -61.45
N ARG N 102 -23.93 -23.86 -62.16
CA ARG N 102 -24.12 -24.37 -63.50
C ARG N 102 -24.77 -23.29 -64.37
N THR N 103 -25.04 -23.65 -65.62
CA THR N 103 -25.67 -22.72 -66.55
C THR N 103 -27.15 -22.56 -66.20
N VAL N 104 -27.74 -21.48 -66.72
CA VAL N 104 -29.15 -21.20 -66.47
C VAL N 104 -30.01 -22.24 -67.18
N ALA N 105 -31.02 -22.75 -66.47
CA ALA N 105 -31.89 -23.80 -66.98
C ALA N 105 -33.31 -23.24 -67.13
N ALA N 106 -33.87 -23.40 -68.33
CA ALA N 106 -35.20 -22.87 -68.60
C ALA N 106 -36.25 -23.70 -67.87
N PRO N 107 -37.12 -23.06 -67.07
CA PRO N 107 -38.14 -23.82 -66.35
C PRO N 107 -39.15 -24.46 -67.26
N SER N 108 -39.69 -25.60 -66.81
CA SER N 108 -40.80 -26.27 -67.47
C SER N 108 -42.03 -26.16 -66.58
N VAL N 109 -43.11 -25.63 -67.13
CA VAL N 109 -44.30 -25.26 -66.37
C VAL N 109 -45.43 -26.22 -66.72
N PHE N 110 -46.07 -26.78 -65.70
CA PHE N 110 -47.21 -27.66 -65.86
C PHE N 110 -48.30 -27.25 -64.87
N ILE N 111 -49.55 -27.55 -65.21
CA ILE N 111 -50.69 -27.20 -64.37
C ILE N 111 -51.67 -28.37 -64.35
N PHE N 112 -52.23 -28.65 -63.18
CA PHE N 112 -53.23 -29.72 -63.03
C PHE N 112 -54.37 -29.28 -62.12
N PRO N 113 -55.60 -29.55 -62.50
CA PRO N 113 -56.75 -29.25 -61.63
C PRO N 113 -56.90 -30.34 -60.57
N PRO N 114 -57.71 -30.09 -59.54
CA PRO N 114 -57.96 -31.12 -58.53
C PRO N 114 -58.69 -32.32 -59.11
N SER N 115 -58.42 -33.49 -58.54
CA SER N 115 -59.03 -34.73 -59.01
C SER N 115 -60.46 -34.84 -58.49
N ASP N 116 -61.25 -35.67 -59.20
CA ASP N 116 -62.65 -35.86 -58.82
C ASP N 116 -62.77 -36.58 -57.48
N GLU N 117 -61.82 -37.45 -57.15
CA GLU N 117 -61.86 -38.12 -55.85
C GLU N 117 -61.68 -37.12 -54.71
N GLN N 118 -60.77 -36.15 -54.89
CA GLN N 118 -60.63 -35.10 -53.90
C GLN N 118 -61.90 -34.24 -53.82
N LEU N 119 -62.60 -34.07 -54.94
CA LEU N 119 -63.90 -33.41 -54.91
C LEU N 119 -64.90 -34.21 -54.09
N LYS N 120 -64.84 -35.54 -54.19
CA LYS N 120 -65.66 -36.39 -53.32
C LYS N 120 -65.30 -36.15 -51.86
N SER N 121 -64.00 -36.03 -51.56
CA SER N 121 -63.56 -35.69 -50.22
C SER N 121 -63.96 -34.28 -49.81
N GLY N 122 -64.31 -33.43 -50.76
CA GLY N 122 -64.75 -32.08 -50.46
C GLY N 122 -63.68 -31.01 -50.55
N THR N 123 -62.46 -31.36 -50.96
CA THR N 123 -61.36 -30.41 -51.04
C THR N 123 -60.84 -30.36 -52.46
N ALA N 124 -60.32 -29.19 -52.86
CA ALA N 124 -59.75 -29.00 -54.18
C ALA N 124 -58.31 -28.54 -54.03
N SER N 125 -57.41 -29.13 -54.82
CA SER N 125 -56.00 -28.79 -54.79
C SER N 125 -55.51 -28.64 -56.22
N VAL N 126 -55.28 -27.39 -56.63
CA VAL N 126 -54.76 -27.10 -57.96
C VAL N 126 -53.24 -27.06 -57.86
N VAL N 127 -52.56 -27.86 -58.69
CA VAL N 127 -51.11 -28.01 -58.58
C VAL N 127 -50.45 -27.33 -59.78
N CYS N 128 -49.32 -26.68 -59.50
CA CYS N 128 -48.49 -26.04 -60.51
C CYS N 128 -47.08 -26.58 -60.33
N LEU N 129 -46.55 -27.16 -61.40
CA LEU N 129 -45.26 -27.85 -61.39
C LEU N 129 -44.24 -27.02 -62.15
N LEU N 130 -43.06 -26.84 -61.56
CA LEU N 130 -41.96 -26.14 -62.20
C LEU N 130 -40.75 -27.07 -62.13
N ASN N 131 -40.42 -27.70 -63.25
CA ASN N 131 -39.38 -28.73 -63.30
C ASN N 131 -38.18 -28.23 -64.08
N ASN N 132 -37.02 -28.83 -63.78
CA ASN N 132 -35.76 -28.63 -64.51
C ASN N 132 -35.48 -27.14 -64.76
N PHE N 133 -35.36 -26.41 -63.66
CA PHE N 133 -35.04 -24.99 -63.71
C PHE N 133 -33.83 -24.70 -62.83
N TYR N 134 -33.11 -23.63 -63.19
CA TYR N 134 -31.95 -23.18 -62.44
C TYR N 134 -31.71 -21.72 -62.76
N PRO N 135 -31.39 -20.87 -61.77
CA PRO N 135 -31.26 -21.16 -60.33
C PRO N 135 -32.61 -21.36 -59.64
N ARG N 136 -32.61 -21.47 -58.30
CA ARG N 136 -33.84 -21.79 -57.60
C ARG N 136 -34.83 -20.65 -57.60
N GLU N 137 -34.35 -19.40 -57.51
CA GLU N 137 -35.25 -18.29 -57.25
C GLU N 137 -36.27 -18.12 -58.36
N ALA N 138 -37.53 -18.46 -58.09
CA ALA N 138 -38.63 -18.27 -59.01
C ALA N 138 -39.84 -17.79 -58.22
N LYS N 139 -40.68 -16.98 -58.88
CA LYS N 139 -41.87 -16.42 -58.26
C LYS N 139 -43.11 -17.09 -58.84
N VAL N 140 -44.00 -17.55 -57.98
CA VAL N 140 -45.23 -18.22 -58.37
C VAL N 140 -46.40 -17.41 -57.83
N GLN N 141 -47.35 -17.07 -58.71
CA GLN N 141 -48.54 -16.32 -58.33
C GLN N 141 -49.77 -17.08 -58.81
N TRP N 142 -50.81 -17.09 -57.97
CA TRP N 142 -52.04 -17.80 -58.29
C TRP N 142 -53.14 -16.79 -58.62
N LYS N 143 -53.85 -17.05 -59.71
CA LYS N 143 -54.95 -16.20 -60.16
C LYS N 143 -56.22 -17.03 -60.26
N VAL N 144 -57.24 -16.63 -59.50
CA VAL N 144 -58.56 -17.25 -59.54
C VAL N 144 -59.52 -16.24 -60.14
N ASP N 145 -60.09 -16.57 -61.30
CA ASP N 145 -60.94 -15.65 -62.05
C ASP N 145 -60.22 -14.32 -62.29
N ASN N 146 -58.93 -14.41 -62.65
CA ASN N 146 -58.07 -13.26 -62.89
C ASN N 146 -57.91 -12.39 -61.65
N ALA N 147 -58.09 -12.95 -60.46
CA ALA N 147 -57.90 -12.24 -59.20
C ALA N 147 -56.73 -12.86 -58.45
N LEU N 148 -55.82 -12.02 -57.98
CA LEU N 148 -54.65 -12.51 -57.26
C LEU N 148 -55.06 -13.18 -55.96
N GLN N 149 -54.40 -14.29 -55.64
CA GLN N 149 -54.68 -15.05 -54.44
C GLN N 149 -53.44 -15.16 -53.58
N SER N 150 -53.64 -15.19 -52.27
CA SER N 150 -52.53 -15.29 -51.33
C SER N 150 -53.00 -15.97 -50.05
N GLY N 151 -52.05 -16.60 -49.35
CA GLY N 151 -52.34 -17.24 -48.08
C GLY N 151 -52.98 -18.61 -48.17
N ASN N 152 -53.10 -19.18 -49.37
CA ASN N 152 -53.74 -20.48 -49.53
C ASN N 152 -52.93 -21.40 -50.45
N SER N 153 -51.66 -21.10 -50.68
CA SER N 153 -50.79 -21.91 -51.52
C SER N 153 -49.55 -22.32 -50.74
N GLN N 154 -49.15 -23.58 -50.90
CA GLN N 154 -47.98 -24.12 -50.22
C GLN N 154 -47.03 -24.72 -51.24
N GLU N 155 -45.73 -24.48 -51.05
CA GLU N 155 -44.71 -24.92 -51.99
C GLU N 155 -43.85 -26.03 -51.40
N SER N 156 -43.31 -26.85 -52.29
CA SER N 156 -42.37 -27.90 -51.91
C SER N 156 -41.32 -27.99 -53.00
N VAL N 157 -40.06 -27.73 -52.64
CA VAL N 157 -38.96 -27.66 -53.60
C VAL N 157 -37.94 -28.73 -53.25
N THR N 158 -37.50 -29.49 -54.25
CA THR N 158 -36.55 -30.57 -54.06
C THR N 158 -35.13 -30.07 -54.33
N GLU N 159 -34.17 -30.65 -53.61
CA GLU N 159 -32.77 -30.27 -53.72
C GLU N 159 -32.21 -30.60 -55.10
N GLN N 160 -30.95 -30.24 -55.33
CA GLN N 160 -30.36 -30.38 -56.66
C GLN N 160 -30.19 -31.86 -57.00
N ASP N 161 -30.55 -32.22 -58.24
CA ASP N 161 -30.36 -33.57 -58.74
C ASP N 161 -28.97 -33.72 -59.33
N SER N 162 -28.40 -34.92 -59.19
CA SER N 162 -27.05 -35.20 -59.66
C SER N 162 -26.99 -35.61 -61.12
N LYS N 163 -28.13 -35.66 -61.81
CA LYS N 163 -28.15 -36.02 -63.23
C LYS N 163 -27.99 -34.79 -64.11
N ASP N 164 -28.90 -33.83 -63.98
CA ASP N 164 -28.85 -32.58 -64.73
C ASP N 164 -28.60 -31.38 -63.84
N SER N 165 -28.44 -31.57 -62.52
CA SER N 165 -28.19 -30.49 -61.57
C SER N 165 -29.28 -29.41 -61.65
N THR N 166 -30.52 -29.82 -61.79
CA THR N 166 -31.64 -28.89 -61.87
C THR N 166 -32.53 -29.01 -60.64
N TYR N 167 -33.52 -28.13 -60.58
CA TYR N 167 -34.43 -28.03 -59.44
C TYR N 167 -35.87 -28.29 -59.88
N SER N 168 -36.69 -28.62 -58.89
CA SER N 168 -38.12 -28.84 -59.10
C SER N 168 -38.89 -28.26 -57.93
N LEU N 169 -40.05 -27.67 -58.23
CA LEU N 169 -40.91 -27.08 -57.22
C LEU N 169 -42.37 -27.35 -57.57
N SER N 170 -43.12 -27.86 -56.61
CA SER N 170 -44.55 -28.09 -56.74
C SER N 170 -45.30 -27.16 -55.80
N SER N 171 -46.23 -26.38 -56.36
CA SER N 171 -47.03 -25.44 -55.57
C SER N 171 -48.49 -25.88 -55.62
N THR N 172 -49.09 -26.09 -54.46
CA THR N 172 -50.46 -26.55 -54.35
C THR N 172 -51.32 -25.45 -53.75
N LEU N 173 -52.40 -25.09 -54.47
CA LEU N 173 -53.38 -24.13 -54.00
C LEU N 173 -54.59 -24.91 -53.49
N THR N 174 -54.95 -24.70 -52.23
CA THR N 174 -55.97 -25.48 -51.56
C THR N 174 -57.23 -24.63 -51.36
N LEU N 175 -58.38 -25.20 -51.74
CA LEU N 175 -59.66 -24.54 -51.60
C LEU N 175 -60.72 -25.56 -51.20
N SER N 176 -61.87 -25.07 -50.75
CA SER N 176 -63.00 -25.93 -50.48
C SER N 176 -63.70 -26.29 -51.78
N LYS N 177 -64.51 -27.37 -51.72
CA LYS N 177 -65.23 -27.81 -52.91
C LYS N 177 -66.21 -26.75 -53.39
N ALA N 178 -66.91 -26.10 -52.46
CA ALA N 178 -67.87 -25.07 -52.83
C ALA N 178 -67.18 -23.90 -53.52
N ASP N 179 -66.06 -23.44 -52.96
CA ASP N 179 -65.33 -22.33 -53.57
C ASP N 179 -64.79 -22.72 -54.94
N TYR N 180 -64.29 -23.97 -55.07
CA TYR N 180 -63.80 -24.42 -56.36
C TYR N 180 -64.91 -24.43 -57.40
N GLU N 181 -66.10 -24.88 -57.01
CA GLU N 181 -67.24 -24.85 -57.92
C GLU N 181 -67.75 -23.42 -58.16
N LYS N 182 -67.40 -22.48 -57.28
CA LYS N 182 -67.80 -21.09 -57.48
C LYS N 182 -67.00 -20.39 -58.57
N HIS N 183 -65.73 -20.73 -58.74
CA HIS N 183 -64.86 -20.05 -59.68
C HIS N 183 -64.52 -20.98 -60.85
N LYS N 184 -64.28 -20.38 -62.01
CA LYS N 184 -64.19 -21.12 -63.27
C LYS N 184 -62.75 -21.29 -63.75
N VAL N 185 -62.02 -20.19 -63.92
CA VAL N 185 -60.69 -20.22 -64.51
C VAL N 185 -59.64 -20.08 -63.40
N TYR N 186 -58.66 -20.98 -63.41
CA TYR N 186 -57.57 -20.96 -62.45
C TYR N 186 -56.25 -20.98 -63.19
N ALA N 187 -55.33 -20.09 -62.79
CA ALA N 187 -54.05 -19.98 -63.46
C ALA N 187 -52.93 -19.83 -62.44
N CYS N 188 -51.73 -20.29 -62.83
CA CYS N 188 -50.51 -20.00 -62.09
C CYS N 188 -49.52 -19.33 -63.04
N GLU N 189 -48.96 -18.20 -62.60
CA GLU N 189 -47.97 -17.46 -63.36
C GLU N 189 -46.62 -17.60 -62.69
N VAL N 190 -45.61 -17.96 -63.49
CA VAL N 190 -44.25 -18.17 -63.02
C VAL N 190 -43.36 -17.09 -63.61
N THR N 191 -42.45 -16.58 -62.77
CA THR N 191 -41.45 -15.61 -63.18
C THR N 191 -40.08 -16.12 -62.78
N HIS N 192 -39.15 -16.18 -63.74
CA HIS N 192 -37.85 -16.76 -63.49
C HIS N 192 -36.80 -16.01 -64.30
N GLN N 193 -35.55 -16.09 -63.85
CA GLN N 193 -34.44 -15.46 -64.55
C GLN N 193 -34.27 -16.03 -65.94
N GLY N 194 -34.62 -17.29 -66.14
CA GLY N 194 -34.51 -17.96 -67.43
C GLY N 194 -35.65 -17.71 -68.38
N LEU N 195 -36.59 -16.85 -68.01
CA LEU N 195 -37.73 -16.50 -68.86
C LEU N 195 -37.61 -15.05 -69.30
N SER N 196 -37.84 -14.80 -70.59
CA SER N 196 -37.90 -13.42 -71.07
C SER N 196 -39.07 -12.68 -70.44
N SER N 197 -40.22 -13.34 -70.31
CA SER N 197 -41.41 -12.79 -69.69
C SER N 197 -42.03 -13.85 -68.81
N PRO N 198 -42.79 -13.46 -67.78
CA PRO N 198 -43.49 -14.45 -66.97
C PRO N 198 -44.47 -15.25 -67.80
N VAL N 199 -44.58 -16.54 -67.49
CA VAL N 199 -45.42 -17.46 -68.26
C VAL N 199 -46.58 -17.90 -67.37
N THR N 200 -47.80 -17.78 -67.88
CA THR N 200 -49.00 -18.11 -67.14
C THR N 200 -49.67 -19.33 -67.75
N LYS N 201 -49.89 -20.35 -66.93
CA LYS N 201 -50.62 -21.55 -67.33
C LYS N 201 -52.01 -21.46 -66.71
N SER N 202 -53.05 -21.49 -67.55
CA SER N 202 -54.42 -21.31 -67.11
C SER N 202 -55.27 -22.46 -67.61
N PHE N 203 -56.23 -22.88 -66.78
CA PHE N 203 -57.20 -23.90 -67.16
C PHE N 203 -58.60 -23.42 -66.77
N ASN N 204 -59.59 -23.96 -67.46
CA ASN N 204 -60.98 -23.61 -67.27
C ASN N 204 -61.74 -24.80 -66.69
N ARG N 205 -62.56 -24.53 -65.67
CA ARG N 205 -63.36 -25.57 -65.06
C ARG N 205 -64.41 -26.07 -66.05
N GLY N 206 -64.56 -27.38 -66.14
CA GLY N 206 -65.51 -27.99 -67.04
C GLY N 206 -66.96 -27.70 -66.67
N GLN O 1 -12.60 -47.99 -31.06
CA GLN O 1 -13.20 -46.76 -31.57
C GLN O 1 -14.25 -46.24 -30.60
N VAL O 2 -14.32 -44.91 -30.47
CA VAL O 2 -15.31 -44.31 -29.59
C VAL O 2 -16.71 -44.56 -30.16
N GLN O 3 -17.59 -45.11 -29.32
CA GLN O 3 -18.94 -45.45 -29.75
C GLN O 3 -19.96 -44.81 -28.83
N LEU O 4 -21.05 -44.33 -29.44
CA LEU O 4 -22.11 -43.65 -28.73
C LEU O 4 -23.44 -43.99 -29.39
N VAL O 5 -24.45 -44.29 -28.57
CA VAL O 5 -25.77 -44.70 -29.04
C VAL O 5 -26.82 -43.85 -28.36
N GLU O 6 -27.86 -43.47 -29.09
CA GLU O 6 -28.96 -42.67 -28.56
C GLU O 6 -30.26 -43.44 -28.71
N SER O 7 -31.13 -43.35 -27.70
CA SER O 7 -32.39 -44.07 -27.74
C SER O 7 -33.40 -43.36 -26.84
N GLY O 8 -34.68 -43.69 -27.06
CA GLY O 8 -35.75 -43.11 -26.28
C GLY O 8 -36.50 -42.02 -27.00
N GLY O 9 -36.72 -42.19 -28.30
CA GLY O 9 -37.36 -41.19 -29.12
C GLY O 9 -38.49 -41.77 -29.94
N GLY O 10 -39.26 -40.87 -30.55
CA GLY O 10 -40.41 -41.25 -31.35
C GLY O 10 -41.42 -40.13 -31.47
N VAL O 11 -42.69 -40.45 -31.26
CA VAL O 11 -43.78 -39.47 -31.28
C VAL O 11 -44.51 -39.54 -29.95
N VAL O 12 -44.68 -38.40 -29.30
CA VAL O 12 -45.30 -38.34 -27.99
C VAL O 12 -46.31 -37.18 -27.96
N GLN O 13 -47.38 -37.36 -27.11
CA GLN O 13 -48.39 -36.35 -26.88
C GLN O 13 -47.85 -35.25 -25.98
N PRO O 14 -48.34 -34.03 -26.11
CA PRO O 14 -47.90 -32.95 -25.22
C PRO O 14 -48.34 -33.19 -23.78
N GLY O 15 -47.58 -32.63 -22.85
CA GLY O 15 -47.87 -32.76 -21.43
C GLY O 15 -47.22 -33.93 -20.75
N ARG O 16 -46.49 -34.77 -21.47
CA ARG O 16 -45.81 -35.92 -20.89
C ARG O 16 -44.30 -35.72 -20.91
N SER O 17 -43.68 -35.92 -19.75
CA SER O 17 -42.23 -35.82 -19.63
C SER O 17 -41.59 -37.09 -20.20
N LEU O 18 -40.55 -36.91 -21.00
CA LEU O 18 -39.89 -38.00 -21.69
C LEU O 18 -38.46 -38.16 -21.18
N ARG O 19 -38.01 -39.42 -21.12
CA ARG O 19 -36.67 -39.79 -20.65
C ARG O 19 -35.92 -40.40 -21.83
N LEU O 20 -34.75 -39.83 -22.15
CA LEU O 20 -33.94 -40.29 -23.26
C LEU O 20 -32.58 -40.76 -22.76
N SER O 21 -32.09 -41.86 -23.34
CA SER O 21 -30.85 -42.49 -22.94
C SER O 21 -29.76 -42.28 -23.99
N CYS O 22 -28.54 -42.08 -23.51
CA CYS O 22 -27.37 -41.88 -24.36
C CYS O 22 -26.24 -42.70 -23.78
N ALA O 23 -25.96 -43.84 -24.39
CA ALA O 23 -24.93 -44.75 -23.92
C ALA O 23 -23.60 -44.44 -24.60
N ALA O 24 -22.52 -44.48 -23.82
CA ALA O 24 -21.20 -44.17 -24.33
C ALA O 24 -20.23 -45.29 -23.95
N SER O 25 -19.29 -45.57 -24.85
CA SER O 25 -18.28 -46.59 -24.57
C SER O 25 -17.06 -46.35 -25.44
N GLY O 26 -15.90 -46.79 -24.93
CA GLY O 26 -14.66 -46.71 -25.67
C GLY O 26 -13.66 -45.72 -25.13
N PHE O 27 -14.07 -44.80 -24.25
CA PHE O 27 -13.18 -43.78 -23.72
C PHE O 27 -13.43 -43.64 -22.22
N THR O 28 -12.63 -42.80 -21.58
CA THR O 28 -12.77 -42.50 -20.15
C THR O 28 -13.98 -41.61 -19.97
N PHE O 29 -15.14 -42.23 -19.76
CA PHE O 29 -16.39 -41.46 -19.69
C PHE O 29 -16.43 -40.57 -18.47
N SER O 30 -15.67 -40.91 -17.42
CA SER O 30 -15.67 -40.11 -16.19
C SER O 30 -14.85 -38.84 -16.32
N SER O 31 -14.14 -38.64 -17.42
CA SER O 31 -13.24 -37.51 -17.59
C SER O 31 -13.50 -36.78 -18.91
N SER O 32 -14.76 -36.50 -19.22
CA SER O 32 -15.11 -35.77 -20.44
C SER O 32 -16.54 -35.27 -20.31
N ALA O 33 -16.73 -33.97 -20.49
CA ALA O 33 -18.07 -33.39 -20.44
C ALA O 33 -18.92 -33.87 -21.61
N MET O 34 -20.23 -33.77 -21.43
CA MET O 34 -21.19 -34.22 -22.44
C MET O 34 -22.16 -33.11 -22.78
N HIS O 35 -22.63 -33.09 -24.04
CA HIS O 35 -23.52 -32.06 -24.53
C HIS O 35 -24.72 -32.69 -25.23
N TRP O 36 -25.87 -32.01 -25.11
CA TRP O 36 -27.07 -32.32 -25.87
C TRP O 36 -27.38 -31.14 -26.77
N VAL O 37 -27.52 -31.39 -28.07
CA VAL O 37 -27.78 -30.37 -29.07
C VAL O 37 -29.04 -30.75 -29.84
N ARG O 38 -29.74 -29.75 -30.37
CA ARG O 38 -31.04 -29.94 -30.99
C ARG O 38 -31.09 -29.20 -32.33
N GLN O 39 -31.72 -29.85 -33.31
CA GLN O 39 -31.94 -29.25 -34.62
C GLN O 39 -33.39 -29.44 -35.01
N ALA O 40 -34.11 -28.34 -35.18
CA ALA O 40 -35.45 -28.41 -35.73
C ALA O 40 -35.39 -28.87 -37.19
N PRO O 41 -36.40 -29.58 -37.67
CA PRO O 41 -36.37 -30.07 -39.06
C PRO O 41 -36.27 -28.91 -40.05
N GLY O 42 -35.15 -28.86 -40.76
CA GLY O 42 -34.90 -27.83 -41.74
C GLY O 42 -34.25 -26.57 -41.24
N LYS O 43 -33.92 -26.50 -39.95
CA LYS O 43 -33.31 -25.32 -39.35
C LYS O 43 -31.88 -25.64 -38.91
N GLY O 44 -31.21 -24.62 -38.38
CA GLY O 44 -29.85 -24.78 -37.89
C GLY O 44 -29.78 -25.41 -36.51
N LEU O 45 -28.56 -25.71 -36.09
CA LEU O 45 -28.35 -26.35 -34.80
C LEU O 45 -28.62 -25.38 -33.66
N GLU O 46 -28.68 -25.93 -32.45
CA GLU O 46 -28.89 -25.14 -31.24
C GLU O 46 -28.41 -25.95 -30.05
N TRP O 47 -27.48 -25.39 -29.27
CA TRP O 47 -27.01 -26.05 -28.07
C TRP O 47 -28.09 -25.99 -26.99
N VAL O 48 -28.33 -27.14 -26.34
CA VAL O 48 -29.42 -27.28 -25.39
C VAL O 48 -28.92 -27.52 -23.97
N ALA O 49 -28.07 -28.54 -23.78
CA ALA O 49 -27.66 -28.94 -22.43
C ALA O 49 -26.19 -29.28 -22.42
N VAL O 50 -25.56 -29.10 -21.26
CA VAL O 50 -24.17 -29.50 -21.06
C VAL O 50 -23.97 -29.89 -19.60
N ILE O 51 -23.19 -30.95 -19.39
CA ILE O 51 -22.83 -31.43 -18.06
C ILE O 51 -21.33 -31.73 -18.04
N TRP O 52 -20.66 -31.38 -16.95
CA TRP O 52 -19.24 -31.67 -16.85
C TRP O 52 -19.01 -33.03 -16.19
N SER O 53 -17.75 -33.45 -16.16
CA SER O 53 -17.40 -34.82 -15.79
C SER O 53 -17.73 -35.12 -14.34
N ASP O 54 -17.54 -34.14 -13.45
CA ASP O 54 -17.84 -34.35 -12.04
C ASP O 54 -19.32 -34.63 -11.79
N GLY O 55 -20.20 -34.17 -12.68
CA GLY O 55 -21.62 -34.34 -12.48
C GLY O 55 -22.25 -33.31 -11.58
N SER O 56 -21.55 -32.23 -11.27
CA SER O 56 -22.05 -31.23 -10.32
C SER O 56 -22.70 -30.06 -11.03
N ASN O 57 -22.04 -29.53 -12.06
CA ASN O 57 -22.47 -28.32 -12.73
C ASN O 57 -23.16 -28.67 -14.05
N GLU O 58 -24.33 -28.07 -14.26
CA GLU O 58 -25.11 -28.21 -15.49
C GLU O 58 -25.27 -26.85 -16.14
N ASN O 59 -25.70 -26.87 -17.41
CA ASN O 59 -26.12 -25.64 -18.05
C ASN O 59 -27.10 -25.96 -19.17
N TYR O 60 -28.09 -25.08 -19.34
CA TYR O 60 -29.15 -25.28 -20.32
C TYR O 60 -29.44 -23.97 -21.04
N ALA O 61 -30.02 -24.09 -22.23
CA ALA O 61 -30.45 -22.90 -22.96
C ALA O 61 -31.70 -22.32 -22.32
N ASP O 62 -31.92 -21.02 -22.54
CA ASP O 62 -33.04 -20.34 -21.91
C ASP O 62 -34.38 -20.85 -22.46
N SER O 63 -34.40 -21.27 -23.72
CA SER O 63 -35.64 -21.75 -24.33
C SER O 63 -36.14 -23.02 -23.67
N VAL O 64 -35.27 -23.76 -22.97
CA VAL O 64 -35.64 -24.97 -22.26
C VAL O 64 -35.31 -24.90 -20.78
N LYS O 65 -34.94 -23.71 -20.28
CA LYS O 65 -34.64 -23.53 -18.87
C LYS O 65 -35.86 -23.86 -18.02
N GLY O 66 -35.65 -24.69 -17.00
CA GLY O 66 -36.72 -25.09 -16.11
C GLY O 66 -37.55 -26.26 -16.59
N ARG O 67 -37.42 -26.65 -17.85
CA ARG O 67 -38.17 -27.76 -18.42
C ARG O 67 -37.32 -28.97 -18.77
N PHE O 68 -36.03 -28.78 -19.05
CA PHE O 68 -35.13 -29.86 -19.37
C PHE O 68 -34.15 -30.08 -18.22
N THR O 69 -33.66 -31.32 -18.09
CA THR O 69 -32.63 -31.61 -17.07
C THR O 69 -31.85 -32.85 -17.48
N ILE O 70 -30.52 -32.76 -17.42
CA ILE O 70 -29.63 -33.85 -17.81
C ILE O 70 -28.90 -34.35 -16.56
N SER O 71 -28.72 -35.67 -16.47
CA SER O 71 -27.87 -36.27 -15.46
C SER O 71 -27.09 -37.41 -16.12
N ARG O 72 -26.12 -37.95 -15.39
CA ARG O 72 -25.30 -39.03 -15.91
C ARG O 72 -25.03 -40.07 -14.83
N ASP O 73 -24.86 -41.31 -15.28
CA ASP O 73 -24.49 -42.43 -14.42
C ASP O 73 -23.11 -42.88 -14.88
N ASN O 74 -22.10 -42.58 -14.04
CA ASN O 74 -20.73 -42.93 -14.39
C ASN O 74 -20.50 -44.43 -14.24
N SER O 75 -21.19 -45.07 -13.29
CA SER O 75 -21.04 -46.50 -13.11
C SER O 75 -21.54 -47.27 -14.33
N LYS O 76 -22.66 -46.84 -14.89
CA LYS O 76 -23.27 -47.49 -16.05
C LYS O 76 -22.91 -46.82 -17.37
N ASN O 77 -22.06 -45.79 -17.35
CA ASN O 77 -21.61 -45.11 -18.55
C ASN O 77 -22.79 -44.61 -19.40
N THR O 78 -23.77 -44.00 -18.73
CA THR O 78 -25.00 -43.60 -19.39
C THR O 78 -25.30 -42.13 -19.12
N LEU O 79 -26.08 -41.53 -20.01
CA LEU O 79 -26.53 -40.15 -19.88
C LEU O 79 -28.04 -40.13 -20.04
N TYR O 80 -28.74 -39.52 -19.08
CA TYR O 80 -30.20 -39.51 -19.07
C TYR O 80 -30.69 -38.08 -19.14
N LEU O 81 -31.56 -37.80 -20.11
CA LEU O 81 -32.12 -36.47 -20.29
C LEU O 81 -33.63 -36.50 -20.13
N GLN O 82 -34.16 -35.60 -19.30
CA GLN O 82 -35.58 -35.50 -19.07
C GLN O 82 -36.11 -34.20 -19.66
N MET O 83 -37.24 -34.32 -20.34
CA MET O 83 -37.93 -33.20 -20.97
C MET O 83 -39.33 -33.11 -20.39
N SER O 84 -39.75 -31.91 -20.02
CA SER O 84 -41.05 -31.70 -19.39
C SER O 84 -41.74 -30.50 -20.01
N SER O 85 -43.07 -30.47 -19.88
CA SER O 85 -43.91 -29.40 -20.41
C SER O 85 -43.68 -29.22 -21.91
N LEU O 86 -43.75 -30.35 -22.63
CA LEU O 86 -43.41 -30.35 -24.05
C LEU O 86 -44.43 -29.54 -24.86
N ARG O 87 -43.91 -28.81 -25.83
CA ARG O 87 -44.72 -28.07 -26.80
C ARG O 87 -44.38 -28.56 -28.20
N ALA O 88 -45.19 -28.11 -29.17
CA ALA O 88 -44.95 -28.51 -30.56
C ALA O 88 -43.62 -27.98 -31.08
N GLU O 89 -43.11 -26.90 -30.48
CA GLU O 89 -41.86 -26.31 -30.95
C GLU O 89 -40.65 -27.16 -30.57
N ASP O 90 -40.78 -28.06 -29.60
CA ASP O 90 -39.66 -28.90 -29.19
C ASP O 90 -39.46 -30.10 -30.11
N THR O 91 -40.36 -30.34 -31.05
CA THR O 91 -40.20 -31.44 -31.99
C THR O 91 -38.98 -31.19 -32.87
N ALA O 92 -38.00 -32.09 -32.79
CA ALA O 92 -36.73 -31.88 -33.47
C ALA O 92 -35.89 -33.14 -33.39
N VAL O 93 -34.68 -33.07 -33.94
CA VAL O 93 -33.70 -34.13 -33.85
C VAL O 93 -32.69 -33.78 -32.76
N TYR O 94 -32.49 -34.71 -31.84
CA TYR O 94 -31.60 -34.51 -30.70
C TYR O 94 -30.35 -35.38 -30.85
N TYR O 95 -29.20 -34.78 -30.59
CA TYR O 95 -27.91 -35.46 -30.57
C TYR O 95 -27.28 -35.29 -29.20
N CYS O 96 -26.56 -36.33 -28.75
CA CYS O 96 -25.70 -36.23 -27.58
C CYS O 96 -24.27 -36.48 -28.03
N ALA O 97 -23.38 -35.55 -27.72
CA ALA O 97 -22.02 -35.57 -28.23
C ALA O 97 -21.03 -35.38 -27.09
N THR O 98 -19.87 -36.02 -27.23
CA THR O 98 -18.81 -35.90 -26.24
C THR O 98 -17.93 -34.70 -26.57
N ASP O 99 -17.62 -33.93 -25.53
CA ASP O 99 -16.82 -32.73 -25.65
C ASP O 99 -15.34 -33.06 -25.55
N LYS O 100 -14.51 -32.19 -26.14
CA LYS O 100 -13.06 -32.26 -26.01
C LYS O 100 -12.64 -31.22 -24.98
N THR O 101 -12.22 -31.67 -23.80
CA THR O 101 -11.84 -30.77 -22.73
C THR O 101 -10.34 -30.51 -22.68
N TYR O 102 -9.58 -31.04 -23.64
CA TYR O 102 -8.13 -30.84 -23.70
C TYR O 102 -7.77 -30.25 -25.06
N VAL O 103 -7.14 -29.08 -25.05
CA VAL O 103 -6.64 -28.44 -26.27
C VAL O 103 -5.24 -27.93 -26.01
N SER O 104 -4.24 -28.65 -26.53
CA SER O 104 -2.85 -28.25 -26.48
C SER O 104 -2.33 -28.08 -25.05
N GLY O 105 -2.96 -28.75 -24.08
CA GLY O 105 -2.45 -28.75 -22.72
C GLY O 105 -3.26 -27.94 -21.73
N TYR O 106 -4.56 -27.84 -21.94
CA TYR O 106 -5.45 -27.18 -21.01
C TYR O 106 -6.78 -27.92 -20.93
N THR O 107 -7.43 -27.84 -19.78
CA THR O 107 -8.64 -28.58 -19.49
C THR O 107 -9.73 -27.61 -19.06
N SER O 108 -10.83 -27.61 -19.80
CA SER O 108 -11.95 -26.71 -19.51
C SER O 108 -13.17 -27.23 -20.27
N THR O 109 -14.21 -26.40 -20.36
CA THR O 109 -15.39 -26.70 -21.18
C THR O 109 -15.29 -25.85 -22.45
N TRP O 110 -14.52 -26.34 -23.42
CA TRP O 110 -14.27 -25.59 -24.65
C TRP O 110 -15.50 -25.49 -25.54
N TYR O 111 -16.53 -26.31 -25.29
CA TYR O 111 -17.70 -26.38 -26.15
C TYR O 111 -17.33 -26.80 -27.57
N TYR O 112 -16.57 -27.89 -27.67
CA TYR O 112 -16.26 -28.54 -28.93
C TYR O 112 -16.86 -29.94 -28.91
N PHE O 113 -17.76 -30.22 -29.86
CA PHE O 113 -18.37 -31.53 -29.99
C PHE O 113 -17.55 -32.35 -30.97
N ASN O 114 -17.05 -33.50 -30.52
CA ASN O 114 -16.10 -34.26 -31.32
C ASN O 114 -16.65 -35.59 -31.84
N TYR O 115 -17.47 -36.29 -31.07
CA TYR O 115 -18.05 -37.53 -31.55
C TYR O 115 -19.55 -37.52 -31.34
N TRP O 116 -20.28 -37.99 -32.36
CA TRP O 116 -21.73 -37.85 -32.44
C TRP O 116 -22.38 -39.20 -32.68
N GLY O 117 -23.68 -39.26 -32.40
CA GLY O 117 -24.49 -40.42 -32.68
C GLY O 117 -25.40 -40.19 -33.89
N GLN O 118 -26.17 -41.23 -34.20
CA GLN O 118 -27.04 -41.16 -35.38
C GLN O 118 -28.16 -40.14 -35.21
N GLY O 119 -28.45 -39.72 -33.98
CA GLY O 119 -29.45 -38.71 -33.75
C GLY O 119 -30.86 -39.27 -33.65
N THR O 120 -31.58 -38.89 -32.60
CA THR O 120 -32.94 -39.36 -32.39
C THR O 120 -33.94 -38.29 -32.83
N LEU O 121 -35.16 -38.72 -33.12
CA LEU O 121 -36.24 -37.82 -33.53
C LEU O 121 -37.32 -37.80 -32.47
N VAL O 122 -37.72 -36.60 -32.05
CA VAL O 122 -38.78 -36.42 -31.07
C VAL O 122 -39.87 -35.58 -31.72
N THR O 123 -41.09 -36.08 -31.73
CA THR O 123 -42.23 -35.42 -32.36
C THR O 123 -43.30 -35.18 -31.29
N VAL O 124 -43.34 -33.97 -30.75
CA VAL O 124 -44.35 -33.61 -29.77
C VAL O 124 -45.62 -33.21 -30.50
N SER O 125 -46.50 -34.18 -30.73
CA SER O 125 -47.75 -33.91 -31.42
C SER O 125 -48.84 -34.80 -30.84
N GLY O 126 -50.08 -34.32 -30.92
CA GLY O 126 -51.23 -35.05 -30.44
C GLY O 126 -52.02 -35.78 -31.50
N ALA O 127 -51.51 -35.86 -32.72
CA ALA O 127 -52.21 -36.55 -33.80
C ALA O 127 -52.17 -38.05 -33.60
N SER O 128 -53.16 -38.73 -34.17
CA SER O 128 -53.28 -40.18 -34.10
C SER O 128 -52.98 -40.79 -35.48
N THR O 129 -52.79 -42.10 -35.48
CA THR O 129 -52.50 -42.82 -36.72
C THR O 129 -53.65 -42.70 -37.70
N LYS O 130 -53.33 -42.40 -38.96
CA LYS O 130 -54.34 -42.30 -40.00
C LYS O 130 -53.71 -42.68 -41.33
N GLY O 131 -54.44 -43.47 -42.12
CA GLY O 131 -53.99 -43.88 -43.42
C GLY O 131 -54.03 -42.76 -44.44
N PRO O 132 -53.26 -42.90 -45.51
CA PRO O 132 -53.18 -41.86 -46.53
C PRO O 132 -54.29 -41.97 -47.57
N SER O 133 -54.54 -40.85 -48.23
CA SER O 133 -55.48 -40.79 -49.35
C SER O 133 -54.71 -40.48 -50.63
N VAL O 134 -54.90 -41.31 -51.65
CA VAL O 134 -54.15 -41.23 -52.89
C VAL O 134 -55.06 -40.70 -53.99
N PHE O 135 -54.59 -39.69 -54.72
CA PHE O 135 -55.34 -39.11 -55.83
C PHE O 135 -54.44 -39.03 -57.05
N PRO O 136 -54.81 -39.65 -58.17
CA PRO O 136 -53.99 -39.52 -59.39
C PRO O 136 -54.08 -38.13 -59.98
N LEU O 137 -53.02 -37.74 -60.69
CA LEU O 137 -52.94 -36.47 -61.41
C LEU O 137 -52.57 -36.83 -62.85
N ALA O 138 -53.58 -36.75 -63.73
CA ALA O 138 -53.50 -37.20 -65.11
C ALA O 138 -53.10 -36.07 -66.04
N PRO O 139 -52.43 -36.39 -67.15
CA PRO O 139 -52.01 -35.33 -68.09
C PRO O 139 -53.19 -34.75 -68.85
N SER O 140 -52.98 -33.53 -69.33
CA SER O 140 -53.95 -32.82 -70.17
C SER O 140 -53.19 -32.14 -71.30
N SER O 141 -53.93 -31.39 -72.12
CA SER O 141 -53.30 -30.65 -73.21
C SER O 141 -52.34 -29.60 -72.67
N LYS O 142 -52.72 -28.91 -71.59
CA LYS O 142 -51.88 -27.88 -71.01
C LYS O 142 -50.75 -28.45 -70.16
N SER O 143 -50.74 -29.76 -69.92
CA SER O 143 -49.66 -30.43 -69.20
C SER O 143 -48.70 -31.14 -70.15
N THR O 144 -48.54 -30.61 -71.36
CA THR O 144 -47.60 -31.13 -72.34
C THR O 144 -46.75 -29.98 -72.86
N SER O 145 -45.43 -30.17 -72.88
CA SER O 145 -44.51 -29.13 -73.30
C SER O 145 -43.50 -29.74 -74.27
N GLY O 146 -43.73 -29.56 -75.56
CA GLY O 146 -42.80 -30.04 -76.57
C GLY O 146 -42.64 -31.55 -76.60
N GLY O 147 -43.73 -32.28 -76.53
CA GLY O 147 -43.66 -33.73 -76.53
C GLY O 147 -43.35 -34.36 -75.20
N THR O 148 -43.36 -33.58 -74.12
CA THR O 148 -43.12 -34.09 -72.76
C THR O 148 -44.40 -33.97 -71.96
N ALA O 149 -44.83 -35.07 -71.35
CA ALA O 149 -46.06 -35.11 -70.57
C ALA O 149 -45.75 -35.46 -69.12
N ALA O 150 -46.43 -34.79 -68.20
CA ALA O 150 -46.23 -35.01 -66.78
C ALA O 150 -47.45 -35.69 -66.17
N LEU O 151 -47.21 -36.72 -65.38
CA LEU O 151 -48.24 -37.41 -64.61
C LEU O 151 -47.81 -37.44 -63.16
N GLY O 152 -48.68 -37.88 -62.26
CA GLY O 152 -48.25 -38.00 -60.88
C GLY O 152 -49.34 -38.50 -59.97
N CYS O 153 -49.04 -38.45 -58.67
CA CYS O 153 -49.96 -38.85 -57.62
C CYS O 153 -49.75 -37.97 -56.39
N LEU O 154 -50.86 -37.57 -55.78
CA LEU O 154 -50.87 -36.74 -54.59
C LEU O 154 -51.36 -37.56 -53.41
N VAL O 155 -50.57 -37.62 -52.35
CA VAL O 155 -50.89 -38.40 -51.17
C VAL O 155 -51.13 -37.42 -50.02
N LYS O 156 -52.34 -37.45 -49.46
CA LYS O 156 -52.83 -36.41 -48.57
C LYS O 156 -53.38 -37.03 -47.29
N ASP O 157 -53.29 -36.26 -46.20
CA ASP O 157 -53.99 -36.56 -44.95
C ASP O 157 -53.55 -37.91 -44.38
N TYR O 158 -52.26 -38.00 -44.03
CA TYR O 158 -51.71 -39.20 -43.42
C TYR O 158 -50.91 -38.83 -42.20
N PHE O 159 -50.79 -39.78 -41.26
CA PHE O 159 -49.96 -39.63 -40.08
C PHE O 159 -49.72 -40.99 -39.49
N PRO O 160 -48.50 -41.30 -39.02
CA PRO O 160 -47.30 -40.46 -39.03
C PRO O 160 -46.41 -40.72 -40.25
N GLU O 161 -45.27 -40.02 -40.32
CA GLU O 161 -44.33 -40.21 -41.40
C GLU O 161 -43.63 -41.56 -41.26
N PRO O 162 -43.06 -42.09 -42.35
CA PRO O 162 -43.07 -41.60 -43.73
C PRO O 162 -43.99 -42.39 -44.65
N VAL O 163 -44.06 -42.01 -45.92
CA VAL O 163 -44.83 -42.72 -46.93
C VAL O 163 -43.95 -42.88 -48.16
N THR O 164 -43.85 -44.11 -48.67
CA THR O 164 -42.97 -44.42 -49.80
C THR O 164 -43.80 -44.68 -51.04
N VAL O 165 -43.43 -44.05 -52.15
CA VAL O 165 -44.15 -44.15 -53.40
C VAL O 165 -43.23 -44.77 -54.46
N SER O 166 -43.73 -45.79 -55.14
CA SER O 166 -43.01 -46.46 -56.22
C SER O 166 -43.85 -46.39 -57.49
N TRP O 167 -43.21 -46.66 -58.63
CA TRP O 167 -43.88 -46.59 -59.92
C TRP O 167 -43.58 -47.82 -60.77
N ASN O 168 -44.62 -48.31 -61.45
CA ASN O 168 -44.51 -49.47 -62.34
C ASN O 168 -43.90 -50.66 -61.61
N SER O 169 -44.36 -50.88 -60.38
CA SER O 169 -43.80 -51.89 -59.48
C SER O 169 -42.30 -51.67 -59.28
N GLY O 170 -41.90 -50.40 -59.24
CA GLY O 170 -40.51 -50.02 -59.08
C GLY O 170 -39.70 -50.03 -60.35
N ALA O 171 -40.31 -50.30 -61.51
CA ALA O 171 -39.58 -50.32 -62.76
C ALA O 171 -39.44 -48.95 -63.40
N LEU O 172 -40.17 -47.94 -62.91
CA LEU O 172 -40.14 -46.59 -63.46
C LEU O 172 -39.37 -45.69 -62.51
N THR O 173 -38.15 -45.31 -62.90
CA THR O 173 -37.31 -44.41 -62.13
C THR O 173 -36.85 -43.19 -62.91
N SER O 174 -36.74 -43.29 -64.23
CA SER O 174 -36.34 -42.14 -65.04
C SER O 174 -37.46 -41.11 -65.08
N GLY O 175 -37.13 -39.86 -64.76
CA GLY O 175 -38.10 -38.80 -64.76
C GLY O 175 -39.06 -38.81 -63.59
N VAL O 176 -38.72 -39.51 -62.51
CA VAL O 176 -39.57 -39.61 -61.33
C VAL O 176 -39.00 -38.71 -60.24
N HIS O 177 -39.85 -37.89 -59.64
CA HIS O 177 -39.42 -36.98 -58.58
C HIS O 177 -40.52 -36.88 -57.53
N THR O 178 -40.15 -37.15 -56.27
CA THR O 178 -41.06 -37.05 -55.14
C THR O 178 -40.71 -35.81 -54.33
N PHE O 179 -41.71 -34.98 -54.08
CA PHE O 179 -41.41 -33.77 -53.34
C PHE O 179 -41.56 -34.00 -51.84
N PRO O 180 -40.78 -33.29 -51.02
CA PRO O 180 -40.85 -33.49 -49.56
C PRO O 180 -42.22 -33.16 -49.02
N ALA O 181 -42.57 -33.84 -47.92
CA ALA O 181 -43.88 -33.70 -47.31
C ALA O 181 -44.06 -32.30 -46.72
N VAL O 182 -45.33 -31.91 -46.56
CA VAL O 182 -45.70 -30.61 -46.02
C VAL O 182 -46.65 -30.84 -44.85
N LEU O 183 -46.39 -30.16 -43.73
CA LEU O 183 -47.25 -30.24 -42.57
C LEU O 183 -48.48 -29.36 -42.78
N GLN O 184 -49.65 -29.88 -42.39
CA GLN O 184 -50.90 -29.15 -42.49
C GLN O 184 -51.35 -28.65 -41.13
N SER O 185 -52.25 -27.67 -41.15
CA SER O 185 -52.77 -27.10 -39.91
C SER O 185 -53.65 -28.09 -39.16
N SER O 186 -54.09 -29.18 -39.80
CA SER O 186 -54.93 -30.19 -39.18
C SER O 186 -54.12 -31.29 -38.51
N GLY O 187 -52.79 -31.17 -38.46
CA GLY O 187 -51.96 -32.20 -37.88
C GLY O 187 -51.69 -33.37 -38.81
N LEU O 188 -52.02 -33.26 -40.09
CA LEU O 188 -51.81 -34.31 -41.06
C LEU O 188 -50.85 -33.83 -42.14
N TYR O 189 -50.13 -34.77 -42.73
CA TYR O 189 -49.14 -34.46 -43.74
C TYR O 189 -49.68 -34.71 -45.14
N SER O 190 -49.10 -34.00 -46.11
CA SER O 190 -49.47 -34.17 -47.51
C SER O 190 -48.24 -33.94 -48.37
N LEU O 191 -48.20 -34.60 -49.53
CA LEU O 191 -47.09 -34.45 -50.46
C LEU O 191 -47.56 -34.88 -51.85
N SER O 192 -46.75 -34.54 -52.84
CA SER O 192 -47.02 -34.87 -54.23
C SER O 192 -45.78 -35.49 -54.85
N SER O 193 -46.00 -36.30 -55.89
CA SER O 193 -44.91 -36.87 -56.65
C SER O 193 -45.32 -36.92 -58.11
N VAL O 194 -44.34 -36.75 -59.01
CA VAL O 194 -44.60 -36.60 -60.43
C VAL O 194 -43.57 -37.38 -61.24
N VAL O 195 -43.85 -37.51 -62.53
CA VAL O 195 -43.00 -38.22 -63.47
C VAL O 195 -43.20 -37.61 -64.85
N THR O 196 -42.10 -37.49 -65.59
CA THR O 196 -42.10 -36.93 -66.94
C THR O 196 -41.79 -38.02 -67.95
N VAL O 197 -42.61 -38.11 -69.00
CA VAL O 197 -42.47 -39.16 -70.00
C VAL O 197 -42.63 -38.56 -71.39
N PRO O 198 -42.17 -39.27 -72.42
CA PRO O 198 -42.53 -38.88 -73.79
C PRO O 198 -44.03 -38.89 -73.97
N SER O 199 -44.54 -37.88 -74.70
CA SER O 199 -45.99 -37.74 -74.86
C SER O 199 -46.53 -38.71 -75.90
N SER O 200 -45.67 -39.28 -76.73
CA SER O 200 -46.13 -40.16 -77.80
C SER O 200 -46.63 -41.51 -77.27
N SER O 201 -46.18 -41.93 -76.10
CA SER O 201 -46.51 -43.23 -75.54
C SER O 201 -47.60 -43.16 -74.47
N LEU O 202 -48.29 -42.03 -74.36
CA LEU O 202 -49.34 -41.90 -73.34
C LEU O 202 -50.47 -42.89 -73.57
N GLY O 203 -50.81 -43.16 -74.82
CA GLY O 203 -51.86 -44.09 -75.16
C GLY O 203 -51.42 -45.53 -75.30
N THR O 204 -50.19 -45.85 -74.93
CA THR O 204 -49.67 -47.22 -75.06
C THR O 204 -49.05 -47.78 -73.79
N GLN O 205 -48.67 -46.95 -72.83
CA GLN O 205 -48.05 -47.42 -71.59
C GLN O 205 -48.93 -47.08 -70.40
N THR O 206 -49.09 -48.05 -69.50
CA THR O 206 -49.84 -47.87 -68.27
C THR O 206 -48.91 -47.37 -67.17
N TYR O 207 -49.33 -46.32 -66.46
CA TYR O 207 -48.58 -45.77 -65.35
C TYR O 207 -49.38 -45.96 -64.07
N ILE O 208 -48.78 -46.61 -63.08
CA ILE O 208 -49.42 -46.89 -61.80
C ILE O 208 -48.47 -46.51 -60.67
N CYS O 209 -48.98 -45.75 -59.72
CA CYS O 209 -48.23 -45.36 -58.53
C CYS O 209 -48.68 -46.19 -57.34
N ASN O 210 -47.71 -46.72 -56.59
CA ASN O 210 -47.95 -47.52 -55.40
C ASN O 210 -47.54 -46.72 -54.18
N VAL O 211 -48.45 -46.60 -53.22
CA VAL O 211 -48.26 -45.80 -52.02
C VAL O 211 -48.25 -46.74 -50.83
N ASN O 212 -47.20 -46.64 -50.00
CA ASN O 212 -47.01 -47.49 -48.84
C ASN O 212 -46.90 -46.62 -47.59
N HIS O 213 -47.71 -46.94 -46.59
CA HIS O 213 -47.74 -46.28 -45.29
C HIS O 213 -47.58 -47.38 -44.25
N LYS O 214 -46.33 -47.62 -43.84
CA LYS O 214 -46.06 -48.72 -42.92
C LYS O 214 -46.76 -48.62 -41.57
N PRO O 215 -46.81 -47.47 -40.89
CA PRO O 215 -47.50 -47.43 -39.59
C PRO O 215 -48.96 -47.86 -39.65
N SER O 216 -49.66 -47.54 -40.75
CA SER O 216 -51.04 -47.97 -40.93
C SER O 216 -51.16 -49.21 -41.79
N ASN O 217 -50.03 -49.76 -42.27
CA ASN O 217 -50.02 -50.95 -43.13
C ASN O 217 -50.92 -50.74 -44.35
N THR O 218 -50.75 -49.58 -45.00
CA THR O 218 -51.57 -49.20 -46.13
C THR O 218 -50.79 -49.34 -47.42
N LYS O 219 -51.35 -50.10 -48.37
CA LYS O 219 -50.77 -50.26 -49.70
C LYS O 219 -51.85 -49.95 -50.72
N VAL O 220 -51.70 -48.84 -51.44
CA VAL O 220 -52.72 -48.38 -52.39
C VAL O 220 -52.06 -48.22 -53.76
N ASP O 221 -52.61 -48.87 -54.77
CA ASP O 221 -52.12 -48.78 -56.14
C ASP O 221 -53.14 -48.02 -56.97
N LYS O 222 -52.72 -46.92 -57.58
CA LYS O 222 -53.61 -46.07 -58.37
C LYS O 222 -53.01 -45.85 -59.75
N ARG O 223 -53.83 -46.06 -60.78
CA ARG O 223 -53.40 -45.87 -62.16
C ARG O 223 -53.73 -44.45 -62.61
N VAL O 224 -52.84 -43.88 -63.44
CA VAL O 224 -53.00 -42.54 -63.98
C VAL O 224 -53.43 -42.69 -65.44
N GLU O 225 -54.64 -42.23 -65.74
CA GLU O 225 -55.22 -42.38 -67.07
C GLU O 225 -55.54 -41.01 -67.65
N PRO O 226 -55.01 -40.67 -68.84
CA PRO O 226 -55.27 -39.38 -69.51
C PRO O 226 -56.76 -39.14 -69.79
C1 NAG P . -8.93 25.57 2.64
C2 NAG P . -10.45 25.70 2.53
C3 NAG P . -10.89 26.94 3.30
C4 NAG P . -10.40 26.87 4.75
C5 NAG P . -8.89 26.61 4.76
C6 NAG P . -8.33 26.45 6.15
C7 NAG P . -11.58 24.82 0.54
C8 NAG P . -11.91 25.09 -0.91
N2 NAG P . -10.87 25.77 1.15
O3 NAG P . -12.29 27.02 3.22
O4 NAG P . -10.72 28.12 5.33
O5 NAG P . -8.58 25.45 4.00
O6 NAG P . -8.41 27.67 6.85
O7 NAG P . -11.95 23.79 1.08
C1 NAG P . -11.58 27.93 6.48
C2 NAG P . -11.67 29.26 7.23
C3 NAG P . -12.55 29.09 8.46
C4 NAG P . -13.91 28.53 8.07
C5 NAG P . -13.71 27.27 7.22
C6 NAG P . -15.00 26.65 6.72
C7 NAG P . -9.99 31.01 7.57
C8 NAG P . -8.59 31.29 8.04
N2 NAG P . -10.37 29.72 7.63
O3 NAG P . -12.65 30.34 9.09
O4 NAG P . -14.60 28.23 9.27
O5 NAG P . -12.89 27.56 6.10
O6 NAG P . -15.73 26.16 7.82
O7 NAG P . -10.73 31.90 7.18
C1 BMA P . -15.62 29.23 9.51
C2 BMA P . -16.52 28.69 10.62
C3 BMA P . -17.64 29.70 10.93
C4 BMA P . -17.30 31.17 10.60
C5 BMA P . -15.81 31.47 10.53
C6 BMA P . -15.20 31.80 11.90
O2 BMA P . -15.72 28.41 11.74
O3 BMA P . -17.98 29.51 12.28
O4 BMA P . -17.94 31.43 9.36
O5 BMA P . -15.04 30.45 9.91
O6 BMA P . -13.81 31.96 11.70
C1 NAG Q . 24.61 23.09 -6.51
C2 NAG Q . 25.52 24.25 -6.12
C3 NAG Q . 25.85 25.16 -7.31
C4 NAG Q . 25.77 24.56 -8.71
C5 NAG Q . 24.77 23.41 -8.75
C6 NAG Q . 24.70 22.65 -10.06
C7 NAG Q . 25.28 26.22 -4.60
C8 NAG Q . 24.30 26.84 -3.65
N2 NAG Q . 24.84 25.07 -5.16
O3 NAG Q . 27.13 25.69 -7.03
O4 NAG Q . 25.31 25.59 -9.56
O5 NAG Q . 25.07 22.51 -7.70
O6 NAG Q . 23.61 21.75 -10.00
O7 NAG Q . 26.37 26.73 -4.80
C1 NAG Q . 26.33 26.57 -9.86
C2 NAG Q . 26.23 26.93 -11.33
C3 NAG Q . 27.35 27.90 -11.67
C4 NAG Q . 27.24 29.13 -10.78
C5 NAG Q . 27.20 28.70 -9.31
C6 NAG Q . 26.97 29.85 -8.34
C7 NAG Q . 25.17 25.13 -12.62
C8 NAG Q . 25.42 23.91 -13.47
N2 NAG Q . 26.27 25.76 -12.16
O3 NAG Q . 27.24 28.22 -13.04
O4 NAG Q . 28.38 29.93 -11.03
O5 NAG Q . 26.18 27.75 -9.11
O6 NAG Q . 27.99 30.80 -8.49
O7 NAG Q . 24.04 25.50 -12.36
C1 BMA Q . 28.06 31.06 -11.87
C2 BMA Q . 29.17 31.15 -12.91
C3 BMA Q . 28.93 32.37 -13.83
C4 BMA Q . 27.46 32.81 -13.96
C5 BMA Q . 26.44 31.72 -13.60
C6 BMA Q . 26.03 30.83 -14.78
O2 BMA Q . 29.20 29.95 -13.63
O3 BMA Q . 29.52 32.05 -15.06
O4 BMA Q . 27.30 33.92 -13.10
O5 BMA Q . 26.80 30.90 -12.50
O6 BMA Q . 27.17 30.12 -15.23
C1 NAG R . -12.12 -16.11 18.27
C2 NAG R . -13.63 -16.27 18.04
C3 NAG R . -14.08 -17.59 18.62
C4 NAG R . -13.27 -18.74 18.03
C5 NAG R . -11.78 -18.44 18.18
C6 NAG R . -10.89 -19.49 17.55
C7 NAG R . -15.03 -14.25 17.92
C8 NAG R . -15.73 -13.19 18.74
N2 NAG R . -14.36 -15.18 18.63
O3 NAG R . -15.46 -17.73 18.37
O4 NAG R . -13.65 -19.90 18.74
O5 NAG R . -11.46 -17.18 17.62
O6 NAG R . -11.01 -20.70 18.26
O7 NAG R . -15.09 -14.25 16.70
C1 NAG R . -14.18 -20.90 17.84
C2 NAG R . -14.30 -22.22 18.59
C3 NAG R . -14.84 -23.30 17.66
C4 NAG R . -16.15 -22.85 17.02
C5 NAG R . -15.95 -21.46 16.39
C6 NAG R . -17.19 -20.88 15.76
C7 NAG R . -12.91 -23.18 20.35
C8 NAG R . -11.49 -23.55 20.74
N2 NAG R . -13.04 -22.63 19.14
O3 NAG R . -15.00 -24.47 18.42
O4 NAG R . -16.49 -23.80 16.05
O5 NAG R . -15.46 -20.56 17.36
O6 NAG R . -17.57 -21.66 14.65
O7 NAG R . -13.84 -23.39 21.10
C1 BMA R . -17.57 -24.64 16.52
C2 BMA R . -18.10 -25.42 15.32
C3 BMA R . -19.27 -26.33 15.75
C4 BMA R . -19.26 -26.74 17.24
C5 BMA R . -17.88 -26.66 17.90
C6 BMA R . -17.04 -27.91 17.72
O2 BMA R . -17.02 -26.15 14.77
O3 BMA R . -19.25 -27.43 14.88
O4 BMA R . -20.19 -25.88 17.87
O5 BMA R . -17.13 -25.51 17.53
O6 BMA R . -15.77 -27.67 18.30
C1 NAG S . 18.38 -3.00 28.88
C2 NAG S . 19.15 -3.81 29.93
C3 NAG S . 19.04 -3.21 31.33
C4 NAG S . 18.74 -1.71 31.44
C5 NAG S . 17.96 -1.23 30.22
C6 NAG S . 17.72 0.27 30.16
C7 NAG S . 18.94 -6.13 30.84
C8 NAG S . 18.12 -7.38 30.68
N2 NAG S . 18.58 -5.13 30.01
O3 NAG S . 20.25 -3.57 31.97
O4 NAG S . 17.94 -1.55 32.60
O5 NAG S . 18.63 -1.64 29.06
O6 NAG S . 16.83 0.53 29.10
O7 NAG S . 19.87 -6.08 31.63
C1 NAG S . 18.70 -1.66 33.82
C2 NAG S . 18.20 -0.59 34.78
C3 NAG S . 19.04 -0.66 36.05
C4 NAG S . 18.94 -2.05 36.65
C5 NAG S . 19.30 -3.10 35.60
C6 NAG S . 19.12 -4.52 36.08
C7 NAG S . 17.18 1.28 33.57
C8 NAG S . 17.43 2.65 32.99
N2 NAG S . 18.24 0.71 34.17
O3 NAG S . 18.57 0.35 36.92
O4 NAG S . 19.85 -2.11 37.74
O5 NAG S . 18.53 -2.92 34.44
O6 NAG S . 19.92 -4.75 37.21
O7 NAG S . 16.09 0.73 33.48
C1 BMA S . 19.16 -1.98 39.01
C2 BMA S . 19.97 -1.00 39.84
C3 BMA S . 19.34 -0.86 41.25
C4 BMA S . 17.82 -1.14 41.30
C5 BMA S . 17.11 -1.02 39.95
C6 BMA S . 16.59 0.39 39.64
O2 BMA S . 20.03 0.22 39.15
O3 BMA S . 19.67 0.45 41.69
O4 BMA S . 17.69 -2.45 41.82
O5 BMA S . 17.84 -1.51 38.84
O6 BMA S . 17.69 1.26 39.53
C1 NAG T . -4.84 -9.08 -25.18
C2 NAG T . -6.31 -8.99 -25.60
C3 NAG T . -6.39 -8.87 -27.11
C4 NAG T . -5.56 -7.70 -27.62
C5 NAG T . -4.14 -7.80 -27.05
C6 NAG T . -3.27 -6.63 -27.42
C7 NAG T . -8.01 -10.05 -24.19
C8 NAG T . -8.66 -11.37 -23.84
N2 NAG T . -7.05 -10.12 -25.12
O3 NAG T . -7.75 -8.76 -27.47
O4 NAG T . -5.57 -7.77 -29.02
O5 NAG T . -4.18 -7.91 -25.63
O6 NAG T . -3.03 -6.64 -28.81
O7 NAG T . -8.34 -9.02 -23.64
C1 NAG T . -6.13 -6.57 -29.58
C2 NAG T . -5.86 -6.57 -31.09
C3 NAG T . -6.42 -5.30 -31.71
C4 NAG T . -7.89 -5.13 -31.37
C5 NAG T . -8.06 -5.25 -29.84
C6 NAG T . -9.50 -5.16 -29.38
C7 NAG T . -3.96 -7.43 -32.37
C8 NAG T . -2.46 -7.41 -32.51
N2 NAG T . -4.46 -6.68 -31.38
O3 NAG T . -6.20 -5.37 -33.10
O4 NAG T . -8.28 -3.85 -31.82
O5 NAG T . -7.53 -6.48 -29.41
O6 NAG T . -9.99 -3.86 -29.62
O7 NAG T . -4.65 -8.09 -33.13
C1 BMA T . -9.08 -3.97 -33.03
C2 BMA T . -9.73 -2.61 -33.27
C3 BMA T . -10.60 -2.67 -34.54
C4 BMA T . -10.19 -3.74 -35.57
C5 BMA T . -8.73 -4.19 -35.45
C6 BMA T . -7.76 -3.30 -36.23
O2 BMA T . -8.71 -1.65 -33.36
O3 BMA T . -10.61 -1.37 -35.08
O4 BMA T . -11.08 -4.82 -35.37
O5 BMA T . -8.28 -4.34 -34.12
O6 BMA T . -6.45 -3.77 -35.96
C1 NAG U . 24.73 -21.08 -11.17
C2 NAG U . 25.84 -21.48 -12.15
C3 NAG U . 25.97 -23.00 -12.31
C4 NAG U . 25.46 -23.87 -11.16
C5 NAG U . 24.35 -23.16 -10.38
C6 NAG U . 23.86 -23.89 -9.15
C7 NAG U . 26.23 -21.13 -14.59
C8 NAG U . 25.61 -20.46 -15.78
N2 NAG U . 25.53 -20.97 -13.45
O3 NAG U . 27.33 -23.23 -12.60
O4 NAG U . 24.93 -25.04 -11.76
O5 NAG U . 24.80 -21.88 -10.03
O6 NAG U . 22.73 -23.22 -8.66
O7 NAG U . 27.29 -21.72 -14.68
C1 NAG U . 25.95 -25.95 -12.22
C2 NAG U . 25.52 -27.37 -11.88
C3 NAG U . 26.63 -28.32 -12.31
C4 NAG U . 26.90 -28.16 -13.80
C5 NAG U . 27.17 -26.69 -14.11
C6 NAG U . 27.34 -26.40 -15.59
C7 NAG U . 23.96 -27.39 -9.99
C8 NAG U . 23.84 -27.54 -8.50
N2 NAG U . 25.20 -27.49 -10.49
O3 NAG U . 26.21 -29.62 -11.98
O4 NAG U . 28.02 -28.95 -14.11
O5 NAG U . 26.13 -25.87 -13.61
O6 NAG U . 28.40 -27.17 -16.10
O7 NAG U . 22.98 -27.17 -10.69
C1 BMA U . 27.64 -30.18 -14.77
C2 BMA U . 28.44 -31.29 -14.11
C3 BMA U . 28.13 -32.65 -14.79
C4 BMA U . 26.74 -32.73 -15.44
C5 BMA U . 25.72 -31.73 -14.90
C6 BMA U . 24.92 -32.22 -13.68
O2 BMA U . 28.15 -31.30 -12.74
O3 BMA U . 28.34 -33.63 -13.81
O4 BMA U . 26.94 -32.54 -16.83
O5 BMA U . 26.25 -30.44 -14.62
O6 BMA U . 25.82 -32.43 -12.61
C1 MYR V . 63.55 -20.94 13.71
O1 MYR V . 63.28 -20.55 14.86
C2 MYR V . 65.01 -20.73 13.23
C3 MYR V . 65.69 -19.49 13.79
C4 MYR V . 67.03 -19.18 13.13
C5 MYR V . 67.85 -18.13 13.86
C6 MYR V . 69.01 -17.59 13.04
C7 MYR V . 70.35 -17.59 13.78
C8 MYR V . 71.48 -16.95 12.98
C9 MYR V . 72.80 -16.94 13.71
C10 MYR V . 73.88 -16.07 13.06
C11 MYR V . 75.09 -15.81 13.94
C12 MYR V . 76.21 -15.05 13.22
C13 MYR V . 77.46 -15.90 13.01
C14 MYR V . 78.24 -16.15 14.29
C1 NAG W . 11.17 34.69 -13.49
C2 NAG W . 10.27 35.77 -14.08
C3 NAG W . 10.55 35.85 -15.57
C4 NAG W . 12.02 36.11 -15.84
C5 NAG W . 12.87 35.10 -15.07
C6 NAG W . 14.36 35.33 -15.18
C7 NAG W . 8.05 36.39 -13.25
C8 NAG W . 6.63 35.93 -13.07
N2 NAG W . 8.88 35.50 -13.83
O3 NAG W . 9.71 36.84 -16.12
O4 NAG W . 12.22 36.01 -17.22
O5 NAG W . 12.50 35.13 -13.71
O6 NAG W . 14.64 36.67 -14.82
O7 NAG W . 8.42 37.50 -12.88
C1 NAG X . -17.38 14.92 -14.18
C2 NAG X . -17.85 14.05 -15.35
C3 NAG X . -18.58 12.80 -14.85
C4 NAG X . -17.78 12.10 -13.76
C5 NAG X . -17.44 13.11 -12.66
C6 NAG X . -16.66 12.50 -11.52
C7 NAG X . -19.16 14.43 -17.44
C8 NAG X . -20.09 15.41 -18.13
N2 NAG X . -18.74 14.80 -16.22
O3 NAG X . -18.85 11.92 -15.91
O4 NAG X . -18.58 11.07 -13.25
O5 NAG X . -16.66 14.16 -13.22
O6 NAG X . -15.74 11.55 -12.01
O7 NAG X . -18.84 13.38 -17.99
C1 NAG Y . 49.30 17.72 -9.85
C2 NAG Y . 48.40 17.01 -10.88
C3 NAG Y . 49.15 16.71 -12.17
C4 NAG Y . 49.90 17.94 -12.67
C5 NAG Y . 50.82 18.42 -11.55
C6 NAG Y . 51.67 19.60 -11.94
C7 NAG Y . 46.60 15.38 -10.41
C8 NAG Y . 45.66 16.34 -11.10
N2 NAG Y . 47.89 15.78 -10.34
O3 NAG Y . 48.23 16.24 -13.11
O4 NAG Y . 50.63 17.55 -13.82
O5 NAG Y . 50.01 18.78 -10.45
O6 NAG Y . 52.51 19.24 -13.02
O7 NAG Y . 46.21 14.33 -9.94
C1 NAG Z . 22.29 34.93 2.94
C2 NAG Z . 22.12 35.60 4.31
C3 NAG Z . 21.20 36.82 4.18
C4 NAG Z . 21.68 37.74 3.08
C5 NAG Z . 21.84 36.93 1.78
C6 NAG Z . 22.33 37.75 0.60
C7 NAG Z . 22.34 33.90 6.07
C8 NAG Z . 21.57 32.97 6.98
N2 NAG Z . 21.58 34.65 5.26
O3 NAG Z . 21.18 37.47 5.43
O4 NAG Z . 20.72 38.76 2.93
O5 NAG Z . 22.76 35.88 2.01
O6 NAG Z . 22.48 36.92 -0.52
O7 NAG Z . 23.56 33.94 6.09
C1 NAG AA . 36.48 34.74 1.99
C2 NAG AA . 35.88 35.63 0.88
C3 NAG AA . 37.02 36.29 0.11
C4 NAG AA . 37.92 37.06 1.07
C5 NAG AA . 38.39 36.11 2.18
C6 NAG AA . 39.26 36.78 3.23
C7 NAG AA . 33.79 35.18 -0.36
C8 NAG AA . 33.14 34.25 -1.35
N2 NAG AA . 35.06 34.88 -0.04
O3 NAG AA . 36.46 37.13 -0.87
O4 NAG AA . 39.00 37.56 0.32
O5 NAG AA . 37.27 35.55 2.82
O6 NAG AA . 40.45 37.24 2.64
O7 NAG AA . 33.20 36.15 0.09
C1 MYR BA . 67.54 6.32 -7.99
O1 MYR BA . 67.47 5.10 -8.25
C2 MYR BA . 68.80 6.79 -7.23
C3 MYR BA . 69.37 5.77 -6.25
C4 MYR BA . 70.46 6.35 -5.35
C5 MYR BA . 71.24 5.29 -4.57
C6 MYR BA . 72.08 5.87 -3.44
C7 MYR BA . 73.54 5.39 -3.44
C8 MYR BA . 74.33 5.90 -2.24
C9 MYR BA . 75.77 5.43 -2.24
C10 MYR BA . 76.51 5.67 -0.92
C11 MYR BA . 77.84 4.93 -0.79
C12 MYR BA . 78.62 5.31 0.45
C13 MYR BA . 79.91 6.07 0.15
C14 MYR BA . 80.99 5.18 -0.46
C1 NAG CA . 1.99 -4.43 38.56
C2 NAG CA . 0.82 -4.58 39.51
C3 NAG CA . 0.73 -3.30 40.34
C4 NAG CA . 2.04 -3.03 41.07
C5 NAG CA . 3.19 -3.08 40.06
C6 NAG CA . 4.56 -2.92 40.69
C7 NAG CA . -1.22 -5.86 39.10
C8 NAG CA . -2.47 -5.94 38.26
N2 NAG CA . -0.42 -4.82 38.82
O3 NAG CA . -0.36 -3.42 41.22
O4 NAG CA . 1.93 -1.75 41.67
O5 NAG CA . 3.15 -4.30 39.36
O6 NAG CA . 4.70 -3.86 41.73
O7 NAG CA . -0.96 -6.68 39.96
C1 NAG DA . -22.35 2.62 14.81
C2 NAG DA . -22.93 4.02 14.48
C3 NAG DA . -23.31 4.12 13.00
C4 NAG DA . -22.18 3.63 12.11
C5 NAG DA . -21.76 2.23 12.55
C6 NAG DA . -20.66 1.64 11.71
C7 NAG DA . -24.73 5.46 15.44
C8 NAG DA . -25.93 5.45 16.35
N2 NAG DA . -24.10 4.28 15.29
O3 NAG DA . -23.67 5.44 12.68
O4 NAG DA . -22.67 3.62 10.79
O5 NAG DA . -21.32 2.28 13.90
O6 NAG DA . -19.73 2.65 11.34
O7 NAG DA . -24.37 6.49 14.87
C1 NAG EA . 42.18 5.50 32.13
C2 NAG EA . 41.20 6.62 31.77
C3 NAG EA . 41.68 7.98 32.30
C4 NAG EA . 42.08 7.88 33.76
C5 NAG EA . 43.14 6.79 33.89
C6 NAG EA . 43.68 6.64 35.29
C7 NAG EA . 39.85 6.82 29.71
C8 NAG EA . 38.63 6.83 30.60
N2 NAG EA . 41.03 6.71 30.35
O3 NAG EA . 40.65 8.91 32.10
O4 NAG EA . 42.57 9.14 34.14
O5 NAG EA . 42.55 5.57 33.48
O6 NAG EA . 44.29 7.84 35.68
O7 NAG EA . 39.74 6.90 28.49
C1 NAG FA . 16.39 -17.30 34.02
C2 NAG FA . 16.42 -18.84 33.91
C3 NAG FA . 15.32 -19.45 34.78
C4 NAG FA . 15.38 -18.90 36.19
C5 NAG FA . 15.36 -17.37 36.14
C6 NAG FA . 15.42 -16.70 37.50
C7 NAG FA . 17.31 -19.47 31.71
C8 NAG FA . 16.93 -19.88 30.31
N2 NAG FA . 16.28 -19.24 32.54
O3 NAG FA . 15.47 -20.84 34.75
O4 NAG FA . 14.25 -19.41 36.88
O5 NAG FA . 16.46 -16.94 35.38
O6 NAG FA . 15.45 -15.31 37.35
O7 NAG FA . 18.48 -19.37 32.06
C1 NAG GA . 29.81 -14.69 37.90
C2 NAG GA . 28.84 -14.26 39.01
C3 NAG GA . 29.66 -13.81 40.22
C4 NAG GA . 30.61 -14.90 40.66
C5 NAG GA . 31.47 -15.33 39.47
C6 NAG GA . 32.44 -16.46 39.77
C7 NAG GA . 26.62 -13.23 38.68
C8 NAG GA . 25.93 -11.99 38.17
N2 NAG GA . 27.97 -13.20 38.59
O3 NAG GA . 28.75 -13.45 41.24
O4 NAG GA . 31.40 -14.37 41.71
O5 NAG GA . 30.64 -15.73 38.41
O6 NAG GA . 33.37 -16.04 40.73
O7 NAG GA . 26.01 -14.17 39.14
C1 MYR HA . 61.97 11.79 26.19
O1 MYR HA . 62.05 12.62 25.26
C2 MYR HA . 63.28 11.05 26.57
C3 MYR HA . 64.22 10.79 25.40
C4 MYR HA . 65.37 9.85 25.74
C5 MYR HA . 66.47 9.81 24.69
C6 MYR HA . 67.44 8.66 24.88
C7 MYR HA . 68.92 9.06 24.84
C8 MYR HA . 69.87 7.88 24.92
C9 MYR HA . 71.33 8.28 24.88
C10 MYR HA . 72.30 7.12 24.67
C11 MYR HA . 73.72 7.54 24.32
C12 MYR HA . 74.70 6.37 24.26
C13 MYR HA . 75.74 6.42 25.38
C14 MYR HA . 76.78 7.50 25.17
C1 NAG IA . 11.45 -30.63 -21.00
C2 NAG IA . 10.56 -31.52 -21.87
C3 NAG IA . 10.46 -32.87 -21.17
C4 NAG IA . 11.84 -33.48 -20.95
C5 NAG IA . 12.72 -32.45 -20.23
C6 NAG IA . 14.16 -32.90 -20.04
C7 NAG IA . 8.72 -30.76 -23.28
C8 NAG IA . 7.34 -30.15 -23.28
N2 NAG IA . 9.26 -30.95 -22.06
O3 NAG IA . 9.64 -33.70 -21.96
O4 NAG IA . 11.67 -34.64 -20.17
O5 NAG IA . 12.72 -31.24 -20.97
O6 NAG IA . 14.68 -33.32 -21.28
O7 NAG IA . 9.30 -31.06 -24.30
C1 NAG JA . -18.50 -16.69 -10.25
C2 NAG JA . -19.35 -17.17 -9.07
C3 NAG JA . -20.07 -16.00 -8.39
C4 NAG JA . -19.11 -14.86 -8.12
C5 NAG JA . -18.38 -14.49 -9.41
C6 NAG JA . -17.42 -13.33 -9.24
C7 NAG JA . -21.09 -18.93 -8.73
C8 NAG JA . -22.04 -19.86 -9.47
N2 NAG JA . -20.33 -18.15 -9.51
O3 NAG JA . -20.71 -16.43 -7.22
O4 NAG JA . -19.88 -13.77 -7.64
O5 NAG JA . -17.65 -15.62 -9.87
O6 NAG JA . -16.78 -13.41 -7.98
O7 NAG JA . -21.05 -18.92 -7.50
C1 NAG KA . 46.94 -25.26 0.61
C2 NAG KA . 45.73 -25.63 1.48
C3 NAG KA . 46.09 -26.70 2.51
C4 NAG KA . 46.83 -27.86 1.87
C5 NAG KA . 48.05 -27.30 1.14
C6 NAG KA . 48.91 -28.35 0.50
C7 NAG KA . 43.93 -24.12 2.25
C8 NAG KA . 42.96 -25.03 1.53
N2 NAG KA . 45.22 -24.47 2.17
O3 NAG KA . 44.90 -27.12 3.14
O4 NAG KA . 47.18 -28.76 2.88
O5 NAG KA . 47.59 -26.41 0.14
O6 NAG KA . 49.39 -29.23 1.50
O7 NAG KA . 43.54 -23.14 2.86
C1 NAG LA . 26.32 -18.58 -26.22
C2 NAG LA . 26.58 -17.72 -27.46
C3 NAG LA . 25.82 -18.29 -28.66
C4 NAG LA . 26.11 -19.78 -28.83
C5 NAG LA . 25.83 -20.49 -27.50
C6 NAG LA . 26.10 -21.98 -27.55
C7 NAG LA . 27.04 -15.41 -26.76
C8 NAG LA . 26.42 -14.04 -26.56
N2 NAG LA . 26.20 -16.36 -27.21
O3 NAG LA . 26.19 -17.55 -29.79
O4 NAG LA . 25.27 -20.24 -29.86
O5 NAG LA . 26.65 -19.92 -26.50
O6 NAG LA . 25.86 -22.55 -26.28
O7 NAG LA . 28.22 -15.62 -26.53
C1 NAG MA . 39.67 -21.61 -22.37
C2 NAG MA . 38.93 -22.89 -22.76
C3 NAG MA . 39.91 -24.06 -22.71
C4 NAG MA . 41.10 -23.77 -23.60
C5 NAG MA . 41.72 -22.44 -23.20
C6 NAG MA . 42.91 -22.02 -24.06
C7 NAG MA . 36.55 -23.39 -22.28
C8 NAG MA . 35.56 -23.65 -21.18
N2 NAG MA . 37.82 -23.16 -21.87
O3 NAG MA . 39.22 -25.22 -23.11
O4 NAG MA . 42.01 -24.84 -23.45
O5 NAG MA . 40.75 -21.43 -23.27
O6 NAG MA . 43.95 -22.94 -23.91
O7 NAG MA . 36.22 -23.39 -23.46
#